data_6AXG
#
_entry.id   6AXG
#
_cell.length_a   114.105
_cell.length_b   114.105
_cell.length_c   680.872
_cell.angle_alpha   90.00
_cell.angle_beta   90.00
_cell.angle_gamma   120.00
#
_symmetry.space_group_name_H-M   'P 32 1 2'
#
loop_
_entity.id
_entity.type
_entity.pdbx_description
1 polymer 'RAS guanyl-releasing protein 4'
2 polymer 'GTPase HRas'
#
loop_
_entity_poly.entity_id
_entity_poly.type
_entity_poly.pdbx_seq_one_letter_code
_entity_poly.pdbx_strand_id
1 'polypeptide(L)'
;SNAMNLGLLSEGGCSEDELLEKCIQSFDSAGSLCHEDHMLNMVLAMHSWVLPSADLAARLLTSYQKATGDTQELRRLQIC
HLVRYWLMRHPEVMHQDPQLEEVIGRFWATVAREGNSAQRRLGDSSDLLSPGGPGPPLPMSSPGLGKKRKVSLLFDHLET
GELAQHLTYLEFRSFQAITPQDLRSYVLQGSVRGCPALEGSVGLSNSVSRWVQVMVLSRPGPLQRAQVLDKFIHVAQRLH
QLQNFNTLMAVTGGLCHSAISRLKDSHAHLSPDSTKALLELTELLASHNNYARYRRTWAGCAGFRLPVLGVHLKDLVSLH
EAQPDRLPDGRLHLPKLNNLYLRLQELVALQGQHPPCSANEDLLHLLTLSLDLFYTEDEIYELSYAREPRCPKSLPPSPF
NAPLVVEWAPGVTPKPDR
;
A,C,E,G,I,K
2 'polypeptide(L)'
;GAMAMTEYKLVVVGAGGVGKSALTIQLIQNHFVDEYDPTIEDSYRKQVVIDGETCLLDILDTAGQEEYSAMRDQYMRTGE
GFLCVFAINNTKSFEDIHQYREQIKRVKDSDDVPMVLVGNKCDLAARTVESRQAQDLARSYGIPYIETSAKTRQGVEDAF
YTLVREIRQH
;
B,D,F,H,J,L
#
# COMPACT_ATOMS: atom_id res chain seq x y z
N LEU A 19 -8.50 -7.10 -31.72
CA LEU A 19 -9.19 -6.60 -32.90
C LEU A 19 -8.32 -5.61 -33.66
N LEU A 20 -7.34 -5.04 -32.96
CA LEU A 20 -6.44 -4.07 -33.58
C LEU A 20 -5.71 -4.68 -34.76
N GLU A 21 -5.00 -5.79 -34.52
CA GLU A 21 -4.46 -6.58 -35.63
C GLU A 21 -5.57 -7.05 -36.56
N LYS A 22 -6.77 -7.29 -36.03
CA LYS A 22 -7.88 -7.75 -36.86
C LYS A 22 -8.49 -6.62 -37.68
N CYS A 23 -8.46 -5.38 -37.17
CA CYS A 23 -9.04 -4.27 -37.91
C CYS A 23 -8.06 -3.68 -38.93
N ILE A 24 -6.76 -3.62 -38.59
CA ILE A 24 -5.76 -3.06 -39.50
C ILE A 24 -5.69 -3.84 -40.80
N GLN A 25 -6.19 -5.07 -40.82
CA GLN A 25 -6.04 -5.95 -41.98
C GLN A 25 -6.90 -5.47 -43.14
N SER A 26 -6.60 -4.28 -43.65
CA SER A 26 -7.21 -3.71 -44.84
C SER A 26 -6.22 -3.80 -45.99
N PHE A 27 -6.67 -4.31 -47.14
CA PHE A 27 -5.78 -4.72 -48.20
C PHE A 27 -5.75 -3.73 -49.35
N ASP A 28 -4.59 -3.68 -50.03
CA ASP A 28 -4.39 -2.87 -51.23
C ASP A 28 -3.62 -3.71 -52.24
N SER A 29 -4.26 -4.05 -53.36
CA SER A 29 -3.64 -4.86 -54.40
C SER A 29 -2.73 -3.97 -55.26
N ALA A 30 -1.61 -3.57 -54.65
CA ALA A 30 -0.67 -2.63 -55.25
C ALA A 30 -1.38 -1.35 -55.69
N GLY A 31 -2.42 -0.96 -54.94
CA GLY A 31 -3.31 0.11 -55.33
C GLY A 31 -4.71 -0.39 -55.62
N SER A 32 -5.62 -0.20 -54.68
CA SER A 32 -7.00 -0.67 -54.82
C SER A 32 -7.96 0.20 -54.02
N ASP A 37 -11.83 0.55 -50.95
CA ASP A 37 -12.60 -0.10 -49.89
C ASP A 37 -13.27 0.96 -49.02
N HIS A 38 -14.34 0.58 -48.32
CA HIS A 38 -15.02 1.48 -47.38
C HIS A 38 -14.38 1.44 -45.99
N MET A 39 -14.19 0.23 -45.45
CA MET A 39 -13.59 0.07 -44.14
C MET A 39 -12.30 0.87 -44.02
N LEU A 40 -11.33 0.60 -44.90
CA LEU A 40 -10.07 1.33 -44.93
C LEU A 40 -10.27 2.84 -44.75
N ASN A 41 -11.18 3.43 -45.54
CA ASN A 41 -11.46 4.86 -45.41
C ASN A 41 -11.95 5.20 -44.01
N MET A 42 -12.82 4.34 -43.46
CA MET A 42 -13.36 4.57 -42.13
C MET A 42 -12.27 4.51 -41.07
N VAL A 43 -11.45 3.46 -41.13
CA VAL A 43 -10.37 3.29 -40.15
C VAL A 43 -9.44 4.49 -40.17
N LEU A 44 -9.00 4.91 -41.37
CA LEU A 44 -8.04 5.99 -41.42
C LEU A 44 -8.64 7.33 -41.00
N ALA A 45 -9.93 7.55 -41.26
CA ALA A 45 -10.52 8.82 -40.87
C ALA A 45 -10.92 8.85 -39.41
N MET A 46 -11.32 7.71 -38.84
CA MET A 46 -12.00 7.67 -37.55
C MET A 46 -11.20 7.02 -36.43
N HIS A 47 -10.05 6.40 -36.70
CA HIS A 47 -9.30 5.74 -35.64
C HIS A 47 -8.88 6.71 -34.54
N SER A 48 -8.57 7.95 -34.91
CA SER A 48 -8.08 8.93 -33.94
C SER A 48 -9.12 9.26 -32.88
N TRP A 49 -10.39 8.95 -33.14
CA TRP A 49 -11.44 9.16 -32.15
C TRP A 49 -11.23 8.31 -30.91
N VAL A 50 -10.79 7.05 -31.08
CA VAL A 50 -10.69 6.12 -29.98
C VAL A 50 -9.23 5.75 -29.72
N LEU A 51 -8.61 5.06 -30.68
CA LEU A 51 -7.24 4.61 -30.51
C LEU A 51 -6.28 5.66 -31.06
N PRO A 52 -5.32 6.14 -30.27
CA PRO A 52 -4.40 7.17 -30.77
C PRO A 52 -3.65 6.68 -32.00
N SER A 53 -3.26 7.64 -32.84
CA SER A 53 -2.67 7.29 -34.13
C SER A 53 -1.22 6.85 -34.01
N ALA A 54 -0.46 7.41 -33.06
CA ALA A 54 0.93 6.99 -32.87
C ALA A 54 1.02 5.50 -32.58
N ASP A 55 0.07 4.97 -31.81
CA ASP A 55 0.07 3.54 -31.52
C ASP A 55 -0.25 2.74 -32.78
N LEU A 56 -1.14 3.26 -33.61
CA LEU A 56 -1.44 2.61 -34.89
C LEU A 56 -0.22 2.57 -35.80
N ALA A 57 0.54 3.67 -35.87
CA ALA A 57 1.75 3.67 -36.67
C ALA A 57 2.78 2.69 -36.12
N ALA A 58 2.87 2.60 -34.79
CA ALA A 58 3.76 1.61 -34.19
C ALA A 58 3.31 0.20 -34.52
N ARG A 59 1.99 -0.01 -34.56
CA ARG A 59 1.45 -1.32 -34.96
C ARG A 59 1.86 -1.66 -36.37
N LEU A 60 1.81 -0.67 -37.27
CA LEU A 60 2.20 -0.92 -38.66
C LEU A 60 3.68 -1.25 -38.76
N LEU A 61 4.52 -0.46 -38.09
CA LEU A 61 5.96 -0.73 -38.09
C LEU A 61 6.28 -2.10 -37.52
N THR A 62 5.63 -2.48 -36.41
CA THR A 62 5.90 -3.77 -35.80
C THR A 62 5.39 -4.93 -36.66
N SER A 63 4.23 -4.77 -37.29
CA SER A 63 3.69 -5.80 -38.16
C SER A 63 4.44 -5.89 -39.48
N TYR A 64 5.24 -4.88 -39.80
CA TYR A 64 6.07 -4.90 -41.01
C TYR A 64 6.93 -6.15 -41.05
N GLN A 65 7.70 -6.39 -40.00
CA GLN A 65 8.62 -7.53 -39.94
C GLN A 65 7.81 -8.81 -39.82
N LYS A 66 7.66 -9.54 -40.93
CA LYS A 66 6.93 -10.79 -40.94
C LYS A 66 7.33 -11.64 -42.14
N ASP A 70 6.42 -15.50 -44.54
CA ASP A 70 6.65 -16.55 -45.54
C ASP A 70 6.41 -16.03 -46.96
N THR A 71 7.49 -15.63 -47.63
CA THR A 71 7.43 -15.01 -48.96
C THR A 71 6.46 -13.82 -48.95
N GLN A 72 6.64 -12.94 -47.97
CA GLN A 72 5.72 -11.83 -47.76
C GLN A 72 6.47 -10.50 -47.74
N GLU A 73 7.37 -10.30 -48.71
CA GLU A 73 7.76 -8.94 -49.06
C GLU A 73 6.62 -8.25 -49.80
N LEU A 74 5.76 -9.05 -50.43
CA LEU A 74 4.53 -8.59 -51.05
C LEU A 74 3.67 -7.79 -50.07
N ARG A 75 3.31 -8.41 -48.94
CA ARG A 75 2.55 -7.68 -47.94
C ARG A 75 3.34 -6.53 -47.31
N ARG A 76 4.67 -6.61 -47.29
CA ARG A 76 5.44 -5.46 -46.82
C ARG A 76 5.25 -4.27 -47.75
N LEU A 77 5.15 -4.56 -49.05
CA LEU A 77 4.84 -3.52 -50.03
C LEU A 77 3.42 -3.02 -49.83
N GLN A 78 2.49 -3.93 -49.53
CA GLN A 78 1.11 -3.52 -49.24
C GLN A 78 1.08 -2.54 -48.06
N ILE A 79 1.90 -2.81 -47.05
CA ILE A 79 1.99 -1.94 -45.88
C ILE A 79 2.52 -0.56 -46.28
N CYS A 80 3.60 -0.56 -47.09
CA CYS A 80 4.15 0.72 -47.55
C CYS A 80 3.11 1.51 -48.33
N HIS A 81 2.33 0.83 -49.18
CA HIS A 81 1.29 1.51 -49.94
C HIS A 81 0.20 2.07 -49.03
N LEU A 82 -0.13 1.35 -47.96
CA LEU A 82 -1.13 1.86 -47.02
C LEU A 82 -0.62 3.09 -46.28
N VAL A 83 0.64 3.07 -45.85
CA VAL A 83 1.23 4.22 -45.20
C VAL A 83 1.21 5.44 -46.14
N ARG A 84 1.68 5.24 -47.37
CA ARG A 84 1.68 6.35 -48.33
C ARG A 84 0.27 6.88 -48.57
N TYR A 85 -0.69 5.97 -48.71
CA TYR A 85 -2.09 6.36 -48.96
C TYR A 85 -2.62 7.20 -47.81
N TRP A 86 -2.47 6.71 -46.58
CA TRP A 86 -3.09 7.38 -45.44
C TRP A 86 -2.38 8.69 -45.08
N LEU A 87 -1.06 8.77 -45.29
CA LEU A 87 -0.40 10.06 -45.13
C LEU A 87 -0.83 11.06 -46.19
N MET A 88 -1.10 10.59 -47.42
CA MET A 88 -1.53 11.54 -48.45
C MET A 88 -3.00 11.94 -48.31
N ARG A 89 -3.83 11.09 -47.71
CA ARG A 89 -5.25 11.43 -47.63
C ARG A 89 -5.55 12.37 -46.48
N HIS A 90 -4.95 12.14 -45.31
CA HIS A 90 -5.09 13.01 -44.16
C HIS A 90 -3.73 13.64 -43.89
N PRO A 91 -3.34 14.65 -44.67
CA PRO A 91 -2.03 15.29 -44.46
C PRO A 91 -1.92 16.03 -43.13
N GLU A 92 -2.99 16.11 -42.35
CA GLU A 92 -3.04 16.83 -41.09
C GLU A 92 -2.70 15.96 -39.89
N VAL A 93 -2.36 14.68 -40.10
CA VAL A 93 -2.11 13.77 -38.98
C VAL A 93 -0.78 14.02 -38.30
N MET A 94 -0.05 15.07 -38.71
CA MET A 94 1.31 15.29 -38.24
C MET A 94 1.60 16.70 -37.76
N HIS A 95 0.62 17.61 -37.80
CA HIS A 95 0.84 18.95 -37.27
C HIS A 95 0.88 18.96 -35.76
N GLN A 96 -0.10 18.30 -35.12
CA GLN A 96 -0.24 18.33 -33.67
C GLN A 96 0.36 17.11 -32.98
N ASP A 97 1.12 16.28 -33.70
CA ASP A 97 1.51 14.96 -33.20
C ASP A 97 2.97 14.71 -33.53
N PRO A 98 3.89 15.18 -32.68
CA PRO A 98 5.30 14.82 -32.87
C PRO A 98 5.57 13.33 -32.74
N GLN A 99 4.76 12.62 -31.94
CA GLN A 99 4.95 11.19 -31.77
C GLN A 99 4.73 10.44 -33.08
N LEU A 100 3.62 10.74 -33.77
CA LEU A 100 3.36 10.12 -35.06
C LEU A 100 4.45 10.47 -36.07
N GLU A 101 4.87 11.74 -36.09
CA GLU A 101 5.95 12.14 -36.98
C GLU A 101 7.20 11.32 -36.73
N GLU A 102 7.55 11.15 -35.45
CA GLU A 102 8.71 10.34 -35.08
C GLU A 102 8.57 8.90 -35.56
N VAL A 103 7.42 8.28 -35.30
CA VAL A 103 7.29 6.86 -35.61
C VAL A 103 7.26 6.63 -37.12
N ILE A 104 6.65 7.55 -37.88
CA ILE A 104 6.65 7.36 -39.33
C ILE A 104 8.03 7.68 -39.93
N GLY A 105 8.76 8.62 -39.32
CA GLY A 105 10.13 8.84 -39.74
C GLY A 105 10.99 7.61 -39.51
N ARG A 106 10.81 6.97 -38.34
CA ARG A 106 11.50 5.71 -38.07
C ARG A 106 11.08 4.66 -39.09
N PHE A 107 9.80 4.67 -39.49
CA PHE A 107 9.30 3.70 -40.46
C PHE A 107 9.98 3.86 -41.81
N TRP A 108 9.98 5.09 -42.36
CA TRP A 108 10.61 5.30 -43.66
C TRP A 108 12.12 5.09 -43.58
N ALA A 109 12.74 5.49 -42.48
CA ALA A 109 14.18 5.24 -42.32
C ALA A 109 14.45 3.74 -42.28
N THR A 110 13.59 2.97 -41.62
CA THR A 110 13.75 1.52 -41.58
C THR A 110 13.63 0.90 -42.97
N VAL A 111 12.64 1.34 -43.76
CA VAL A 111 12.50 0.81 -45.11
C VAL A 111 13.70 1.21 -45.97
N ALA A 112 14.19 2.44 -45.79
CA ALA A 112 15.38 2.91 -46.51
C ALA A 112 16.63 2.18 -46.06
N ARG A 113 16.60 1.61 -44.87
CA ARG A 113 17.73 0.95 -44.24
C ARG A 113 17.74 -0.54 -44.54
N GLU A 114 16.61 -1.11 -44.90
CA GLU A 114 16.60 -2.42 -45.55
C GLU A 114 17.30 -2.34 -46.91
N GLY A 115 16.80 -1.47 -47.79
CA GLY A 115 17.33 -1.31 -49.12
C GLY A 115 16.62 -2.12 -50.19
N ASN A 116 15.96 -3.21 -49.80
CA ASN A 116 15.28 -4.08 -50.75
C ASN A 116 13.89 -3.52 -51.04
N SER A 117 13.07 -4.32 -51.72
CA SER A 117 11.66 -4.03 -52.03
C SER A 117 11.50 -2.88 -53.01
N ALA A 118 12.61 -2.24 -53.40
CA ALA A 118 12.63 -1.14 -54.38
C ALA A 118 11.57 -0.10 -54.06
N GLN A 119 11.29 0.10 -52.77
CA GLN A 119 10.24 1.03 -52.35
C GLN A 119 10.78 2.45 -52.46
N ARG A 120 10.47 3.11 -53.58
CA ARG A 120 10.74 4.55 -53.72
C ARG A 120 9.73 5.38 -52.93
N ARG A 121 8.93 4.69 -52.12
CA ARG A 121 8.00 5.36 -51.23
C ARG A 121 8.71 6.30 -50.26
N LEU A 122 9.96 6.03 -49.94
CA LEU A 122 10.72 6.92 -49.06
C LEU A 122 11.08 8.22 -49.77
N GLY A 123 11.83 8.10 -50.87
CA GLY A 123 12.23 9.26 -51.66
C GLY A 123 11.06 10.02 -52.26
N ASP A 124 9.90 9.39 -52.39
CA ASP A 124 8.68 10.05 -52.83
C ASP A 124 7.76 10.39 -51.67
N SER A 125 8.14 10.05 -50.44
CA SER A 125 7.32 10.31 -49.27
C SER A 125 7.85 11.49 -48.45
N SER A 126 9.12 11.43 -48.05
CA SER A 126 9.70 12.47 -47.19
C SER A 126 9.82 13.81 -47.89
N ASP A 127 9.42 13.93 -49.15
CA ASP A 127 9.45 15.19 -49.87
C ASP A 127 8.15 15.96 -49.69
N LEU A 153 -26.35 58.80 -41.91
CA LEU A 153 -25.64 57.56 -42.16
C LEU A 153 -26.62 56.42 -42.48
N LEU A 154 -26.36 55.73 -43.59
CA LEU A 154 -27.19 54.60 -44.01
C LEU A 154 -26.26 53.46 -44.44
N PHE A 155 -26.75 52.23 -44.29
CA PHE A 155 -25.85 51.11 -44.56
C PHE A 155 -26.43 50.06 -45.51
N ASP A 156 -27.73 49.77 -45.43
CA ASP A 156 -28.33 48.73 -46.26
C ASP A 156 -29.39 49.34 -47.19
N HIS A 157 -28.92 49.82 -48.35
CA HIS A 157 -29.82 50.17 -49.44
C HIS A 157 -30.15 48.98 -50.32
N LEU A 158 -29.74 47.78 -49.90
CA LEU A 158 -29.89 46.58 -50.71
C LEU A 158 -31.36 46.17 -50.72
N GLU A 159 -31.65 45.02 -51.29
CA GLU A 159 -32.97 44.45 -51.24
C GLU A 159 -32.90 43.06 -50.60
N THR A 160 -34.09 42.49 -50.37
CA THR A 160 -34.20 41.28 -49.57
C THR A 160 -33.41 40.13 -50.19
N GLY A 161 -33.67 39.84 -51.47
CA GLY A 161 -32.99 38.74 -52.12
C GLY A 161 -31.48 38.91 -52.17
N GLU A 162 -31.02 40.14 -52.40
CA GLU A 162 -29.58 40.36 -52.51
C GLU A 162 -28.90 40.21 -51.15
N LEU A 163 -29.49 40.78 -50.10
CA LEU A 163 -28.97 40.56 -48.75
C LEU A 163 -28.92 39.08 -48.42
N ALA A 164 -30.00 38.35 -48.73
CA ALA A 164 -30.02 36.92 -48.44
C ALA A 164 -28.91 36.19 -49.20
N GLN A 165 -28.70 36.54 -50.46
CA GLN A 165 -27.70 35.84 -51.28
C GLN A 165 -26.28 36.15 -50.83
N HIS A 166 -26.01 37.41 -50.47
CA HIS A 166 -24.68 37.75 -49.98
C HIS A 166 -24.40 37.09 -48.63
N LEU A 167 -25.38 37.13 -47.71
CA LEU A 167 -25.24 36.41 -46.46
C LEU A 167 -25.02 34.93 -46.68
N THR A 168 -25.75 34.33 -47.62
CA THR A 168 -25.56 32.91 -47.92
C THR A 168 -24.16 32.65 -48.46
N TYR A 169 -23.64 33.57 -49.27
CA TYR A 169 -22.31 33.37 -49.85
C TYR A 169 -21.25 33.44 -48.76
N LEU A 170 -21.37 34.41 -47.84
CA LEU A 170 -20.49 34.46 -46.67
C LEU A 170 -20.59 33.19 -45.83
N GLU A 171 -21.82 32.80 -45.48
CA GLU A 171 -22.02 31.62 -44.65
C GLU A 171 -21.41 30.39 -45.29
N PHE A 172 -21.53 30.27 -46.62
CA PHE A 172 -20.99 29.10 -47.30
C PHE A 172 -19.47 29.15 -47.36
N ARG A 173 -18.90 30.34 -47.56
CA ARG A 173 -17.44 30.43 -47.62
C ARG A 173 -16.80 30.16 -46.27
N SER A 174 -17.41 30.66 -45.19
CA SER A 174 -16.90 30.38 -43.84
C SER A 174 -17.14 28.92 -43.46
N PHE A 175 -18.31 28.38 -43.84
CA PHE A 175 -18.62 26.97 -43.59
C PHE A 175 -17.65 26.05 -44.30
N GLN A 176 -17.32 26.35 -45.55
CA GLN A 176 -16.48 25.48 -46.36
C GLN A 176 -15.08 25.32 -45.78
N ALA A 177 -14.63 26.26 -44.97
CA ALA A 177 -13.31 26.19 -44.37
C ALA A 177 -13.24 25.26 -43.17
N ILE A 178 -14.37 24.68 -42.76
CA ILE A 178 -14.41 23.83 -41.58
C ILE A 178 -13.85 22.46 -41.93
N THR A 179 -12.86 22.02 -41.15
CA THR A 179 -12.10 20.77 -41.19
C THR A 179 -12.78 19.72 -40.33
N PRO A 180 -12.87 18.47 -40.79
CA PRO A 180 -13.47 17.42 -39.94
C PRO A 180 -12.74 17.20 -38.63
N GLN A 181 -11.42 17.41 -38.61
CA GLN A 181 -10.68 17.31 -37.35
C GLN A 181 -11.05 18.43 -36.38
N ASP A 182 -11.52 19.58 -36.89
CA ASP A 182 -12.14 20.57 -36.02
C ASP A 182 -13.37 19.98 -35.32
N LEU A 183 -14.16 19.19 -36.05
CA LEU A 183 -15.31 18.52 -35.44
C LEU A 183 -14.86 17.48 -34.42
N ARG A 184 -13.78 16.75 -34.73
CA ARG A 184 -13.19 15.83 -33.75
C ARG A 184 -12.83 16.55 -32.46
N SER A 185 -12.13 17.68 -32.60
CA SER A 185 -11.73 18.46 -31.43
C SER A 185 -12.94 19.00 -30.69
N TYR A 186 -14.01 19.35 -31.41
CA TYR A 186 -15.23 19.80 -30.73
C TYR A 186 -15.86 18.67 -29.91
N VAL A 187 -15.99 17.49 -30.50
CA VAL A 187 -16.61 16.37 -29.80
C VAL A 187 -15.79 15.97 -28.59
N LEU A 188 -14.48 15.80 -28.77
CA LEU A 188 -13.63 15.35 -27.67
C LEU A 188 -13.46 16.45 -26.62
N GLN A 189 -12.90 17.59 -27.01
CA GLN A 189 -12.55 18.64 -26.06
C GLN A 189 -13.79 19.25 -25.41
N GLY A 190 -14.90 19.31 -26.13
CA GLY A 190 -16.11 19.92 -25.62
C GLY A 190 -16.25 21.40 -25.92
N SER A 191 -15.20 22.05 -26.39
CA SER A 191 -15.24 23.45 -26.78
C SER A 191 -14.58 23.59 -28.15
N VAL A 192 -15.15 24.46 -29.00
CA VAL A 192 -14.62 24.77 -30.32
C VAL A 192 -13.18 25.26 -30.21
N ARG A 193 -12.80 25.73 -29.03
CA ARG A 193 -11.63 26.59 -28.88
C ARG A 193 -10.36 25.91 -29.40
N GLY A 194 -9.43 26.72 -29.88
CA GLY A 194 -8.23 26.19 -30.51
C GLY A 194 -8.50 25.55 -31.86
N CYS A 195 -9.60 25.90 -32.51
CA CYS A 195 -9.93 25.37 -33.83
C CYS A 195 -10.63 26.48 -34.60
N PRO A 196 -9.89 27.27 -35.37
CA PRO A 196 -10.39 28.59 -35.80
C PRO A 196 -11.56 28.55 -36.79
N ALA A 197 -11.64 27.56 -37.68
CA ALA A 197 -12.67 27.61 -38.73
C ALA A 197 -14.08 27.59 -38.17
N LEU A 198 -14.39 26.63 -37.29
CA LEU A 198 -15.74 26.60 -36.72
C LEU A 198 -15.93 27.74 -35.73
N GLU A 199 -14.85 28.20 -35.09
CA GLU A 199 -14.96 29.41 -34.28
C GLU A 199 -15.44 30.57 -35.12
N GLY A 200 -14.92 30.69 -36.34
CA GLY A 200 -15.35 31.74 -37.24
C GLY A 200 -16.77 31.54 -37.73
N SER A 201 -17.18 30.27 -37.87
CA SER A 201 -18.56 29.99 -38.26
C SER A 201 -19.55 30.39 -37.16
N VAL A 202 -19.24 29.98 -35.92
CA VAL A 202 -20.13 30.30 -34.80
C VAL A 202 -20.11 31.79 -34.53
N GLY A 203 -18.95 32.44 -34.66
CA GLY A 203 -18.89 33.89 -34.52
C GLY A 203 -19.62 34.60 -35.65
N LEU A 204 -19.61 34.02 -36.85
CA LEU A 204 -20.38 34.56 -37.95
C LEU A 204 -21.87 34.56 -37.62
N SER A 205 -22.38 33.41 -37.15
CA SER A 205 -23.79 33.34 -36.79
C SER A 205 -24.13 34.30 -35.64
N ASN A 206 -23.26 34.35 -34.62
CA ASN A 206 -23.49 35.26 -33.50
C ASN A 206 -23.50 36.72 -33.95
N SER A 207 -22.59 37.06 -34.88
CA SER A 207 -22.54 38.42 -35.39
C SER A 207 -23.73 38.74 -36.27
N VAL A 208 -24.27 37.74 -36.98
CA VAL A 208 -25.49 37.95 -37.74
C VAL A 208 -26.64 38.28 -36.81
N SER A 209 -26.80 37.48 -35.75
CA SER A 209 -27.88 37.75 -34.80
C SER A 209 -27.72 39.11 -34.12
N ARG A 210 -26.50 39.42 -33.67
CA ARG A 210 -26.23 40.71 -33.05
C ARG A 210 -26.53 41.86 -34.02
N TRP A 211 -26.11 41.70 -35.28
CA TRP A 211 -26.34 42.73 -36.29
C TRP A 211 -27.84 42.93 -36.54
N VAL A 212 -28.61 41.84 -36.59
CA VAL A 212 -30.06 41.96 -36.76
C VAL A 212 -30.68 42.73 -35.60
N GLN A 213 -30.32 42.34 -34.36
CA GLN A 213 -30.89 43.01 -33.19
C GLN A 213 -30.57 44.50 -33.20
N VAL A 214 -29.28 44.83 -33.34
CA VAL A 214 -28.86 46.22 -33.27
C VAL A 214 -29.40 47.01 -34.47
N MET A 215 -29.67 46.32 -35.57
CA MET A 215 -30.23 46.99 -36.74
C MET A 215 -31.69 47.35 -36.51
N VAL A 216 -32.41 46.49 -35.78
CA VAL A 216 -33.80 46.81 -35.44
C VAL A 216 -33.85 47.90 -34.37
N LEU A 217 -32.98 47.82 -33.36
CA LEU A 217 -33.03 48.78 -32.27
C LEU A 217 -32.49 50.15 -32.64
N SER A 218 -31.72 50.24 -33.73
CA SER A 218 -31.15 51.51 -34.16
C SER A 218 -32.19 52.46 -34.74
N ARG A 219 -33.48 52.11 -34.71
CA ARG A 219 -34.51 52.93 -35.31
C ARG A 219 -35.45 53.48 -34.25
N PRO A 220 -35.63 54.80 -34.19
CA PRO A 220 -36.56 55.38 -33.21
C PRO A 220 -38.01 55.17 -33.66
N GLY A 221 -38.86 54.78 -32.71
CA GLY A 221 -40.26 54.56 -33.00
C GLY A 221 -40.58 53.11 -33.29
N PRO A 222 -41.81 52.70 -32.98
CA PRO A 222 -42.20 51.31 -33.24
C PRO A 222 -42.50 51.04 -34.70
N LEU A 223 -42.92 52.06 -35.44
CA LEU A 223 -43.22 51.88 -36.87
C LEU A 223 -41.97 51.70 -37.71
N GLN A 224 -40.93 52.49 -37.47
CA GLN A 224 -39.67 52.30 -38.18
C GLN A 224 -39.09 50.92 -37.90
N ARG A 225 -39.07 50.52 -36.63
CA ARG A 225 -38.64 49.18 -36.26
C ARG A 225 -39.51 48.12 -36.92
N ALA A 226 -40.82 48.38 -37.04
CA ALA A 226 -41.71 47.42 -37.69
C ALA A 226 -41.40 47.28 -39.17
N GLN A 227 -41.01 48.38 -39.82
CA GLN A 227 -40.57 48.31 -41.21
C GLN A 227 -39.31 47.46 -41.33
N VAL A 228 -38.36 47.67 -40.41
CA VAL A 228 -37.15 46.84 -40.38
C VAL A 228 -37.52 45.38 -40.17
N LEU A 229 -38.52 45.13 -39.34
CA LEU A 229 -38.96 43.76 -39.07
C LEU A 229 -39.58 43.12 -40.31
N ASP A 230 -40.42 43.86 -41.03
CA ASP A 230 -40.93 43.40 -42.32
C ASP A 230 -39.78 43.00 -43.25
N LYS A 231 -38.78 43.88 -43.35
CA LYS A 231 -37.67 43.63 -44.26
C LYS A 231 -36.92 42.36 -43.87
N PHE A 232 -36.65 42.17 -42.57
CA PHE A 232 -35.93 40.99 -42.13
C PHE A 232 -36.77 39.71 -42.26
N ILE A 233 -38.09 39.81 -42.06
CA ILE A 233 -38.95 38.66 -42.29
C ILE A 233 -38.90 38.25 -43.76
N HIS A 234 -38.91 39.22 -44.67
CA HIS A 234 -38.77 38.91 -46.09
C HIS A 234 -37.40 38.27 -46.38
N VAL A 235 -36.35 38.78 -45.74
CA VAL A 235 -35.02 38.18 -45.89
C VAL A 235 -35.05 36.71 -45.43
N ALA A 236 -35.71 36.45 -44.30
CA ALA A 236 -35.81 35.09 -43.81
C ALA A 236 -36.59 34.21 -44.78
N GLN A 237 -37.64 34.75 -45.38
CA GLN A 237 -38.40 34.00 -46.38
C GLN A 237 -37.50 33.63 -47.56
N ARG A 238 -36.72 34.59 -48.06
CA ARG A 238 -35.83 34.28 -49.17
C ARG A 238 -34.76 33.27 -48.77
N LEU A 239 -34.27 33.33 -47.53
CA LEU A 239 -33.31 32.35 -47.08
C LEU A 239 -33.92 30.96 -46.99
N HIS A 240 -35.20 30.88 -46.62
CA HIS A 240 -35.91 29.61 -46.64
C HIS A 240 -36.08 29.09 -48.07
N GLN A 241 -36.36 29.99 -49.01
CA GLN A 241 -36.47 29.59 -50.41
C GLN A 241 -35.15 29.08 -50.95
N LEU A 242 -34.04 29.74 -50.58
CA LEU A 242 -32.70 29.33 -50.96
C LEU A 242 -32.22 28.12 -50.18
N GLN A 243 -32.97 27.71 -49.15
CA GLN A 243 -32.62 26.56 -48.34
C GLN A 243 -31.28 26.76 -47.63
N ASN A 244 -31.09 27.97 -47.10
CA ASN A 244 -29.99 28.29 -46.20
C ASN A 244 -30.57 28.38 -44.79
N PHE A 245 -30.50 27.27 -44.05
CA PHE A 245 -31.17 27.19 -42.76
C PHE A 245 -30.31 27.70 -41.61
N ASN A 246 -28.98 27.69 -41.75
CA ASN A 246 -28.12 28.22 -40.70
C ASN A 246 -28.29 29.73 -40.54
N THR A 247 -28.08 30.48 -41.63
CA THR A 247 -28.32 31.92 -41.58
C THR A 247 -29.80 32.21 -41.32
N LEU A 248 -30.68 31.34 -41.77
CA LEU A 248 -32.10 31.48 -41.41
C LEU A 248 -32.29 31.42 -39.91
N MET A 249 -31.60 30.49 -39.24
CA MET A 249 -31.65 30.42 -37.79
C MET A 249 -31.10 31.68 -37.16
N ALA A 250 -29.98 32.18 -37.69
CA ALA A 250 -29.38 33.38 -37.12
C ALA A 250 -30.33 34.57 -37.20
N VAL A 251 -30.95 34.76 -38.37
CA VAL A 251 -31.84 35.90 -38.58
C VAL A 251 -33.12 35.74 -37.76
N THR A 252 -33.70 34.52 -37.76
CA THR A 252 -34.93 34.29 -37.01
C THR A 252 -34.72 34.50 -35.52
N GLY A 253 -33.63 33.95 -34.97
CA GLY A 253 -33.33 34.17 -33.57
C GLY A 253 -33.04 35.62 -33.25
N GLY A 254 -32.42 36.35 -34.18
CA GLY A 254 -32.31 37.79 -34.00
C GLY A 254 -33.67 38.45 -33.94
N LEU A 255 -34.65 37.90 -34.67
CA LEU A 255 -36.02 38.38 -34.58
C LEU A 255 -36.66 37.91 -33.27
N CYS A 256 -36.50 36.63 -32.95
CA CYS A 256 -37.11 36.04 -31.77
C CYS A 256 -36.28 36.25 -30.50
N HIS A 257 -35.19 36.99 -30.55
CA HIS A 257 -34.41 37.30 -29.36
C HIS A 257 -35.28 38.03 -28.33
N SER A 258 -35.00 37.77 -27.05
CA SER A 258 -35.85 38.32 -25.99
C SER A 258 -35.77 39.84 -25.95
N ALA A 259 -34.62 40.41 -26.30
CA ALA A 259 -34.50 41.87 -26.34
C ALA A 259 -35.35 42.48 -27.45
N ILE A 260 -35.73 41.70 -28.46
CA ILE A 260 -36.56 42.19 -29.55
C ILE A 260 -38.00 41.76 -29.42
N SER A 261 -38.26 40.54 -28.94
CA SER A 261 -39.63 40.03 -28.85
C SER A 261 -40.49 40.84 -27.88
N ARG A 262 -39.87 41.58 -26.96
CA ARG A 262 -40.58 42.34 -25.95
C ARG A 262 -41.13 43.67 -26.47
N LEU A 263 -40.84 44.02 -27.72
CA LEU A 263 -41.28 45.29 -28.31
C LEU A 263 -42.67 45.07 -28.89
N LYS A 264 -43.70 45.20 -28.04
CA LYS A 264 -45.05 44.86 -28.48
C LYS A 264 -45.61 45.86 -29.49
N ASP A 265 -45.31 47.15 -29.33
CA ASP A 265 -45.82 48.13 -30.29
C ASP A 265 -45.30 47.81 -31.70
N SER A 266 -44.05 47.37 -31.79
CA SER A 266 -43.49 47.06 -33.10
C SER A 266 -44.18 45.85 -33.72
N HIS A 267 -44.41 44.80 -32.92
CA HIS A 267 -45.15 43.66 -33.44
C HIS A 267 -46.61 44.00 -33.70
N ALA A 268 -47.12 45.07 -33.09
CA ALA A 268 -48.46 45.55 -33.38
C ALA A 268 -48.51 46.18 -34.76
N HIS A 269 -47.49 46.96 -35.10
CA HIS A 269 -47.44 47.54 -36.44
C HIS A 269 -47.01 46.51 -37.47
N LEU A 270 -46.44 45.39 -37.03
CA LEU A 270 -45.98 44.38 -37.98
C LEU A 270 -47.16 43.79 -38.72
N SER A 271 -46.97 43.55 -40.02
CA SER A 271 -48.06 43.09 -40.87
C SER A 271 -48.55 41.72 -40.38
N PRO A 272 -49.86 41.45 -40.46
CA PRO A 272 -50.36 40.14 -40.03
C PRO A 272 -49.77 38.99 -40.84
N ASP A 273 -49.59 39.18 -42.15
CA ASP A 273 -48.92 38.17 -42.96
C ASP A 273 -47.47 37.99 -42.50
N SER A 274 -46.82 39.09 -42.14
CA SER A 274 -45.44 39.02 -41.64
C SER A 274 -45.38 38.27 -40.31
N THR A 275 -46.30 38.59 -39.39
CA THR A 275 -46.37 37.86 -38.13
C THR A 275 -46.64 36.38 -38.35
N LYS A 276 -47.51 36.05 -39.31
CA LYS A 276 -47.81 34.65 -39.63
C LYS A 276 -46.56 33.93 -40.13
N ALA A 277 -45.82 34.57 -41.04
CA ALA A 277 -44.60 33.96 -41.54
C ALA A 277 -43.58 33.79 -40.44
N LEU A 278 -43.43 34.80 -39.58
CA LEU A 278 -42.50 34.70 -38.47
C LEU A 278 -42.88 33.56 -37.53
N LEU A 279 -44.17 33.39 -37.25
CA LEU A 279 -44.61 32.26 -36.45
C LEU A 279 -44.27 30.94 -37.10
N GLU A 280 -44.52 30.82 -38.41
CA GLU A 280 -44.21 29.57 -39.10
C GLU A 280 -42.71 29.27 -39.06
N LEU A 281 -41.88 30.31 -39.16
CA LEU A 281 -40.44 30.11 -39.14
C LEU A 281 -39.95 29.71 -37.75
N THR A 282 -40.43 30.40 -36.71
CA THR A 282 -40.07 30.00 -35.35
C THR A 282 -40.53 28.58 -35.06
N GLU A 283 -41.71 28.22 -35.57
CA GLU A 283 -42.18 26.83 -35.48
C GLU A 283 -41.23 25.89 -36.21
N LEU A 284 -40.63 26.36 -37.31
CA LEU A 284 -39.70 25.53 -38.07
C LEU A 284 -38.41 25.28 -37.29
N LEU A 285 -37.86 26.33 -36.68
CA LEU A 285 -36.58 26.26 -35.99
C LEU A 285 -36.73 26.03 -34.49
N ALA A 286 -37.86 25.46 -34.06
CA ALA A 286 -38.17 25.32 -32.65
C ALA A 286 -37.49 24.08 -32.05
N SER A 287 -37.39 24.07 -30.71
CA SER A 287 -36.67 23.02 -30.01
C SER A 287 -37.45 21.73 -29.90
N HIS A 288 -38.77 21.80 -30.03
CA HIS A 288 -39.66 20.66 -29.81
C HIS A 288 -39.23 19.45 -30.63
N ASN A 289 -39.16 18.29 -29.97
CA ASN A 289 -38.89 17.00 -30.62
C ASN A 289 -37.57 17.05 -31.39
N ASN A 290 -36.50 17.42 -30.68
CA ASN A 290 -35.14 17.68 -31.19
C ASN A 290 -35.19 18.25 -32.61
N TYR A 291 -36.02 19.28 -32.78
CA TYR A 291 -36.17 20.04 -34.02
C TYR A 291 -36.81 19.18 -35.11
N ALA A 292 -37.87 18.44 -34.75
CA ALA A 292 -38.48 17.50 -35.70
C ALA A 292 -39.01 18.20 -36.95
N ARG A 293 -39.53 19.41 -36.80
CA ARG A 293 -40.02 20.16 -37.96
C ARG A 293 -38.87 20.55 -38.87
N TYR A 294 -37.80 21.11 -38.28
CA TYR A 294 -36.56 21.36 -39.02
C TYR A 294 -36.08 20.11 -39.75
N ARG A 295 -36.15 18.96 -39.09
CA ARG A 295 -35.64 17.74 -39.70
C ARG A 295 -36.54 17.27 -40.83
N ARG A 296 -37.85 17.41 -40.67
CA ARG A 296 -38.77 17.04 -41.74
C ARG A 296 -38.51 17.88 -42.99
N THR A 297 -38.32 19.19 -42.81
CA THR A 297 -37.95 20.03 -43.94
C THR A 297 -36.61 19.61 -44.53
N TRP A 298 -35.58 19.51 -43.68
CA TRP A 298 -34.24 19.16 -44.14
C TRP A 298 -34.25 17.89 -44.97
N ALA A 299 -35.08 16.92 -44.58
CA ALA A 299 -35.27 15.73 -45.41
C ALA A 299 -35.99 16.09 -46.70
N GLY A 300 -37.02 16.93 -46.62
CA GLY A 300 -37.78 17.32 -47.79
C GLY A 300 -37.14 18.34 -48.71
N CYS A 301 -35.90 18.74 -48.45
CA CYS A 301 -35.17 19.64 -49.32
C CYS A 301 -34.28 18.86 -50.29
N ALA A 302 -33.78 19.54 -51.32
CA ALA A 302 -33.01 18.89 -52.36
C ALA A 302 -32.03 19.87 -52.99
N GLY A 303 -31.15 19.35 -53.83
CA GLY A 303 -30.23 20.18 -54.59
C GLY A 303 -29.27 20.91 -53.67
N PHE A 304 -29.30 22.25 -53.72
CA PHE A 304 -28.50 23.07 -52.81
C PHE A 304 -29.39 23.48 -51.66
N ARG A 305 -29.48 22.62 -50.66
CA ARG A 305 -30.11 22.92 -49.38
C ARG A 305 -29.08 23.18 -48.30
N LEU A 306 -27.81 23.25 -48.66
CA LEU A 306 -26.78 22.87 -47.72
C LEU A 306 -25.89 23.98 -47.19
N PRO A 307 -26.46 24.97 -46.52
CA PRO A 307 -25.89 25.39 -45.24
C PRO A 307 -26.63 24.67 -44.12
N VAL A 308 -25.90 24.12 -43.16
CA VAL A 308 -26.50 23.29 -42.12
C VAL A 308 -26.40 24.02 -40.78
N LEU A 309 -27.10 23.48 -39.79
CA LEU A 309 -27.06 24.04 -38.44
C LEU A 309 -26.07 23.28 -37.57
N GLY A 310 -25.65 23.95 -36.49
CA GLY A 310 -24.79 23.32 -35.51
C GLY A 310 -25.42 22.16 -34.77
N VAL A 311 -26.69 21.86 -35.03
CA VAL A 311 -27.33 20.72 -34.38
C VAL A 311 -26.64 19.44 -34.80
N HIS A 312 -26.03 19.43 -35.99
CA HIS A 312 -25.25 18.27 -36.40
C HIS A 312 -24.14 18.02 -35.39
N LEU A 313 -23.46 19.09 -34.97
CA LEU A 313 -22.52 19.01 -33.86
C LEU A 313 -23.15 18.27 -32.69
N LYS A 314 -24.30 18.76 -32.25
CA LYS A 314 -25.09 18.11 -31.21
C LYS A 314 -25.20 16.62 -31.49
N ASP A 315 -25.73 16.27 -32.66
CA ASP A 315 -25.93 14.87 -33.01
C ASP A 315 -24.64 14.09 -32.88
N LEU A 316 -23.54 14.65 -33.39
CA LEU A 316 -22.24 13.98 -33.25
C LEU A 316 -21.98 13.65 -31.78
N VAL A 317 -22.05 14.68 -30.92
CA VAL A 317 -21.80 14.47 -29.50
C VAL A 317 -22.72 13.39 -28.96
N SER A 318 -24.00 13.42 -29.36
CA SER A 318 -24.92 12.38 -28.92
C SER A 318 -24.41 11.01 -29.31
N LEU A 319 -24.13 10.81 -30.61
CA LEU A 319 -23.63 9.52 -31.06
C LEU A 319 -22.29 9.17 -30.41
N HIS A 320 -21.57 10.17 -29.91
CA HIS A 320 -20.31 9.86 -29.23
C HIS A 320 -20.56 9.24 -27.86
N GLU A 321 -21.54 9.75 -27.12
CA GLU A 321 -21.76 9.26 -25.76
C GLU A 321 -22.85 8.20 -25.67
N ALA A 322 -23.70 8.06 -26.69
CA ALA A 322 -24.71 7.01 -26.66
C ALA A 322 -24.07 5.63 -26.61
N GLN A 323 -23.27 5.30 -27.60
CA GLN A 323 -22.66 3.99 -27.52
C GLN A 323 -21.20 4.10 -27.08
N PRO A 324 -20.68 3.10 -26.40
CA PRO A 324 -19.31 3.19 -25.90
C PRO A 324 -18.28 3.11 -27.02
N ASP A 325 -17.14 3.77 -26.80
CA ASP A 325 -16.05 3.70 -27.76
C ASP A 325 -15.54 2.28 -27.93
N ARG A 326 -15.22 1.63 -26.82
CA ARG A 326 -14.64 0.30 -26.80
C ARG A 326 -15.51 -0.62 -25.96
N LEU A 327 -15.64 -1.87 -26.41
CA LEU A 327 -16.39 -2.87 -25.66
C LEU A 327 -15.54 -3.44 -24.53
N PRO A 328 -16.17 -4.01 -23.50
CA PRO A 328 -15.40 -4.60 -22.39
C PRO A 328 -14.49 -5.73 -22.83
N ASP A 329 -14.73 -6.33 -23.99
CA ASP A 329 -13.85 -7.38 -24.51
C ASP A 329 -12.43 -6.87 -24.72
N GLY A 330 -12.25 -5.55 -24.80
CA GLY A 330 -11.02 -4.94 -25.22
C GLY A 330 -11.08 -4.46 -26.65
N ARG A 331 -11.81 -5.17 -27.50
CA ARG A 331 -12.07 -4.70 -28.86
C ARG A 331 -13.12 -3.60 -28.84
N LEU A 332 -13.02 -2.70 -29.82
CA LEU A 332 -13.96 -1.62 -30.02
C LEU A 332 -14.96 -1.97 -31.11
N HIS A 333 -16.19 -1.50 -30.95
CA HIS A 333 -17.27 -1.84 -31.87
C HIS A 333 -17.36 -0.72 -32.91
N LEU A 334 -17.26 -1.10 -34.18
CA LEU A 334 -17.19 -0.16 -35.31
C LEU A 334 -18.49 0.57 -35.64
N PRO A 335 -19.69 -0.03 -35.51
CA PRO A 335 -20.90 0.66 -36.00
C PRO A 335 -21.07 2.09 -35.51
N LYS A 336 -20.65 2.38 -34.27
CA LYS A 336 -20.58 3.76 -33.81
C LYS A 336 -19.72 4.61 -34.73
N LEU A 337 -18.51 4.15 -35.03
CA LEU A 337 -17.63 4.91 -35.89
C LEU A 337 -18.14 4.99 -37.32
N ASN A 338 -18.91 4.00 -37.75
CA ASN A 338 -19.48 4.04 -39.09
C ASN A 338 -20.58 5.09 -39.19
N ASN A 339 -21.47 5.12 -38.20
CA ASN A 339 -22.50 6.16 -38.17
C ASN A 339 -21.85 7.54 -38.11
N LEU A 340 -20.87 7.71 -37.23
CA LEU A 340 -20.15 8.99 -37.18
C LEU A 340 -19.51 9.33 -38.53
N TYR A 341 -18.81 8.36 -39.14
CA TYR A 341 -18.09 8.64 -40.38
C TYR A 341 -19.04 9.05 -41.49
N LEU A 342 -20.17 8.36 -41.64
CA LEU A 342 -21.11 8.77 -42.69
C LEU A 342 -21.76 10.11 -42.37
N ARG A 343 -22.03 10.39 -41.08
CA ARG A 343 -22.61 11.68 -40.73
C ARG A 343 -21.64 12.83 -41.02
N LEU A 344 -20.33 12.58 -40.89
CA LEU A 344 -19.33 13.58 -41.24
C LEU A 344 -19.15 13.69 -42.75
N GLN A 345 -19.07 12.55 -43.44
CA GLN A 345 -18.96 12.58 -44.89
C GLN A 345 -20.13 13.29 -45.53
N GLU A 346 -21.30 13.27 -44.88
CA GLU A 346 -22.40 14.10 -45.33
C GLU A 346 -21.98 15.57 -45.35
N LEU A 347 -21.38 16.04 -44.25
CA LEU A 347 -20.96 17.44 -44.17
C LEU A 347 -19.87 17.75 -45.20
N VAL A 348 -18.94 16.82 -45.41
CA VAL A 348 -17.89 17.04 -46.41
C VAL A 348 -18.49 17.13 -47.80
N ALA A 349 -19.39 16.20 -48.12
CA ALA A 349 -20.09 16.26 -49.40
C ALA A 349 -20.83 17.58 -49.56
N LEU A 350 -21.35 18.13 -48.46
CA LEU A 350 -21.97 19.44 -48.53
C LEU A 350 -20.93 20.53 -48.78
N GLN A 351 -19.75 20.37 -48.18
CA GLN A 351 -18.64 21.29 -48.48
C GLN A 351 -18.28 21.28 -49.95
N GLY A 352 -18.60 20.19 -50.66
CA GLY A 352 -18.21 20.09 -52.06
C GLY A 352 -18.98 21.04 -52.99
N GLN A 353 -20.31 21.08 -52.87
CA GLN A 353 -21.13 21.67 -53.92
C GLN A 353 -20.91 23.18 -54.04
N HIS A 354 -21.56 23.77 -55.08
CA HIS A 354 -21.50 25.15 -55.53
C HIS A 354 -22.81 25.87 -55.26
N PRO A 355 -22.79 27.15 -54.89
CA PRO A 355 -24.03 27.90 -54.75
C PRO A 355 -24.65 28.18 -56.09
N PRO A 356 -26.00 28.29 -56.17
CA PRO A 356 -26.64 28.63 -57.44
C PRO A 356 -26.56 30.11 -57.77
N CYS A 357 -26.45 30.93 -56.72
CA CYS A 357 -26.44 32.38 -56.84
C CYS A 357 -25.02 32.93 -56.70
N SER A 358 -24.77 34.04 -57.39
CA SER A 358 -23.48 34.71 -57.34
C SER A 358 -23.63 36.07 -56.66
N ALA A 359 -22.49 36.74 -56.45
CA ALA A 359 -22.47 37.92 -55.59
C ALA A 359 -21.22 38.75 -55.88
N ASN A 360 -21.21 39.97 -55.34
CA ASN A 360 -20.15 40.96 -55.56
C ASN A 360 -19.16 40.89 -54.40
N GLU A 361 -17.92 40.50 -54.69
CA GLU A 361 -16.94 40.23 -53.64
C GLU A 361 -16.68 41.46 -52.78
N ASP A 362 -16.58 42.63 -53.40
CA ASP A 362 -16.38 43.87 -52.64
C ASP A 362 -17.60 44.18 -51.78
N LEU A 363 -18.80 43.94 -52.32
CA LEU A 363 -20.01 44.13 -51.53
C LEU A 363 -20.04 43.13 -50.38
N LEU A 364 -19.52 41.92 -50.60
CA LEU A 364 -19.33 40.98 -49.51
C LEU A 364 -18.42 41.57 -48.44
N HIS A 365 -17.35 42.23 -48.87
CA HIS A 365 -16.44 42.88 -47.91
C HIS A 365 -17.17 43.95 -47.10
N LEU A 366 -17.98 44.77 -47.77
CA LEU A 366 -18.74 45.80 -47.05
C LEU A 366 -19.69 45.17 -46.04
N LEU A 367 -20.38 44.09 -46.42
CA LEU A 367 -21.30 43.46 -45.47
C LEU A 367 -20.55 42.86 -44.29
N THR A 368 -19.43 42.18 -44.57
CA THR A 368 -18.58 41.64 -43.50
C THR A 368 -18.15 42.74 -42.54
N LEU A 369 -17.82 43.92 -43.08
CA LEU A 369 -17.45 45.05 -42.23
C LEU A 369 -18.66 45.59 -41.47
N SER A 370 -19.87 45.40 -42.02
CA SER A 370 -21.08 45.80 -41.33
C SER A 370 -21.37 44.89 -40.15
N LEU A 371 -21.00 43.61 -40.25
CA LEU A 371 -21.31 42.66 -39.18
C LEU A 371 -20.39 42.85 -37.97
N ASP A 372 -19.10 43.10 -38.20
CA ASP A 372 -18.13 43.21 -37.11
C ASP A 372 -18.31 44.53 -36.37
N LEU A 373 -19.33 44.57 -35.52
CA LEU A 373 -19.53 45.60 -34.52
C LEU A 373 -19.09 45.06 -33.16
N PHE A 374 -19.27 45.87 -32.11
CA PHE A 374 -18.93 45.45 -30.75
C PHE A 374 -20.08 45.81 -29.82
N TYR A 375 -21.09 44.95 -29.75
CA TYR A 375 -22.19 45.08 -28.80
C TYR A 375 -22.38 43.77 -28.05
N THR A 376 -22.60 43.88 -26.75
CA THR A 376 -22.85 42.75 -25.88
C THR A 376 -24.34 42.71 -25.53
N GLU A 377 -24.81 41.55 -25.07
CA GLU A 377 -26.18 41.43 -24.60
C GLU A 377 -26.51 42.53 -23.60
N ASP A 378 -25.51 43.02 -22.87
CA ASP A 378 -25.73 44.09 -21.90
C ASP A 378 -26.21 45.37 -22.59
N GLU A 379 -25.45 45.86 -23.59
CA GLU A 379 -25.86 47.09 -24.26
C GLU A 379 -27.12 46.89 -25.07
N ILE A 380 -27.31 45.68 -25.64
CA ILE A 380 -28.52 45.41 -26.42
C ILE A 380 -29.75 45.51 -25.53
N TYR A 381 -29.72 44.85 -24.36
CA TYR A 381 -30.82 44.97 -23.42
C TYR A 381 -30.97 46.39 -22.91
N GLU A 382 -29.87 47.10 -22.65
CA GLU A 382 -29.98 48.48 -22.19
C GLU A 382 -30.71 49.33 -23.22
N LEU A 383 -30.44 49.10 -24.50
CA LEU A 383 -31.09 49.89 -25.55
C LEU A 383 -32.56 49.48 -25.72
N SER A 384 -32.84 48.19 -25.72
CA SER A 384 -34.22 47.72 -25.80
C SER A 384 -35.04 48.27 -24.63
N TYR A 385 -34.45 48.32 -23.43
CA TYR A 385 -35.11 48.92 -22.28
C TYR A 385 -35.30 50.42 -22.48
N ALA A 386 -34.29 51.08 -23.05
CA ALA A 386 -34.38 52.51 -23.30
C ALA A 386 -35.45 52.84 -24.32
N ARG A 387 -35.86 51.88 -25.15
CA ARG A 387 -36.90 52.12 -26.13
C ARG A 387 -38.28 51.66 -25.70
N GLU A 388 -38.37 50.82 -24.67
CA GLU A 388 -39.64 50.54 -23.99
C GLU A 388 -39.43 50.39 -22.49
N MET B 5 -52.24 13.86 -20.89
CA MET B 5 -51.32 13.95 -19.76
C MET B 5 -50.74 15.37 -19.63
N THR B 6 -49.60 15.48 -18.95
CA THR B 6 -48.87 16.73 -18.82
C THR B 6 -47.48 16.56 -19.41
N GLU B 7 -47.05 17.57 -20.17
CA GLU B 7 -45.78 17.57 -20.87
C GLU B 7 -44.87 18.61 -20.23
N TYR B 8 -43.66 18.19 -19.87
CA TYR B 8 -42.68 19.04 -19.20
C TYR B 8 -41.50 19.28 -20.12
N LYS B 9 -41.12 20.54 -20.26
CA LYS B 9 -40.05 20.96 -21.16
C LYS B 9 -38.79 21.14 -20.32
N LEU B 10 -37.84 20.22 -20.48
CA LEU B 10 -36.62 20.20 -19.69
C LEU B 10 -35.43 20.55 -20.58
N VAL B 11 -34.51 21.32 -20.05
CA VAL B 11 -33.31 21.72 -20.76
C VAL B 11 -32.10 21.41 -19.88
N VAL B 12 -31.09 20.81 -20.47
CA VAL B 12 -29.87 20.45 -19.75
C VAL B 12 -28.81 21.47 -20.15
N VAL B 13 -28.49 22.40 -19.26
CA VAL B 13 -27.53 23.46 -19.56
C VAL B 13 -26.25 23.18 -18.78
N GLY B 14 -25.15 23.67 -19.32
CA GLY B 14 -23.84 23.46 -18.74
C GLY B 14 -22.78 23.46 -19.81
N ALA B 15 -21.54 23.57 -19.36
CA ALA B 15 -20.40 23.52 -20.27
C ALA B 15 -20.27 22.13 -20.90
N GLY B 16 -19.57 22.09 -22.03
CA GLY B 16 -19.26 20.82 -22.65
C GLY B 16 -18.19 20.06 -21.89
N GLY B 17 -18.17 18.75 -22.09
CA GLY B 17 -17.18 17.91 -21.44
C GLY B 17 -17.50 17.55 -20.02
N VAL B 18 -18.72 17.82 -19.56
CA VAL B 18 -19.16 17.40 -18.23
C VAL B 18 -19.97 16.12 -18.28
N GLY B 19 -20.34 15.64 -19.47
CA GLY B 19 -21.13 14.43 -19.57
C GLY B 19 -22.62 14.63 -19.57
N LYS B 20 -23.10 15.85 -19.81
CA LYS B 20 -24.53 16.11 -19.75
C LYS B 20 -25.28 15.29 -20.79
N SER B 21 -24.68 15.10 -21.97
CA SER B 21 -25.27 14.19 -22.95
C SER B 21 -25.26 12.76 -22.45
N ALA B 22 -24.16 12.33 -21.82
CA ALA B 22 -24.10 10.96 -21.30
C ALA B 22 -25.16 10.73 -20.23
N LEU B 23 -25.36 11.70 -19.33
CA LEU B 23 -26.39 11.54 -18.31
C LEU B 23 -27.78 11.53 -18.95
N THR B 24 -28.06 12.50 -19.83
CA THR B 24 -29.34 12.56 -20.50
C THR B 24 -29.66 11.25 -21.20
N ILE B 25 -28.66 10.63 -21.83
CA ILE B 25 -28.85 9.33 -22.45
C ILE B 25 -29.13 8.26 -21.39
N GLN B 26 -28.39 8.30 -20.28
CA GLN B 26 -28.56 7.29 -19.25
C GLN B 26 -29.95 7.35 -18.63
N LEU B 27 -30.59 8.52 -18.67
CA LEU B 27 -31.97 8.61 -18.19
C LEU B 27 -32.91 7.73 -19.02
N ILE B 28 -32.81 7.83 -20.35
CA ILE B 28 -33.89 7.38 -21.22
C ILE B 28 -33.76 5.90 -21.57
N GLN B 29 -32.66 5.50 -22.20
CA GLN B 29 -32.62 4.25 -22.98
C GLN B 29 -31.86 3.15 -22.25
N ASN B 30 -32.61 2.12 -21.84
CA ASN B 30 -32.12 0.75 -21.60
C ASN B 30 -33.32 -0.17 -21.39
N ASP B 37 -31.68 6.04 -31.09
CA ASP B 37 -31.09 6.89 -32.12
C ASP B 37 -31.53 8.34 -31.91
N PRO B 38 -30.62 9.18 -31.41
CA PRO B 38 -31.01 10.56 -31.05
C PRO B 38 -31.40 11.42 -32.24
N THR B 39 -31.05 11.02 -33.47
CA THR B 39 -31.43 11.79 -34.64
C THR B 39 -32.93 12.03 -34.69
N ILE B 40 -33.72 10.99 -34.41
CA ILE B 40 -35.17 11.08 -34.50
C ILE B 40 -35.70 11.83 -33.30
N GLU B 41 -36.99 12.20 -33.36
CA GLU B 41 -37.64 12.96 -32.30
C GLU B 41 -38.01 12.10 -31.10
N ASP B 42 -38.09 10.78 -31.26
CA ASP B 42 -38.47 9.92 -30.14
C ASP B 42 -37.41 9.92 -29.03
N SER B 43 -36.13 9.89 -29.41
CA SER B 43 -35.09 9.51 -28.47
C SER B 43 -34.83 10.55 -27.38
N TYR B 44 -35.33 11.77 -27.54
CA TYR B 44 -35.31 12.77 -26.47
C TYR B 44 -36.71 13.04 -25.92
N ARG B 45 -37.50 11.97 -25.76
CA ARG B 45 -38.80 12.06 -25.11
C ARG B 45 -39.01 10.79 -24.32
N LYS B 46 -39.40 10.93 -23.05
CA LYS B 46 -39.56 9.79 -22.15
C LYS B 46 -40.89 9.90 -21.41
N GLN B 47 -41.73 8.89 -21.54
CA GLN B 47 -43.00 8.82 -20.82
C GLN B 47 -42.77 8.09 -19.49
N VAL B 48 -42.87 8.81 -18.37
CA VAL B 48 -42.65 8.20 -17.06
C VAL B 48 -43.74 8.69 -16.11
N VAL B 49 -43.95 7.92 -15.05
CA VAL B 49 -44.96 8.24 -14.04
C VAL B 49 -44.26 8.85 -12.84
N ILE B 50 -44.69 10.04 -12.42
CA ILE B 50 -44.14 10.71 -11.25
C ILE B 50 -45.27 10.97 -10.27
N ASP B 51 -44.98 10.82 -8.98
CA ASP B 51 -45.89 11.07 -7.87
C ASP B 51 -47.35 10.76 -8.18
N GLY B 52 -47.61 9.53 -8.66
CA GLY B 52 -48.97 9.10 -8.91
C GLY B 52 -49.46 9.23 -10.33
N GLU B 53 -49.09 10.30 -11.02
CA GLU B 53 -49.63 10.61 -12.34
C GLU B 53 -48.56 10.49 -13.42
N THR B 54 -48.96 10.05 -14.60
CA THR B 54 -48.03 9.94 -15.71
C THR B 54 -47.71 11.31 -16.26
N CYS B 55 -46.53 11.43 -16.86
CA CYS B 55 -46.04 12.68 -17.40
C CYS B 55 -45.08 12.39 -18.54
N LEU B 56 -44.87 13.40 -19.37
CA LEU B 56 -44.02 13.28 -20.54
C LEU B 56 -42.85 14.23 -20.37
N LEU B 57 -41.64 13.69 -20.41
CA LEU B 57 -40.43 14.48 -20.27
C LEU B 57 -39.88 14.72 -21.67
N ASP B 58 -39.92 15.98 -22.11
CA ASP B 58 -39.33 16.41 -23.37
C ASP B 58 -38.00 17.07 -23.00
N ILE B 59 -36.92 16.33 -23.15
CA ILE B 59 -35.61 16.75 -22.69
C ILE B 59 -34.83 17.29 -23.87
N LEU B 60 -34.06 18.34 -23.62
CA LEU B 60 -33.24 18.95 -24.67
C LEU B 60 -31.82 19.09 -24.16
N ASP B 61 -30.89 18.40 -24.81
CA ASP B 61 -29.48 18.58 -24.56
C ASP B 61 -28.97 19.78 -25.36
N THR B 62 -27.97 20.45 -24.81
CA THR B 62 -27.42 21.68 -25.37
C THR B 62 -25.97 21.48 -25.83
N ALA B 63 -25.68 20.36 -26.47
CA ALA B 63 -24.32 19.98 -26.83
C ALA B 63 -23.65 21.02 -27.73
N GLY B 64 -24.17 21.17 -28.95
CA GLY B 64 -23.57 22.10 -29.90
C GLY B 64 -24.29 23.44 -29.98
N GLN B 65 -25.41 23.55 -29.28
CA GLN B 65 -26.27 24.73 -29.36
C GLN B 65 -25.85 25.86 -28.45
N GLU B 66 -24.83 25.67 -27.60
CA GLU B 66 -24.41 26.74 -26.71
C GLU B 66 -23.86 27.94 -27.48
N GLU B 67 -23.13 27.68 -28.57
CA GLU B 67 -22.38 28.75 -29.21
C GLU B 67 -23.29 29.75 -29.90
N TYR B 68 -24.48 29.32 -30.32
CA TYR B 68 -25.35 30.14 -31.13
C TYR B 68 -26.29 30.89 -30.18
N SER B 69 -26.20 32.23 -30.17
CA SER B 69 -26.99 33.01 -29.23
C SER B 69 -28.48 32.87 -29.50
N ALA B 70 -28.86 32.81 -30.78
CA ALA B 70 -30.26 32.69 -31.15
C ALA B 70 -30.87 31.39 -30.64
N MET B 71 -30.19 30.27 -30.90
CA MET B 71 -30.64 28.98 -30.38
C MET B 71 -30.63 28.97 -28.85
N ARG B 72 -29.65 29.66 -28.25
CA ARG B 72 -29.61 29.78 -26.80
C ARG B 72 -30.90 30.39 -26.29
N ASP B 73 -31.30 31.54 -26.84
CA ASP B 73 -32.55 32.15 -26.42
C ASP B 73 -33.76 31.30 -26.76
N GLN B 74 -33.75 30.57 -27.88
CA GLN B 74 -34.95 29.78 -28.20
C GLN B 74 -35.17 28.70 -27.14
N TYR B 75 -34.11 27.95 -26.80
CA TYR B 75 -34.33 26.90 -25.80
C TYR B 75 -34.46 27.46 -24.39
N MET B 76 -34.01 28.70 -24.14
CA MET B 76 -34.30 29.31 -22.84
C MET B 76 -35.73 29.82 -22.74
N ARG B 77 -36.27 30.38 -23.83
CA ARG B 77 -37.65 30.89 -23.79
C ARG B 77 -38.64 29.74 -23.78
N THR B 78 -38.39 28.70 -24.58
CA THR B 78 -39.31 27.56 -24.62
C THR B 78 -39.15 26.67 -23.39
N GLY B 79 -37.95 26.65 -22.79
CA GLY B 79 -37.68 25.72 -21.72
C GLY B 79 -38.45 26.10 -20.45
N GLU B 80 -38.95 25.08 -19.77
CA GLU B 80 -39.65 25.24 -18.50
C GLU B 80 -38.76 24.96 -17.29
N GLY B 81 -37.90 23.94 -17.35
CA GLY B 81 -36.98 23.65 -16.28
C GLY B 81 -35.58 23.45 -16.80
N PHE B 82 -34.61 23.68 -15.92
CA PHE B 82 -33.20 23.69 -16.27
C PHE B 82 -32.36 22.87 -15.30
N LEU B 83 -31.40 22.12 -15.84
CA LEU B 83 -30.38 21.45 -15.05
C LEU B 83 -29.08 22.18 -15.29
N CYS B 84 -28.63 22.97 -14.31
CA CYS B 84 -27.35 23.67 -14.41
C CYS B 84 -26.28 22.69 -13.95
N VAL B 85 -25.59 22.07 -14.92
CA VAL B 85 -24.69 20.96 -14.63
C VAL B 85 -23.25 21.45 -14.58
N PHE B 86 -22.45 20.81 -13.74
CA PHE B 86 -21.01 21.01 -13.72
C PHE B 86 -20.35 19.71 -13.27
N ALA B 87 -19.04 19.63 -13.49
CA ALA B 87 -18.25 18.47 -13.11
C ALA B 87 -17.48 18.80 -11.83
N ILE B 88 -17.52 17.88 -10.87
CA ILE B 88 -16.94 18.13 -9.56
C ILE B 88 -15.41 18.26 -9.62
N ASN B 89 -14.78 17.74 -10.66
CA ASN B 89 -13.33 17.83 -10.84
C ASN B 89 -12.91 19.02 -11.71
N ASN B 90 -13.78 20.00 -11.92
CA ASN B 90 -13.46 21.15 -12.77
C ASN B 90 -14.01 22.42 -12.12
N THR B 91 -13.12 23.23 -11.54
CA THR B 91 -13.57 24.44 -10.85
C THR B 91 -14.22 25.44 -11.81
N LYS B 92 -13.67 25.58 -13.03
CA LYS B 92 -14.21 26.55 -13.98
C LYS B 92 -15.64 26.17 -14.39
N SER B 93 -15.90 24.87 -14.53
CA SER B 93 -17.26 24.42 -14.82
C SER B 93 -18.22 24.88 -13.73
N PHE B 94 -17.74 24.91 -12.48
CA PHE B 94 -18.55 25.43 -11.39
C PHE B 94 -18.69 26.94 -11.45
N GLU B 95 -17.67 27.64 -11.98
CA GLU B 95 -17.74 29.10 -12.04
C GLU B 95 -18.68 29.59 -13.13
N ASP B 96 -18.90 28.80 -14.17
CA ASP B 96 -19.77 29.25 -15.27
C ASP B 96 -21.26 29.30 -14.90
N ILE B 97 -21.67 28.56 -13.87
CA ILE B 97 -23.09 28.45 -13.53
C ILE B 97 -23.69 29.82 -13.22
N HIS B 98 -22.89 30.73 -12.69
CA HIS B 98 -23.38 32.07 -12.36
C HIS B 98 -23.93 32.78 -13.61
N GLN B 99 -23.12 32.83 -14.69
CA GLN B 99 -23.61 33.50 -15.88
C GLN B 99 -24.73 32.71 -16.54
N TYR B 100 -24.70 31.37 -16.42
CA TYR B 100 -25.85 30.59 -16.88
C TYR B 100 -27.14 31.10 -16.24
N ARG B 101 -27.12 31.20 -14.91
CA ARG B 101 -28.30 31.62 -14.17
C ARG B 101 -28.71 33.05 -14.55
N GLU B 102 -27.74 33.95 -14.69
CA GLU B 102 -28.08 35.33 -15.02
C GLU B 102 -28.72 35.46 -16.40
N GLN B 103 -28.18 34.74 -17.40
CA GLN B 103 -28.81 34.77 -18.72
C GLN B 103 -30.22 34.20 -18.68
N ILE B 104 -30.41 33.09 -17.95
CA ILE B 104 -31.75 32.53 -17.84
C ILE B 104 -32.69 33.54 -17.19
N LYS B 105 -32.20 34.27 -16.19
CA LYS B 105 -33.03 35.27 -15.54
C LYS B 105 -33.43 36.38 -16.52
N ARG B 106 -32.51 36.81 -17.38
CA ARG B 106 -32.87 37.88 -18.30
C ARG B 106 -33.87 37.39 -19.35
N VAL B 107 -33.72 36.15 -19.81
CA VAL B 107 -34.66 35.67 -20.82
C VAL B 107 -36.03 35.36 -20.20
N LYS B 108 -36.07 34.99 -18.93
CA LYS B 108 -37.32 34.69 -18.25
C LYS B 108 -37.88 35.85 -17.44
N ASP B 109 -37.05 36.87 -17.15
CA ASP B 109 -37.47 38.06 -16.42
C ASP B 109 -38.11 37.70 -15.08
N SER B 110 -37.45 36.82 -14.34
CA SER B 110 -37.97 36.41 -13.04
C SER B 110 -36.83 35.90 -12.17
N ASP B 111 -36.96 36.16 -10.86
CA ASP B 111 -35.99 35.72 -9.88
C ASP B 111 -36.25 34.29 -9.41
N ASP B 112 -37.41 33.74 -9.74
CA ASP B 112 -37.82 32.41 -9.32
C ASP B 112 -37.99 31.61 -10.60
N VAL B 113 -36.89 31.03 -11.07
CA VAL B 113 -36.86 30.21 -12.29
C VAL B 113 -36.68 28.75 -11.88
N PRO B 114 -37.53 27.84 -12.37
CA PRO B 114 -37.36 26.42 -12.04
C PRO B 114 -36.05 25.85 -12.57
N MET B 115 -35.14 25.50 -11.67
CA MET B 115 -33.89 24.86 -12.06
C MET B 115 -33.37 24.04 -10.89
N VAL B 116 -32.36 23.23 -11.17
CA VAL B 116 -31.74 22.39 -10.14
C VAL B 116 -30.25 22.29 -10.46
N LEU B 117 -29.42 22.58 -9.47
CA LEU B 117 -27.98 22.54 -9.65
C LEU B 117 -27.50 21.10 -9.48
N VAL B 118 -26.62 20.66 -10.39
CA VAL B 118 -26.18 19.28 -10.45
C VAL B 118 -24.66 19.24 -10.54
N GLY B 119 -24.05 18.46 -9.66
CA GLY B 119 -22.65 18.10 -9.78
C GLY B 119 -22.58 16.75 -10.44
N ASN B 120 -21.51 16.50 -11.20
CA ASN B 120 -21.44 15.28 -11.99
C ASN B 120 -20.03 14.72 -11.96
N LYS B 121 -19.95 13.42 -12.30
CA LYS B 121 -18.70 12.67 -12.33
C LYS B 121 -17.99 12.68 -10.98
N ALA B 126 -10.62 11.71 -7.35
CA ALA B 126 -10.54 13.00 -6.64
C ALA B 126 -11.53 14.00 -7.23
N ARG B 127 -11.57 15.20 -6.65
CA ARG B 127 -12.42 16.27 -7.16
C ARG B 127 -11.93 17.59 -6.57
N THR B 128 -12.18 18.68 -7.31
CA THR B 128 -11.69 20.00 -6.94
C THR B 128 -12.78 20.94 -6.47
N VAL B 129 -14.05 20.56 -6.59
CA VAL B 129 -15.17 21.29 -6.01
C VAL B 129 -15.70 20.47 -4.85
N GLU B 130 -15.91 21.12 -3.71
CA GLU B 130 -16.47 20.47 -2.54
C GLU B 130 -17.97 20.75 -2.49
N SER B 131 -18.74 19.72 -2.13
CA SER B 131 -20.20 19.82 -2.14
C SER B 131 -20.70 21.00 -1.31
N ARG B 132 -19.92 21.42 -0.30
CA ARG B 132 -20.33 22.54 0.54
C ARG B 132 -20.43 23.83 -0.28
N GLN B 133 -19.49 24.05 -1.19
CA GLN B 133 -19.53 25.26 -2.03
C GLN B 133 -20.77 25.27 -2.91
N ALA B 134 -21.01 24.16 -3.61
CA ALA B 134 -22.16 24.09 -4.52
C ALA B 134 -23.47 24.25 -3.76
N GLN B 135 -23.58 23.63 -2.57
CA GLN B 135 -24.79 23.82 -1.79
C GLN B 135 -24.92 25.26 -1.31
N ASP B 136 -23.80 25.91 -0.98
CA ASP B 136 -23.86 27.31 -0.59
C ASP B 136 -24.42 28.16 -1.72
N LEU B 137 -24.03 27.86 -2.96
CA LEU B 137 -24.55 28.62 -4.10
C LEU B 137 -26.02 28.30 -4.36
N ALA B 138 -26.38 27.02 -4.31
CA ALA B 138 -27.77 26.64 -4.53
C ALA B 138 -28.69 27.28 -3.51
N ARG B 139 -28.27 27.30 -2.24
CA ARG B 139 -29.02 28.03 -1.22
C ARG B 139 -28.97 29.54 -1.47
N SER B 140 -27.87 30.03 -2.02
CA SER B 140 -27.76 31.46 -2.32
C SER B 140 -28.83 31.91 -3.31
N TYR B 141 -29.26 31.02 -4.19
CA TYR B 141 -30.40 31.35 -5.06
C TYR B 141 -31.42 30.22 -5.07
N GLY B 142 -31.77 29.76 -3.86
CA GLY B 142 -32.95 28.97 -3.60
C GLY B 142 -33.33 27.90 -4.61
N ILE B 143 -32.37 27.05 -4.96
CA ILE B 143 -32.63 25.94 -5.88
C ILE B 143 -32.01 24.67 -5.32
N PRO B 144 -32.64 23.53 -5.57
CA PRO B 144 -32.09 22.26 -5.07
C PRO B 144 -30.73 21.96 -5.68
N TYR B 145 -30.00 21.06 -5.01
CA TYR B 145 -28.67 20.65 -5.44
C TYR B 145 -28.52 19.14 -5.27
N ILE B 146 -28.09 18.47 -6.35
CA ILE B 146 -27.92 17.03 -6.37
C ILE B 146 -26.60 16.72 -7.06
N GLU B 147 -26.02 15.57 -6.74
CA GLU B 147 -24.84 15.08 -7.43
C GLU B 147 -25.10 13.71 -8.02
N THR B 148 -24.48 13.46 -9.17
CA THR B 148 -24.76 12.29 -9.99
C THR B 148 -23.46 11.57 -10.32
N SER B 149 -23.60 10.36 -10.86
CA SER B 149 -22.50 9.63 -11.50
C SER B 149 -23.09 9.02 -12.76
N ALA B 150 -22.86 9.68 -13.90
CA ALA B 150 -23.46 9.23 -15.15
C ALA B 150 -23.00 7.84 -15.56
N LYS B 151 -21.87 7.37 -15.04
CA LYS B 151 -21.31 6.11 -15.52
C LYS B 151 -21.94 4.91 -14.80
N THR B 152 -21.87 4.86 -13.47
CA THR B 152 -22.33 3.70 -12.72
C THR B 152 -23.56 3.97 -11.87
N ARG B 153 -23.46 4.85 -10.88
CA ARG B 153 -24.52 4.94 -9.88
C ARG B 153 -25.78 5.56 -10.45
N GLN B 154 -25.63 6.48 -11.40
CA GLN B 154 -26.75 7.08 -12.12
C GLN B 154 -27.79 7.65 -11.15
N GLY B 155 -27.33 8.57 -10.30
CA GLY B 155 -28.24 9.32 -9.47
C GLY B 155 -29.00 10.34 -10.30
N VAL B 156 -29.66 9.84 -11.34
CA VAL B 156 -30.17 10.64 -12.43
C VAL B 156 -31.66 10.91 -12.27
N GLU B 157 -32.44 9.85 -12.03
CA GLU B 157 -33.87 9.99 -11.87
C GLU B 157 -34.19 10.97 -10.75
N ASP B 158 -33.39 10.96 -9.69
CA ASP B 158 -33.61 11.90 -8.59
C ASP B 158 -33.46 13.33 -9.09
N ALA B 159 -32.44 13.61 -9.90
CA ALA B 159 -32.21 14.96 -10.38
C ALA B 159 -33.32 15.42 -11.32
N PHE B 160 -33.60 14.63 -12.36
CA PHE B 160 -34.64 15.02 -13.32
C PHE B 160 -36.00 15.16 -12.64
N TYR B 161 -36.37 14.20 -11.80
CA TYR B 161 -37.66 14.25 -11.13
C TYR B 161 -37.72 15.39 -10.13
N THR B 162 -36.58 15.77 -9.53
CA THR B 162 -36.52 16.96 -8.70
C THR B 162 -36.86 18.19 -9.51
N LEU B 163 -36.28 18.30 -10.72
CA LEU B 163 -36.64 19.43 -11.56
C LEU B 163 -38.10 19.40 -11.99
N VAL B 164 -38.63 18.21 -12.29
CA VAL B 164 -40.03 18.08 -12.66
C VAL B 164 -40.93 18.58 -11.54
N ARG B 165 -40.63 18.18 -10.31
CA ARG B 165 -41.41 18.67 -9.16
C ARG B 165 -41.22 20.16 -8.96
N GLU B 166 -40.02 20.69 -9.26
CA GLU B 166 -39.82 22.13 -9.19
C GLU B 166 -40.72 22.86 -10.18
N ILE B 167 -40.90 22.30 -11.38
CA ILE B 167 -41.81 22.91 -12.34
C ILE B 167 -43.26 22.80 -11.86
N ARG B 168 -43.65 21.61 -11.39
CA ARG B 168 -45.03 21.39 -11.00
C ARG B 168 -45.44 22.34 -9.88
N GLN B 169 -44.51 22.64 -8.96
CA GLN B 169 -44.76 23.50 -7.82
C GLN B 169 -44.36 24.96 -8.08
N HIS B 170 -44.42 25.41 -9.34
CA HIS B 170 -44.09 26.80 -9.63
C HIS B 170 -45.27 27.72 -9.33
N LEU C 20 -49.04 -24.65 10.61
CA LEU C 20 -50.33 -24.61 11.30
C LEU C 20 -50.48 -25.79 12.24
N GLU C 21 -50.63 -26.99 11.68
CA GLU C 21 -50.72 -28.20 12.48
C GLU C 21 -49.51 -28.37 13.40
N LYS C 22 -48.32 -28.01 12.90
CA LYS C 22 -47.12 -28.06 13.75
C LYS C 22 -47.24 -27.11 14.94
N CYS C 23 -47.75 -25.90 14.71
CA CYS C 23 -47.84 -24.90 15.76
C CYS C 23 -48.75 -25.36 16.89
N ILE C 24 -50.02 -25.67 16.56
CA ILE C 24 -50.95 -26.15 17.57
C ILE C 24 -50.42 -27.43 18.22
N GLN C 25 -50.03 -28.41 17.38
CA GLN C 25 -49.54 -29.70 17.85
C GLN C 25 -48.51 -29.59 18.96
N SER C 26 -47.72 -28.51 18.97
CA SER C 26 -46.71 -28.33 20.00
C SER C 26 -47.32 -28.13 21.38
N PHE C 27 -48.66 -28.13 21.48
CA PHE C 27 -49.29 -28.17 22.79
C PHE C 27 -48.94 -29.49 23.45
N ASP C 28 -48.34 -29.43 24.63
CA ASP C 28 -48.04 -30.63 25.40
C ASP C 28 -48.52 -30.38 26.83
N SER C 29 -49.80 -30.64 27.07
CA SER C 29 -50.38 -30.67 28.41
C SER C 29 -51.17 -31.97 28.49
N ALA C 30 -50.49 -33.06 28.82
CA ALA C 30 -51.09 -34.38 28.82
C ALA C 30 -51.64 -34.72 30.20
N GLY C 31 -52.62 -35.62 30.23
CA GLY C 31 -53.32 -35.90 31.46
C GLY C 31 -54.07 -34.67 31.94
N SER C 32 -53.54 -34.01 32.96
CA SER C 32 -54.08 -32.75 33.45
C SER C 32 -53.27 -31.55 32.98
N LEU C 33 -51.95 -31.61 33.06
CA LEU C 33 -51.09 -30.49 32.68
C LEU C 33 -49.65 -31.00 32.57
N CYS C 34 -48.79 -30.17 31.98
CA CYS C 34 -47.36 -30.42 31.90
C CYS C 34 -46.62 -29.18 32.39
N HIS C 35 -45.35 -29.37 32.76
CA HIS C 35 -44.65 -28.41 33.61
C HIS C 35 -43.87 -27.33 32.87
N GLU C 36 -43.68 -27.41 31.55
CA GLU C 36 -42.89 -26.37 30.88
C GLU C 36 -43.61 -25.02 30.73
N ASP C 37 -44.74 -24.99 30.03
CA ASP C 37 -45.78 -23.96 29.94
C ASP C 37 -45.45 -22.75 29.05
N HIS C 38 -44.23 -22.61 28.53
CA HIS C 38 -43.87 -21.36 27.86
C HIS C 38 -44.49 -21.25 26.47
N MET C 39 -44.09 -22.15 25.56
CA MET C 39 -44.52 -22.07 24.17
C MET C 39 -46.04 -22.06 24.06
N LEU C 40 -46.70 -22.88 24.89
CA LEU C 40 -48.16 -22.92 24.87
C LEU C 40 -48.75 -21.56 25.18
N ASN C 41 -48.31 -20.94 26.29
CA ASN C 41 -48.82 -19.63 26.66
C ASN C 41 -48.54 -18.58 25.59
N MET C 42 -47.37 -18.63 24.95
CA MET C 42 -47.09 -17.62 23.93
C MET C 42 -48.02 -17.78 22.73
N VAL C 43 -48.20 -19.02 22.24
CA VAL C 43 -49.11 -19.22 21.11
C VAL C 43 -50.51 -18.73 21.48
N LEU C 44 -50.98 -19.08 22.68
CA LEU C 44 -52.33 -18.73 23.07
C LEU C 44 -52.49 -17.23 23.25
N ALA C 45 -51.41 -16.54 23.63
CA ALA C 45 -51.50 -15.09 23.81
C ALA C 45 -51.36 -14.33 22.50
N MET C 46 -50.58 -14.86 21.55
CA MET C 46 -50.17 -14.09 20.38
C MET C 46 -50.80 -14.53 19.06
N HIS C 47 -51.56 -15.63 19.03
CA HIS C 47 -52.19 -16.02 17.78
C HIS C 47 -53.12 -14.93 17.26
N SER C 48 -53.78 -14.19 18.17
CA SER C 48 -54.75 -13.18 17.78
C SER C 48 -54.15 -12.04 16.98
N TRP C 49 -52.82 -11.86 17.04
CA TRP C 49 -52.16 -10.84 16.24
C TRP C 49 -52.26 -11.15 14.75
N VAL C 50 -52.18 -12.42 14.38
CA VAL C 50 -52.14 -12.86 12.99
C VAL C 50 -53.31 -13.78 12.65
N LEU C 51 -53.59 -14.73 13.54
CA LEU C 51 -54.71 -15.65 13.34
C LEU C 51 -55.94 -15.14 14.09
N PRO C 52 -57.10 -15.14 13.45
CA PRO C 52 -58.35 -14.99 14.22
C PRO C 52 -58.53 -16.18 15.14
N SER C 53 -58.77 -15.90 16.43
CA SER C 53 -58.90 -16.95 17.43
C SER C 53 -60.01 -17.93 17.07
N ALA C 54 -61.08 -17.43 16.44
CA ALA C 54 -62.15 -18.31 15.98
C ALA C 54 -61.62 -19.38 15.04
N ASP C 55 -60.62 -19.05 14.24
CA ASP C 55 -60.05 -20.04 13.33
C ASP C 55 -59.28 -21.11 14.08
N LEU C 56 -58.56 -20.74 15.15
CA LEU C 56 -57.90 -21.75 15.96
C LEU C 56 -58.91 -22.67 16.63
N ALA C 57 -59.99 -22.09 17.16
CA ALA C 57 -61.02 -22.92 17.77
C ALA C 57 -61.66 -23.85 16.75
N ALA C 58 -61.85 -23.36 15.53
CA ALA C 58 -62.37 -24.21 14.46
C ALA C 58 -61.36 -25.31 14.11
N ARG C 59 -60.07 -24.99 14.12
CA ARG C 59 -59.05 -26.00 13.87
C ARG C 59 -59.08 -27.09 14.93
N LEU C 60 -59.25 -26.70 16.19
CA LEU C 60 -59.32 -27.69 17.27
C LEU C 60 -60.58 -28.53 17.15
N LEU C 61 -61.72 -27.88 16.91
CA LEU C 61 -62.96 -28.61 16.69
C LEU C 61 -62.82 -29.59 15.53
N THR C 62 -62.14 -29.18 14.46
CA THR C 62 -61.90 -30.11 13.35
C THR C 62 -60.99 -31.24 13.80
N SER C 63 -60.02 -30.94 14.66
CA SER C 63 -59.12 -31.93 15.23
C SER C 63 -59.79 -32.80 16.27
N TYR C 64 -61.08 -32.59 16.55
CA TYR C 64 -61.80 -33.51 17.43
C TYR C 64 -61.77 -34.93 16.88
N GLN C 65 -61.61 -35.08 15.56
CA GLN C 65 -61.72 -36.37 14.90
C GLN C 65 -60.40 -36.78 14.24
N GLN C 72 -57.55 -42.14 17.30
CA GLN C 72 -57.65 -42.47 18.72
C GLN C 72 -58.41 -41.38 19.47
N GLU C 73 -58.55 -41.55 20.80
CA GLU C 73 -59.44 -40.69 21.57
C GLU C 73 -58.71 -39.80 22.57
N LEU C 74 -57.93 -40.36 23.50
CA LEU C 74 -57.49 -39.62 24.69
C LEU C 74 -56.88 -38.26 24.36
N ARG C 75 -56.44 -38.04 23.12
CA ARG C 75 -56.08 -36.68 22.77
C ARG C 75 -57.29 -35.77 22.80
N ARG C 76 -58.50 -36.34 22.70
CA ARG C 76 -59.70 -35.53 22.88
C ARG C 76 -59.74 -34.98 24.29
N LEU C 77 -59.30 -35.78 25.27
CA LEU C 77 -59.20 -35.31 26.65
C LEU C 77 -58.11 -34.24 26.77
N GLN C 78 -56.97 -34.47 26.10
CA GLN C 78 -55.91 -33.47 26.12
C GLN C 78 -56.40 -32.15 25.52
N ILE C 79 -57.19 -32.22 24.46
CA ILE C 79 -57.76 -31.03 23.82
C ILE C 79 -58.74 -30.34 24.76
N CYS C 80 -59.60 -31.11 25.42
CA CYS C 80 -60.55 -30.48 26.34
C CYS C 80 -59.81 -29.71 27.43
N HIS C 81 -58.74 -30.31 27.99
CA HIS C 81 -57.97 -29.61 29.00
C HIS C 81 -57.22 -28.41 28.42
N LEU C 82 -56.77 -28.48 27.16
CA LEU C 82 -56.09 -27.33 26.55
C LEU C 82 -57.05 -26.17 26.32
N VAL C 83 -58.27 -26.48 25.84
CA VAL C 83 -59.30 -25.46 25.69
C VAL C 83 -59.60 -24.82 27.02
N ARG C 84 -59.84 -25.64 28.06
CA ARG C 84 -60.09 -25.09 29.38
C ARG C 84 -58.94 -24.22 29.85
N TYR C 85 -57.71 -24.67 29.60
CA TYR C 85 -56.53 -23.92 30.04
C TYR C 85 -56.51 -22.53 29.44
N TRP C 86 -56.52 -22.43 28.11
CA TRP C 86 -56.32 -21.09 27.57
C TRP C 86 -57.58 -20.24 27.65
N LEU C 87 -58.76 -20.86 27.62
CA LEU C 87 -60.00 -20.13 27.82
C LEU C 87 -60.09 -19.57 29.23
N MET C 88 -59.53 -20.28 30.22
CA MET C 88 -59.49 -19.75 31.58
C MET C 88 -58.38 -18.73 31.75
N ARG C 89 -57.28 -18.90 31.01
CA ARG C 89 -56.20 -17.92 31.05
C ARG C 89 -56.65 -16.58 30.51
N HIS C 90 -57.26 -16.58 29.32
CA HIS C 90 -57.74 -15.37 28.66
C HIS C 90 -59.23 -15.53 28.40
N PRO C 91 -60.07 -15.36 29.42
CA PRO C 91 -61.52 -15.38 29.17
C PRO C 91 -61.98 -14.19 28.34
N GLU C 92 -61.30 -13.05 28.48
CA GLU C 92 -61.70 -11.81 27.81
C GLU C 92 -61.72 -11.96 26.29
N VAL C 93 -61.09 -13.01 25.75
CA VAL C 93 -61.12 -13.23 24.31
C VAL C 93 -62.56 -13.33 23.81
N MET C 94 -63.47 -13.78 24.67
CA MET C 94 -64.85 -14.00 24.27
C MET C 94 -65.70 -12.73 24.37
N HIS C 95 -65.12 -11.62 24.78
CA HIS C 95 -65.93 -10.44 25.07
C HIS C 95 -66.26 -9.62 23.82
N GLN C 96 -65.56 -9.85 22.70
CA GLN C 96 -65.84 -9.13 21.46
C GLN C 96 -65.81 -10.08 20.26
N ASP C 97 -66.28 -11.31 20.44
CA ASP C 97 -66.23 -12.31 19.37
C ASP C 97 -67.41 -13.28 19.53
N PRO C 98 -68.52 -13.02 18.84
CA PRO C 98 -69.61 -14.01 18.81
C PRO C 98 -69.24 -15.28 18.07
N GLN C 99 -68.35 -15.18 17.07
CA GLN C 99 -67.93 -16.35 16.31
C GLN C 99 -67.21 -17.35 17.20
N LEU C 100 -66.27 -16.86 18.03
CA LEU C 100 -65.59 -17.73 18.99
C LEU C 100 -66.59 -18.34 19.97
N GLU C 101 -67.57 -17.55 20.41
CA GLU C 101 -68.61 -18.09 21.27
C GLU C 101 -69.30 -19.27 20.59
N GLU C 102 -69.63 -19.12 19.30
CA GLU C 102 -70.24 -20.20 18.54
C GLU C 102 -69.37 -21.45 18.52
N VAL C 103 -68.09 -21.28 18.20
CA VAL C 103 -67.25 -22.46 17.99
C VAL C 103 -66.97 -23.17 19.31
N ILE C 104 -66.82 -22.42 20.42
CA ILE C 104 -66.60 -23.09 21.70
C ILE C 104 -67.88 -23.73 22.20
N GLY C 105 -69.04 -23.12 21.92
CA GLY C 105 -70.29 -23.78 22.26
C GLY C 105 -70.49 -25.08 21.52
N ARG C 106 -70.19 -25.08 20.22
CA ARG C 106 -70.26 -26.32 19.45
C ARG C 106 -69.27 -27.36 19.98
N PHE C 107 -68.09 -26.90 20.42
CA PHE C 107 -67.10 -27.82 20.97
C PHE C 107 -67.62 -28.50 22.24
N TRP C 108 -68.12 -27.70 23.18
CA TRP C 108 -68.62 -28.28 24.42
C TRP C 108 -69.86 -29.14 24.18
N ALA C 109 -70.72 -28.76 23.24
CA ALA C 109 -71.85 -29.60 22.91
C ALA C 109 -71.41 -30.95 22.33
N THR C 110 -70.37 -30.92 21.47
CA THR C 110 -69.84 -32.16 20.93
C THR C 110 -69.30 -33.05 22.04
N VAL C 111 -68.59 -32.46 23.01
CA VAL C 111 -68.13 -33.25 24.15
C VAL C 111 -69.32 -33.77 24.96
N ALA C 112 -70.39 -32.98 25.04
CA ALA C 112 -71.58 -33.38 25.76
C ALA C 112 -72.26 -34.57 25.10
N ARG C 113 -72.01 -34.76 23.80
CA ARG C 113 -72.64 -35.87 23.08
C ARG C 113 -71.73 -37.10 23.04
N GLU C 114 -70.43 -36.92 23.16
CA GLU C 114 -69.53 -38.03 23.44
C GLU C 114 -69.81 -38.60 24.84
N GLY C 115 -69.55 -37.80 25.86
CA GLY C 115 -69.77 -38.23 27.23
C GLY C 115 -69.00 -39.46 27.67
N ASN C 116 -67.76 -39.59 27.22
CA ASN C 116 -66.88 -40.68 27.65
C ASN C 116 -65.42 -40.25 27.64
N GLN C 119 -64.39 -34.29 30.46
CA GLN C 119 -65.49 -34.12 29.52
C GLN C 119 -66.68 -33.41 30.16
N ARG C 120 -67.69 -34.19 30.55
CA ARG C 120 -68.89 -33.64 31.17
C ARG C 120 -68.54 -32.75 32.36
N ARG C 121 -67.64 -33.23 33.22
CA ARG C 121 -67.14 -32.40 34.32
C ARG C 121 -66.47 -31.14 33.78
N LEU C 122 -65.63 -31.29 32.75
CA LEU C 122 -64.95 -30.14 32.16
C LEU C 122 -65.94 -29.19 31.50
N GLY C 123 -66.90 -29.73 30.75
CA GLY C 123 -67.91 -28.88 30.14
C GLY C 123 -68.68 -28.07 31.16
N ASP C 124 -69.18 -28.73 32.21
CA ASP C 124 -69.87 -28.01 33.27
C ASP C 124 -68.95 -27.03 33.97
N SER C 125 -67.64 -27.32 34.02
CA SER C 125 -66.68 -26.37 34.54
C SER C 125 -66.54 -25.14 33.65
N SER C 126 -66.84 -25.28 32.36
CA SER C 126 -66.89 -24.10 31.49
C SER C 126 -68.06 -23.18 31.80
N ASP C 127 -69.05 -23.65 32.55
CA ASP C 127 -70.19 -22.81 32.94
C ASP C 127 -70.20 -22.54 34.43
N LEU C 153 -54.10 29.81 48.18
CA LEU C 153 -55.32 29.03 48.33
C LEU C 153 -55.25 27.74 47.53
N LEU C 154 -54.25 27.64 46.66
CA LEU C 154 -54.12 26.49 45.77
C LEU C 154 -53.63 25.27 46.54
N PHE C 155 -53.27 24.22 45.81
CA PHE C 155 -52.82 22.96 46.40
C PHE C 155 -51.32 22.97 46.66
N ASP C 156 -50.75 24.16 46.84
CA ASP C 156 -49.31 24.30 47.07
C ASP C 156 -48.89 23.68 48.39
N HIS C 157 -49.80 23.64 49.37
CA HIS C 157 -49.43 23.31 50.74
C HIS C 157 -48.83 21.92 50.89
N LEU C 158 -49.12 21.01 49.96
CA LEU C 158 -48.52 19.69 50.02
C LEU C 158 -47.02 19.80 49.68
N GLU C 159 -46.30 18.71 49.85
CA GLU C 159 -44.85 18.72 49.70
C GLU C 159 -44.42 17.87 48.50
N THR C 160 -43.16 18.06 48.10
CA THR C 160 -42.65 17.46 46.88
C THR C 160 -42.74 15.94 46.90
N GLY C 161 -42.19 15.32 47.95
CA GLY C 161 -42.24 13.87 48.03
C GLY C 161 -43.66 13.35 48.06
N GLU C 162 -44.55 14.06 48.75
CA GLU C 162 -45.92 13.59 48.87
C GLU C 162 -46.64 13.68 47.54
N LEU C 163 -46.48 14.79 46.83
CA LEU C 163 -47.02 14.91 45.48
C LEU C 163 -46.48 13.80 44.57
N ALA C 164 -45.17 13.56 44.62
CA ALA C 164 -44.57 12.53 43.78
C ALA C 164 -45.16 11.15 44.08
N GLN C 165 -45.34 10.84 45.37
CA GLN C 165 -45.85 9.51 45.74
C GLN C 165 -47.31 9.36 45.34
N HIS C 166 -48.10 10.42 45.52
CA HIS C 166 -49.51 10.34 45.15
C HIS C 166 -49.66 10.23 43.62
N LEU C 167 -48.91 11.04 42.87
CA LEU C 167 -48.88 10.93 41.41
C LEU C 167 -48.46 9.53 40.97
N THR C 168 -47.44 8.96 41.62
CA THR C 168 -46.99 7.62 41.27
C THR C 168 -48.09 6.61 41.55
N TYR C 169 -48.85 6.81 42.64
CA TYR C 169 -49.91 5.87 42.98
C TYR C 169 -51.03 5.93 41.95
N LEU C 170 -51.42 7.14 41.54
CA LEU C 170 -52.39 7.30 40.45
C LEU C 170 -51.89 6.65 39.17
N GLU C 171 -50.66 6.96 38.77
CA GLU C 171 -50.13 6.41 37.52
C GLU C 171 -50.11 4.89 37.57
N PHE C 172 -49.81 4.32 38.73
CA PHE C 172 -49.77 2.86 38.84
C PHE C 172 -51.17 2.26 38.80
N ARG C 173 -52.15 2.93 39.43
CA ARG C 173 -53.50 2.38 39.41
C ARG C 173 -54.08 2.42 37.99
N SER C 174 -53.84 3.51 37.26
CA SER C 174 -54.31 3.58 35.88
C SER C 174 -53.53 2.62 34.98
N PHE C 175 -52.22 2.48 35.24
CA PHE C 175 -51.40 1.55 34.47
C PHE C 175 -51.88 0.11 34.62
N GLN C 176 -52.23 -0.29 35.85
CA GLN C 176 -52.59 -1.68 36.10
C GLN C 176 -53.83 -2.11 35.32
N ALA C 177 -54.67 -1.16 34.92
CA ALA C 177 -55.87 -1.49 34.16
C ALA C 177 -55.59 -1.76 32.70
N ILE C 178 -54.36 -1.55 32.23
CA ILE C 178 -54.02 -1.73 30.83
C ILE C 178 -54.00 -3.23 30.51
N THR C 179 -54.94 -3.67 29.70
CA THR C 179 -54.97 -5.04 29.23
C THR C 179 -54.08 -5.20 27.99
N PRO C 180 -53.33 -6.29 27.88
CA PRO C 180 -52.61 -6.56 26.63
C PRO C 180 -53.52 -6.59 25.41
N GLN C 181 -54.81 -6.85 25.60
CA GLN C 181 -55.78 -6.73 24.51
C GLN C 181 -55.81 -5.31 23.95
N ASP C 182 -55.78 -4.31 24.84
CA ASP C 182 -55.73 -2.92 24.40
C ASP C 182 -54.45 -2.63 23.62
N LEU C 183 -53.32 -3.17 24.09
CA LEU C 183 -52.05 -2.98 23.38
C LEU C 183 -52.11 -3.58 21.99
N ARG C 184 -52.67 -4.79 21.87
CA ARG C 184 -52.85 -5.42 20.57
C ARG C 184 -53.71 -4.57 19.65
N SER C 185 -54.86 -4.10 20.17
CA SER C 185 -55.75 -3.29 19.36
C SER C 185 -55.09 -1.97 18.96
N TYR C 186 -54.21 -1.44 19.80
CA TYR C 186 -53.47 -0.24 19.38
C TYR C 186 -52.52 -0.55 18.24
N VAL C 187 -51.64 -1.55 18.43
CA VAL C 187 -50.63 -1.85 17.41
C VAL C 187 -51.29 -2.16 16.07
N LEU C 188 -52.43 -2.85 16.09
CA LEU C 188 -53.13 -3.14 14.84
C LEU C 188 -53.84 -1.90 14.30
N GLN C 189 -54.82 -1.40 15.06
CA GLN C 189 -55.64 -0.29 14.58
C GLN C 189 -54.81 0.98 14.37
N GLY C 190 -53.75 1.16 15.16
CA GLY C 190 -52.91 2.32 15.07
C GLY C 190 -53.42 3.56 15.78
N SER C 191 -54.60 3.48 16.41
CA SER C 191 -55.19 4.63 17.10
C SER C 191 -55.79 4.14 18.41
N VAL C 192 -55.43 4.81 19.52
CA VAL C 192 -55.85 4.44 20.87
C VAL C 192 -57.36 4.27 20.99
N ARG C 193 -58.12 4.88 20.06
CA ARG C 193 -59.57 4.93 20.23
C ARG C 193 -60.14 3.51 20.27
N GLY C 194 -61.18 3.35 21.08
CA GLY C 194 -61.41 2.07 21.73
C GLY C 194 -60.49 2.10 22.93
N CYS C 195 -60.10 0.93 23.45
CA CYS C 195 -59.06 0.83 24.47
C CYS C 195 -59.24 1.86 25.59
N PRO C 196 -60.25 1.70 26.45
CA PRO C 196 -60.44 2.72 27.50
C PRO C 196 -59.27 2.85 28.45
N ALA C 197 -58.61 1.74 28.78
CA ALA C 197 -57.50 1.77 29.72
C ALA C 197 -56.34 2.59 29.19
N LEU C 198 -55.91 2.32 27.95
CA LEU C 198 -54.77 3.04 27.39
C LEU C 198 -55.12 4.49 27.11
N GLU C 199 -56.35 4.76 26.66
CA GLU C 199 -56.78 6.13 26.49
C GLU C 199 -56.79 6.89 27.80
N GLY C 200 -57.22 6.24 28.88
CA GLY C 200 -57.21 6.90 30.18
C GLY C 200 -55.81 7.12 30.71
N SER C 201 -54.89 6.21 30.42
CA SER C 201 -53.49 6.40 30.84
C SER C 201 -52.85 7.56 30.08
N VAL C 202 -53.04 7.58 28.75
CA VAL C 202 -52.43 8.64 27.96
C VAL C 202 -53.06 10.00 28.29
N GLY C 203 -54.38 10.02 28.52
CA GLY C 203 -55.03 11.24 28.95
C GLY C 203 -54.59 11.66 30.34
N LEU C 204 -54.30 10.70 31.21
CA LEU C 204 -53.75 11.01 32.52
C LEU C 204 -52.42 11.72 32.39
N SER C 205 -51.50 11.17 31.59
CA SER C 205 -50.20 11.80 31.41
C SER C 205 -50.33 13.19 30.77
N ASN C 206 -51.16 13.31 29.74
CA ASN C 206 -51.36 14.60 29.09
C ASN C 206 -51.97 15.61 30.05
N SER C 207 -52.90 15.18 30.89
CA SER C 207 -53.51 16.09 31.87
C SER C 207 -52.52 16.47 32.95
N VAL C 208 -51.59 15.58 33.29
CA VAL C 208 -50.52 15.94 34.23
C VAL C 208 -49.64 17.04 33.64
N SER C 209 -49.21 16.86 32.38
CA SER C 209 -48.39 17.88 31.73
C SER C 209 -49.14 19.21 31.63
N ARG C 210 -50.41 19.16 31.21
CA ARG C 210 -51.24 20.35 31.14
C ARG C 210 -51.37 21.01 32.51
N TRP C 211 -51.52 20.20 33.56
CA TRP C 211 -51.62 20.72 34.92
C TRP C 211 -50.35 21.44 35.32
N VAL C 212 -49.19 20.89 34.97
CA VAL C 212 -47.92 21.56 35.27
C VAL C 212 -47.88 22.90 34.55
N GLN C 213 -48.24 22.91 33.26
CA GLN C 213 -48.20 24.14 32.48
C GLN C 213 -49.10 25.21 33.07
N VAL C 214 -50.38 24.88 33.28
CA VAL C 214 -51.35 25.85 33.78
C VAL C 214 -51.03 26.26 35.21
N MET C 215 -50.36 25.39 35.97
CA MET C 215 -49.99 25.75 37.34
C MET C 215 -48.83 26.73 37.35
N VAL C 216 -47.90 26.58 36.41
CA VAL C 216 -46.79 27.54 36.30
C VAL C 216 -47.29 28.87 35.76
N LEU C 217 -48.16 28.85 34.75
CA LEU C 217 -48.60 30.10 34.14
C LEU C 217 -49.61 30.85 35.01
N SER C 218 -50.23 30.17 35.96
CA SER C 218 -51.20 30.82 36.83
C SER C 218 -50.54 31.77 37.84
N ARG C 219 -49.23 32.02 37.69
CA ARG C 219 -48.46 32.81 38.63
C ARG C 219 -48.19 34.19 38.07
N PRO C 220 -48.79 35.24 38.64
CA PRO C 220 -48.49 36.60 38.17
C PRO C 220 -47.13 37.09 38.62
N GLY C 221 -46.07 36.69 37.90
CA GLY C 221 -44.73 37.12 38.24
C GLY C 221 -43.67 36.11 37.83
N PRO C 222 -42.55 36.60 37.30
CA PRO C 222 -41.48 35.67 36.91
C PRO C 222 -40.81 34.99 38.08
N LEU C 223 -40.75 35.65 39.23
CA LEU C 223 -40.16 35.03 40.42
C LEU C 223 -41.04 33.92 40.97
N GLN C 224 -42.36 34.16 41.03
CA GLN C 224 -43.30 33.13 41.46
C GLN C 224 -43.23 31.93 40.52
N ARG C 225 -43.24 32.19 39.22
CA ARG C 225 -43.10 31.11 38.24
C ARG C 225 -41.79 30.37 38.42
N ALA C 226 -40.71 31.09 38.76
CA ALA C 226 -39.43 30.43 38.98
C ALA C 226 -39.47 29.53 40.21
N GLN C 227 -40.18 29.96 41.26
CA GLN C 227 -40.35 29.13 42.44
C GLN C 227 -41.14 27.87 42.12
N VAL C 228 -42.23 28.02 41.37
CA VAL C 228 -43.03 26.88 40.96
C VAL C 228 -42.21 25.91 40.12
N LEU C 229 -41.35 26.44 39.24
CA LEU C 229 -40.51 25.57 38.43
C LEU C 229 -39.49 24.82 39.27
N ASP C 230 -38.87 25.50 40.24
CA ASP C 230 -38.00 24.82 41.20
C ASP C 230 -38.73 23.67 41.89
N LYS C 231 -39.93 23.94 42.39
CA LYS C 231 -40.66 22.91 43.12
C LYS C 231 -41.00 21.72 42.22
N PHE C 232 -41.40 21.99 40.98
CA PHE C 232 -41.69 20.87 40.07
C PHE C 232 -40.43 20.11 39.71
N ILE C 233 -39.28 20.79 39.66
CA ILE C 233 -38.02 20.08 39.47
C ILE C 233 -37.78 19.14 40.64
N HIS C 234 -38.08 19.59 41.86
CA HIS C 234 -37.95 18.72 43.03
C HIS C 234 -38.86 17.50 42.91
N VAL C 235 -40.11 17.72 42.48
CA VAL C 235 -41.05 16.61 42.28
C VAL C 235 -40.49 15.62 41.25
N ALA C 236 -39.97 16.13 40.14
CA ALA C 236 -39.43 15.26 39.10
C ALA C 236 -38.21 14.49 39.59
N GLN C 237 -37.34 15.14 40.37
CA GLN C 237 -36.19 14.45 40.96
C GLN C 237 -36.65 13.33 41.88
N ARG C 238 -37.66 13.60 42.71
CA ARG C 238 -38.19 12.59 43.61
C ARG C 238 -38.79 11.43 42.81
N LEU C 239 -39.41 11.74 41.67
CA LEU C 239 -39.95 10.71 40.79
C LEU C 239 -38.84 9.87 40.16
N HIS C 240 -37.70 10.50 39.84
CA HIS C 240 -36.56 9.74 39.34
C HIS C 240 -36.00 8.83 40.43
N GLN C 241 -35.97 9.32 41.67
CA GLN C 241 -35.53 8.48 42.78
C GLN C 241 -36.47 7.30 42.97
N LEU C 242 -37.78 7.53 42.80
CA LEU C 242 -38.75 6.44 42.84
C LEU C 242 -38.72 5.59 41.57
N GLN C 243 -38.03 6.06 40.53
CA GLN C 243 -37.95 5.35 39.26
C GLN C 243 -39.34 5.13 38.66
N ASN C 244 -40.16 6.18 38.73
CA ASN C 244 -41.45 6.23 38.03
C ASN C 244 -41.22 7.10 36.81
N PHE C 245 -40.98 6.47 35.66
CA PHE C 245 -40.54 7.19 34.48
C PHE C 245 -41.69 7.73 33.63
N ASN C 246 -42.88 7.11 33.69
CA ASN C 246 -44.01 7.63 32.92
C ASN C 246 -44.43 9.01 33.45
N THR C 247 -44.76 9.09 34.74
CA THR C 247 -45.09 10.38 35.34
C THR C 247 -43.90 11.33 35.29
N LEU C 248 -42.68 10.80 35.36
CA LEU C 248 -41.50 11.65 35.19
C LEU C 248 -41.50 12.31 33.82
N MET C 249 -41.82 11.55 32.77
CA MET C 249 -41.92 12.12 31.44
C MET C 249 -43.04 13.16 31.37
N ALA C 250 -44.19 12.84 31.96
CA ALA C 250 -45.31 13.78 31.89
C ALA C 250 -44.95 15.12 32.52
N VAL C 251 -44.34 15.06 33.72
CA VAL C 251 -44.00 16.29 34.44
C VAL C 251 -42.88 17.04 33.74
N THR C 252 -41.84 16.33 33.28
CA THR C 252 -40.73 16.99 32.62
C THR C 252 -41.17 17.65 31.32
N GLY C 253 -41.95 16.94 30.50
CA GLY C 253 -42.45 17.52 29.28
C GLY C 253 -43.39 18.68 29.50
N GLY C 254 -44.22 18.62 30.56
CA GLY C 254 -44.98 19.79 30.93
C GLY C 254 -44.08 20.94 31.31
N LEU C 255 -42.91 20.64 31.86
CA LEU C 255 -41.92 21.68 32.14
C LEU C 255 -41.24 22.13 30.85
N CYS C 256 -40.86 21.18 30.01
CA CYS C 256 -40.16 21.48 28.77
C CYS C 256 -41.09 21.88 27.63
N HIS C 257 -42.39 22.04 27.90
CA HIS C 257 -43.33 22.50 26.89
C HIS C 257 -42.91 23.87 26.35
N SER C 258 -43.17 24.09 25.05
CA SER C 258 -42.72 25.31 24.40
C SER C 258 -43.39 26.56 25.00
N ALA C 259 -44.64 26.43 25.43
CA ALA C 259 -45.31 27.58 26.04
C ALA C 259 -44.68 27.95 27.38
N ILE C 260 -43.97 27.02 28.02
CA ILE C 260 -43.29 27.28 29.29
C ILE C 260 -41.81 27.52 29.01
N SER C 261 -41.26 26.80 28.03
CA SER C 261 -39.83 26.88 27.73
C SER C 261 -39.43 28.28 27.25
N ARG C 262 -40.38 29.07 26.77
CA ARG C 262 -40.10 30.41 26.25
C ARG C 262 -39.96 31.45 27.36
N LEU C 263 -40.17 31.07 28.62
CA LEU C 263 -40.15 32.03 29.73
C LEU C 263 -38.72 32.19 30.23
N LYS C 264 -37.97 33.06 29.53
CA LYS C 264 -36.57 33.28 29.87
C LYS C 264 -36.42 34.08 31.16
N ASP C 265 -37.29 35.07 31.37
CA ASP C 265 -37.20 35.89 32.58
C ASP C 265 -37.33 35.04 33.83
N SER C 266 -38.25 34.08 33.82
CA SER C 266 -38.43 33.20 34.97
C SER C 266 -37.25 32.26 35.13
N HIS C 267 -36.75 31.70 34.02
CA HIS C 267 -35.61 30.80 34.07
C HIS C 267 -34.34 31.52 34.50
N ALA C 268 -34.34 32.86 34.47
CA ALA C 268 -33.20 33.61 34.98
C ALA C 268 -33.08 33.46 36.49
N HIS C 269 -34.20 33.46 37.20
CA HIS C 269 -34.18 33.35 38.66
C HIS C 269 -33.89 31.94 39.15
N LEU C 270 -34.03 30.92 38.31
CA LEU C 270 -33.83 29.55 38.78
C LEU C 270 -32.37 29.33 39.20
N SER C 271 -32.21 28.59 40.29
CA SER C 271 -30.87 28.32 40.80
C SER C 271 -30.08 27.55 39.75
N PRO C 272 -28.77 27.79 39.64
CA PRO C 272 -27.99 27.07 38.62
C PRO C 272 -28.03 25.55 38.77
N ASP C 273 -28.03 25.04 40.01
CA ASP C 273 -28.20 23.61 40.23
C ASP C 273 -29.55 23.12 39.74
N SER C 274 -30.60 23.94 39.91
CA SER C 274 -31.92 23.55 39.42
C SER C 274 -31.93 23.40 37.92
N THR C 275 -31.36 24.39 37.22
CA THR C 275 -31.25 24.31 35.77
C THR C 275 -30.40 23.12 35.33
N LYS C 276 -29.32 22.83 36.07
CA LYS C 276 -28.47 21.69 35.73
C LYS C 276 -29.25 20.38 35.85
N ALA C 277 -30.00 20.22 36.94
CA ALA C 277 -30.81 19.01 37.11
C ALA C 277 -31.88 18.89 36.03
N LEU C 278 -32.55 20.01 35.72
CA LEU C 278 -33.55 19.98 34.65
C LEU C 278 -32.92 19.62 33.31
N LEU C 279 -31.74 20.16 33.02
CA LEU C 279 -31.02 19.80 31.82
C LEU C 279 -30.72 18.31 31.80
N GLU C 280 -30.28 17.77 32.94
CA GLU C 280 -30.01 16.33 32.99
C GLU C 280 -31.28 15.51 32.78
N LEU C 281 -32.43 16.02 33.23
CA LEU C 281 -33.68 15.28 33.03
C LEU C 281 -34.09 15.27 31.56
N THR C 282 -34.07 16.43 30.90
CA THR C 282 -34.39 16.46 29.48
C THR C 282 -33.37 15.66 28.68
N GLU C 283 -32.10 15.75 29.06
CA GLU C 283 -31.04 14.93 28.48
C GLU C 283 -31.32 13.45 28.71
N LEU C 284 -31.92 13.12 29.84
CA LEU C 284 -32.32 11.75 30.14
C LEU C 284 -33.45 11.33 29.23
N LEU C 285 -34.44 12.20 29.08
CA LEU C 285 -35.61 11.92 28.26
C LEU C 285 -35.41 12.53 26.87
N ALA C 286 -34.30 12.12 26.25
CA ALA C 286 -33.84 12.71 24.99
C ALA C 286 -34.14 11.78 23.83
N SER C 287 -34.22 12.35 22.63
CA SER C 287 -34.70 11.64 21.45
C SER C 287 -33.60 10.96 20.65
N HIS C 288 -32.33 11.12 21.03
CA HIS C 288 -31.25 10.42 20.34
C HIS C 288 -31.48 8.91 20.39
N ASN C 289 -31.01 8.23 19.34
CA ASN C 289 -30.81 6.78 19.32
C ASN C 289 -31.93 6.04 20.05
N ASN C 290 -33.15 6.24 19.53
CA ASN C 290 -34.42 5.78 20.10
C ASN C 290 -34.37 5.78 21.63
N TYR C 291 -34.08 6.96 22.19
CA TYR C 291 -34.08 7.23 23.62
C TYR C 291 -33.00 6.40 24.34
N ALA C 292 -31.75 6.71 23.97
CA ALA C 292 -30.61 5.93 24.44
C ALA C 292 -30.38 6.09 25.94
N ARG C 293 -30.24 7.33 26.40
CA ARG C 293 -30.01 7.58 27.83
C ARG C 293 -31.12 6.94 28.67
N TYR C 294 -32.37 7.10 28.24
CA TYR C 294 -33.51 6.49 28.90
C TYR C 294 -33.33 4.99 29.02
N ARG C 295 -33.23 4.29 27.89
CA ARG C 295 -33.15 2.84 27.88
C ARG C 295 -31.99 2.34 28.73
N ARG C 296 -30.86 3.07 28.72
CA ARG C 296 -29.71 2.65 29.50
C ARG C 296 -29.98 2.77 31.00
N THR C 297 -30.51 3.92 31.43
CA THR C 297 -30.92 4.05 32.83
C THR C 297 -31.93 2.97 33.21
N TRP C 298 -32.87 2.69 32.31
CA TRP C 298 -33.86 1.64 32.54
C TRP C 298 -33.19 0.31 32.81
N ALA C 299 -32.20 -0.05 31.99
CA ALA C 299 -31.41 -1.24 32.23
C ALA C 299 -30.60 -1.15 33.51
N GLY C 300 -30.31 0.07 33.98
CA GLY C 300 -29.58 0.26 35.22
C GLY C 300 -30.43 0.37 36.47
N CYS C 301 -31.74 0.54 36.33
CA CYS C 301 -32.65 0.64 37.47
C CYS C 301 -33.09 -0.75 37.92
N ALA C 302 -33.44 -0.85 39.20
CA ALA C 302 -33.93 -2.09 39.78
C ALA C 302 -34.98 -1.76 40.84
N GLY C 303 -35.83 -2.75 41.12
CA GLY C 303 -36.89 -2.56 42.09
C GLY C 303 -38.16 -2.06 41.44
N PHE C 304 -38.72 -0.98 41.96
CA PHE C 304 -40.00 -0.44 41.48
C PHE C 304 -39.75 0.33 40.18
N ARG C 305 -39.37 -0.44 39.15
CA ARG C 305 -39.16 0.13 37.82
C ARG C 305 -40.46 0.72 37.26
N LEU C 306 -41.55 -0.04 37.35
CA LEU C 306 -42.83 0.37 36.80
C LEU C 306 -43.34 1.64 37.50
N PRO C 307 -44.24 2.39 36.85
CA PRO C 307 -44.68 2.26 35.45
C PRO C 307 -43.55 2.68 34.49
N VAL C 308 -43.69 2.46 33.19
CA VAL C 308 -42.50 2.59 32.35
C VAL C 308 -42.52 3.84 31.49
N LEU C 309 -43.25 3.79 30.38
CA LEU C 309 -43.42 4.83 29.37
C LEU C 309 -44.25 4.26 28.23
N GLY C 310 -44.75 5.16 27.38
CA GLY C 310 -45.41 4.77 26.15
C GLY C 310 -44.49 4.36 25.03
N VAL C 311 -43.18 4.56 25.16
CA VAL C 311 -42.25 4.24 24.08
C VAL C 311 -42.29 2.77 23.74
N HIS C 312 -42.69 1.92 24.68
CA HIS C 312 -42.84 0.50 24.40
C HIS C 312 -43.82 0.29 23.25
N LEU C 313 -44.93 1.03 23.25
CA LEU C 313 -45.82 1.01 22.09
C LEU C 313 -45.03 1.16 20.80
N LYS C 314 -44.22 2.22 20.70
CA LYS C 314 -43.32 2.38 19.57
C LYS C 314 -42.58 1.09 19.28
N ASP C 315 -41.85 0.59 20.29
CA ASP C 315 -41.09 -0.63 20.12
C ASP C 315 -41.98 -1.76 19.63
N LEU C 316 -43.15 -1.92 20.27
CA LEU C 316 -44.09 -2.93 19.81
C LEU C 316 -44.39 -2.74 18.32
N VAL C 317 -44.85 -1.53 17.96
CA VAL C 317 -45.16 -1.25 16.56
C VAL C 317 -43.93 -1.53 15.71
N SER C 318 -42.76 -1.11 16.18
CA SER C 318 -41.53 -1.39 15.45
C SER C 318 -41.36 -2.88 15.24
N LEU C 319 -41.41 -3.66 16.33
CA LEU C 319 -41.27 -5.10 16.22
C LEU C 319 -42.40 -5.71 15.39
N HIS C 320 -43.54 -5.01 15.30
CA HIS C 320 -44.62 -5.50 14.45
C HIS C 320 -44.30 -5.28 12.98
N GLU C 321 -43.68 -4.14 12.64
CA GLU C 321 -43.44 -3.82 11.25
C GLU C 321 -42.07 -4.25 10.75
N ALA C 322 -41.13 -4.52 11.65
CA ALA C 322 -39.81 -4.99 11.23
C ALA C 322 -39.91 -6.34 10.54
N GLN C 323 -40.39 -7.33 11.25
CA GLN C 323 -40.43 -8.59 10.52
C GLN C 323 -41.85 -8.88 10.02
N PRO C 324 -41.98 -9.56 8.90
CA PRO C 324 -43.31 -9.81 8.34
C PRO C 324 -44.12 -10.79 9.19
N ASP C 325 -45.44 -10.64 9.14
CA ASP C 325 -46.30 -11.58 9.85
C ASP C 325 -46.13 -12.99 9.33
N ARG C 326 -46.22 -13.18 8.02
CA ARG C 326 -46.06 -14.48 7.41
C ARG C 326 -44.95 -14.45 6.36
N LEU C 327 -44.17 -15.53 6.32
CA LEU C 327 -43.15 -15.73 5.32
C LEU C 327 -43.77 -16.25 4.03
N PRO C 328 -43.09 -16.11 2.89
CA PRO C 328 -43.65 -16.66 1.63
C PRO C 328 -43.85 -18.16 1.66
N ASP C 329 -43.20 -18.87 2.59
CA ASP C 329 -43.35 -20.32 2.71
C ASP C 329 -44.79 -20.74 2.99
N GLY C 330 -45.63 -19.84 3.49
CA GLY C 330 -46.96 -20.20 3.93
C GLY C 330 -47.07 -20.32 5.44
N ARG C 331 -46.02 -20.81 6.09
CA ARG C 331 -45.98 -20.81 7.53
C ARG C 331 -45.70 -19.39 8.04
N LEU C 332 -46.19 -19.11 9.23
CA LEU C 332 -45.89 -17.86 9.92
C LEU C 332 -44.73 -18.12 10.88
N HIS C 333 -43.84 -17.15 11.00
CA HIS C 333 -42.62 -17.34 11.77
C HIS C 333 -42.83 -16.79 13.18
N LEU C 334 -42.63 -17.66 14.17
CA LEU C 334 -42.88 -17.35 15.57
C LEU C 334 -41.87 -16.39 16.22
N PRO C 335 -40.56 -16.41 15.89
CA PRO C 335 -39.61 -15.60 16.68
C PRO C 335 -40.02 -14.15 16.88
N LYS C 336 -40.64 -13.55 15.85
CA LYS C 336 -41.29 -12.26 16.01
C LYS C 336 -42.32 -12.30 17.14
N LEU C 337 -43.17 -13.32 17.13
CA LEU C 337 -44.22 -13.41 18.14
C LEU C 337 -43.65 -13.69 19.53
N ASN C 338 -42.49 -14.34 19.61
CA ASN C 338 -41.85 -14.57 20.90
C ASN C 338 -41.27 -13.27 21.45
N ASN C 339 -40.60 -12.50 20.60
CA ASN C 339 -40.13 -11.17 21.02
C ASN C 339 -41.31 -10.31 21.47
N LEU C 340 -42.41 -10.34 20.72
CA LEU C 340 -43.62 -9.62 21.12
C LEU C 340 -44.11 -10.11 22.49
N TYR C 341 -44.18 -11.43 22.68
CA TYR C 341 -44.71 -11.97 23.91
C TYR C 341 -43.86 -11.55 25.10
N LEU C 342 -42.53 -11.58 24.95
CA LEU C 342 -41.68 -11.13 26.04
C LEU C 342 -41.82 -9.62 26.28
N ARG C 343 -41.98 -8.85 25.20
CA ARG C 343 -42.11 -7.41 25.33
C ARG C 343 -43.39 -7.03 26.07
N LEU C 344 -44.45 -7.81 25.88
CA LEU C 344 -45.71 -7.58 26.59
C LEU C 344 -45.64 -8.12 28.02
N GLN C 345 -45.12 -9.33 28.19
CA GLN C 345 -45.01 -9.94 29.51
C GLN C 345 -44.15 -9.11 30.45
N GLU C 346 -43.19 -8.35 29.91
CA GLU C 346 -42.47 -7.40 30.77
C GLU C 346 -43.45 -6.45 31.45
N LEU C 347 -44.32 -5.81 30.66
CA LEU C 347 -45.28 -4.86 31.22
C LEU C 347 -46.27 -5.55 32.14
N VAL C 348 -46.73 -6.75 31.76
CA VAL C 348 -47.68 -7.48 32.59
C VAL C 348 -47.06 -7.83 33.94
N ALA C 349 -45.83 -8.36 33.93
CA ALA C 349 -45.13 -8.64 35.18
C ALA C 349 -44.95 -7.37 36.00
N LEU C 350 -44.75 -6.22 35.34
CA LEU C 350 -44.67 -4.96 36.05
C LEU C 350 -46.01 -4.59 36.69
N GLN C 351 -47.13 -4.96 36.04
CA GLN C 351 -48.43 -4.74 36.66
C GLN C 351 -48.53 -5.47 38.00
N GLY C 352 -47.77 -6.54 38.18
CA GLY C 352 -47.80 -7.31 39.41
C GLY C 352 -47.17 -6.63 40.60
N GLN C 353 -46.40 -5.57 40.37
CA GLN C 353 -45.69 -4.89 41.44
C GLN C 353 -46.68 -4.21 42.41
N HIS C 354 -46.12 -3.67 43.48
CA HIS C 354 -46.84 -2.81 44.41
C HIS C 354 -45.88 -1.71 44.83
N PRO C 355 -46.35 -0.46 44.90
CA PRO C 355 -45.44 0.68 45.07
C PRO C 355 -44.72 0.61 46.41
N PRO C 356 -43.56 1.27 46.51
CA PRO C 356 -42.88 1.36 47.81
C PRO C 356 -43.55 2.33 48.77
N CYS C 357 -44.23 3.34 48.25
CA CYS C 357 -44.83 4.39 49.06
C CYS C 357 -46.29 4.07 49.39
N SER C 358 -46.83 4.82 50.34
CA SER C 358 -48.23 4.78 50.71
C SER C 358 -48.87 6.12 50.36
N ALA C 359 -50.20 6.16 50.41
CA ALA C 359 -50.90 7.36 49.95
C ALA C 359 -52.30 7.41 50.53
N ASN C 360 -52.90 8.59 50.44
CA ASN C 360 -54.21 8.89 51.02
C ASN C 360 -55.26 8.85 49.91
N GLU C 361 -56.14 7.85 49.97
CA GLU C 361 -57.22 7.72 48.98
C GLU C 361 -57.98 9.05 48.83
N ASP C 362 -58.23 9.73 49.94
CA ASP C 362 -58.92 11.02 49.88
C ASP C 362 -58.06 12.06 49.18
N LEU C 363 -56.77 12.10 49.52
CA LEU C 363 -55.85 13.03 48.86
C LEU C 363 -55.67 12.66 47.39
N LEU C 364 -55.68 11.36 47.09
CA LEU C 364 -55.70 10.92 45.69
C LEU C 364 -56.91 11.45 44.96
N HIS C 365 -58.09 11.40 45.59
CA HIS C 365 -59.28 11.94 44.96
C HIS C 365 -59.15 13.44 44.71
N LEU C 366 -58.62 14.18 45.69
CA LEU C 366 -58.43 15.61 45.51
C LEU C 366 -57.49 15.90 44.34
N LEU C 367 -56.39 15.15 44.24
CA LEU C 367 -55.46 15.37 43.14
C LEU C 367 -56.09 15.02 41.80
N THR C 368 -56.82 13.90 41.75
CA THR C 368 -57.52 13.51 40.54
C THR C 368 -58.46 14.61 40.06
N LEU C 369 -59.17 15.27 40.99
CA LEU C 369 -60.00 16.40 40.60
C LEU C 369 -59.17 17.62 40.21
N SER C 370 -57.94 17.73 40.73
CA SER C 370 -57.09 18.82 40.28
C SER C 370 -56.66 18.61 38.84
N LEU C 371 -56.47 17.35 38.42
CA LEU C 371 -56.05 17.07 37.05
C LEU C 371 -57.21 17.13 36.06
N ASP C 372 -58.42 16.75 36.47
CA ASP C 372 -59.51 16.59 35.52
C ASP C 372 -60.04 17.96 35.08
N LEU C 373 -59.14 18.80 34.59
CA LEU C 373 -59.43 20.13 34.09
C LEU C 373 -59.58 20.07 32.57
N PHE C 374 -59.84 21.23 31.97
CA PHE C 374 -60.07 21.32 30.53
C PHE C 374 -59.39 22.57 30.00
N TYR C 375 -58.26 22.40 29.31
CA TYR C 375 -57.59 23.52 28.66
C TYR C 375 -56.90 23.01 27.41
N THR C 376 -56.93 23.81 26.35
CA THR C 376 -56.29 23.45 25.10
C THR C 376 -55.01 24.26 24.92
N GLU C 377 -54.12 23.74 24.07
CA GLU C 377 -52.86 24.42 23.79
C GLU C 377 -53.08 25.86 23.34
N ASP C 378 -54.25 26.16 22.77
CA ASP C 378 -54.56 27.51 22.35
C ASP C 378 -54.54 28.47 23.52
N GLU C 379 -55.32 28.18 24.57
CA GLU C 379 -55.36 29.06 25.73
C GLU C 379 -54.03 29.08 26.47
N ILE C 380 -53.31 27.96 26.49
CA ILE C 380 -52.02 27.92 27.18
C ILE C 380 -51.03 28.87 26.51
N TYR C 381 -50.93 28.78 25.17
CA TYR C 381 -50.09 29.72 24.44
C TYR C 381 -50.58 31.15 24.58
N GLU C 382 -51.90 31.37 24.57
CA GLU C 382 -52.43 32.71 24.75
C GLU C 382 -52.02 33.30 26.09
N LEU C 383 -52.02 32.47 27.14
CA LEU C 383 -51.64 32.96 28.46
C LEU C 383 -50.14 33.18 28.56
N SER C 384 -49.35 32.25 28.02
CA SER C 384 -47.90 32.43 28.01
C SER C 384 -47.51 33.73 27.28
N TYR C 385 -48.16 34.01 26.16
CA TYR C 385 -47.92 35.27 25.46
C TYR C 385 -48.42 36.46 26.27
N ALA C 386 -49.57 36.32 26.92
CA ALA C 386 -50.14 37.41 27.72
C ALA C 386 -49.29 37.74 28.93
N ARG C 387 -48.44 36.82 29.38
CA ARG C 387 -47.56 37.10 30.50
C ARG C 387 -46.15 37.50 30.08
N GLU C 388 -45.65 36.99 28.96
CA GLU C 388 -44.37 37.44 28.41
C GLU C 388 -44.42 37.49 26.88
N MET D 5 -18.36 14.46 10.94
CA MET D 5 -19.30 14.60 9.83
C MET D 5 -20.42 15.58 10.18
N THR D 6 -21.60 15.36 9.60
CA THR D 6 -22.78 16.17 9.87
C THR D 6 -23.93 15.27 10.28
N GLU D 7 -24.61 15.66 11.36
CA GLU D 7 -25.69 14.89 11.97
C GLU D 7 -27.03 15.54 11.64
N TYR D 8 -27.94 14.79 11.04
CA TYR D 8 -29.25 15.31 10.66
C TYR D 8 -30.35 14.56 11.39
N LYS D 9 -31.26 15.33 12.01
CA LYS D 9 -32.35 14.78 12.81
C LYS D 9 -33.65 14.80 12.01
N LEU D 10 -34.14 13.63 11.65
CA LEU D 10 -35.36 13.47 10.88
C LEU D 10 -36.43 12.89 11.79
N VAL D 11 -37.66 13.37 11.64
CA VAL D 11 -38.81 12.90 12.41
C VAL D 11 -39.89 12.52 11.42
N VAL D 12 -40.49 11.37 11.62
CA VAL D 12 -41.53 10.85 10.72
C VAL D 12 -42.86 11.06 11.43
N VAL D 13 -43.64 12.06 10.98
CA VAL D 13 -44.90 12.40 11.60
C VAL D 13 -46.04 12.00 10.64
N GLY D 14 -47.20 11.77 11.22
CA GLY D 14 -48.36 11.34 10.46
C GLY D 14 -49.30 10.55 11.35
N ALA D 15 -50.50 10.33 10.84
CA ALA D 15 -51.46 9.53 11.57
C ALA D 15 -50.97 8.09 11.68
N GLY D 16 -51.51 7.38 12.66
CA GLY D 16 -51.20 5.97 12.78
C GLY D 16 -51.89 5.16 11.70
N GLY D 17 -51.32 4.00 11.40
CA GLY D 17 -51.91 3.13 10.41
C GLY D 17 -51.65 3.53 8.97
N VAL D 18 -50.73 4.48 8.74
CA VAL D 18 -50.34 4.84 7.38
C VAL D 18 -49.08 4.14 6.92
N GLY D 19 -48.39 3.45 7.81
CA GLY D 19 -47.16 2.75 7.46
C GLY D 19 -45.90 3.56 7.62
N LYS D 20 -45.94 4.69 8.33
CA LYS D 20 -44.73 5.48 8.48
C LYS D 20 -43.68 4.70 9.25
N SER D 21 -44.11 3.85 10.18
CA SER D 21 -43.20 2.93 10.84
C SER D 21 -42.61 1.95 9.82
N ALA D 22 -43.45 1.43 8.94
CA ALA D 22 -42.98 0.56 7.88
C ALA D 22 -42.01 1.30 6.97
N LEU D 23 -42.25 2.59 6.74
CA LEU D 23 -41.35 3.40 5.92
C LEU D 23 -39.97 3.53 6.57
N THR D 24 -39.94 4.01 7.82
CA THR D 24 -38.68 4.21 8.53
C THR D 24 -37.91 2.90 8.63
N ILE D 25 -38.60 1.79 8.91
CA ILE D 25 -37.93 0.49 8.98
C ILE D 25 -37.43 0.07 7.61
N GLN D 26 -38.26 0.25 6.57
CA GLN D 26 -37.90 -0.19 5.23
C GLN D 26 -36.66 0.53 4.71
N LEU D 27 -36.41 1.75 5.20
CA LEU D 27 -35.15 2.38 4.84
C LEU D 27 -33.95 1.56 5.32
N ILE D 28 -34.13 0.72 6.33
CA ILE D 28 -33.08 -0.20 6.79
C ILE D 28 -33.48 -1.63 6.45
N ASP D 34 -32.86 -11.50 9.30
CA ASP D 34 -33.59 -10.37 9.87
C ASP D 34 -32.94 -9.90 11.17
N GLU D 35 -31.61 -9.88 11.19
CA GLU D 35 -30.87 -9.53 12.41
C GLU D 35 -30.83 -8.01 12.61
N TYR D 36 -32.02 -7.44 12.75
CA TYR D 36 -32.18 -6.02 13.03
C TYR D 36 -33.22 -5.86 14.12
N ASP D 37 -32.84 -5.18 15.20
CA ASP D 37 -33.72 -5.00 16.35
C ASP D 37 -33.93 -3.51 16.59
N PRO D 38 -35.14 -2.99 16.39
CA PRO D 38 -35.39 -1.55 16.54
C PRO D 38 -35.26 -1.04 17.96
N THR D 39 -35.14 -1.91 18.97
CA THR D 39 -35.14 -1.47 20.36
C THR D 39 -33.83 -0.80 20.75
N ILE D 40 -32.70 -1.27 20.20
CA ILE D 40 -31.39 -0.81 20.63
C ILE D 40 -31.13 0.61 20.13
N GLU D 41 -30.14 1.27 20.76
CA GLU D 41 -29.87 2.67 20.48
C GLU D 41 -29.59 2.92 19.00
N ASP D 42 -28.71 2.10 18.41
CA ASP D 42 -28.26 2.31 17.04
C ASP D 42 -29.35 2.10 16.01
N SER D 43 -30.50 1.56 16.41
CA SER D 43 -31.42 0.92 15.46
C SER D 43 -31.90 1.89 14.40
N TYR D 44 -32.21 3.13 14.77
CA TYR D 44 -32.72 4.13 13.83
C TYR D 44 -31.67 5.15 13.43
N ARG D 45 -30.40 4.74 13.33
CA ARG D 45 -29.31 5.62 12.92
C ARG D 45 -28.56 4.98 11.77
N LYS D 46 -28.35 5.74 10.69
CA LYS D 46 -27.67 5.23 9.50
C LYS D 46 -26.61 6.20 9.01
N GLN D 47 -25.37 5.70 8.86
CA GLN D 47 -24.28 6.47 8.28
C GLN D 47 -24.27 6.25 6.77
N VAL D 48 -24.62 7.28 6.00
CA VAL D 48 -24.62 7.16 4.54
C VAL D 48 -24.06 8.43 3.92
N VAL D 49 -23.59 8.30 2.67
CA VAL D 49 -23.05 9.42 1.91
C VAL D 49 -24.13 9.93 0.97
N ILE D 50 -24.45 11.22 1.05
CA ILE D 50 -25.42 11.82 0.17
C ILE D 50 -24.73 12.96 -0.56
N ASP D 51 -25.12 13.18 -1.83
CA ASP D 51 -24.60 14.26 -2.67
C ASP D 51 -23.13 14.58 -2.41
N GLY D 52 -22.26 13.57 -2.45
CA GLY D 52 -20.84 13.78 -2.28
C GLY D 52 -20.28 13.66 -0.88
N GLU D 53 -21.03 14.09 0.14
CA GLU D 53 -20.52 14.18 1.50
C GLU D 53 -21.18 13.15 2.40
N THR D 54 -20.41 12.59 3.32
CA THR D 54 -20.94 11.63 4.28
C THR D 54 -21.77 12.35 5.34
N CYS D 55 -22.76 11.65 5.89
CA CYS D 55 -23.65 12.23 6.87
C CYS D 55 -24.26 11.12 7.70
N LEU D 56 -24.80 11.51 8.86
CA LEU D 56 -25.43 10.57 9.78
C LEU D 56 -26.90 10.93 9.89
N LEU D 57 -27.77 9.99 9.54
CA LEU D 57 -29.21 10.17 9.56
C LEU D 57 -29.73 9.58 10.87
N ASP D 58 -30.23 10.46 11.75
CA ASP D 58 -30.86 10.09 13.01
C ASP D 58 -32.37 10.22 12.81
N ILE D 59 -33.04 9.09 12.56
CA ILE D 59 -34.45 9.09 12.21
C ILE D 59 -35.25 8.70 13.45
N LEU D 60 -36.42 9.31 13.62
CA LEU D 60 -37.29 9.02 14.75
C LEU D 60 -38.70 8.75 14.25
N ASP D 61 -39.18 7.54 14.49
CA ASP D 61 -40.57 7.19 14.26
C ASP D 61 -41.43 7.63 15.44
N THR D 62 -42.68 7.96 15.14
CA THR D 62 -43.62 8.49 16.13
C THR D 62 -44.80 7.54 16.34
N ALA D 63 -44.50 6.24 16.41
CA ALA D 63 -45.55 5.21 16.47
C ALA D 63 -46.46 5.38 17.68
N GLY D 64 -45.92 5.20 18.87
CA GLY D 64 -46.72 5.31 20.08
C GLY D 64 -46.57 6.65 20.78
N GLN D 65 -45.61 7.46 20.33
CA GLN D 65 -45.25 8.72 20.96
C GLN D 65 -46.13 9.88 20.52
N GLU D 66 -47.00 9.67 19.54
CA GLU D 66 -47.86 10.74 19.05
C GLU D 66 -48.84 11.21 20.12
N GLU D 67 -49.32 10.29 20.95
CA GLU D 67 -50.42 10.59 21.86
C GLU D 67 -50.00 11.53 22.99
N TYR D 68 -48.73 11.51 23.37
CA TYR D 68 -48.26 12.26 24.54
C TYR D 68 -47.82 13.64 24.09
N SER D 69 -48.47 14.68 24.64
CA SER D 69 -48.15 16.04 24.23
C SER D 69 -46.70 16.40 24.57
N ALA D 70 -46.22 15.89 25.71
CA ALA D 70 -44.85 16.18 26.12
C ALA D 70 -43.83 15.61 25.13
N MET D 71 -44.00 14.34 24.77
CA MET D 71 -43.12 13.73 23.76
C MET D 71 -43.26 14.44 22.43
N ARG D 72 -44.49 14.87 22.08
CA ARG D 72 -44.70 15.63 20.86
C ARG D 72 -43.83 16.87 20.85
N ASP D 73 -43.87 17.67 21.92
CA ASP D 73 -43.01 18.84 21.99
C ASP D 73 -41.54 18.48 21.98
N GLN D 74 -41.15 17.34 22.56
CA GLN D 74 -39.74 16.99 22.54
C GLN D 74 -39.25 16.77 21.13
N TYR D 75 -39.93 15.91 20.37
CA TYR D 75 -39.45 15.63 19.02
C TYR D 75 -39.74 16.75 18.04
N MET D 76 -40.67 17.66 18.35
CA MET D 76 -40.81 18.84 17.51
C MET D 76 -39.72 19.87 17.78
N ARG D 77 -39.31 20.05 19.04
CA ARG D 77 -38.27 21.04 19.35
C ARG D 77 -36.90 20.54 18.92
N THR D 78 -36.61 19.26 19.16
CA THR D 78 -35.30 18.73 18.81
C THR D 78 -35.18 18.46 17.30
N GLY D 79 -36.29 18.17 16.63
CA GLY D 79 -36.22 17.73 15.25
C GLY D 79 -35.79 18.83 14.31
N GLU D 80 -34.98 18.47 13.33
CA GLU D 80 -34.53 19.38 12.28
C GLU D 80 -35.39 19.29 11.01
N GLY D 81 -35.77 18.09 10.61
CA GLY D 81 -36.67 17.94 9.46
C GLY D 81 -37.79 16.97 9.79
N PHE D 82 -38.91 17.16 9.09
CA PHE D 82 -40.14 16.43 9.38
C PHE D 82 -40.72 15.86 8.08
N LEU D 83 -41.19 14.63 8.15
CA LEU D 83 -41.88 13.96 7.05
C LEU D 83 -43.35 13.87 7.42
N CYS D 84 -44.18 14.72 6.82
CA CYS D 84 -45.63 14.70 7.06
C CYS D 84 -46.23 13.67 6.11
N VAL D 85 -46.52 12.48 6.64
CA VAL D 85 -46.94 11.34 5.84
C VAL D 85 -48.45 11.19 5.95
N PHE D 86 -49.06 10.67 4.88
CA PHE D 86 -50.46 10.30 4.89
C PHE D 86 -50.62 9.10 3.96
N ALA D 87 -51.78 8.46 4.06
CA ALA D 87 -52.10 7.32 3.21
C ALA D 87 -53.00 7.80 2.08
N ILE D 88 -52.62 7.45 0.84
CA ILE D 88 -53.30 7.97 -0.34
C ILE D 88 -54.72 7.43 -0.45
N ASN D 89 -54.98 6.26 0.15
CA ASN D 89 -56.31 5.66 0.20
C ASN D 89 -57.07 6.01 1.48
N ASN D 90 -56.62 7.05 2.20
CA ASN D 90 -57.23 7.45 3.47
C ASN D 90 -57.34 8.98 3.48
N THR D 91 -58.56 9.48 3.29
CA THR D 91 -58.78 10.92 3.20
C THR D 91 -58.44 11.64 4.50
N LYS D 92 -58.79 11.04 5.65
CA LYS D 92 -58.54 11.69 6.93
C LYS D 92 -57.05 11.90 7.18
N SER D 93 -56.24 10.94 6.74
CA SER D 93 -54.79 11.11 6.85
C SER D 93 -54.34 12.38 6.11
N PHE D 94 -54.98 12.68 4.99
CA PHE D 94 -54.68 13.91 4.27
C PHE D 94 -55.24 15.14 4.98
N GLU D 95 -56.38 14.98 5.67
CA GLU D 95 -57.00 16.13 6.34
C GLU D 95 -56.27 16.52 7.63
N ASP D 96 -55.57 15.58 8.27
CA ASP D 96 -54.86 15.87 9.50
C ASP D 96 -53.58 16.69 9.28
N ILE D 97 -53.05 16.68 8.07
CA ILE D 97 -51.76 17.32 7.78
C ILE D 97 -51.82 18.81 8.16
N HIS D 98 -53.01 19.42 8.02
CA HIS D 98 -53.14 20.83 8.36
C HIS D 98 -52.77 21.09 9.81
N GLN D 99 -53.41 20.36 10.74
CA GLN D 99 -53.12 20.61 12.14
C GLN D 99 -51.73 20.10 12.54
N TYR D 100 -51.23 19.03 11.90
CA TYR D 100 -49.83 18.65 12.14
C TYR D 100 -48.91 19.82 11.85
N ARG D 101 -49.02 20.39 10.65
CA ARG D 101 -48.16 21.50 10.26
C ARG D 101 -48.37 22.71 11.16
N GLU D 102 -49.62 22.99 11.53
CA GLU D 102 -49.90 24.16 12.36
C GLU D 102 -49.25 24.03 13.75
N GLN D 103 -49.35 22.85 14.36
CA GLN D 103 -48.69 22.62 15.64
C GLN D 103 -47.19 22.76 15.52
N ILE D 104 -46.61 22.20 14.45
CA ILE D 104 -45.16 22.32 14.27
C ILE D 104 -44.76 23.78 14.12
N LYS D 105 -45.53 24.56 13.37
CA LYS D 105 -45.21 25.98 13.21
C LYS D 105 -45.32 26.71 14.54
N ARG D 106 -46.31 26.36 15.36
CA ARG D 106 -46.47 27.03 16.63
C ARG D 106 -45.33 26.69 17.60
N VAL D 107 -44.87 25.45 17.60
CA VAL D 107 -43.77 25.10 18.50
C VAL D 107 -42.45 25.66 17.98
N LYS D 108 -42.32 25.84 16.67
CA LYS D 108 -41.11 26.37 16.08
C LYS D 108 -41.16 27.88 15.84
N ASP D 109 -42.35 28.47 15.88
CA ASP D 109 -42.56 29.91 15.74
C ASP D 109 -41.90 30.44 14.46
N SER D 110 -42.15 29.73 13.36
CA SER D 110 -41.59 30.11 12.07
C SER D 110 -42.50 29.55 10.97
N ASP D 111 -42.61 30.31 9.88
CA ASP D 111 -43.46 29.93 8.76
C ASP D 111 -42.75 29.01 7.76
N ASP D 112 -41.44 28.88 7.85
CA ASP D 112 -40.66 28.05 6.93
C ASP D 112 -39.96 26.96 7.75
N VAL D 113 -40.63 25.84 7.91
CA VAL D 113 -40.08 24.69 8.63
C VAL D 113 -39.70 23.63 7.61
N PRO D 114 -38.48 23.12 7.62
CA PRO D 114 -38.10 22.10 6.64
C PRO D 114 -38.95 20.85 6.79
N MET D 115 -39.81 20.59 5.80
CA MET D 115 -40.63 19.39 5.80
C MET D 115 -41.01 19.07 4.36
N VAL D 116 -41.54 17.87 4.17
CA VAL D 116 -41.96 17.41 2.84
C VAL D 116 -43.16 16.49 3.01
N LEU D 117 -44.19 16.72 2.21
CA LEU D 117 -45.40 15.93 2.28
C LEU D 117 -45.19 14.62 1.54
N VAL D 118 -45.64 13.53 2.16
CA VAL D 118 -45.41 12.19 1.66
C VAL D 118 -46.73 11.44 1.61
N GLY D 119 -47.04 10.88 0.45
CA GLY D 119 -48.12 9.92 0.31
C GLY D 119 -47.49 8.54 0.35
N ASN D 120 -48.27 7.56 0.80
CA ASN D 120 -47.72 6.23 1.02
C ASN D 120 -48.74 5.19 0.56
N LYS D 121 -48.29 3.94 0.49
CA LYS D 121 -49.12 2.79 0.11
C LYS D 121 -49.71 3.00 -1.29
N CYS D 122 -48.82 3.20 -2.25
CA CYS D 122 -49.14 3.28 -3.68
C CYS D 122 -50.43 4.02 -4.03
N ALA D 126 -57.54 1.03 -4.24
CA ALA D 126 -57.77 2.27 -4.97
C ALA D 126 -57.61 3.48 -4.06
N ARG D 127 -57.18 4.60 -4.63
CA ARG D 127 -56.83 5.79 -3.88
C ARG D 127 -58.03 6.73 -3.75
N THR D 128 -58.00 7.53 -2.68
CA THR D 128 -59.08 8.48 -2.39
C THR D 128 -58.62 9.93 -2.38
N VAL D 129 -57.31 10.19 -2.33
CA VAL D 129 -56.76 11.54 -2.39
C VAL D 129 -55.92 11.62 -3.67
N GLU D 130 -56.40 12.38 -4.65
CA GLU D 130 -55.67 12.57 -5.89
C GLU D 130 -54.32 13.21 -5.61
N SER D 131 -53.33 12.88 -6.43
CA SER D 131 -52.03 13.51 -6.30
C SER D 131 -52.14 15.03 -6.49
N ARG D 132 -53.15 15.47 -7.25
CA ARG D 132 -53.36 16.90 -7.42
C ARG D 132 -53.72 17.60 -6.12
N GLN D 133 -54.55 16.96 -5.28
CA GLN D 133 -54.90 17.59 -4.00
C GLN D 133 -53.66 17.81 -3.14
N ALA D 134 -52.85 16.76 -2.99
CA ALA D 134 -51.65 16.86 -2.16
C ALA D 134 -50.68 17.88 -2.73
N GLN D 135 -50.52 17.90 -4.06
CA GLN D 135 -49.63 18.90 -4.66
C GLN D 135 -50.18 20.31 -4.47
N ASP D 136 -51.50 20.47 -4.56
CA ASP D 136 -52.10 21.78 -4.33
C ASP D 136 -51.86 22.26 -2.92
N LEU D 137 -51.91 21.36 -1.93
CA LEU D 137 -51.64 21.76 -0.55
C LEU D 137 -50.16 22.08 -0.35
N ALA D 138 -49.28 21.22 -0.89
CA ALA D 138 -47.86 21.47 -0.76
C ALA D 138 -47.47 22.82 -1.37
N ARG D 139 -48.03 23.13 -2.54
CA ARG D 139 -47.89 24.46 -3.12
C ARG D 139 -48.57 25.52 -2.28
N SER D 140 -49.66 25.15 -1.59
CA SER D 140 -50.39 26.11 -0.76
C SER D 140 -49.48 26.68 0.31
N TYR D 141 -48.55 25.88 0.84
CA TYR D 141 -47.53 26.57 1.63
C TYR D 141 -46.09 26.05 1.48
N GLY D 142 -45.72 25.50 0.34
CA GLY D 142 -44.33 25.54 -0.09
C GLY D 142 -43.41 24.38 0.27
N ILE D 143 -43.91 23.16 0.38
CA ILE D 143 -43.06 22.01 0.66
C ILE D 143 -43.18 21.04 -0.51
N PRO D 144 -42.21 20.15 -0.69
CA PRO D 144 -42.31 19.16 -1.77
C PRO D 144 -43.39 18.13 -1.47
N TYR D 145 -43.75 17.39 -2.52
CA TYR D 145 -44.68 16.26 -2.40
C TYR D 145 -44.07 15.04 -3.08
N ILE D 146 -44.06 13.91 -2.37
CA ILE D 146 -43.43 12.69 -2.86
C ILE D 146 -44.29 11.50 -2.46
N GLU D 147 -44.33 10.48 -3.32
CA GLU D 147 -45.12 9.29 -3.07
C GLU D 147 -44.25 8.04 -3.02
N THR D 148 -44.66 7.10 -2.17
CA THR D 148 -43.93 5.86 -1.94
C THR D 148 -44.90 4.71 -1.81
N SER D 149 -44.35 3.49 -1.73
CA SER D 149 -45.12 2.30 -1.39
C SER D 149 -44.13 1.28 -0.83
N ALA D 150 -44.14 1.12 0.50
CA ALA D 150 -43.08 0.39 1.18
C ALA D 150 -42.95 -1.04 0.67
N LYS D 151 -44.06 -1.65 0.26
CA LYS D 151 -43.99 -2.99 -0.30
C LYS D 151 -43.09 -3.02 -1.53
N THR D 152 -43.12 -1.96 -2.34
CA THR D 152 -42.23 -1.82 -3.47
C THR D 152 -40.97 -1.02 -3.15
N ARG D 153 -40.91 -0.41 -1.96
CA ARG D 153 -39.81 0.48 -1.58
C ARG D 153 -39.56 1.55 -2.64
N GLN D 154 -40.64 2.02 -3.24
CA GLN D 154 -40.55 2.96 -4.35
C GLN D 154 -40.31 4.37 -3.80
N GLY D 155 -39.16 4.94 -4.16
CA GLY D 155 -38.86 6.32 -3.79
C GLY D 155 -38.84 6.62 -2.32
N VAL D 156 -38.57 5.62 -1.46
CA VAL D 156 -38.32 5.89 -0.05
C VAL D 156 -37.05 6.73 0.09
N GLU D 157 -35.97 6.27 -0.54
CA GLU D 157 -34.70 6.98 -0.50
C GLU D 157 -34.87 8.39 -1.04
N ASP D 158 -35.68 8.54 -2.08
CA ASP D 158 -35.93 9.86 -2.66
C ASP D 158 -36.57 10.78 -1.63
N ALA D 159 -37.55 10.28 -0.87
CA ALA D 159 -38.23 11.12 0.11
C ALA D 159 -37.29 11.52 1.25
N PHE D 160 -36.63 10.53 1.87
CA PHE D 160 -35.73 10.85 2.97
C PHE D 160 -34.62 11.80 2.53
N TYR D 161 -33.98 11.51 1.40
CA TYR D 161 -32.86 12.34 0.95
C TYR D 161 -33.35 13.72 0.52
N THR D 162 -34.58 13.81 0.02
CA THR D 162 -35.18 15.11 -0.28
C THR D 162 -35.31 15.94 0.99
N LEU D 163 -35.79 15.33 2.08
CA LEU D 163 -35.88 16.07 3.34
C LEU D 163 -34.49 16.44 3.85
N VAL D 164 -33.51 15.55 3.68
CA VAL D 164 -32.14 15.85 4.09
C VAL D 164 -31.63 17.09 3.36
N ARG D 165 -31.87 17.16 2.04
CA ARG D 165 -31.46 18.35 1.29
C ARG D 165 -32.24 19.58 1.71
N GLU D 166 -33.52 19.42 2.06
CA GLU D 166 -34.30 20.54 2.55
C GLU D 166 -33.72 21.11 3.84
N ILE D 167 -33.24 20.23 4.72
CA ILE D 167 -32.55 20.68 5.93
C ILE D 167 -31.25 21.37 5.56
N ARG D 168 -30.49 20.75 4.65
CA ARG D 168 -29.19 21.27 4.26
C ARG D 168 -29.30 22.67 3.67
N GLN D 169 -30.39 22.94 2.93
CA GLN D 169 -30.60 24.19 2.24
C GLN D 169 -31.38 25.20 3.08
N HIS D 170 -31.29 25.13 4.40
CA HIS D 170 -32.05 26.03 5.26
C HIS D 170 -31.14 27.13 5.84
N LEU E 20 41.29 61.41 -0.06
CA LEU E 20 42.70 61.25 -0.40
C LEU E 20 43.20 62.41 -1.25
N GLU E 21 44.03 63.27 -0.66
CA GLU E 21 44.63 64.37 -1.41
C GLU E 21 45.68 63.89 -2.40
N LYS E 22 46.36 62.78 -2.09
CA LYS E 22 47.53 62.37 -2.85
C LYS E 22 47.16 61.71 -4.17
N CYS E 23 45.96 61.15 -4.28
CA CYS E 23 45.59 60.40 -5.48
C CYS E 23 45.39 61.34 -6.68
N ILE E 24 44.52 62.33 -6.53
CA ILE E 24 44.18 63.20 -7.66
C ILE E 24 45.37 64.04 -8.12
N GLN E 25 46.41 64.18 -7.28
CA GLN E 25 47.54 65.05 -7.58
C GLN E 25 48.30 64.63 -8.83
N SER E 26 47.93 63.51 -9.43
CA SER E 26 48.54 63.05 -10.68
C SER E 26 47.86 63.74 -11.88
N PHE E 27 47.82 65.06 -11.81
CA PHE E 27 47.26 65.88 -12.89
C PHE E 27 48.35 66.71 -13.57
N GLU E 36 52.76 56.24 -14.90
CA GLU E 36 52.70 57.14 -16.05
C GLU E 36 51.23 57.47 -16.34
N ASP E 37 50.78 57.16 -17.56
CA ASP E 37 49.40 57.41 -17.93
C ASP E 37 48.46 56.43 -17.26
N HIS E 38 48.88 55.17 -17.14
CA HIS E 38 48.04 54.13 -16.56
C HIS E 38 47.42 54.55 -15.23
N MET E 39 48.21 55.18 -14.35
CA MET E 39 47.69 55.65 -13.08
C MET E 39 46.70 56.79 -13.21
N LEU E 40 46.54 57.37 -14.41
CA LEU E 40 45.52 58.36 -14.69
C LEU E 40 44.30 57.75 -15.37
N ASN E 41 44.52 56.96 -16.42
CA ASN E 41 43.41 56.28 -17.09
C ASN E 41 42.66 55.39 -16.12
N MET E 42 43.38 54.76 -15.19
CA MET E 42 42.75 53.86 -14.22
C MET E 42 41.81 54.61 -13.29
N VAL E 43 42.30 55.69 -12.67
CA VAL E 43 41.45 56.47 -11.77
C VAL E 43 40.25 57.02 -12.53
N LEU E 44 40.47 57.53 -13.75
CA LEU E 44 39.36 58.13 -14.49
C LEU E 44 38.34 57.08 -14.93
N ALA E 45 38.77 55.85 -15.19
CA ALA E 45 37.84 54.82 -15.64
C ALA E 45 37.11 54.14 -14.49
N MET E 46 37.76 53.96 -13.35
CA MET E 46 37.27 53.09 -12.29
C MET E 46 36.79 53.82 -11.04
N HIS E 47 36.97 55.15 -10.96
CA HIS E 47 36.55 55.87 -9.78
C HIS E 47 35.06 55.71 -9.48
N SER E 48 34.23 55.64 -10.54
CA SER E 48 32.79 55.59 -10.37
C SER E 48 32.33 54.32 -9.67
N TRP E 49 33.15 53.26 -9.67
CA TRP E 49 32.81 52.02 -8.98
C TRP E 49 32.54 52.27 -7.51
N VAL E 50 33.47 52.91 -6.81
CA VAL E 50 33.42 53.06 -5.36
C VAL E 50 32.96 54.47 -5.01
N LEU E 51 33.74 55.48 -5.42
CA LEU E 51 33.40 56.86 -5.14
C LEU E 51 32.59 57.42 -6.30
N PRO E 52 31.30 57.69 -6.13
CA PRO E 52 30.51 58.24 -7.24
C PRO E 52 31.15 59.50 -7.81
N SER E 53 31.14 59.61 -9.14
CA SER E 53 31.89 60.65 -9.82
C SER E 53 31.38 62.04 -9.47
N ALA E 54 30.08 62.17 -9.18
CA ALA E 54 29.54 63.46 -8.76
C ALA E 54 30.29 63.99 -7.54
N ASP E 55 30.72 63.09 -6.65
CA ASP E 55 31.46 63.53 -5.46
C ASP E 55 32.85 64.03 -5.84
N LEU E 56 33.50 63.39 -6.82
CA LEU E 56 34.78 63.89 -7.29
C LEU E 56 34.65 65.27 -7.94
N ALA E 57 33.61 65.45 -8.76
CA ALA E 57 33.40 66.74 -9.39
C ALA E 57 33.08 67.81 -8.35
N ALA E 58 32.33 67.45 -7.31
CA ALA E 58 32.05 68.41 -6.23
C ALA E 58 33.32 68.73 -5.46
N ARG E 59 34.18 67.73 -5.22
CA ARG E 59 35.44 67.95 -4.55
C ARG E 59 36.32 68.91 -5.34
N LEU E 60 36.34 68.76 -6.66
CA LEU E 60 37.14 69.66 -7.49
C LEU E 60 36.55 71.06 -7.53
N LEU E 61 35.23 71.16 -7.71
CA LEU E 61 34.58 72.48 -7.73
C LEU E 61 34.84 73.23 -6.43
N THR E 62 34.71 72.57 -5.28
CA THR E 62 34.99 73.24 -4.02
C THR E 62 36.49 73.51 -3.87
N SER E 63 37.33 72.57 -4.30
CA SER E 63 38.78 72.65 -4.24
C SER E 63 39.38 73.57 -5.28
N TYR E 64 38.57 74.40 -5.95
CA TYR E 64 39.09 75.29 -6.99
C TYR E 64 39.50 76.64 -6.41
N GLN E 65 39.90 76.67 -5.14
CA GLN E 65 40.32 77.88 -4.46
C GLN E 65 41.84 78.03 -4.52
N GLN E 72 47.53 78.25 -5.68
CA GLN E 72 47.32 79.62 -6.10
C GLN E 72 46.38 79.67 -7.31
N GLU E 73 46.94 79.94 -8.49
CA GLU E 73 46.19 79.91 -9.73
C GLU E 73 46.95 79.24 -10.87
N LEU E 74 48.21 78.86 -10.65
CA LEU E 74 49.00 78.25 -11.72
C LEU E 74 48.64 76.79 -11.97
N ARG E 75 47.98 76.13 -11.01
CA ARG E 75 47.45 74.79 -11.22
C ARG E 75 46.29 74.78 -12.22
N ARG E 76 45.70 75.94 -12.49
CA ARG E 76 44.48 76.05 -13.28
C ARG E 76 44.61 75.46 -14.69
N LEU E 77 45.74 75.66 -15.37
CA LEU E 77 45.80 75.18 -16.75
C LEU E 77 45.79 73.66 -16.83
N GLN E 78 46.63 73.00 -16.03
CA GLN E 78 46.63 71.55 -16.00
C GLN E 78 45.30 70.99 -15.47
N ILE E 79 44.69 71.67 -14.49
CA ILE E 79 43.41 71.21 -13.97
C ILE E 79 42.33 71.27 -15.05
N CYS E 80 42.23 72.40 -15.75
CA CYS E 80 41.23 72.54 -16.80
C CYS E 80 41.46 71.52 -17.91
N HIS E 81 42.72 71.31 -18.30
CA HIS E 81 42.98 70.31 -19.33
C HIS E 81 42.67 68.89 -18.85
N LEU E 82 42.87 68.59 -17.57
CA LEU E 82 42.50 67.26 -17.09
C LEU E 82 40.98 67.06 -17.11
N VAL E 83 40.23 68.10 -16.70
CA VAL E 83 38.77 68.02 -16.78
C VAL E 83 38.35 67.79 -18.23
N ARG E 84 38.88 68.59 -19.16
CA ARG E 84 38.59 68.41 -20.57
C ARG E 84 39.00 67.02 -21.04
N TYR E 85 40.14 66.52 -20.56
CA TYR E 85 40.65 65.21 -20.94
C TYR E 85 39.65 64.13 -20.61
N TRP E 86 39.21 64.06 -19.35
CA TRP E 86 38.36 62.94 -18.98
C TRP E 86 36.93 63.12 -19.50
N LEU E 87 36.44 64.37 -19.66
CA LEU E 87 35.14 64.55 -20.30
C LEU E 87 35.17 64.15 -21.77
N MET E 88 36.27 64.41 -22.48
CA MET E 88 36.36 64.00 -23.88
C MET E 88 36.74 62.53 -24.01
N ARG E 89 37.31 61.95 -22.97
CA ARG E 89 37.71 60.55 -22.97
C ARG E 89 36.51 59.62 -22.80
N HIS E 90 35.59 59.99 -21.91
CA HIS E 90 34.35 59.23 -21.71
C HIS E 90 33.24 60.21 -21.33
N PRO E 91 32.72 60.96 -22.30
CA PRO E 91 31.55 61.81 -22.03
C PRO E 91 30.31 61.01 -21.65
N GLU E 92 30.38 59.68 -21.82
CA GLU E 92 29.36 58.72 -21.44
C GLU E 92 28.85 58.99 -20.03
N VAL E 93 29.70 59.58 -19.20
CA VAL E 93 29.40 59.80 -17.79
C VAL E 93 28.20 60.73 -17.61
N MET E 94 28.02 61.70 -18.51
CA MET E 94 26.97 62.70 -18.34
C MET E 94 25.63 62.28 -18.93
N HIS E 95 25.48 61.02 -19.34
CA HIS E 95 24.24 60.60 -19.98
C HIS E 95 23.20 60.09 -18.99
N GLN E 96 23.57 59.85 -17.73
CA GLN E 96 22.59 59.41 -16.74
C GLN E 96 22.74 60.07 -15.37
N ASP E 97 23.73 60.94 -15.16
CA ASP E 97 24.00 61.50 -13.84
C ASP E 97 23.77 63.01 -13.86
N PRO E 98 22.63 63.50 -13.36
CA PRO E 98 22.39 64.95 -13.38
C PRO E 98 23.21 65.74 -12.36
N GLN E 99 23.57 65.13 -11.22
CA GLN E 99 24.38 65.86 -10.24
C GLN E 99 25.73 66.23 -10.83
N LEU E 100 26.38 65.27 -11.49
CA LEU E 100 27.64 65.55 -12.16
C LEU E 100 27.46 66.62 -13.23
N GLU E 101 26.36 66.56 -13.97
CA GLU E 101 26.09 67.58 -14.97
C GLU E 101 26.04 68.97 -14.37
N GLU E 102 25.28 69.13 -13.27
CA GLU E 102 25.19 70.45 -12.64
C GLU E 102 26.54 70.91 -12.14
N VAL E 103 27.29 70.03 -11.45
CA VAL E 103 28.51 70.50 -10.82
C VAL E 103 29.56 70.84 -11.88
N ILE E 104 29.59 70.11 -13.01
CA ILE E 104 30.55 70.48 -14.04
C ILE E 104 30.08 71.76 -14.75
N GLY E 105 28.77 71.97 -14.85
CA GLY E 105 28.27 73.23 -15.38
C GLY E 105 28.67 74.42 -14.52
N ARG E 106 28.52 74.28 -13.19
CA ARG E 106 28.99 75.31 -12.28
C ARG E 106 30.49 75.49 -12.37
N PHE E 107 31.23 74.41 -12.60
CA PHE E 107 32.67 74.50 -12.77
C PHE E 107 33.02 75.36 -13.98
N TRP E 108 32.40 75.07 -15.12
CA TRP E 108 32.65 75.85 -16.33
C TRP E 108 32.20 77.29 -16.17
N ALA E 109 31.07 77.52 -15.48
CA ALA E 109 30.62 78.89 -15.24
C ALA E 109 31.59 79.67 -14.37
N THR E 110 32.12 79.03 -13.33
CA THR E 110 33.10 79.68 -12.47
C THR E 110 34.37 80.02 -13.26
N VAL E 111 34.83 79.09 -14.10
CA VAL E 111 36.00 79.37 -14.93
C VAL E 111 35.69 80.50 -15.91
N ALA E 112 34.46 80.53 -16.43
CA ALA E 112 34.06 81.60 -17.35
C ALA E 112 33.99 82.94 -16.65
N ARG E 113 33.79 82.96 -15.34
CA ARG E 113 33.66 84.22 -14.62
C ARG E 113 34.98 84.71 -14.04
N GLU E 114 35.88 83.82 -13.65
CA GLU E 114 37.19 84.37 -13.28
C GLU E 114 37.95 84.94 -14.48
N GLY E 115 37.40 84.81 -15.69
CA GLY E 115 37.82 85.55 -16.86
C GLY E 115 39.32 85.71 -17.05
N ASN E 116 40.08 84.66 -16.77
CA ASN E 116 41.52 84.72 -16.81
C ASN E 116 42.01 84.02 -18.08
N SER E 117 43.34 83.90 -18.20
CA SER E 117 43.94 83.26 -19.36
C SER E 117 43.54 81.79 -19.43
N ALA E 118 43.55 81.26 -20.65
CA ALA E 118 43.16 79.87 -20.92
C ALA E 118 41.74 79.59 -20.44
N GLN E 119 40.82 80.50 -20.76
CA GLN E 119 39.41 80.32 -20.44
C GLN E 119 38.55 80.05 -21.66
N ARG E 120 39.08 80.25 -22.88
CA ARG E 120 38.35 79.87 -24.08
C ARG E 120 38.27 78.36 -24.24
N ARG E 121 39.14 77.62 -23.54
CA ARG E 121 39.01 76.17 -23.48
C ARG E 121 37.64 75.77 -22.93
N LEU E 122 37.01 76.63 -22.12
CA LEU E 122 35.67 76.34 -21.63
C LEU E 122 34.67 76.31 -22.78
N GLY E 123 34.63 77.37 -23.59
CA GLY E 123 33.75 77.39 -24.74
C GLY E 123 34.08 76.32 -25.75
N ASP E 124 35.35 75.93 -25.85
CA ASP E 124 35.71 74.85 -26.75
C ASP E 124 35.28 73.49 -26.23
N SER E 125 35.33 73.28 -24.92
CA SER E 125 35.03 71.99 -24.29
C SER E 125 33.58 71.84 -23.89
N SER E 126 32.77 72.87 -24.05
CA SER E 126 31.35 72.78 -23.76
C SER E 126 30.46 72.94 -24.98
N ASP E 127 30.77 73.89 -25.86
CA ASP E 127 29.93 74.16 -27.02
C ASP E 127 30.17 73.16 -28.14
N LEU E 153 9.55 25.12 -48.86
CA LEU E 153 10.34 25.91 -47.91
C LEU E 153 11.08 25.00 -46.93
N LEU E 154 12.34 25.34 -46.65
CA LEU E 154 13.14 24.59 -45.69
C LEU E 154 14.06 25.56 -44.96
N PHE E 155 14.80 25.04 -43.99
CA PHE E 155 15.87 25.76 -43.31
C PHE E 155 17.19 25.08 -43.59
N ASP E 156 18.28 25.83 -43.44
CA ASP E 156 19.65 25.34 -43.52
C ASP E 156 19.92 24.59 -44.82
N HIS E 157 19.82 25.33 -45.93
CA HIS E 157 20.50 24.92 -47.16
C HIS E 157 21.93 25.48 -47.18
N LEU E 158 22.68 25.24 -46.10
CA LEU E 158 23.92 25.96 -45.85
C LEU E 158 25.05 24.99 -45.52
N GLU E 159 26.20 25.56 -45.20
CA GLU E 159 27.43 24.82 -44.97
C GLU E 159 28.00 25.19 -43.60
N THR E 160 28.70 24.21 -43.01
CA THR E 160 29.21 24.35 -41.65
C THR E 160 30.03 25.61 -41.45
N GLY E 161 31.03 25.81 -42.32
CA GLY E 161 31.87 26.98 -42.20
C GLY E 161 31.09 28.27 -42.35
N GLU E 162 30.11 28.28 -43.25
CA GLU E 162 29.35 29.50 -43.49
C GLU E 162 28.46 29.84 -42.29
N LEU E 163 27.76 28.84 -41.74
CA LEU E 163 26.99 29.06 -40.53
C LEU E 163 27.87 29.57 -39.41
N ALA E 164 29.05 28.95 -39.23
CA ALA E 164 29.95 29.39 -38.17
C ALA E 164 30.40 30.84 -38.38
N GLN E 165 30.70 31.20 -39.62
CA GLN E 165 31.19 32.55 -39.90
C GLN E 165 30.11 33.59 -39.70
N HIS E 166 28.88 33.29 -40.13
CA HIS E 166 27.79 34.24 -39.94
C HIS E 166 27.44 34.39 -38.46
N LEU E 167 27.40 33.28 -37.73
CA LEU E 167 27.22 33.35 -36.28
C LEU E 167 28.32 34.18 -35.61
N THR E 168 29.56 33.99 -36.06
CA THR E 168 30.67 34.77 -35.51
C THR E 168 30.48 36.24 -35.82
N TYR E 169 29.93 36.57 -36.99
CA TYR E 169 29.72 37.96 -37.36
C TYR E 169 28.65 38.60 -36.48
N LEU E 170 27.54 37.88 -36.26
CA LEU E 170 26.51 38.36 -35.33
C LEU E 170 27.06 38.53 -33.92
N GLU E 171 27.74 37.50 -33.40
CA GLU E 171 28.28 37.56 -32.05
C GLU E 171 29.25 38.70 -31.89
N PHE E 172 30.06 38.97 -32.93
CA PHE E 172 31.04 40.04 -32.83
C PHE E 172 30.36 41.39 -32.88
N ARG E 173 29.31 41.52 -33.70
CA ARG E 173 28.59 42.79 -33.79
C ARG E 173 27.88 43.11 -32.47
N SER E 174 27.24 42.11 -31.86
CA SER E 174 26.57 42.33 -30.57
C SER E 174 27.57 42.55 -29.45
N PHE E 175 28.68 41.79 -29.45
CA PHE E 175 29.72 41.95 -28.44
C PHE E 175 30.34 43.34 -28.48
N GLN E 176 30.59 43.85 -29.70
CA GLN E 176 31.27 45.13 -29.85
C GLN E 176 30.47 46.29 -29.27
N ALA E 177 29.16 46.14 -29.13
CA ALA E 177 28.31 47.20 -28.60
C ALA E 177 28.30 47.25 -27.08
N ILE E 178 29.08 46.40 -26.40
CA ILE E 178 29.00 46.27 -24.94
C ILE E 178 29.79 47.40 -24.31
N THR E 179 29.09 48.38 -23.75
CA THR E 179 29.75 49.48 -23.06
C THR E 179 30.33 49.00 -21.74
N PRO E 180 31.53 49.47 -21.37
CA PRO E 180 32.05 49.15 -20.03
C PRO E 180 31.12 49.63 -18.92
N GLN E 181 30.35 50.70 -19.15
CA GLN E 181 29.28 51.05 -18.23
C GLN E 181 28.35 49.87 -17.99
N ASP E 182 28.08 49.08 -19.03
CA ASP E 182 27.18 47.95 -18.89
C ASP E 182 27.76 46.88 -17.98
N LEU E 183 29.05 46.60 -18.09
CA LEU E 183 29.68 45.62 -17.20
C LEU E 183 29.74 46.13 -15.77
N ARG E 184 30.12 47.40 -15.60
CA ARG E 184 30.06 48.03 -14.28
C ARG E 184 28.67 47.88 -13.66
N SER E 185 27.63 48.15 -14.45
CA SER E 185 26.26 48.04 -13.95
C SER E 185 25.90 46.61 -13.63
N TYR E 186 26.36 45.65 -14.44
CA TYR E 186 26.10 44.24 -14.14
C TYR E 186 26.69 43.86 -12.80
N VAL E 187 27.97 44.18 -12.59
CA VAL E 187 28.63 43.75 -11.35
C VAL E 187 28.01 44.45 -10.14
N LEU E 188 27.73 45.75 -10.25
CA LEU E 188 27.19 46.47 -9.10
C LEU E 188 25.75 46.05 -8.81
N GLN E 189 24.95 45.82 -9.85
CA GLN E 189 23.53 45.53 -9.69
C GLN E 189 23.21 44.04 -9.64
N GLY E 190 24.11 43.19 -10.15
CA GLY E 190 23.91 41.76 -10.12
C GLY E 190 23.17 41.18 -11.30
N SER E 191 22.35 41.97 -11.99
CA SER E 191 21.63 41.50 -13.16
C SER E 191 21.61 42.62 -14.19
N VAL E 192 21.09 42.30 -15.38
CA VAL E 192 21.18 43.24 -16.49
C VAL E 192 20.06 44.26 -16.42
N ARG E 193 18.80 43.84 -16.63
CA ARG E 193 17.58 44.59 -16.36
C ARG E 193 17.74 46.08 -16.59
N GLY E 194 18.06 46.48 -17.82
CA GLY E 194 18.28 47.88 -18.12
C GLY E 194 19.69 48.11 -18.60
N CYS E 195 20.31 47.06 -19.12
CA CYS E 195 21.68 47.11 -19.63
C CYS E 195 21.67 46.40 -20.98
N PRO E 196 21.22 47.09 -22.04
CA PRO E 196 20.72 46.39 -23.23
C PRO E 196 21.76 45.62 -24.03
N ALA E 197 23.00 46.12 -24.11
CA ALA E 197 23.99 45.47 -24.97
C ALA E 197 24.28 44.04 -24.51
N LEU E 198 24.60 43.86 -23.22
CA LEU E 198 24.84 42.52 -22.73
C LEU E 198 23.55 41.71 -22.62
N GLU E 199 22.41 42.37 -22.42
CA GLU E 199 21.14 41.65 -22.54
C GLU E 199 21.03 41.01 -23.90
N GLY E 200 21.40 41.74 -24.95
CA GLY E 200 21.36 41.21 -26.29
C GLY E 200 22.42 40.16 -26.54
N SER E 201 23.57 40.28 -25.89
CA SER E 201 24.60 39.27 -26.02
C SER E 201 24.16 37.95 -25.40
N VAL E 202 23.64 38.00 -24.18
CA VAL E 202 23.20 36.79 -23.49
C VAL E 202 21.98 36.21 -24.19
N GLY E 203 21.07 37.05 -24.66
CA GLY E 203 19.94 36.57 -25.44
C GLY E 203 20.33 35.99 -26.77
N LEU E 204 21.39 36.52 -27.39
CA LEU E 204 21.92 35.95 -28.61
C LEU E 204 22.44 34.54 -28.36
N SER E 205 23.26 34.38 -27.32
CA SER E 205 23.79 33.05 -27.01
C SER E 205 22.67 32.08 -26.68
N ASN E 206 21.69 32.52 -25.86
CA ASN E 206 20.56 31.66 -25.53
C ASN E 206 19.74 31.32 -26.76
N SER E 207 19.59 32.27 -27.69
CA SER E 207 18.83 31.99 -28.91
C SER E 207 19.58 31.02 -29.81
N VAL E 208 20.91 31.06 -29.79
CA VAL E 208 21.69 30.05 -30.51
C VAL E 208 21.45 28.67 -29.91
N SER E 209 21.52 28.57 -28.58
CA SER E 209 21.30 27.28 -27.93
C SER E 209 19.88 26.76 -28.20
N ARG E 210 18.88 27.63 -28.06
CA ARG E 210 17.49 27.26 -28.36
C ARG E 210 17.33 26.83 -29.82
N TRP E 211 17.99 27.54 -30.72
CA TRP E 211 17.91 27.21 -32.14
C TRP E 211 18.50 25.83 -32.40
N VAL E 212 19.62 25.51 -31.75
CA VAL E 212 20.20 24.17 -31.87
C VAL E 212 19.23 23.12 -31.33
N GLN E 213 18.68 23.37 -30.14
CA GLN E 213 17.79 22.40 -29.51
C GLN E 213 16.57 22.12 -30.39
N VAL E 214 15.86 23.18 -30.77
CA VAL E 214 14.65 23.01 -31.57
C VAL E 214 14.99 22.48 -32.96
N MET E 215 16.21 22.74 -33.45
CA MET E 215 16.58 22.25 -34.77
C MET E 215 16.85 20.76 -34.75
N VAL E 216 17.42 20.25 -33.65
CA VAL E 216 17.59 18.81 -33.51
C VAL E 216 16.26 18.14 -33.27
N LEU E 217 15.42 18.74 -32.42
CA LEU E 217 14.13 18.13 -32.07
C LEU E 217 13.09 18.28 -33.18
N SER E 218 13.27 19.22 -34.11
CA SER E 218 12.26 19.40 -35.17
C SER E 218 12.28 18.25 -36.16
N ARG E 219 13.42 17.58 -36.32
CA ARG E 219 13.58 16.59 -37.36
C ARG E 219 13.17 15.23 -36.84
N PRO E 220 12.14 14.59 -37.40
CA PRO E 220 11.73 13.26 -36.93
C PRO E 220 12.76 12.20 -37.28
N GLY E 221 12.60 11.03 -36.66
CA GLY E 221 13.54 9.95 -36.84
C GLY E 221 14.82 10.16 -36.06
N PRO E 222 15.39 9.08 -35.53
CA PRO E 222 16.61 9.22 -34.73
C PRO E 222 17.86 9.36 -35.58
N LEU E 223 17.86 8.74 -36.76
CA LEU E 223 19.01 8.84 -37.66
C LEU E 223 19.13 10.25 -38.25
N GLN E 224 18.00 10.84 -38.63
CA GLN E 224 18.01 12.23 -39.07
C GLN E 224 18.55 13.13 -37.96
N ARG E 225 18.11 12.90 -36.72
CA ARG E 225 18.65 13.62 -35.58
C ARG E 225 20.16 13.42 -35.45
N ALA E 226 20.64 12.21 -35.73
CA ALA E 226 22.07 11.97 -35.67
C ALA E 226 22.81 12.76 -36.74
N GLN E 227 22.20 12.89 -37.92
CA GLN E 227 22.78 13.72 -38.98
C GLN E 227 22.86 15.18 -38.55
N VAL E 228 21.78 15.69 -37.95
CA VAL E 228 21.78 17.05 -37.41
C VAL E 228 22.87 17.21 -36.36
N LEU E 229 23.08 16.17 -35.54
CA LEU E 229 24.12 16.22 -34.51
C LEU E 229 25.50 16.26 -35.13
N ASP E 230 25.74 15.45 -36.17
CA ASP E 230 26.98 15.53 -36.92
C ASP E 230 27.23 16.94 -37.43
N LYS E 231 26.22 17.54 -38.05
CA LYS E 231 26.40 18.86 -38.63
C LYS E 231 26.72 19.89 -37.55
N PHE E 232 26.03 19.84 -36.41
CA PHE E 232 26.30 20.81 -35.35
C PHE E 232 27.66 20.57 -34.70
N ILE E 233 28.12 19.32 -34.60
CA ILE E 233 29.46 19.06 -34.10
C ILE E 233 30.50 19.67 -35.05
N HIS E 234 30.28 19.52 -36.36
CA HIS E 234 31.18 20.14 -37.32
C HIS E 234 31.16 21.66 -37.19
N VAL E 235 29.98 22.24 -36.98
CA VAL E 235 29.87 23.67 -36.75
C VAL E 235 30.70 24.07 -35.53
N ALA E 236 30.61 23.29 -34.46
CA ALA E 236 31.39 23.59 -33.25
C ALA E 236 32.88 23.49 -33.50
N GLN E 237 33.32 22.50 -34.28
CA GLN E 237 34.73 22.37 -34.62
C GLN E 237 35.22 23.59 -35.41
N ARG E 238 34.44 24.01 -36.41
CA ARG E 238 34.82 25.19 -37.18
C ARG E 238 34.83 26.44 -36.30
N LEU E 239 33.92 26.51 -35.34
CA LEU E 239 33.93 27.64 -34.41
C LEU E 239 35.17 27.61 -33.53
N HIS E 240 35.65 26.42 -33.17
CA HIS E 240 36.91 26.31 -32.45
C HIS E 240 38.08 26.75 -33.32
N GLN E 241 38.05 26.39 -34.62
CA GLN E 241 39.10 26.84 -35.53
C GLN E 241 39.10 28.36 -35.68
N LEU E 242 37.91 28.96 -35.75
CA LEU E 242 37.76 30.41 -35.87
C LEU E 242 38.03 31.12 -34.55
N GLN E 243 38.17 30.38 -33.45
CA GLN E 243 38.41 30.94 -32.12
C GLN E 243 37.29 31.88 -31.68
N ASN E 244 36.05 31.45 -31.94
CA ASN E 244 34.84 32.07 -31.39
C ASN E 244 34.34 31.14 -30.29
N PHE E 245 34.70 31.45 -29.05
CA PHE E 245 34.43 30.53 -27.94
C PHE E 245 33.06 30.75 -27.31
N ASN E 246 32.49 31.95 -27.41
CA ASN E 246 31.16 32.22 -26.87
C ASN E 246 30.09 31.42 -27.62
N THR E 247 30.02 31.61 -28.94
CA THR E 247 29.07 30.82 -29.74
C THR E 247 29.40 29.34 -29.67
N LEU E 248 30.68 29.00 -29.53
CA LEU E 248 31.05 27.61 -29.33
C LEU E 248 30.41 27.05 -28.06
N MET E 249 30.43 27.82 -26.98
CA MET E 249 29.75 27.41 -25.75
C MET E 249 28.26 27.24 -25.99
N ALA E 250 27.65 28.20 -26.69
CA ALA E 250 26.21 28.12 -26.91
C ALA E 250 25.85 26.86 -27.68
N VAL E 251 26.59 26.56 -28.75
CA VAL E 251 26.29 25.41 -29.59
C VAL E 251 26.55 24.11 -28.85
N THR E 252 27.69 24.00 -28.16
CA THR E 252 28.00 22.78 -27.44
C THR E 252 27.00 22.52 -26.31
N GLY E 253 26.68 23.56 -25.53
CA GLY E 253 25.72 23.38 -24.46
C GLY E 253 24.34 23.04 -24.96
N GLY E 254 23.93 23.60 -26.10
CA GLY E 254 22.70 23.15 -26.72
C GLY E 254 22.78 21.70 -27.15
N LEU E 255 23.97 21.25 -27.55
CA LEU E 255 24.16 19.84 -27.88
C LEU E 255 24.19 19.00 -26.61
N CYS E 256 24.94 19.46 -25.60
CA CYS E 256 25.04 18.75 -24.33
C CYS E 256 23.88 19.06 -23.41
N HIS E 257 22.89 19.80 -23.88
CA HIS E 257 21.71 20.10 -23.08
C HIS E 257 21.02 18.81 -22.67
N SER E 258 20.45 18.81 -21.46
CA SER E 258 19.87 17.57 -20.95
C SER E 258 18.66 17.13 -21.78
N ALA E 259 17.91 18.09 -22.32
CA ALA E 259 16.78 17.73 -23.17
C ALA E 259 17.23 17.11 -24.48
N ILE E 260 18.47 17.34 -24.89
CA ILE E 260 19.01 16.74 -26.11
C ILE E 260 19.89 15.53 -25.80
N SER E 261 20.64 15.61 -24.69
CA SER E 261 21.55 14.53 -24.33
C SER E 261 20.80 13.24 -23.97
N ARG E 262 19.52 13.34 -23.66
CA ARG E 262 18.75 12.17 -23.25
C ARG E 262 18.31 11.30 -24.42
N LEU E 263 18.55 11.73 -25.66
CA LEU E 263 18.11 10.98 -26.83
C LEU E 263 19.21 9.99 -27.21
N LYS E 264 19.19 8.83 -26.55
CA LYS E 264 20.22 7.83 -26.78
C LYS E 264 20.07 7.18 -28.14
N ASP E 265 18.82 6.98 -28.59
CA ASP E 265 18.60 6.36 -29.90
C ASP E 265 19.27 7.18 -31.01
N SER E 266 19.18 8.50 -30.92
CA SER E 266 19.81 9.35 -31.94
C SER E 266 21.33 9.34 -31.79
N HIS E 267 21.83 9.41 -30.56
CA HIS E 267 23.27 9.38 -30.32
C HIS E 267 23.90 8.04 -30.65
N ALA E 268 23.10 6.98 -30.79
CA ALA E 268 23.66 5.68 -31.16
C ALA E 268 24.19 5.69 -32.59
N HIS E 269 23.48 6.35 -33.50
CA HIS E 269 23.88 6.44 -34.89
C HIS E 269 25.01 7.43 -35.12
N LEU E 270 25.30 8.27 -34.13
CA LEU E 270 26.31 9.30 -34.28
C LEU E 270 27.68 8.66 -34.52
N SER E 271 28.46 9.28 -35.41
CA SER E 271 29.76 8.71 -35.76
C SER E 271 30.65 8.63 -34.54
N PRO E 272 31.46 7.57 -34.40
CA PRO E 272 32.36 7.49 -33.25
C PRO E 272 33.35 8.65 -33.20
N ASP E 273 33.83 9.09 -34.36
CA ASP E 273 34.66 10.29 -34.43
C ASP E 273 33.89 11.51 -33.95
N SER E 274 32.60 11.58 -34.29
CA SER E 274 31.76 12.69 -33.86
C SER E 274 31.60 12.69 -32.34
N THR E 275 31.32 11.52 -31.77
CA THR E 275 31.20 11.42 -30.31
C THR E 275 32.51 11.76 -29.62
N LYS E 276 33.64 11.33 -30.18
CA LYS E 276 34.94 11.66 -29.59
C LYS E 276 35.20 13.16 -29.61
N ALA E 277 34.92 13.80 -30.75
CA ALA E 277 35.09 15.24 -30.83
C ALA E 277 34.16 15.97 -29.87
N LEU E 278 32.91 15.51 -29.78
CA LEU E 278 31.96 16.09 -28.84
C LEU E 278 32.44 15.96 -27.41
N LEU E 279 33.03 14.80 -27.07
CA LEU E 279 33.62 14.62 -25.75
C LEU E 279 34.75 15.60 -25.51
N GLU E 280 35.62 15.78 -26.50
CA GLU E 280 36.72 16.73 -26.34
C GLU E 280 36.20 18.15 -26.17
N LEU E 281 35.10 18.48 -26.85
CA LEU E 281 34.51 19.81 -26.72
C LEU E 281 33.88 20.01 -25.35
N THR E 282 33.11 19.01 -24.88
CA THR E 282 32.52 19.10 -23.55
C THR E 282 33.61 19.23 -22.48
N GLU E 283 34.69 18.46 -22.63
CA GLU E 283 35.85 18.60 -21.75
C GLU E 283 36.49 19.98 -21.86
N LEU E 284 36.42 20.61 -23.04
CA LEU E 284 37.05 21.91 -23.24
C LEU E 284 36.36 22.98 -22.40
N LEU E 285 35.03 23.00 -22.39
CA LEU E 285 34.27 24.01 -21.66
C LEU E 285 33.85 23.52 -20.29
N ALA E 286 34.63 22.62 -19.70
CA ALA E 286 34.27 22.02 -18.42
C ALA E 286 34.38 23.04 -17.30
N SER E 287 33.29 23.22 -16.56
CA SER E 287 33.35 24.02 -15.33
C SER E 287 34.27 23.38 -14.30
N HIS E 288 34.52 22.07 -14.44
CA HIS E 288 35.46 21.35 -13.59
C HIS E 288 36.76 22.12 -13.43
N ASN E 289 37.16 22.33 -12.18
CA ASN E 289 38.39 23.05 -11.83
C ASN E 289 38.39 24.47 -12.42
N ASN E 290 37.27 25.18 -12.23
CA ASN E 290 37.17 26.60 -12.58
C ASN E 290 37.49 26.85 -14.05
N TYR E 291 36.96 26.01 -14.93
CA TYR E 291 37.16 26.14 -16.38
C TYR E 291 38.65 26.23 -16.73
N ALA E 292 39.38 25.16 -16.41
CA ALA E 292 40.83 25.18 -16.60
C ALA E 292 41.21 25.07 -18.08
N ARG E 293 40.75 24.00 -18.74
CA ARG E 293 41.13 23.75 -20.13
C ARG E 293 40.75 24.91 -21.04
N TYR E 294 39.57 25.50 -20.81
CA TYR E 294 39.20 26.70 -21.55
C TYR E 294 40.23 27.81 -21.37
N ARG E 295 40.71 28.00 -20.13
CA ARG E 295 41.66 29.09 -19.89
C ARG E 295 43.01 28.80 -20.54
N ARG E 296 43.43 27.53 -20.54
CA ARG E 296 44.68 27.17 -21.21
C ARG E 296 44.57 27.42 -22.71
N THR E 297 43.45 27.00 -23.32
CA THR E 297 43.28 27.24 -24.74
C THR E 297 43.18 28.74 -25.04
N TRP E 298 42.55 29.50 -24.14
CA TRP E 298 42.45 30.94 -24.32
C TRP E 298 43.81 31.61 -24.21
N ALA E 299 44.72 31.03 -23.42
CA ALA E 299 46.07 31.57 -23.32
C ALA E 299 46.90 31.21 -24.56
N GLY E 300 47.02 29.92 -24.86
CA GLY E 300 47.84 29.47 -25.97
C GLY E 300 47.41 29.99 -27.33
N CYS E 301 46.17 30.46 -27.46
CA CYS E 301 45.70 31.05 -28.71
C CYS E 301 46.00 32.54 -28.76
N ALA E 302 45.97 33.09 -29.97
CA ALA E 302 46.23 34.50 -30.22
C ALA E 302 45.61 34.86 -31.57
N GLY E 303 45.92 36.06 -32.04
CA GLY E 303 45.34 36.54 -33.29
C GLY E 303 43.90 36.94 -33.10
N PHE E 304 43.02 36.53 -34.01
CA PHE E 304 41.59 36.75 -33.78
C PHE E 304 41.05 35.58 -32.96
N ARG E 305 41.30 35.65 -31.65
CA ARG E 305 40.58 34.85 -30.67
C ARG E 305 39.55 35.68 -29.95
N LEU E 306 39.33 36.91 -30.42
CA LEU E 306 38.55 37.95 -29.71
C LEU E 306 37.31 37.45 -28.97
N PRO E 307 36.41 36.65 -29.55
CA PRO E 307 35.24 36.21 -28.79
C PRO E 307 35.59 35.47 -27.51
N VAL E 308 35.30 36.11 -26.38
CA VAL E 308 35.46 35.57 -25.04
C VAL E 308 34.22 34.76 -24.66
N LEU E 309 34.29 34.07 -23.53
CA LEU E 309 33.09 33.61 -22.85
C LEU E 309 32.58 34.67 -21.88
N GLY E 310 31.38 34.44 -21.36
CA GLY E 310 30.86 35.22 -20.26
C GLY E 310 31.52 34.95 -18.93
N VAL E 311 32.53 34.08 -18.89
CA VAL E 311 33.27 33.80 -17.66
C VAL E 311 34.02 35.03 -17.20
N HIS E 312 34.30 35.97 -18.11
CA HIS E 312 34.91 37.24 -17.69
C HIS E 312 34.02 37.95 -16.67
N LEU E 313 32.70 37.94 -16.88
CA LEU E 313 31.77 38.42 -15.87
C LEU E 313 32.05 37.80 -14.50
N LYS E 314 32.10 36.46 -14.45
CA LYS E 314 32.45 35.74 -13.23
C LYS E 314 33.72 36.30 -12.60
N ASP E 315 34.82 36.33 -13.38
CA ASP E 315 36.10 36.81 -12.86
C ASP E 315 35.98 38.23 -12.30
N LEU E 316 35.30 39.12 -13.02
CA LEU E 316 35.05 40.47 -12.51
C LEU E 316 34.37 40.45 -11.16
N VAL E 317 33.25 39.73 -11.05
CA VAL E 317 32.53 39.64 -9.78
C VAL E 317 33.45 39.13 -8.67
N SER E 318 34.24 38.11 -9.00
CA SER E 318 35.20 37.56 -8.04
C SER E 318 36.16 38.63 -7.56
N LEU E 319 36.82 39.32 -8.49
CA LEU E 319 37.76 40.37 -8.14
C LEU E 319 37.09 41.54 -7.41
N HIS E 320 35.79 41.72 -7.61
CA HIS E 320 35.06 42.79 -6.91
C HIS E 320 34.80 42.44 -5.45
N GLU E 321 34.40 41.20 -5.18
CA GLU E 321 34.03 40.83 -3.82
C GLU E 321 35.16 40.19 -3.02
N ALA E 322 36.22 39.72 -3.67
CA ALA E 322 37.34 39.13 -2.96
C ALA E 322 38.03 40.16 -2.06
N GLN E 323 38.47 41.25 -2.63
CA GLN E 323 39.18 42.26 -1.88
C GLN E 323 38.24 43.39 -1.48
N PRO E 324 38.50 44.05 -0.35
CA PRO E 324 37.57 45.07 0.12
C PRO E 324 37.54 46.30 -0.79
N ASP E 325 36.38 46.93 -0.83
CA ASP E 325 36.25 48.18 -1.58
C ASP E 325 37.16 49.26 -0.99
N ARG E 326 37.06 49.48 0.31
CA ARG E 326 37.83 50.48 1.02
C ARG E 326 38.61 49.81 2.15
N LEU E 327 39.82 50.29 2.39
CA LEU E 327 40.61 49.80 3.49
C LEU E 327 40.11 50.43 4.80
N PRO E 328 40.36 49.79 5.94
CA PRO E 328 39.97 50.40 7.22
C PRO E 328 40.68 51.72 7.49
N ASP E 329 41.79 51.98 6.80
CA ASP E 329 42.53 53.24 6.95
C ASP E 329 41.68 54.45 6.60
N GLY E 330 40.59 54.26 5.85
CA GLY E 330 39.87 55.34 5.24
C GLY E 330 40.22 55.48 3.77
N ARG E 331 41.46 55.17 3.43
CA ARG E 331 41.89 55.11 2.03
C ARG E 331 41.33 53.88 1.35
N LEU E 332 41.15 53.99 0.04
CA LEU E 332 40.76 52.88 -0.81
C LEU E 332 42.00 52.33 -1.50
N HIS E 333 42.04 51.00 -1.67
CA HIS E 333 43.22 50.34 -2.21
C HIS E 333 43.01 50.11 -3.70
N LEU E 334 43.94 50.64 -4.51
CA LEU E 334 43.80 50.59 -5.96
C LEU E 334 44.07 49.21 -6.58
N PRO E 335 45.01 48.37 -6.08
CA PRO E 335 45.34 47.14 -6.83
C PRO E 335 44.13 46.31 -7.25
N LYS E 336 43.08 46.28 -6.43
CA LYS E 336 41.80 45.74 -6.87
C LYS E 336 41.35 46.42 -8.16
N LEU E 337 41.38 47.75 -8.15
CA LEU E 337 40.94 48.52 -9.31
C LEU E 337 41.89 48.37 -10.49
N ASN E 338 43.18 48.10 -10.25
CA ASN E 338 44.09 47.91 -11.38
C ASN E 338 43.84 46.58 -12.06
N ASN E 339 43.64 45.53 -11.25
CA ASN E 339 43.24 44.25 -11.81
C ASN E 339 41.95 44.38 -12.62
N LEU E 340 40.95 45.08 -12.05
CA LEU E 340 39.71 45.34 -12.78
C LEU E 340 39.96 46.08 -14.08
N TYR E 341 40.74 47.16 -14.04
CA TYR E 341 40.95 47.98 -15.23
C TYR E 341 41.64 47.18 -16.33
N LEU E 342 42.64 46.38 -15.98
CA LEU E 342 43.30 45.57 -16.99
C LEU E 342 42.36 44.50 -17.53
N ARG E 343 41.50 43.94 -16.65
CA ARG E 343 40.56 42.93 -17.08
C ARG E 343 39.52 43.50 -18.04
N LEU E 344 39.14 44.76 -17.86
CA LEU E 344 38.21 45.40 -18.79
C LEU E 344 38.91 45.83 -20.08
N GLN E 345 40.10 46.41 -19.98
CA GLN E 345 40.83 46.79 -21.18
C GLN E 345 41.11 45.58 -22.05
N GLU E 346 41.23 44.39 -21.44
CA GLU E 346 41.29 43.16 -22.23
C GLU E 346 40.08 43.03 -23.15
N LEU E 347 38.87 43.17 -22.58
CA LEU E 347 37.67 43.03 -23.38
C LEU E 347 37.55 44.14 -24.42
N VAL E 348 37.96 45.36 -24.07
CA VAL E 348 37.92 46.47 -25.02
C VAL E 348 38.85 46.20 -26.19
N ALA E 349 40.08 45.77 -25.90
CA ALA E 349 41.02 45.41 -26.95
C ALA E 349 40.47 44.29 -27.83
N LEU E 350 39.73 43.36 -27.23
CA LEU E 350 39.09 42.32 -28.04
C LEU E 350 37.98 42.89 -28.91
N GLN E 351 37.25 43.88 -28.39
CA GLN E 351 36.28 44.61 -29.20
C GLN E 351 36.95 45.33 -30.36
N GLY E 352 38.23 45.65 -30.22
CA GLY E 352 38.90 46.45 -31.22
C GLY E 352 39.15 45.75 -32.55
N GLN E 353 39.32 44.43 -32.53
CA GLN E 353 39.68 43.72 -33.76
C GLN E 353 38.54 43.75 -34.77
N HIS E 354 38.79 43.14 -35.92
CA HIS E 354 37.83 42.95 -36.99
C HIS E 354 37.84 41.49 -37.41
N PRO E 355 36.69 40.93 -37.77
CA PRO E 355 36.63 39.49 -38.11
C PRO E 355 37.51 39.18 -39.31
N PRO E 356 37.97 37.93 -39.42
CA PRO E 356 38.80 37.56 -40.58
C PRO E 356 38.02 37.47 -41.87
N CYS E 357 36.85 36.82 -41.82
CA CYS E 357 36.09 36.47 -43.01
C CYS E 357 34.92 37.43 -43.22
N SER E 358 34.23 37.25 -44.34
CA SER E 358 33.09 38.06 -44.73
C SER E 358 31.79 37.31 -44.49
N ALA E 359 30.69 38.04 -44.65
CA ALA E 359 29.37 37.49 -44.34
C ALA E 359 28.31 38.27 -45.12
N ASN E 360 27.30 37.56 -45.62
CA ASN E 360 26.29 38.15 -46.50
C ASN E 360 25.21 38.81 -45.64
N GLU E 361 25.12 40.14 -45.73
CA GLU E 361 24.22 40.91 -44.86
C GLU E 361 22.78 40.40 -44.95
N ASP E 362 22.33 40.06 -46.16
CA ASP E 362 20.97 39.54 -46.32
C ASP E 362 20.83 38.21 -45.61
N LEU E 363 21.81 37.33 -45.78
CA LEU E 363 21.81 36.03 -45.11
C LEU E 363 21.92 36.19 -43.60
N LEU E 364 22.68 37.19 -43.14
CA LEU E 364 22.69 37.51 -41.71
C LEU E 364 21.32 37.90 -41.20
N HIS E 365 20.60 38.73 -41.96
CA HIS E 365 19.25 39.10 -41.54
C HIS E 365 18.36 37.86 -41.49
N LEU E 366 18.49 36.98 -42.48
CA LEU E 366 17.72 35.74 -42.48
C LEU E 366 18.01 34.90 -41.24
N LEU E 367 19.29 34.77 -40.88
CA LEU E 367 19.63 33.98 -39.71
C LEU E 367 19.13 34.63 -38.43
N THR E 368 19.28 35.96 -38.32
CA THR E 368 18.75 36.67 -37.15
C THR E 368 17.26 36.42 -36.99
N LEU E 369 16.51 36.39 -38.10
CA LEU E 369 15.09 36.07 -38.02
C LEU E 369 14.87 34.60 -37.69
N SER E 370 15.81 33.74 -38.06
CA SER E 370 15.69 32.31 -37.71
C SER E 370 15.93 32.08 -36.22
N LEU E 371 16.80 32.87 -35.60
CA LEU E 371 17.12 32.70 -34.19
C LEU E 371 16.02 33.28 -33.29
N ASP E 372 15.40 34.38 -33.72
CA ASP E 372 14.38 35.01 -32.90
C ASP E 372 13.10 34.19 -32.91
N LEU E 373 13.19 32.97 -32.36
CA LEU E 373 12.07 32.08 -32.14
C LEU E 373 11.56 32.24 -30.72
N PHE E 374 10.45 31.58 -30.43
CA PHE E 374 9.72 31.79 -29.18
C PHE E 374 9.47 30.42 -28.55
N TYR E 375 10.31 30.04 -27.59
CA TYR E 375 10.19 28.74 -26.94
C TYR E 375 10.66 28.86 -25.50
N THR E 376 10.65 27.74 -24.79
CA THR E 376 11.09 27.64 -23.40
C THR E 376 11.51 26.21 -23.16
N GLU E 377 12.39 26.01 -22.16
CA GLU E 377 12.82 24.66 -21.80
C GLU E 377 11.64 23.74 -21.49
N ASP E 378 10.50 24.31 -21.08
CA ASP E 378 9.34 23.48 -20.78
C ASP E 378 8.88 22.70 -22.02
N GLU E 379 8.61 23.43 -23.10
CA GLU E 379 8.17 22.78 -24.33
C GLU E 379 9.28 21.92 -24.92
N ILE E 380 10.54 22.32 -24.73
CA ILE E 380 11.67 21.56 -25.25
C ILE E 380 11.74 20.19 -24.57
N TYR E 381 11.66 20.16 -23.24
CA TYR E 381 11.62 18.88 -22.54
C TYR E 381 10.40 18.07 -22.92
N GLU E 382 9.23 18.72 -23.04
CA GLU E 382 8.04 17.99 -23.43
C GLU E 382 8.18 17.39 -24.81
N LEU E 383 8.86 18.09 -25.73
CA LEU E 383 9.05 17.57 -27.08
C LEU E 383 10.06 16.43 -27.08
N SER E 384 11.14 16.58 -26.33
CA SER E 384 12.10 15.48 -26.19
C SER E 384 11.41 14.24 -25.65
N TYR E 385 10.49 14.42 -24.71
CA TYR E 385 9.69 13.29 -24.22
C TYR E 385 8.77 12.77 -25.32
N ALA E 386 8.19 13.68 -26.11
CA ALA E 386 7.27 13.32 -27.17
C ALA E 386 7.94 12.52 -28.28
N ARG E 387 9.26 12.61 -28.40
CA ARG E 387 9.95 11.83 -29.43
C ARG E 387 10.55 10.53 -28.90
N GLU E 388 11.08 10.54 -27.68
CA GLU E 388 11.63 9.33 -27.09
C GLU E 388 11.36 9.28 -25.60
N MET F 5 41.98 11.10 -0.49
CA MET F 5 40.89 12.05 -0.38
C MET F 5 39.72 11.64 -1.29
N THR F 6 38.57 12.29 -1.07
CA THR F 6 37.46 12.24 -2.00
C THR F 6 37.08 13.67 -2.37
N GLU F 7 36.57 13.85 -3.58
CA GLU F 7 36.34 15.17 -4.14
C GLU F 7 34.84 15.45 -4.20
N TYR F 8 34.45 16.60 -3.67
CA TYR F 8 33.05 17.02 -3.61
C TYR F 8 32.86 18.20 -4.55
N LYS F 9 31.86 18.09 -5.43
CA LYS F 9 31.58 19.11 -6.43
C LYS F 9 30.40 19.94 -5.94
N LEU F 10 30.69 21.16 -5.52
CA LEU F 10 29.70 22.07 -4.96
C LEU F 10 29.46 23.22 -5.93
N VAL F 11 28.20 23.63 -6.04
CA VAL F 11 27.82 24.76 -6.90
C VAL F 11 27.01 25.72 -6.05
N VAL F 12 27.33 27.01 -6.15
CA VAL F 12 26.66 28.05 -5.38
C VAL F 12 25.68 28.75 -6.31
N VAL F 13 24.39 28.50 -6.14
CA VAL F 13 23.35 29.06 -6.99
C VAL F 13 22.59 30.11 -6.19
N GLY F 14 22.00 31.05 -6.91
CA GLY F 14 21.25 32.12 -6.28
C GLY F 14 21.23 33.34 -7.18
N ALA F 15 20.36 34.29 -6.82
CA ALA F 15 20.27 35.54 -7.53
C ALA F 15 21.55 36.36 -7.36
N GLY F 16 21.76 37.29 -8.28
CA GLY F 16 22.90 38.19 -8.16
C GLY F 16 22.69 39.23 -7.08
N GLY F 17 23.79 39.75 -6.58
CA GLY F 17 23.73 40.79 -5.57
C GLY F 17 23.44 40.29 -4.17
N VAL F 18 23.51 38.97 -3.95
CA VAL F 18 23.31 38.41 -2.62
C VAL F 18 24.61 38.16 -1.88
N GLY F 19 25.75 38.27 -2.55
CA GLY F 19 27.02 37.99 -1.92
C GLY F 19 27.49 36.57 -2.02
N LYS F 20 26.89 35.77 -2.91
CA LYS F 20 27.26 34.37 -3.03
C LYS F 20 28.71 34.21 -3.50
N SER F 21 29.16 35.11 -4.38
CA SER F 21 30.57 35.11 -4.76
C SER F 21 31.46 35.52 -3.59
N ALA F 22 31.06 36.57 -2.86
CA ALA F 22 31.83 36.96 -1.69
C ALA F 22 31.83 35.85 -0.65
N LEU F 23 30.71 35.13 -0.54
CA LEU F 23 30.62 34.01 0.39
C LEU F 23 31.58 32.89 -0.01
N THR F 24 31.50 32.45 -1.27
CA THR F 24 32.36 31.38 -1.76
C THR F 24 33.83 31.74 -1.59
N ILE F 25 34.19 33.00 -1.85
CA ILE F 25 35.57 33.44 -1.64
C ILE F 25 35.90 33.40 -0.15
N GLN F 26 34.96 33.86 0.68
CA GLN F 26 35.19 33.95 2.12
C GLN F 26 35.46 32.57 2.71
N LEU F 27 34.95 31.51 2.07
CA LEU F 27 35.28 30.17 2.53
C LEU F 27 36.78 29.90 2.47
N ILE F 28 37.51 30.58 1.60
CA ILE F 28 38.96 30.39 1.46
C ILE F 28 39.62 31.72 1.76
N GLN F 29 39.96 31.93 3.04
CA GLN F 29 40.71 33.11 3.51
C GLN F 29 40.27 34.44 2.91
N ASP F 34 46.25 38.93 1.28
CA ASP F 34 45.54 39.07 0.02
C ASP F 34 46.51 38.91 -1.15
N GLU F 35 47.26 37.82 -1.16
CA GLU F 35 48.34 37.62 -2.13
C GLU F 35 48.05 36.47 -3.08
N TYR F 36 46.78 36.14 -3.28
CA TYR F 36 46.33 35.23 -4.33
C TYR F 36 45.31 35.96 -5.20
N ASP F 37 44.80 35.26 -6.22
CA ASP F 37 43.80 35.86 -7.09
C ASP F 37 42.70 34.86 -7.38
N PRO F 38 41.44 35.32 -7.49
CA PRO F 38 40.34 34.37 -7.80
C PRO F 38 40.37 33.81 -9.21
N THR F 39 41.11 34.42 -10.14
CA THR F 39 41.11 33.95 -11.53
C THR F 39 41.69 32.55 -11.65
N ILE F 40 42.62 32.19 -10.76
CA ILE F 40 43.30 30.90 -10.83
C ILE F 40 42.28 29.77 -10.73
N GLU F 41 42.59 28.64 -11.36
CA GLU F 41 41.74 27.45 -11.24
C GLU F 41 41.84 26.82 -9.86
N ASP F 42 42.96 27.02 -9.16
CA ASP F 42 43.09 26.56 -7.78
C ASP F 42 42.55 27.59 -6.79
N SER F 43 41.99 28.70 -7.28
CA SER F 43 41.34 29.65 -6.38
C SER F 43 40.06 29.05 -5.79
N TYR F 44 39.23 28.43 -6.63
CA TYR F 44 38.03 27.74 -6.16
C TYR F 44 38.30 26.24 -6.02
N ARG F 45 39.12 25.92 -5.02
CA ARG F 45 39.33 24.55 -4.59
C ARG F 45 40.03 24.56 -3.24
N LYS F 46 39.51 23.82 -2.27
CA LYS F 46 40.06 23.82 -0.94
C LYS F 46 40.20 22.39 -0.44
N GLN F 47 41.42 21.99 -0.10
CA GLN F 47 41.68 20.67 0.48
C GLN F 47 41.58 20.79 1.99
N VAL F 48 40.53 20.22 2.57
CA VAL F 48 40.31 20.29 4.01
C VAL F 48 39.85 18.93 4.53
N VAL F 49 40.02 18.72 5.82
CA VAL F 49 39.62 17.49 6.48
C VAL F 49 38.28 17.75 7.15
N ILE F 50 37.28 16.92 6.83
CA ILE F 50 35.95 17.01 7.41
C ILE F 50 35.67 15.69 8.12
N ASP F 51 34.97 15.77 9.25
CA ASP F 51 34.59 14.61 10.06
C ASP F 51 35.68 13.52 10.09
N GLY F 52 36.94 13.93 10.31
CA GLY F 52 38.04 13.00 10.46
C GLY F 52 38.83 12.74 9.17
N GLU F 53 38.18 12.73 8.03
CA GLU F 53 38.79 12.30 6.77
C GLU F 53 38.97 13.48 5.82
N THR F 54 40.07 13.47 5.08
CA THR F 54 40.36 14.57 4.16
C THR F 54 39.50 14.49 2.91
N CYS F 55 39.26 15.67 2.31
CA CYS F 55 38.44 15.80 1.12
C CYS F 55 38.88 17.07 0.38
N LEU F 56 38.52 17.11 -0.90
CA LEU F 56 38.86 18.22 -1.77
C LEU F 56 37.55 18.85 -2.25
N LEU F 57 37.37 20.14 -1.95
CA LEU F 57 36.16 20.85 -2.29
C LEU F 57 36.40 21.59 -3.60
N ASP F 58 35.69 21.17 -4.65
CA ASP F 58 35.70 21.82 -5.96
C ASP F 58 34.41 22.64 -6.07
N ILE F 59 34.53 23.93 -5.83
CA ILE F 59 33.37 24.82 -5.75
C ILE F 59 33.26 25.61 -7.05
N LEU F 60 32.03 25.85 -7.47
CA LEU F 60 31.76 26.64 -8.68
C LEU F 60 30.76 27.73 -8.34
N ASP F 61 31.19 28.97 -8.52
CA ASP F 61 30.31 30.13 -8.44
C ASP F 61 29.58 30.31 -9.76
N THR F 62 28.37 30.86 -9.68
CA THR F 62 27.50 31.06 -10.83
C THR F 62 27.28 32.55 -11.09
N ALA F 63 28.35 33.35 -10.99
CA ALA F 63 28.26 34.79 -11.06
C ALA F 63 27.66 35.26 -12.39
N GLY F 64 28.37 35.05 -13.48
CA GLY F 64 27.90 35.46 -14.79
C GLY F 64 27.29 34.30 -15.53
N GLN F 65 27.42 33.11 -14.93
CA GLN F 65 26.99 31.86 -15.57
C GLN F 65 25.51 31.60 -15.38
N GLU F 66 24.81 32.42 -14.58
CA GLU F 66 23.38 32.24 -14.42
C GLU F 66 22.64 32.51 -15.71
N GLU F 67 23.13 33.47 -16.51
CA GLU F 67 22.37 33.95 -17.65
C GLU F 67 22.30 32.92 -18.76
N TYR F 68 23.31 32.06 -18.88
CA TYR F 68 23.43 31.17 -20.02
C TYR F 68 22.76 29.83 -19.70
N SER F 69 21.72 29.49 -20.47
CA SER F 69 20.99 28.24 -20.23
C SER F 69 21.88 27.02 -20.45
N ALA F 70 22.75 27.09 -21.46
CA ALA F 70 23.66 25.99 -21.73
C ALA F 70 24.60 25.77 -20.55
N MET F 71 25.21 26.85 -20.07
CA MET F 71 26.04 26.76 -18.87
C MET F 71 25.21 26.30 -17.67
N ARG F 72 23.95 26.75 -17.59
CA ARG F 72 23.08 26.35 -16.49
C ARG F 72 22.96 24.83 -16.43
N ASP F 73 22.55 24.21 -17.53
CA ASP F 73 22.47 22.75 -17.54
C ASP F 73 23.84 22.10 -17.34
N GLN F 74 24.92 22.72 -17.83
CA GLN F 74 26.23 22.12 -17.66
C GLN F 74 26.59 22.00 -16.17
N TYR F 75 26.50 23.11 -15.44
CA TYR F 75 26.87 23.06 -14.03
C TYR F 75 25.82 22.38 -13.17
N MET F 76 24.58 22.25 -13.65
CA MET F 76 23.62 21.44 -12.91
C MET F 76 23.88 19.95 -13.10
N ARG F 77 24.30 19.55 -14.31
CA ARG F 77 24.60 18.15 -14.56
C ARG F 77 25.88 17.72 -13.86
N THR F 78 26.90 18.58 -13.86
CA THR F 78 28.16 18.22 -13.23
C THR F 78 28.11 18.32 -11.71
N GLY F 79 27.26 19.20 -11.17
CA GLY F 79 27.31 19.48 -9.75
C GLY F 79 26.80 18.33 -8.89
N GLU F 80 27.45 18.14 -7.75
CA GLU F 80 27.04 17.15 -6.75
C GLU F 80 26.15 17.72 -5.66
N GLY F 81 26.49 18.91 -5.14
CA GLY F 81 25.67 19.57 -4.15
C GLY F 81 25.49 21.03 -4.53
N PHE F 82 24.39 21.60 -4.04
CA PHE F 82 24.01 22.95 -4.43
C PHE F 82 23.67 23.79 -3.21
N LEU F 83 24.13 25.03 -3.22
CA LEU F 83 23.82 26.01 -2.17
C LEU F 83 22.84 27.01 -2.78
N CYS F 84 21.57 26.90 -2.41
CA CYS F 84 20.54 27.82 -2.88
C CYS F 84 20.53 29.02 -1.95
N VAL F 85 21.15 30.11 -2.38
CA VAL F 85 21.35 31.27 -1.52
C VAL F 85 20.30 32.32 -1.87
N PHE F 86 19.90 33.08 -0.86
CA PHE F 86 19.05 34.24 -1.05
C PHE F 86 19.40 35.27 0.01
N ALA F 87 18.94 36.50 -0.21
CA ALA F 87 19.23 37.61 0.68
C ALA F 87 18.03 37.91 1.56
N ILE F 88 18.26 38.03 2.86
CA ILE F 88 17.18 38.25 3.83
C ILE F 88 16.56 39.63 3.64
N ASN F 89 17.28 40.57 3.05
CA ASN F 89 16.79 41.91 2.76
C ASN F 89 16.21 42.02 1.35
N ASN F 90 15.92 40.90 0.70
CA ASN F 90 15.37 40.88 -0.65
C ASN F 90 14.32 39.76 -0.72
N THR F 91 13.04 40.12 -0.71
CA THR F 91 11.98 39.11 -0.74
C THR F 91 12.01 38.31 -2.04
N LYS F 92 12.26 38.99 -3.17
CA LYS F 92 12.31 38.32 -4.46
C LYS F 92 13.45 37.31 -4.51
N SER F 93 14.58 37.63 -3.89
CA SER F 93 15.69 36.68 -3.83
C SER F 93 15.23 35.37 -3.20
N PHE F 94 14.36 35.45 -2.18
CA PHE F 94 13.79 34.25 -1.60
C PHE F 94 12.74 33.62 -2.48
N GLU F 95 12.01 34.43 -3.25
CA GLU F 95 10.95 33.87 -4.09
C GLU F 95 11.52 33.10 -5.29
N ASP F 96 12.73 33.44 -5.72
CA ASP F 96 13.36 32.73 -6.84
C ASP F 96 13.82 31.33 -6.47
N ILE F 97 13.97 31.03 -5.17
CA ILE F 97 14.50 29.74 -4.75
C ILE F 97 13.62 28.61 -5.28
N HIS F 98 12.32 28.86 -5.41
CA HIS F 98 11.42 27.84 -5.94
C HIS F 98 11.83 27.43 -7.34
N GLN F 99 12.02 28.40 -8.24
CA GLN F 99 12.37 28.06 -9.60
C GLN F 99 13.78 27.47 -9.68
N TYR F 100 14.70 27.94 -8.83
CA TYR F 100 16.02 27.30 -8.76
C TYR F 100 15.89 25.81 -8.47
N ARG F 101 15.17 25.46 -7.38
CA ARG F 101 15.03 24.07 -7.02
C ARG F 101 14.30 23.27 -8.09
N GLU F 102 13.26 23.86 -8.69
CA GLU F 102 12.53 23.14 -9.72
C GLU F 102 13.42 22.84 -10.92
N GLN F 103 14.27 23.80 -11.31
CA GLN F 103 15.21 23.57 -12.40
C GLN F 103 16.16 22.44 -12.08
N ILE F 104 16.72 22.46 -10.87
CA ILE F 104 17.67 21.41 -10.48
C ILE F 104 16.99 20.04 -10.44
N LYS F 105 15.78 19.99 -9.88
CA LYS F 105 15.04 18.72 -9.82
C LYS F 105 14.71 18.21 -11.22
N ARG F 106 14.36 19.11 -12.13
CA ARG F 106 14.01 18.70 -13.48
C ARG F 106 15.22 18.16 -14.23
N VAL F 107 16.39 18.77 -14.02
CA VAL F 107 17.58 18.27 -14.70
C VAL F 107 18.05 16.97 -14.05
N LYS F 108 17.80 16.78 -12.76
CA LYS F 108 18.20 15.58 -12.05
C LYS F 108 17.11 14.52 -11.96
N ASP F 109 15.85 14.90 -12.22
CA ASP F 109 14.72 13.96 -12.22
C ASP F 109 14.61 13.21 -10.89
N SER F 110 14.67 13.97 -9.79
CA SER F 110 14.56 13.37 -8.47
C SER F 110 14.03 14.40 -7.49
N ASP F 111 13.24 13.93 -6.53
CA ASP F 111 12.67 14.80 -5.50
C ASP F 111 13.64 15.03 -4.35
N ASP F 112 14.73 14.28 -4.30
CA ASP F 112 15.72 14.36 -3.24
C ASP F 112 17.05 14.76 -3.90
N VAL F 113 17.28 16.06 -3.99
CA VAL F 113 18.51 16.61 -4.54
C VAL F 113 19.34 17.13 -3.37
N PRO F 114 20.60 16.69 -3.23
CA PRO F 114 21.40 17.19 -2.10
C PRO F 114 21.63 18.69 -2.19
N MET F 115 20.99 19.44 -1.30
CA MET F 115 21.17 20.89 -1.25
C MET F 115 20.81 21.38 0.15
N VAL F 116 21.14 22.64 0.40
CA VAL F 116 20.86 23.28 1.68
C VAL F 116 20.56 24.75 1.42
N LEU F 117 19.47 25.25 2.00
CA LEU F 117 19.06 26.62 1.80
C LEU F 117 19.86 27.55 2.73
N VAL F 118 20.30 28.68 2.18
CA VAL F 118 21.18 29.60 2.87
C VAL F 118 20.58 31.00 2.77
N GLY F 119 20.45 31.66 3.92
CA GLY F 119 20.13 33.07 3.96
C GLY F 119 21.45 33.82 4.14
N ASN F 120 21.49 35.06 3.67
CA ASN F 120 22.76 35.77 3.64
C ASN F 120 22.56 37.23 4.05
N LYS F 121 23.69 37.85 4.40
CA LYS F 121 23.78 39.28 4.72
C LYS F 121 25.24 39.69 4.86
N ALA F 126 18.26 45.83 9.05
CA ALA F 126 17.02 45.08 9.25
C ALA F 126 16.67 44.31 7.98
N ARG F 127 15.92 43.22 8.14
CA ARG F 127 15.64 42.32 7.04
C ARG F 127 14.15 42.30 6.73
N THR F 128 13.80 41.55 5.68
CA THR F 128 12.43 41.49 5.17
C THR F 128 11.88 40.07 5.02
N VAL F 129 12.71 39.04 5.05
CA VAL F 129 12.27 37.64 5.05
C VAL F 129 12.60 37.04 6.41
N GLU F 130 11.69 36.22 6.93
CA GLU F 130 11.80 35.73 8.30
C GLU F 130 12.31 34.29 8.30
N SER F 131 13.03 33.93 9.37
CA SER F 131 13.61 32.58 9.45
C SER F 131 12.52 31.52 9.46
N ARG F 132 11.34 31.85 9.97
CA ARG F 132 10.24 30.89 9.95
C ARG F 132 9.86 30.57 8.52
N GLN F 133 9.89 31.59 7.64
CA GLN F 133 9.57 31.40 6.23
C GLN F 133 10.52 30.41 5.58
N ALA F 134 11.82 30.66 5.71
CA ALA F 134 12.82 29.81 5.08
C ALA F 134 12.82 28.41 5.66
N GLN F 135 12.67 28.27 6.99
CA GLN F 135 12.63 26.93 7.57
C GLN F 135 11.38 26.18 7.15
N ASP F 136 10.24 26.88 7.04
CA ASP F 136 9.03 26.22 6.56
C ASP F 136 9.20 25.75 5.13
N LEU F 137 9.91 26.52 4.30
CA LEU F 137 10.13 26.09 2.92
C LEU F 137 11.08 24.90 2.88
N ALA F 138 12.15 24.94 3.69
CA ALA F 138 13.08 23.82 3.77
C ALA F 138 12.36 22.55 4.22
N ARG F 139 11.46 22.67 5.20
CA ARG F 139 10.63 21.54 5.60
C ARG F 139 9.73 21.10 4.47
N SER F 140 9.23 22.05 3.67
CA SER F 140 8.38 21.71 2.54
C SER F 140 9.12 20.83 1.55
N TYR F 141 10.43 21.06 1.40
CA TYR F 141 11.21 20.21 0.51
C TYR F 141 12.00 19.13 1.26
N GLY F 142 12.67 19.48 2.36
CA GLY F 142 13.43 18.48 3.09
C GLY F 142 14.92 18.72 3.12
N ILE F 143 15.32 19.99 3.16
CA ILE F 143 16.74 20.36 3.10
C ILE F 143 17.07 21.14 4.36
N PRO F 144 18.34 21.17 4.75
CA PRO F 144 18.75 22.02 5.88
C PRO F 144 18.65 23.50 5.51
N TYR F 145 18.77 24.33 6.53
CA TYR F 145 18.70 25.78 6.36
C TYR F 145 19.64 26.47 7.34
N ILE F 146 20.43 27.41 6.83
CA ILE F 146 21.42 28.14 7.63
C ILE F 146 21.46 29.59 7.16
N GLU F 147 21.48 30.53 8.11
CA GLU F 147 21.75 31.91 7.76
C GLU F 147 23.22 32.23 7.99
N THR F 148 23.71 33.21 7.24
CA THR F 148 25.12 33.59 7.29
C THR F 148 25.23 35.09 7.05
N SER F 149 26.38 35.63 7.46
CA SER F 149 26.78 37.00 7.15
C SER F 149 28.25 36.96 6.75
N ALA F 150 28.52 37.17 5.47
CA ALA F 150 29.87 37.01 4.92
C ALA F 150 30.74 38.24 5.15
N LYS F 151 30.36 39.14 6.05
CA LYS F 151 31.18 40.30 6.38
C LYS F 151 31.97 40.08 7.67
N THR F 152 31.29 39.87 8.80
CA THR F 152 31.96 39.66 10.07
C THR F 152 31.65 38.29 10.67
N ARG F 153 30.37 37.95 10.83
CA ARG F 153 30.02 36.72 11.56
C ARG F 153 30.52 35.48 10.83
N GLN F 154 30.49 35.50 9.50
CA GLN F 154 31.09 34.47 8.65
C GLN F 154 30.61 33.06 9.02
N GLY F 155 29.28 32.90 9.04
CA GLY F 155 28.70 31.58 9.25
C GLY F 155 28.75 30.76 7.98
N VAL F 156 29.96 30.35 7.59
CA VAL F 156 30.24 29.84 6.26
C VAL F 156 30.65 28.37 6.29
N GLU F 157 31.63 28.04 7.14
CA GLU F 157 32.13 26.67 7.22
C GLU F 157 30.99 25.71 7.53
N ASP F 158 30.07 26.13 8.41
CA ASP F 158 28.92 25.29 8.74
C ASP F 158 28.07 25.01 7.50
N ALA F 159 27.84 26.04 6.67
CA ALA F 159 26.99 25.85 5.50
C ALA F 159 27.63 24.90 4.49
N PHE F 160 28.88 25.18 4.12
CA PHE F 160 29.56 24.31 3.15
C PHE F 160 29.69 22.89 3.66
N TYR F 161 30.16 22.71 4.90
CA TYR F 161 30.36 21.36 5.42
C TYR F 161 29.03 20.64 5.64
N THR F 162 27.97 21.37 5.96
CA THR F 162 26.64 20.78 6.03
C THR F 162 26.22 20.22 4.68
N LEU F 163 26.48 20.99 3.61
CA LEU F 163 26.17 20.49 2.28
C LEU F 163 27.02 19.28 1.93
N VAL F 164 28.30 19.29 2.34
CA VAL F 164 29.19 18.15 2.11
C VAL F 164 28.62 16.90 2.79
N ARG F 165 28.19 17.04 4.04
CA ARG F 165 27.61 15.91 4.76
C ARG F 165 26.30 15.46 4.10
N GLU F 166 25.54 16.41 3.55
CA GLU F 166 24.33 16.04 2.82
C GLU F 166 24.67 15.19 1.60
N ILE F 167 25.78 15.50 0.93
CA ILE F 167 26.21 14.68 -0.20
C ILE F 167 26.64 13.29 0.27
N ARG F 168 27.45 13.23 1.34
CA ARG F 168 28.00 11.95 1.78
C ARG F 168 26.90 10.98 2.19
N GLN F 169 25.85 11.48 2.83
CA GLN F 169 24.77 10.63 3.34
C GLN F 169 23.66 10.56 2.29
N HIS F 170 23.79 9.59 1.38
CA HIS F 170 22.79 9.41 0.35
C HIS F 170 22.84 7.99 -0.23
N LEU G 19 56.19 25.87 41.46
CA LEU G 19 55.10 25.84 42.44
C LEU G 19 55.00 24.46 43.09
N LEU G 20 55.51 23.43 42.42
CA LEU G 20 55.56 22.09 43.01
C LEU G 20 56.22 22.14 44.39
N GLU G 21 57.41 22.72 44.47
CA GLU G 21 58.05 22.88 45.76
C GLU G 21 57.51 24.09 46.53
N LYS G 22 56.72 24.96 45.89
CA LYS G 22 55.97 25.94 46.66
C LYS G 22 54.87 25.28 47.48
N CYS G 23 54.16 24.31 46.90
CA CYS G 23 53.16 23.58 47.66
C CYS G 23 53.79 22.53 48.57
N ILE G 24 54.98 22.03 48.24
CA ILE G 24 55.70 21.18 49.19
C ILE G 24 56.14 21.99 50.40
N GLN G 25 56.62 23.22 50.17
CA GLN G 25 57.09 24.07 51.28
C GLN G 25 55.93 24.58 52.15
N SER G 26 54.71 24.11 51.88
CA SER G 26 53.55 24.37 52.71
C SER G 26 53.44 23.37 53.86
N PHE G 27 54.54 22.73 54.23
CA PHE G 27 54.53 21.73 55.30
C PHE G 27 54.78 22.39 56.65
N CYS G 34 53.00 22.51 63.17
CA CYS G 34 51.85 23.42 63.21
C CYS G 34 50.56 22.68 63.55
N HIS G 35 49.52 22.99 62.79
CA HIS G 35 48.19 22.40 62.98
C HIS G 35 47.57 22.39 61.58
N GLU G 36 46.44 21.72 61.44
CA GLU G 36 45.92 21.52 60.08
C GLU G 36 45.27 22.79 59.53
N ASP G 37 44.09 23.13 60.05
CA ASP G 37 43.38 24.39 59.86
C ASP G 37 42.94 24.65 58.42
N HIS G 38 43.68 24.13 57.44
CA HIS G 38 43.26 24.00 56.03
C HIS G 38 44.43 23.58 55.15
N MET G 39 44.12 23.08 53.96
CA MET G 39 44.96 23.07 52.78
C MET G 39 46.15 22.12 52.87
N LEU G 40 46.57 21.77 54.08
CA LEU G 40 47.47 20.63 54.21
C LEU G 40 46.70 19.35 53.97
N ASN G 41 45.57 19.21 54.67
CA ASN G 41 44.67 18.10 54.46
C ASN G 41 44.19 18.07 53.00
N MET G 42 44.01 19.25 52.42
CA MET G 42 43.60 19.37 51.02
C MET G 42 44.64 18.80 50.07
N VAL G 43 45.90 19.23 50.20
CA VAL G 43 46.94 18.70 49.34
C VAL G 43 47.04 17.19 49.50
N LEU G 44 47.02 16.73 50.76
CA LEU G 44 47.18 15.31 51.05
C LEU G 44 46.00 14.48 50.55
N ALA G 45 44.80 15.07 50.51
CA ALA G 45 43.63 14.34 50.07
C ALA G 45 43.51 14.31 48.56
N MET G 46 43.92 15.39 47.87
CA MET G 46 43.60 15.53 46.46
C MET G 46 44.78 15.47 45.50
N HIS G 47 46.02 15.39 45.98
CA HIS G 47 47.12 15.26 45.04
C HIS G 47 46.98 14.00 44.19
N SER G 48 46.41 12.93 44.76
CA SER G 48 46.26 11.67 44.04
C SER G 48 45.35 11.80 42.83
N TRP G 49 44.50 12.84 42.78
CA TRP G 49 43.73 13.15 41.58
C TRP G 49 44.65 13.32 40.37
N VAL G 50 45.56 14.28 40.45
CA VAL G 50 46.46 14.61 39.35
C VAL G 50 47.82 13.91 39.51
N LEU G 51 48.48 14.11 40.65
CA LEU G 51 49.84 13.59 40.80
C LEU G 51 49.79 12.28 41.56
N PRO G 52 50.25 11.18 40.96
CA PRO G 52 50.38 9.93 41.71
C PRO G 52 51.19 10.14 42.98
N SER G 53 50.61 9.71 44.11
CA SER G 53 51.18 10.00 45.43
C SER G 53 52.61 9.48 45.56
N ALA G 54 52.92 8.39 44.86
CA ALA G 54 54.28 7.85 44.89
C ALA G 54 55.32 8.89 44.50
N ASP G 55 54.97 9.80 43.58
CA ASP G 55 55.92 10.83 43.18
C ASP G 55 56.16 11.86 44.28
N LEU G 56 55.10 12.25 45.02
CA LEU G 56 55.35 13.11 46.17
C LEU G 56 56.21 12.42 47.21
N ALA G 57 55.94 11.13 47.46
CA ALA G 57 56.77 10.41 48.41
C ALA G 57 58.21 10.32 47.92
N ALA G 58 58.41 10.17 46.62
CA ALA G 58 59.76 10.14 46.08
C ALA G 58 60.46 11.49 46.22
N ARG G 59 59.74 12.59 45.97
CA ARG G 59 60.35 13.91 46.18
C ARG G 59 60.70 14.12 47.64
N LEU G 60 59.81 13.74 48.55
CA LEU G 60 60.06 13.96 49.97
C LEU G 60 61.20 13.09 50.47
N LEU G 61 61.21 11.81 50.10
CA LEU G 61 62.33 10.96 50.47
C LEU G 61 63.64 11.51 49.93
N THR G 62 63.65 11.93 48.67
CA THR G 62 64.85 12.53 48.09
C THR G 62 65.17 13.88 48.72
N SER G 63 64.16 14.66 49.10
CA SER G 63 64.41 15.95 49.73
C SER G 63 64.90 15.75 51.17
N TYR G 64 66.20 15.59 51.35
CA TYR G 64 66.81 15.47 52.66
C TYR G 64 68.17 16.17 52.67
N THR G 71 66.98 24.05 54.11
CA THR G 71 67.88 24.68 55.08
C THR G 71 68.64 23.64 55.88
N GLN G 72 68.73 23.85 57.19
CA GLN G 72 69.55 23.00 58.03
C GLN G 72 68.89 21.61 58.15
N GLU G 73 69.71 20.64 58.58
CA GLU G 73 69.30 19.24 58.54
C GLU G 73 68.12 18.91 59.46
N LEU G 74 67.69 19.85 60.30
CA LEU G 74 66.52 19.59 61.13
C LEU G 74 65.28 19.29 60.31
N ARG G 75 65.27 19.66 59.03
CA ARG G 75 64.12 19.28 58.21
C ARG G 75 64.06 17.78 57.95
N ARG G 76 65.17 17.05 58.07
CA ARG G 76 65.10 15.61 57.82
C ARG G 76 64.15 14.93 58.81
N LEU G 77 64.20 15.34 60.08
CA LEU G 77 63.22 14.89 61.07
C LEU G 77 61.90 15.63 60.93
N GLN G 78 61.95 16.95 60.63
CA GLN G 78 60.73 17.75 60.51
C GLN G 78 59.77 17.16 59.49
N ILE G 79 60.29 16.61 58.39
CA ILE G 79 59.45 16.00 57.36
C ILE G 79 58.72 14.78 57.91
N CYS G 80 59.42 13.96 58.69
CA CYS G 80 58.87 12.71 59.21
C CYS G 80 57.58 12.92 60.01
N HIS G 81 57.50 14.00 60.79
CA HIS G 81 56.31 14.23 61.60
C HIS G 81 55.09 14.46 60.73
N LEU G 82 55.26 15.21 59.64
CA LEU G 82 54.15 15.43 58.71
C LEU G 82 53.83 14.17 57.91
N VAL G 83 54.86 13.39 57.58
CA VAL G 83 54.64 12.11 56.92
C VAL G 83 53.74 11.24 57.79
N ARG G 84 54.07 11.14 59.08
CA ARG G 84 53.22 10.40 60.01
C ARG G 84 51.82 10.99 60.07
N TYR G 85 51.73 12.32 60.03
CA TYR G 85 50.43 12.98 60.06
C TYR G 85 49.54 12.51 58.92
N TRP G 86 50.01 12.64 57.68
CA TRP G 86 49.14 12.34 56.56
C TRP G 86 48.97 10.84 56.35
N LEU G 87 49.97 10.05 56.74
CA LEU G 87 49.80 8.60 56.71
C LEU G 87 48.74 8.15 57.71
N MET G 88 48.62 8.85 58.84
CA MET G 88 47.59 8.52 59.82
C MET G 88 46.21 9.05 59.41
N ARG G 89 46.15 10.18 58.69
CA ARG G 89 44.85 10.72 58.34
C ARG G 89 44.20 9.97 57.18
N HIS G 90 44.97 9.67 56.13
CA HIS G 90 44.46 8.91 55.00
C HIS G 90 45.20 7.58 54.92
N PRO G 91 45.01 6.68 55.89
CA PRO G 91 45.85 5.47 55.91
C PRO G 91 45.57 4.52 54.77
N GLU G 92 44.34 4.50 54.24
CA GLU G 92 43.97 3.52 53.24
C GLU G 92 44.36 4.02 51.85
N VAL G 93 45.61 4.44 51.71
CA VAL G 93 46.20 4.82 50.43
C VAL G 93 47.28 3.84 49.99
N MET G 94 47.58 2.84 50.81
CA MET G 94 48.67 1.91 50.57
C MET G 94 48.22 0.47 50.37
N HIS G 95 46.98 0.13 50.72
CA HIS G 95 46.50 -1.23 50.54
C HIS G 95 46.45 -1.63 49.06
N GLN G 96 46.35 -0.65 48.15
CA GLN G 96 46.29 -0.94 46.73
C GLN G 96 47.41 -0.30 45.92
N ASP G 97 48.22 0.57 46.51
CA ASP G 97 49.30 1.26 45.80
C ASP G 97 50.65 0.75 46.29
N PRO G 98 51.29 -0.18 45.57
CA PRO G 98 52.59 -0.69 46.03
C PRO G 98 53.73 0.31 45.90
N GLN G 99 53.68 1.22 44.92
CA GLN G 99 54.77 2.16 44.73
C GLN G 99 54.95 3.07 45.95
N LEU G 100 53.85 3.63 46.46
CA LEU G 100 53.92 4.47 47.64
C LEU G 100 54.45 3.67 48.83
N GLU G 101 53.99 2.42 48.97
CA GLU G 101 54.48 1.57 50.05
C GLU G 101 55.99 1.40 49.96
N GLU G 102 56.50 1.10 48.77
CA GLU G 102 57.94 0.92 48.58
C GLU G 102 58.71 2.17 48.95
N VAL G 103 58.27 3.33 48.45
CA VAL G 103 59.06 4.54 48.67
C VAL G 103 58.99 4.98 50.13
N ILE G 104 57.85 4.78 50.80
CA ILE G 104 57.82 5.16 52.23
C ILE G 104 58.61 4.17 53.06
N GLY G 105 58.67 2.90 52.64
CA GLY G 105 59.54 1.96 53.32
C GLY G 105 61.00 2.37 53.22
N ARG G 106 61.42 2.78 52.01
CA ARG G 106 62.78 3.30 51.87
C ARG G 106 62.98 4.54 52.72
N PHE G 107 61.93 5.37 52.86
CA PHE G 107 62.02 6.57 53.67
C PHE G 107 62.25 6.23 55.14
N TRP G 108 61.45 5.30 55.68
CA TRP G 108 61.61 4.93 57.08
C TRP G 108 62.94 4.24 57.33
N ALA G 109 63.41 3.44 56.35
CA ALA G 109 64.74 2.84 56.50
C ALA G 109 65.83 3.92 56.51
N THR G 110 65.68 4.93 55.66
CA THR G 110 66.65 6.02 55.61
C THR G 110 66.70 6.75 56.96
N VAL G 111 65.53 7.01 57.55
CA VAL G 111 65.52 7.62 58.88
C VAL G 111 66.13 6.67 59.92
N ALA G 112 65.90 5.36 59.75
CA ALA G 112 66.41 4.35 60.67
C ALA G 112 67.93 4.26 60.66
N ARG G 113 68.57 4.67 59.56
CA ARG G 113 70.02 4.50 59.51
C ARG G 113 70.78 5.76 59.93
N GLU G 114 70.35 6.94 59.51
CA GLU G 114 70.95 8.19 59.99
C GLU G 114 69.88 9.26 60.17
N LEU G 153 -0.78 -14.24 48.54
CA LEU G 153 0.06 -13.97 49.70
C LEU G 153 0.00 -12.50 50.09
N LEU G 154 0.64 -12.16 51.20
CA LEU G 154 0.72 -10.79 51.68
C LEU G 154 2.17 -10.41 51.91
N PHE G 155 2.54 -9.19 51.53
CA PHE G 155 3.93 -8.78 51.55
C PHE G 155 4.24 -7.70 52.58
N ASP G 156 3.59 -6.54 52.51
CA ASP G 156 3.87 -5.43 53.42
C ASP G 156 2.63 -5.07 54.22
N HIS G 157 2.78 -5.03 55.54
CA HIS G 157 1.75 -4.61 56.47
C HIS G 157 2.25 -3.45 57.32
N LEU G 158 2.98 -2.54 56.68
CA LEU G 158 3.61 -1.40 57.32
C LEU G 158 2.82 -0.14 57.01
N GLU G 159 3.31 0.97 57.53
CA GLU G 159 2.71 2.28 57.29
C GLU G 159 3.69 3.13 56.49
N THR G 160 3.17 4.27 56.02
CA THR G 160 3.97 5.17 55.17
C THR G 160 5.24 5.61 55.88
N GLY G 161 5.10 6.16 57.09
CA GLY G 161 6.27 6.64 57.82
C GLY G 161 7.29 5.55 58.12
N GLU G 162 6.81 4.35 58.44
CA GLU G 162 7.74 3.28 58.79
C GLU G 162 8.52 2.83 57.55
N LEU G 163 7.84 2.69 56.43
CA LEU G 163 8.53 2.41 55.17
C LEU G 163 9.57 3.48 54.87
N ALA G 164 9.19 4.75 55.04
CA ALA G 164 10.12 5.84 54.76
C ALA G 164 11.35 5.78 55.65
N GLN G 165 11.17 5.52 56.95
CA GLN G 165 12.29 5.50 57.87
C GLN G 165 13.18 4.29 57.67
N HIS G 166 12.60 3.13 57.40
CA HIS G 166 13.42 1.93 57.17
C HIS G 166 14.23 2.08 55.89
N LEU G 167 13.58 2.56 54.81
CA LEU G 167 14.30 2.88 53.58
C LEU G 167 15.39 3.92 53.84
N THR G 168 15.11 4.92 54.67
CA THR G 168 16.12 5.93 54.98
C THR G 168 17.32 5.33 55.68
N TYR G 169 17.08 4.35 56.57
CA TYR G 169 18.22 3.71 57.25
C TYR G 169 19.05 2.90 56.29
N LEU G 170 18.41 2.14 55.39
CA LEU G 170 19.16 1.43 54.35
C LEU G 170 19.97 2.41 53.51
N GLU G 171 19.31 3.47 53.03
CA GLU G 171 19.97 4.44 52.16
C GLU G 171 21.16 5.08 52.87
N PHE G 172 21.03 5.35 54.17
CA PHE G 172 22.09 6.01 54.91
C PHE G 172 23.25 5.06 55.18
N ARG G 173 22.97 3.79 55.51
CA ARG G 173 24.05 2.87 55.77
C ARG G 173 24.84 2.55 54.51
N SER G 174 24.15 2.38 53.38
CA SER G 174 24.88 2.17 52.13
C SER G 174 25.61 3.44 51.70
N PHE G 175 25.00 4.61 51.92
CA PHE G 175 25.65 5.87 51.59
C PHE G 175 26.94 6.09 52.37
N GLN G 176 26.93 5.80 53.68
CA GLN G 176 28.08 6.14 54.51
C GLN G 176 29.34 5.41 54.08
N ALA G 177 29.20 4.31 53.35
CA ALA G 177 30.35 3.57 52.85
C ALA G 177 30.98 4.22 51.63
N ILE G 178 30.45 5.34 51.15
CA ILE G 178 31.03 6.04 50.01
C ILE G 178 32.33 6.68 50.46
N THR G 179 33.38 6.23 49.94
CA THR G 179 34.72 6.69 50.25
C THR G 179 35.12 7.81 49.30
N PRO G 180 35.90 8.80 49.77
CA PRO G 180 36.48 9.76 48.83
C PRO G 180 37.27 9.12 47.69
N GLN G 181 37.96 8.00 47.93
CA GLN G 181 38.65 7.33 46.84
C GLN G 181 37.67 6.74 45.82
N ASP G 182 36.48 6.33 46.26
CA ASP G 182 35.45 5.92 45.31
C ASP G 182 35.09 7.07 44.38
N LEU G 183 34.86 8.25 44.95
CA LEU G 183 34.56 9.43 44.14
C LEU G 183 35.70 9.76 43.20
N ARG G 184 36.94 9.67 43.70
CA ARG G 184 38.11 9.90 42.86
C ARG G 184 38.15 8.95 41.67
N SER G 185 38.05 7.65 41.93
CA SER G 185 38.13 6.67 40.86
C SER G 185 37.00 6.86 39.85
N TYR G 186 35.78 7.13 40.34
CA TYR G 186 34.66 7.40 39.44
C TYR G 186 34.95 8.61 38.55
N VAL G 187 35.20 9.77 39.16
CA VAL G 187 35.37 11.00 38.38
C VAL G 187 36.54 10.87 37.41
N LEU G 188 37.62 10.23 37.84
CA LEU G 188 38.74 9.97 36.94
C LEU G 188 38.33 9.06 35.78
N GLN G 189 37.38 8.16 36.01
CA GLN G 189 37.03 7.15 35.01
C GLN G 189 35.60 7.22 34.50
N GLY G 190 34.69 7.89 35.19
CA GLY G 190 33.29 7.89 34.82
C GLY G 190 32.69 6.49 34.82
N SER G 191 33.42 5.55 35.42
CA SER G 191 33.09 4.12 35.43
C SER G 191 32.92 3.70 36.87
N VAL G 192 31.68 3.72 37.35
CA VAL G 192 31.31 3.29 38.70
C VAL G 192 31.91 1.93 39.01
N ARG G 193 32.13 1.10 37.99
CA ARG G 193 32.73 -0.21 38.20
C ARG G 193 34.12 -0.09 38.83
N GLY G 194 34.50 -1.12 39.58
CA GLY G 194 35.77 -1.13 40.28
C GLY G 194 35.72 -0.60 41.70
N CYS G 195 34.58 -0.05 42.13
CA CYS G 195 34.42 0.44 43.50
C CYS G 195 33.10 -0.11 44.05
N PRO G 196 33.14 -0.90 45.13
CA PRO G 196 31.92 -1.62 45.54
C PRO G 196 30.86 -0.73 46.17
N ALA G 197 31.26 0.28 46.93
CA ALA G 197 30.29 1.11 47.64
C ALA G 197 29.34 1.82 46.68
N LEU G 198 29.89 2.45 45.63
CA LEU G 198 29.05 3.16 44.67
C LEU G 198 28.22 2.21 43.84
N GLU G 199 28.75 1.03 43.50
CA GLU G 199 27.95 0.03 42.81
C GLU G 199 26.76 -0.40 43.68
N GLY G 200 26.99 -0.58 44.98
CA GLY G 200 25.91 -0.96 45.86
C GLY G 200 24.91 0.16 46.08
N SER G 201 25.37 1.41 46.07
CA SER G 201 24.45 2.54 46.19
C SER G 201 23.57 2.68 44.94
N VAL G 202 24.17 2.60 43.77
CA VAL G 202 23.39 2.73 42.53
C VAL G 202 22.46 1.55 42.37
N GLY G 203 22.92 0.34 42.73
CA GLY G 203 22.03 -0.81 42.70
C GLY G 203 20.93 -0.71 43.73
N LEU G 204 21.21 -0.09 44.87
CA LEU G 204 20.20 0.15 45.89
C LEU G 204 19.10 1.06 45.35
N SER G 205 19.48 2.21 44.77
CA SER G 205 18.49 3.14 44.24
C SER G 205 17.70 2.52 43.09
N ASN G 206 18.40 1.86 42.15
CA ASN G 206 17.71 1.22 41.04
C ASN G 206 16.79 0.10 41.52
N SER G 207 17.20 -0.64 42.54
CA SER G 207 16.35 -1.70 43.08
C SER G 207 15.16 -1.13 43.81
N VAL G 208 15.30 0.05 44.42
CA VAL G 208 14.15 0.72 45.02
C VAL G 208 13.15 1.10 43.93
N SER G 209 13.65 1.69 42.84
CA SER G 209 12.76 2.07 41.74
C SER G 209 12.08 0.84 41.13
N ARG G 210 12.85 -0.21 40.87
CA ARG G 210 12.28 -1.45 40.34
C ARG G 210 11.23 -2.03 41.28
N TRP G 211 11.53 -2.00 42.59
CA TRP G 211 10.60 -2.51 43.60
C TRP G 211 9.30 -1.72 43.58
N VAL G 212 9.38 -0.40 43.45
CA VAL G 212 8.18 0.42 43.35
C VAL G 212 7.38 0.03 42.13
N GLN G 213 8.05 -0.09 40.97
CA GLN G 213 7.36 -0.44 39.73
C GLN G 213 6.67 -1.78 39.84
N VAL G 214 7.41 -2.82 40.25
CA VAL G 214 6.84 -4.16 40.32
C VAL G 214 5.78 -4.24 41.41
N MET G 215 5.86 -3.40 42.44
CA MET G 215 4.84 -3.42 43.47
C MET G 215 3.55 -2.77 42.99
N VAL G 216 3.65 -1.75 42.14
CA VAL G 216 2.44 -1.17 41.56
C VAL G 216 1.83 -2.13 40.55
N LEU G 217 2.66 -2.75 39.70
CA LEU G 217 2.15 -3.64 38.65
C LEU G 217 1.75 -5.01 39.15
N SER G 218 2.22 -5.45 40.32
CA SER G 218 1.91 -6.78 40.83
C SER G 218 0.47 -6.92 41.31
N ARG G 219 -0.32 -5.85 41.27
CA ARG G 219 -1.67 -5.88 41.80
C ARG G 219 -2.65 -5.58 40.68
N PRO G 220 -3.57 -6.49 40.36
CA PRO G 220 -4.51 -6.25 39.26
C PRO G 220 -5.43 -5.06 39.55
N GLY G 221 -6.21 -4.68 38.54
CA GLY G 221 -7.21 -3.66 38.68
C GLY G 221 -6.64 -2.27 38.75
N PRO G 222 -7.38 -1.29 38.21
CA PRO G 222 -6.87 0.09 38.22
C PRO G 222 -7.06 0.79 39.56
N LEU G 223 -8.13 0.42 40.28
CA LEU G 223 -8.37 1.01 41.60
C LEU G 223 -7.35 0.51 42.62
N GLN G 224 -7.04 -0.78 42.59
CA GLN G 224 -6.02 -1.33 43.48
C GLN G 224 -4.66 -0.67 43.24
N ARG G 225 -4.27 -0.57 41.97
CA ARG G 225 -3.03 0.13 41.61
C ARG G 225 -3.06 1.58 42.06
N ALA G 226 -4.21 2.24 41.93
CA ALA G 226 -4.32 3.63 42.37
C ALA G 226 -4.16 3.75 43.88
N GLN G 227 -4.67 2.76 44.62
CA GLN G 227 -4.46 2.74 46.06
C GLN G 227 -2.98 2.61 46.38
N VAL G 228 -2.28 1.73 45.66
CA VAL G 228 -0.84 1.59 45.82
C VAL G 228 -0.12 2.91 45.49
N LEU G 229 -0.62 3.62 44.47
CA LEU G 229 -0.02 4.89 44.08
C LEU G 229 -0.21 5.95 45.16
N ASP G 230 -1.41 6.02 45.74
CA ASP G 230 -1.66 6.87 46.90
C ASP G 230 -0.65 6.57 48.02
N LYS G 231 -0.48 5.28 48.32
CA LYS G 231 0.41 4.89 49.41
C LYS G 231 1.85 5.32 49.11
N PHE G 232 2.31 5.12 47.89
CA PHE G 232 3.68 5.51 47.53
C PHE G 232 3.86 7.03 47.50
N ILE G 233 2.84 7.78 47.09
CA ILE G 233 2.93 9.24 47.15
C ILE G 233 3.06 9.69 48.60
N HIS G 234 2.30 9.08 49.51
CA HIS G 234 2.45 9.39 50.93
C HIS G 234 3.85 9.05 51.43
N VAL G 235 4.40 7.92 50.97
CA VAL G 235 5.78 7.56 51.31
C VAL G 235 6.73 8.65 50.86
N ALA G 236 6.55 9.14 49.63
CA ALA G 236 7.41 10.21 49.10
C ALA G 236 7.25 11.49 49.91
N GLN G 237 6.03 11.80 50.33
CA GLN G 237 5.80 12.98 51.17
C GLN G 237 6.56 12.88 52.48
N ARG G 238 6.49 11.73 53.14
CA ARG G 238 7.22 11.54 54.40
C ARG G 238 8.72 11.60 54.15
N LEU G 239 9.18 11.11 53.00
CA LEU G 239 10.60 11.18 52.68
C LEU G 239 11.03 12.63 52.45
N HIS G 240 10.15 13.45 51.90
CA HIS G 240 10.43 14.88 51.77
C HIS G 240 10.48 15.53 53.14
N GLN G 241 9.59 15.11 54.06
CA GLN G 241 9.62 15.63 55.41
C GLN G 241 10.93 15.27 56.12
N LEU G 242 11.41 14.05 55.91
CA LEU G 242 12.67 13.59 56.48
C LEU G 242 13.88 14.11 55.73
N GLN G 243 13.68 14.77 54.60
CA GLN G 243 14.77 15.32 53.80
C GLN G 243 15.72 14.22 53.32
N ASN G 244 15.14 13.10 52.89
CA ASN G 244 15.88 12.02 52.22
C ASN G 244 15.57 12.14 50.74
N PHE G 245 16.47 12.80 50.01
CA PHE G 245 16.19 13.14 48.62
C PHE G 245 16.62 12.05 47.64
N ASN G 246 17.58 11.19 48.00
CA ASN G 246 17.99 10.11 47.10
C ASN G 246 16.88 9.09 46.92
N THR G 247 16.42 8.49 48.02
CA THR G 247 15.32 7.54 47.94
C THR G 247 14.06 8.24 47.44
N LEU G 248 13.90 9.52 47.74
CA LEU G 248 12.79 10.28 47.17
C LEU G 248 12.87 10.29 45.65
N MET G 249 14.06 10.50 45.09
CA MET G 249 14.23 10.45 43.65
C MET G 249 13.93 9.06 43.12
N ALA G 250 14.43 8.03 43.78
CA ALA G 250 14.22 6.66 43.28
C ALA G 250 12.73 6.32 43.25
N VAL G 251 12.01 6.61 44.34
CA VAL G 251 10.60 6.27 44.43
C VAL G 251 9.77 7.14 43.49
N THR G 252 10.07 8.44 43.43
CA THR G 252 9.33 9.32 42.54
C THR G 252 9.51 8.92 41.08
N GLY G 253 10.76 8.62 40.69
CA GLY G 253 10.99 8.16 39.33
C GLY G 253 10.31 6.83 39.05
N GLY G 254 10.24 5.95 40.05
CA GLY G 254 9.42 4.76 39.89
C GLY G 254 7.96 5.09 39.67
N LEU G 255 7.49 6.19 40.27
CA LEU G 255 6.12 6.65 39.99
C LEU G 255 6.04 7.28 38.61
N CYS G 256 6.99 8.15 38.28
CA CYS G 256 7.01 8.81 36.98
C CYS G 256 7.64 7.95 35.89
N HIS G 257 7.99 6.71 36.20
CA HIS G 257 8.58 5.82 35.20
C HIS G 257 7.62 5.63 34.02
N SER G 258 8.21 5.48 32.82
CA SER G 258 7.39 5.41 31.61
C SER G 258 6.51 4.17 31.61
N ALA G 259 7.00 3.05 32.16
CA ALA G 259 6.18 1.85 32.24
C ALA G 259 5.01 2.03 33.20
N ILE G 260 5.11 2.98 34.14
CA ILE G 260 4.04 3.24 35.08
C ILE G 260 3.23 4.47 34.67
N SER G 261 3.88 5.49 34.11
CA SER G 261 3.20 6.71 33.71
C SER G 261 2.18 6.46 32.60
N ARG G 262 2.30 5.33 31.89
CA ARG G 262 1.41 5.00 30.78
C ARG G 262 0.06 4.48 31.24
N LEU G 263 -0.13 4.29 32.56
CA LEU G 263 -1.34 3.66 33.09
C LEU G 263 -2.42 4.72 33.32
N LYS G 264 -3.18 4.99 32.25
CA LYS G 264 -4.21 6.01 32.32
C LYS G 264 -5.40 5.57 33.17
N ASP G 265 -5.80 4.29 33.04
CA ASP G 265 -6.93 3.79 33.82
C ASP G 265 -6.68 3.89 35.31
N SER G 266 -5.48 3.53 35.76
CA SER G 266 -5.18 3.58 37.20
C SER G 266 -5.04 5.02 37.67
N HIS G 267 -4.36 5.86 36.90
CA HIS G 267 -4.20 7.27 37.27
C HIS G 267 -5.52 8.02 37.23
N ALA G 268 -6.55 7.46 36.59
CA ALA G 268 -7.87 8.10 36.60
C ALA G 268 -8.48 8.06 37.99
N HIS G 269 -8.32 6.95 38.71
CA HIS G 269 -8.85 6.81 40.05
C HIS G 269 -8.04 7.54 41.11
N LEU G 270 -6.82 7.96 40.78
CA LEU G 270 -5.97 8.61 41.77
C LEU G 270 -6.60 9.91 42.24
N SER G 271 -6.49 10.18 43.53
CA SER G 271 -7.12 11.38 44.08
C SER G 271 -6.50 12.61 43.44
N PRO G 272 -7.30 13.65 43.18
CA PRO G 272 -6.72 14.88 42.60
C PRO G 272 -5.68 15.51 43.50
N ASP G 273 -5.88 15.45 44.81
CA ASP G 273 -4.86 15.91 45.76
C ASP G 273 -3.60 15.08 45.63
N SER G 274 -3.75 13.76 45.42
CA SER G 274 -2.59 12.90 45.23
C SER G 274 -1.85 13.26 43.94
N THR G 275 -2.60 13.48 42.85
CA THR G 275 -1.98 13.92 41.61
C THR G 275 -1.26 15.26 41.81
N LYS G 276 -1.84 16.15 42.61
CA LYS G 276 -1.21 17.43 42.90
C LYS G 276 0.12 17.23 43.61
N ALA G 277 0.14 16.36 44.62
CA ALA G 277 1.38 16.10 45.35
C ALA G 277 2.43 15.50 44.44
N LEU G 278 2.05 14.52 43.61
CA LEU G 278 2.98 13.91 42.67
C LEU G 278 3.51 14.93 41.67
N LEU G 279 2.64 15.80 41.17
CA LEU G 279 3.05 16.86 40.25
C LEU G 279 4.06 17.81 40.90
N GLU G 280 3.78 18.23 42.14
CA GLU G 280 4.70 19.12 42.83
C GLU G 280 6.04 18.44 43.07
N LEU G 281 6.03 17.13 43.33
CA LEU G 281 7.29 16.42 43.53
C LEU G 281 8.06 16.31 42.22
N THR G 282 7.38 15.98 41.12
CA THR G 282 8.05 15.91 39.82
C THR G 282 8.64 17.26 39.43
N GLU G 283 7.90 18.36 39.70
CA GLU G 283 8.48 19.68 39.50
C GLU G 283 9.70 19.89 40.39
N LEU G 284 9.67 19.32 41.59
CA LEU G 284 10.81 19.42 42.49
C LEU G 284 11.99 18.63 41.97
N LEU G 285 11.75 17.39 41.55
CA LEU G 285 12.81 16.48 41.09
C LEU G 285 12.89 16.49 39.56
N ALA G 286 13.30 17.63 39.02
CA ALA G 286 13.43 17.77 37.58
C ALA G 286 14.75 18.45 37.23
N SER G 287 15.32 18.05 36.09
CA SER G 287 16.61 18.58 35.63
C SER G 287 16.52 20.01 35.11
N HIS G 288 15.30 20.53 34.94
CA HIS G 288 15.09 21.83 34.31
C HIS G 288 16.01 22.89 34.89
N ASN G 289 16.89 23.41 34.03
CA ASN G 289 17.86 24.45 34.40
C ASN G 289 18.82 23.94 35.49
N ASN G 290 19.40 22.77 35.25
CA ASN G 290 20.41 22.19 36.15
C ASN G 290 19.85 21.96 37.56
N TYR G 291 18.68 21.34 37.63
CA TYR G 291 18.02 21.00 38.89
C TYR G 291 17.88 22.23 39.79
N ALA G 292 17.21 23.24 39.26
CA ALA G 292 17.11 24.52 39.98
C ALA G 292 16.41 24.35 41.33
N ARG G 293 15.21 23.76 41.31
CA ARG G 293 14.42 23.68 42.55
C ARG G 293 15.03 22.70 43.54
N TYR G 294 15.68 21.63 43.03
CA TYR G 294 16.44 20.76 43.92
C TYR G 294 17.45 21.53 44.74
N ARG G 295 18.32 22.29 44.07
CA ARG G 295 19.35 23.05 44.77
C ARG G 295 18.73 24.12 45.65
N ARG G 296 17.62 24.70 45.20
CA ARG G 296 16.88 25.68 45.99
C ARG G 296 16.51 25.10 47.35
N THR G 297 15.70 24.04 47.35
CA THR G 297 15.24 23.45 48.61
C THR G 297 16.41 22.86 49.40
N TRP G 298 17.40 22.27 48.69
CA TRP G 298 18.56 21.70 49.34
C TRP G 298 19.28 22.74 50.20
N ALA G 299 19.58 23.89 49.61
CA ALA G 299 20.17 24.98 50.39
C ALA G 299 19.21 25.44 51.49
N GLY G 300 17.91 25.42 51.20
CA GLY G 300 16.95 25.81 52.21
C GLY G 300 16.88 24.85 53.38
N CYS G 301 17.03 23.56 53.12
CA CYS G 301 16.85 22.54 54.16
C CYS G 301 17.90 22.65 55.25
N ALA G 302 17.54 22.16 56.44
CA ALA G 302 18.45 22.09 57.58
C ALA G 302 18.16 20.84 58.39
N GLY G 303 19.13 20.41 59.18
CA GLY G 303 18.98 19.21 59.98
C GLY G 303 19.49 17.99 59.26
N PHE G 304 18.76 16.88 59.34
CA PHE G 304 19.13 15.66 58.63
C PHE G 304 18.63 15.80 57.19
N ARG G 305 19.37 16.57 56.41
CA ARG G 305 19.07 16.83 55.00
C ARG G 305 19.67 15.74 54.13
N LEU G 306 19.83 14.56 54.70
CA LEU G 306 20.70 13.51 54.20
C LEU G 306 19.90 12.41 53.48
N PRO G 307 20.59 11.56 52.67
CA PRO G 307 21.99 11.88 52.42
C PRO G 307 22.32 12.83 51.26
N VAL G 308 21.99 12.47 50.01
CA VAL G 308 22.26 13.26 48.79
C VAL G 308 21.65 12.56 47.59
N LEU G 309 21.36 13.30 46.53
CA LEU G 309 21.24 12.66 45.22
C LEU G 309 22.62 12.27 44.69
N GLY G 310 22.61 11.36 43.71
CA GLY G 310 23.80 11.00 42.97
C GLY G 310 24.17 11.98 41.88
N VAL G 311 23.52 13.16 41.86
CA VAL G 311 23.89 14.21 40.91
C VAL G 311 25.12 14.98 41.37
N HIS G 312 25.49 14.91 42.66
CA HIS G 312 26.71 15.56 43.12
C HIS G 312 27.91 15.11 42.31
N LEU G 313 27.97 13.80 41.99
CA LEU G 313 29.00 13.30 41.09
C LEU G 313 29.13 14.18 39.86
N LYS G 314 28.00 14.42 39.17
CA LYS G 314 27.98 15.34 38.04
C LYS G 314 28.72 16.62 38.34
N ASP G 315 28.30 17.32 39.40
CA ASP G 315 28.96 18.58 39.75
C ASP G 315 30.46 18.37 39.91
N LEU G 316 30.83 17.33 40.68
CA LEU G 316 32.24 16.98 40.82
C LEU G 316 32.87 16.79 39.45
N VAL G 317 32.27 15.93 38.61
CA VAL G 317 32.81 15.70 37.28
C VAL G 317 32.96 17.02 36.54
N SER G 318 31.94 17.88 36.65
CA SER G 318 32.02 19.19 36.02
C SER G 318 33.23 19.95 36.51
N LEU G 319 33.37 20.09 37.85
CA LEU G 319 34.49 20.83 38.40
C LEU G 319 35.82 20.20 38.02
N HIS G 320 35.84 18.91 37.68
CA HIS G 320 37.10 18.32 37.26
C HIS G 320 37.47 18.75 35.85
N GLU G 321 36.50 18.80 34.93
CA GLU G 321 36.80 19.11 33.55
C GLU G 321 36.62 20.58 33.18
N ALA G 322 35.91 21.35 34.00
CA ALA G 322 35.75 22.78 33.72
C ALA G 322 37.09 23.49 33.77
N GLN G 323 37.76 23.42 34.88
CA GLN G 323 39.04 24.10 34.92
C GLN G 323 40.17 23.10 34.74
N PRO G 324 41.29 23.51 34.15
CA PRO G 324 42.35 22.56 33.87
C PRO G 324 43.05 22.07 35.14
N ASP G 325 43.54 20.83 35.08
CA ASP G 325 44.30 20.28 36.19
C ASP G 325 45.57 21.09 36.45
N ARG G 326 46.36 21.30 35.40
CA ARG G 326 47.61 22.01 35.49
C ARG G 326 47.59 23.19 34.52
N LEU G 327 48.17 24.31 34.93
CA LEU G 327 48.27 25.44 34.05
C LEU G 327 49.45 25.25 33.10
N PRO G 328 49.43 25.90 31.94
CA PRO G 328 50.58 25.79 31.02
C PRO G 328 51.87 26.33 31.61
N ASP G 329 51.79 27.15 32.66
CA ASP G 329 52.98 27.68 33.32
C ASP G 329 53.88 26.57 33.87
N GLY G 330 53.35 25.35 33.99
CA GLY G 330 54.04 24.27 34.66
C GLY G 330 53.47 24.07 36.05
N ARG G 331 53.07 25.18 36.68
CA ARG G 331 52.36 25.11 37.94
C ARG G 331 50.92 24.69 37.71
N LEU G 332 50.35 24.00 38.70
CA LEU G 332 48.95 23.66 38.71
C LEU G 332 48.20 24.62 39.63
N HIS G 333 46.97 24.96 39.25
CA HIS G 333 46.21 25.98 39.95
C HIS G 333 45.31 25.30 40.99
N LEU G 334 45.47 25.70 42.25
CA LEU G 334 44.79 25.10 43.39
C LEU G 334 43.29 25.41 43.50
N PRO G 335 42.80 26.62 43.16
CA PRO G 335 41.37 26.90 43.44
C PRO G 335 40.40 25.84 42.92
N LYS G 336 40.72 25.22 41.78
CA LYS G 336 40.00 24.04 41.35
C LYS G 336 40.00 22.96 42.42
N LEU G 337 41.18 22.65 42.96
CA LEU G 337 41.28 21.61 43.96
C LEU G 337 40.60 22.00 45.26
N ASN G 338 40.52 23.30 45.55
CA ASN G 338 39.80 23.73 46.77
C ASN G 338 38.30 23.56 46.57
N ASN G 339 37.80 23.92 45.38
CA ASN G 339 36.39 23.66 45.07
C ASN G 339 36.09 22.18 45.21
N LEU G 340 36.94 21.33 44.63
CA LEU G 340 36.79 19.89 44.79
C LEU G 340 36.83 19.47 46.25
N TYR G 341 37.81 19.98 47.00
CA TYR G 341 37.99 19.57 48.38
C TYR G 341 36.78 19.92 49.24
N LEU G 342 36.24 21.12 49.05
CA LEU G 342 35.03 21.47 49.79
C LEU G 342 33.83 20.64 49.34
N ARG G 343 33.75 20.33 48.03
CA ARG G 343 32.63 19.53 47.55
C ARG G 343 32.67 18.13 48.12
N LEU G 344 33.86 17.57 48.31
CA LEU G 344 33.97 16.25 48.92
C LEU G 344 33.82 16.30 50.43
N GLN G 345 34.51 17.23 51.09
CA GLN G 345 34.42 17.33 52.54
C GLN G 345 33.00 17.62 53.01
N GLU G 346 32.20 18.32 52.21
CA GLU G 346 30.79 18.44 52.56
C GLU G 346 30.15 17.06 52.71
N LEU G 347 30.35 16.21 51.70
CA LEU G 347 29.76 14.88 51.70
C LEU G 347 30.31 14.03 52.85
N VAL G 348 31.62 14.12 53.09
CA VAL G 348 32.25 13.34 54.16
C VAL G 348 31.68 13.77 55.51
N ALA G 349 31.61 15.08 55.75
CA ALA G 349 30.99 15.59 56.97
C ALA G 349 29.54 15.13 57.09
N LEU G 350 28.83 15.02 55.96
CA LEU G 350 27.46 14.52 56.00
C LEU G 350 27.42 13.05 56.40
N GLN G 351 28.43 12.27 56.00
CA GLN G 351 28.52 10.88 56.43
C GLN G 351 28.60 10.73 57.95
N GLY G 352 29.06 11.76 58.65
CA GLY G 352 29.25 11.68 60.09
C GLY G 352 27.99 11.66 60.91
N GLN G 353 26.91 12.27 60.43
CA GLN G 353 25.75 12.52 61.28
C GLN G 353 24.91 11.24 61.42
N HIS G 354 23.78 11.35 62.13
CA HIS G 354 22.99 10.20 62.53
C HIS G 354 21.51 10.57 62.39
N PRO G 355 20.68 9.64 61.93
CA PRO G 355 19.30 9.98 61.56
C PRO G 355 18.47 10.40 62.76
N PRO G 356 17.39 11.16 62.54
CA PRO G 356 16.48 11.53 63.62
C PRO G 356 15.34 10.56 63.85
N CYS G 357 15.36 9.39 63.23
CA CYS G 357 14.29 8.40 63.34
C CYS G 357 14.91 7.07 63.78
N SER G 358 14.07 6.06 63.92
CA SER G 358 14.50 4.75 64.40
C SER G 358 13.88 3.66 63.52
N ALA G 359 14.51 2.48 63.57
CA ALA G 359 14.05 1.37 62.75
C ALA G 359 14.57 0.06 63.34
N ASN G 360 13.99 -1.04 62.87
CA ASN G 360 14.21 -2.37 63.44
C ASN G 360 15.10 -3.19 62.51
N GLU G 361 16.32 -3.50 62.98
CA GLU G 361 17.30 -4.28 62.21
C GLU G 361 16.71 -5.50 61.52
N ASP G 362 15.83 -6.22 62.20
CA ASP G 362 15.22 -7.40 61.60
C ASP G 362 14.31 -7.03 60.44
N LEU G 363 13.48 -6.00 60.63
CA LEU G 363 12.62 -5.52 59.55
C LEU G 363 13.46 -4.92 58.43
N LEU G 364 14.57 -4.26 58.77
CA LEU G 364 15.50 -3.81 57.75
C LEU G 364 16.04 -4.97 56.93
N HIS G 365 16.39 -6.08 57.58
CA HIS G 365 16.85 -7.25 56.84
C HIS G 365 15.75 -7.77 55.91
N LEU G 366 14.51 -7.82 56.41
CA LEU G 366 13.41 -8.24 55.56
C LEU G 366 13.26 -7.33 54.34
N LEU G 367 13.41 -6.02 54.54
CA LEU G 367 13.32 -5.08 53.42
C LEU G 367 14.47 -5.27 52.44
N THR G 368 15.70 -5.44 52.96
CA THR G 368 16.85 -5.67 52.10
C THR G 368 16.65 -6.90 51.23
N LEU G 369 16.09 -7.97 51.80
CA LEU G 369 15.78 -9.15 50.99
C LEU G 369 14.59 -8.89 50.07
N SER G 370 13.71 -7.96 50.45
CA SER G 370 12.56 -7.62 49.63
C SER G 370 12.97 -6.88 48.36
N LEU G 371 14.02 -6.06 48.44
CA LEU G 371 14.47 -5.31 47.28
C LEU G 371 15.25 -6.18 46.29
N ASP G 372 15.82 -7.29 46.76
CA ASP G 372 16.59 -8.18 45.90
C ASP G 372 15.66 -8.98 45.00
N LEU G 373 15.06 -8.33 44.02
CA LEU G 373 14.23 -8.97 43.02
C LEU G 373 14.88 -8.82 41.65
N PHE G 374 14.89 -9.91 40.88
CA PHE G 374 15.51 -9.93 39.57
C PHE G 374 14.44 -9.73 38.51
N TYR G 375 14.42 -8.54 37.92
CA TYR G 375 13.66 -8.27 36.71
C TYR G 375 14.50 -7.36 35.83
N THR G 376 13.86 -6.81 34.81
CA THR G 376 14.47 -5.84 33.92
C THR G 376 13.34 -4.99 33.36
N GLU G 377 13.68 -3.82 32.83
CA GLU G 377 12.68 -3.00 32.16
C GLU G 377 11.94 -3.76 31.08
N ASP G 378 12.57 -4.81 30.53
CA ASP G 378 11.89 -5.62 29.51
C ASP G 378 10.63 -6.27 30.08
N GLU G 379 10.78 -7.03 31.18
CA GLU G 379 9.61 -7.69 31.76
C GLU G 379 8.63 -6.67 32.33
N ILE G 380 9.13 -5.56 32.85
CA ILE G 380 8.26 -4.53 33.43
C ILE G 380 7.37 -3.91 32.35
N TYR G 381 7.98 -3.51 31.22
CA TYR G 381 7.18 -3.00 30.11
C TYR G 381 6.24 -4.07 29.56
N GLU G 382 6.71 -5.32 29.46
CA GLU G 382 5.83 -6.38 29.00
C GLU G 382 4.61 -6.54 29.91
N LEU G 383 4.81 -6.39 31.21
CA LEU G 383 3.69 -6.51 32.14
C LEU G 383 2.75 -5.32 32.06
N SER G 384 3.32 -4.11 31.99
CA SER G 384 2.49 -2.91 31.83
C SER G 384 1.62 -3.02 30.57
N TYR G 385 2.20 -3.54 29.48
CA TYR G 385 1.41 -3.78 28.28
C TYR G 385 0.38 -4.88 28.49
N ALA G 386 0.77 -5.94 29.23
CA ALA G 386 -0.13 -7.05 29.50
C ALA G 386 -1.32 -6.63 30.34
N ARG G 387 -1.22 -5.51 31.05
CA ARG G 387 -2.34 -5.01 31.84
C ARG G 387 -3.14 -3.94 31.12
N GLU G 388 -2.50 -3.18 30.23
CA GLU G 388 -3.21 -2.15 29.46
C GLU G 388 -2.68 -2.10 28.03
N MET H 5 10.66 34.09 22.95
CA MET H 5 11.62 33.22 22.28
C MET H 5 11.26 31.76 22.49
N THR H 6 12.20 30.86 22.18
CA THR H 6 11.98 29.42 22.30
C THR H 6 13.08 28.83 23.18
N GLU H 7 12.67 27.94 24.07
CA GLU H 7 13.60 27.17 24.90
C GLU H 7 13.71 25.76 24.36
N TYR H 8 14.94 25.32 24.10
CA TYR H 8 15.22 23.99 23.56
C TYR H 8 15.95 23.18 24.62
N LYS H 9 15.47 21.97 24.86
CA LYS H 9 16.01 21.11 25.90
C LYS H 9 16.93 20.08 25.24
N LEU H 10 18.23 20.23 25.48
CA LEU H 10 19.26 19.40 24.89
C LEU H 10 19.87 18.52 25.98
N VAL H 11 20.18 17.27 25.64
CA VAL H 11 20.77 16.33 26.58
C VAL H 11 22.01 15.72 25.93
N VAL H 12 23.09 15.62 26.70
CA VAL H 12 24.35 15.06 26.21
C VAL H 12 24.47 13.67 26.83
N VAL H 13 24.22 12.63 26.02
CA VAL H 13 24.28 11.24 26.48
C VAL H 13 25.48 10.56 25.85
N GLY H 14 25.95 9.52 26.50
CA GLY H 14 27.13 8.80 26.04
C GLY H 14 27.82 8.12 27.19
N ALA H 15 28.76 7.25 26.85
CA ALA H 15 29.54 6.61 27.89
C ALA H 15 30.40 7.64 28.62
N GLY H 16 30.80 7.31 29.84
CA GLY H 16 31.68 8.17 30.58
C GLY H 16 33.11 8.10 30.06
N GLY H 17 33.86 9.16 30.32
CA GLY H 17 35.24 9.19 29.91
C GLY H 17 35.49 9.52 28.45
N VAL H 18 34.47 9.99 27.73
CA VAL H 18 34.63 10.40 26.34
C VAL H 18 34.84 11.89 26.21
N GLY H 19 34.67 12.66 27.28
CA GLY H 19 34.80 14.10 27.23
C GLY H 19 33.51 14.84 26.97
N LYS H 20 32.37 14.18 27.12
CA LYS H 20 31.08 14.83 26.85
C LYS H 20 30.83 15.98 27.81
N SER H 21 31.24 15.82 29.08
CA SER H 21 31.15 16.93 30.02
C SER H 21 32.10 18.06 29.65
N ALA H 22 33.34 17.71 29.29
CA ALA H 22 34.28 18.73 28.82
C ALA H 22 33.76 19.41 27.57
N LEU H 23 33.07 18.66 26.71
CA LEU H 23 32.48 19.23 25.51
C LEU H 23 31.41 20.27 25.85
N THR H 24 30.43 19.86 26.68
CA THR H 24 29.38 20.78 27.09
C THR H 24 29.95 22.01 27.78
N ILE H 25 30.98 21.83 28.61
CA ILE H 25 31.60 22.98 29.27
C ILE H 25 32.27 23.90 28.26
N GLN H 26 33.01 23.32 27.31
CA GLN H 26 33.72 24.12 26.33
C GLN H 26 32.75 24.90 25.44
N LEU H 27 31.51 24.43 25.32
CA LEU H 27 30.52 25.23 24.59
C LEU H 27 30.34 26.60 25.22
N ILE H 28 30.63 26.76 26.52
CA ILE H 28 30.50 28.05 27.17
C ILE H 28 31.90 28.65 27.35
N GLN H 29 32.36 29.41 26.36
CA GLN H 29 33.58 30.21 26.43
C GLN H 29 34.80 29.44 26.97
N ASP H 34 34.30 34.27 32.35
CA ASP H 34 35.54 33.56 32.61
C ASP H 34 35.45 32.75 33.90
N GLU H 35 34.88 33.36 34.94
CA GLU H 35 34.75 32.74 36.26
C GLU H 35 33.28 32.40 36.51
N TYR H 36 32.84 31.24 36.01
CA TYR H 36 31.52 30.71 36.31
C TYR H 36 31.59 29.28 36.83
N ASP H 37 30.45 28.79 37.29
CA ASP H 37 30.37 27.61 38.13
C ASP H 37 29.28 26.68 37.63
N PRO H 38 29.59 25.39 37.43
CA PRO H 38 28.57 24.45 36.94
C PRO H 38 27.53 24.04 37.97
N THR H 39 27.77 24.28 39.25
CA THR H 39 26.90 23.83 40.32
C THR H 39 25.66 24.70 40.49
N ILE H 40 25.52 25.76 39.69
CA ILE H 40 24.49 26.77 39.93
C ILE H 40 23.43 26.68 38.82
N GLU H 41 22.39 27.50 38.92
CA GLU H 41 21.24 27.47 38.02
C GLU H 41 21.64 27.70 36.57
N ASP H 42 22.10 28.92 36.26
CA ASP H 42 22.37 29.32 34.89
C ASP H 42 23.47 28.48 34.24
N SER H 43 24.19 27.69 35.03
CA SER H 43 25.37 26.95 34.59
C SER H 43 25.20 26.28 33.23
N TYR H 44 24.08 25.58 33.03
CA TYR H 44 23.86 24.84 31.80
C TYR H 44 22.74 25.45 30.98
N ARG H 45 22.73 26.78 30.89
CA ARG H 45 21.77 27.50 30.07
C ARG H 45 22.47 28.64 29.35
N LYS H 46 22.28 28.73 28.05
CA LYS H 46 22.89 29.78 27.25
C LYS H 46 21.85 30.40 26.32
N GLN H 47 21.66 31.71 26.44
CA GLN H 47 20.76 32.45 25.55
C GLN H 47 21.56 32.94 24.36
N VAL H 48 21.32 32.34 23.18
CA VAL H 48 22.04 32.71 21.96
C VAL H 48 21.07 32.75 20.79
N VAL H 49 21.49 33.44 19.74
CA VAL H 49 20.71 33.60 18.52
C VAL H 49 21.25 32.61 17.49
N ILE H 50 20.34 31.83 16.89
CA ILE H 50 20.70 30.86 15.85
C ILE H 50 19.92 31.29 14.62
N ASP H 51 19.97 30.50 13.54
CA ASP H 51 20.05 30.98 12.17
C ASP H 51 19.39 32.34 11.97
N GLY H 52 18.12 32.45 12.27
CA GLY H 52 17.45 33.74 12.19
C GLY H 52 16.93 34.25 13.52
N GLU H 53 16.50 33.32 14.37
CA GLU H 53 15.77 33.63 15.59
C GLU H 53 16.57 33.29 16.84
N THR H 54 16.30 34.06 17.89
CA THR H 54 16.95 33.85 19.18
C THR H 54 16.44 32.56 19.84
N CYS H 55 17.27 31.98 20.69
CA CYS H 55 16.89 30.72 21.32
C CYS H 55 17.60 30.60 22.67
N LEU H 56 17.03 29.74 23.50
CA LEU H 56 17.54 29.46 24.84
C LEU H 56 17.92 28.00 24.90
N LEU H 57 19.19 27.71 25.16
CA LEU H 57 19.65 26.33 25.23
C LEU H 57 19.66 25.93 26.68
N ASP H 58 18.79 24.99 27.03
CA ASP H 58 18.75 24.38 28.35
C ASP H 58 19.44 23.03 28.16
N ILE H 59 20.71 22.97 28.52
CA ILE H 59 21.57 21.83 28.24
C ILE H 59 21.64 20.98 29.51
N LEU H 60 21.66 19.67 29.33
CA LEU H 60 21.75 18.75 30.45
C LEU H 60 22.87 17.75 30.18
N ASP H 61 23.91 17.80 30.99
CA ASP H 61 24.92 16.76 30.95
C ASP H 61 24.44 15.58 31.78
N THR H 62 24.87 14.38 31.39
CA THR H 62 24.41 13.15 32.03
C THR H 62 25.59 12.45 32.72
N ALA H 63 26.42 13.22 33.42
CA ALA H 63 27.65 12.70 34.01
C ALA H 63 27.39 11.59 35.03
N GLY H 64 26.76 11.93 36.15
CA GLY H 64 26.51 10.96 37.21
C GLY H 64 25.12 10.39 37.17
N GLN H 65 24.28 10.93 36.29
CA GLN H 65 22.87 10.56 36.19
C GLN H 65 22.65 9.33 35.33
N GLU H 66 23.70 8.85 34.66
CA GLU H 66 23.56 7.68 33.80
C GLU H 66 23.21 6.44 34.60
N GLU H 67 23.77 6.32 35.81
CA GLU H 67 23.64 5.07 36.56
C GLU H 67 22.23 4.88 37.10
N TYR H 68 21.51 5.97 37.34
CA TYR H 68 20.20 5.90 38.00
C TYR H 68 19.11 5.81 36.93
N SER H 69 18.35 4.71 36.96
CA SER H 69 17.32 4.48 35.96
C SER H 69 16.20 5.52 36.04
N ALA H 70 15.81 5.90 37.26
CA ALA H 70 14.74 6.88 37.42
C ALA H 70 15.14 8.22 36.81
N MET H 71 16.34 8.69 37.14
CA MET H 71 16.86 9.92 36.54
C MET H 71 17.00 9.74 35.03
N ARG H 72 17.40 8.55 34.60
CA ARG H 72 17.53 8.26 33.18
C ARG H 72 16.22 8.53 32.45
N ASP H 73 15.14 7.90 32.90
CA ASP H 73 13.84 8.12 32.28
C ASP H 73 13.39 9.57 32.42
N GLN H 74 13.72 10.24 33.53
CA GLN H 74 13.31 11.63 33.65
C GLN H 74 13.94 12.50 32.57
N TYR H 75 15.27 12.41 32.41
CA TYR H 75 15.91 13.26 31.41
C TYR H 75 15.68 12.78 29.99
N MET H 76 15.31 11.50 29.79
CA MET H 76 14.93 11.08 28.44
C MET H 76 13.53 11.58 28.07
N ARG H 77 12.62 11.60 29.04
CA ARG H 77 11.27 12.07 28.78
C ARG H 77 11.23 13.58 28.61
N THR H 78 11.97 14.31 29.45
CA THR H 78 11.94 15.77 29.37
C THR H 78 12.74 16.31 28.19
N GLY H 79 13.77 15.59 27.74
CA GLY H 79 14.65 16.13 26.71
C GLY H 79 13.97 16.18 25.36
N GLU H 80 14.27 17.24 24.60
CA GLU H 80 13.78 17.36 23.24
C GLU H 80 14.79 16.86 22.22
N GLY H 81 16.07 17.16 22.40
CA GLY H 81 17.10 16.64 21.52
C GLY H 81 18.24 16.04 22.30
N PHE H 82 18.92 15.07 21.69
CA PHE H 82 19.92 14.25 22.36
C PHE H 82 21.19 14.17 21.51
N LEU H 83 22.33 14.26 22.18
CA LEU H 83 23.65 14.10 21.57
C LEU H 83 24.23 12.76 22.02
N CYS H 84 24.22 11.77 21.12
CA CYS H 84 24.79 10.46 21.42
C CYS H 84 26.28 10.52 21.08
N VAL H 85 27.12 10.67 22.11
CA VAL H 85 28.54 10.92 21.94
C VAL H 85 29.30 9.63 22.14
N PHE H 86 30.44 9.50 21.43
CA PHE H 86 31.37 8.42 21.66
C PHE H 86 32.78 8.91 21.35
N ALA H 87 33.76 8.15 21.81
CA ALA H 87 35.17 8.48 21.63
C ALA H 87 35.76 7.66 20.48
N ILE H 88 36.47 8.35 19.58
CA ILE H 88 36.99 7.71 18.37
C ILE H 88 38.06 6.68 18.70
N ASN H 89 38.75 6.83 19.83
CA ASN H 89 39.75 5.87 20.27
C ASN H 89 39.17 4.85 21.24
N ASN H 90 37.85 4.73 21.30
CA ASN H 90 37.18 3.79 22.21
C ASN H 90 36.04 3.14 21.44
N THR H 91 36.28 1.90 20.99
CA THR H 91 35.27 1.17 20.22
C THR H 91 34.01 0.91 21.05
N LYS H 92 34.19 0.63 22.33
CA LYS H 92 33.07 0.29 23.21
C LYS H 92 32.06 1.43 23.31
N SER H 93 32.55 2.67 23.37
CA SER H 93 31.65 3.82 23.37
C SER H 93 30.80 3.85 22.10
N PHE H 94 31.38 3.44 20.97
CA PHE H 94 30.60 3.38 19.73
C PHE H 94 29.62 2.22 19.73
N GLU H 95 29.96 1.11 20.39
CA GLU H 95 29.04 -0.02 20.43
C GLU H 95 27.88 0.27 21.38
N ASP H 96 28.08 1.17 22.35
CA ASP H 96 27.02 1.54 23.27
C ASP H 96 25.92 2.37 22.61
N ILE H 97 26.23 2.99 21.46
CA ILE H 97 25.27 3.89 20.80
C ILE H 97 23.99 3.14 20.47
N HIS H 98 24.11 1.86 20.15
CA HIS H 98 22.93 1.05 19.83
C HIS H 98 21.94 1.03 20.98
N GLN H 99 22.41 0.66 22.18
CA GLN H 99 21.51 0.56 23.31
C GLN H 99 21.04 1.94 23.79
N TYR H 100 21.90 2.96 23.72
CA TYR H 100 21.42 4.32 24.01
C TYR H 100 20.24 4.69 23.12
N ARG H 101 20.42 4.54 21.81
CA ARG H 101 19.38 4.93 20.86
C ARG H 101 18.11 4.10 21.06
N GLU H 102 18.26 2.80 21.33
CA GLU H 102 17.08 1.97 21.54
C GLU H 102 16.33 2.38 22.80
N GLN H 103 17.05 2.69 23.89
CA GLN H 103 16.40 3.15 25.11
C GLN H 103 15.61 4.43 24.87
N ILE H 104 16.22 5.37 24.15
CA ILE H 104 15.53 6.62 23.84
C ILE H 104 14.29 6.37 22.99
N LYS H 105 14.40 5.48 22.01
CA LYS H 105 13.24 5.18 21.15
C LYS H 105 12.11 4.60 21.98
N ARG H 106 12.44 3.75 22.95
CA ARG H 106 11.40 3.15 23.78
C ARG H 106 10.76 4.17 24.72
N VAL H 107 11.56 5.09 25.27
CA VAL H 107 10.98 6.06 26.19
C VAL H 107 10.15 7.09 25.45
N LYS H 108 10.47 7.35 24.18
CA LYS H 108 9.68 8.31 23.42
C LYS H 108 8.58 7.65 22.60
N ASP H 109 8.66 6.33 22.40
CA ASP H 109 7.65 5.57 21.67
C ASP H 109 7.41 6.20 20.30
N SER H 110 8.51 6.54 19.64
CA SER H 110 8.50 7.16 18.32
C SER H 110 9.80 6.77 17.65
N ASP H 111 9.75 6.52 16.35
CA ASP H 111 10.91 6.03 15.62
C ASP H 111 11.81 7.13 15.09
N ASP H 112 11.36 8.38 15.06
CA ASP H 112 12.16 9.49 14.55
C ASP H 112 12.31 10.48 15.68
N VAL H 113 13.37 10.31 16.47
CA VAL H 113 13.67 11.17 17.61
C VAL H 113 14.84 12.08 17.24
N PRO H 114 14.73 13.40 17.44
CA PRO H 114 15.84 14.30 17.09
C PRO H 114 17.12 14.01 17.86
N MET H 115 18.14 13.53 17.16
CA MET H 115 19.45 13.32 17.75
C MET H 115 20.49 13.40 16.64
N VAL H 116 21.76 13.51 17.05
CA VAL H 116 22.87 13.59 16.12
C VAL H 116 24.07 12.92 16.76
N LEU H 117 24.72 12.03 16.01
CA LEU H 117 25.85 11.29 16.53
C LEU H 117 27.12 12.13 16.46
N VAL H 118 27.92 12.08 17.53
CA VAL H 118 29.09 12.92 17.69
C VAL H 118 30.28 12.04 18.04
N GLY H 119 31.35 12.16 17.26
CA GLY H 119 32.63 11.54 17.60
C GLY H 119 33.56 12.57 18.21
N ASN H 120 34.46 12.10 19.08
CA ASN H 120 35.36 12.99 19.79
C ASN H 120 36.74 12.37 19.94
N ALA H 126 46.27 7.33 18.64
CA ALA H 126 45.59 7.97 17.51
C ALA H 126 44.09 7.75 17.55
N ARG H 127 43.59 6.82 16.73
CA ARG H 127 42.16 6.60 16.62
C ARG H 127 41.89 5.12 16.34
N THR H 128 40.76 4.62 16.88
CA THR H 128 40.36 3.23 16.68
C THR H 128 38.94 3.10 16.15
N VAL H 129 38.32 4.18 15.67
CA VAL H 129 36.99 4.13 15.04
C VAL H 129 37.03 5.02 13.81
N GLU H 130 36.77 4.45 12.63
CA GLU H 130 36.82 5.21 11.39
C GLU H 130 35.52 5.97 11.19
N SER H 131 35.63 7.17 10.59
CA SER H 131 34.44 7.93 10.21
C SER H 131 33.53 7.12 9.30
N ARG H 132 34.08 6.14 8.60
CA ARG H 132 33.28 5.29 7.73
C ARG H 132 32.21 4.52 8.50
N GLN H 133 32.59 3.93 9.62
CA GLN H 133 31.65 3.14 10.41
C GLN H 133 30.53 4.01 10.98
N ALA H 134 30.92 5.11 11.62
CA ALA H 134 29.92 5.99 12.24
C ALA H 134 29.01 6.61 11.20
N GLN H 135 29.55 7.01 10.04
CA GLN H 135 28.72 7.57 9.00
C GLN H 135 27.76 6.53 8.43
N ASP H 136 28.23 5.29 8.29
CA ASP H 136 27.35 4.23 7.81
C ASP H 136 26.20 4.01 8.79
N LEU H 137 26.49 4.06 10.09
CA LEU H 137 25.42 3.87 11.08
C LEU H 137 24.46 5.05 11.10
N ALA H 138 24.99 6.28 11.06
CA ALA H 138 24.14 7.46 11.07
C ALA H 138 23.21 7.48 9.86
N ARG H 139 23.74 7.15 8.67
CA ARG H 139 22.89 7.01 7.50
C ARG H 139 21.92 5.84 7.65
N SER H 140 22.34 4.78 8.34
CA SER H 140 21.47 3.64 8.58
C SER H 140 20.24 4.05 9.37
N TYR H 141 20.37 5.04 10.25
CA TYR H 141 19.19 5.53 10.95
C TYR H 141 19.14 7.06 10.98
N GLY H 142 19.44 7.68 9.84
CA GLY H 142 18.97 9.01 9.49
C GLY H 142 19.29 10.14 10.44
N ILE H 143 20.34 10.02 11.26
CA ILE H 143 20.74 11.14 12.11
C ILE H 143 22.03 11.73 11.55
N PRO H 144 22.25 13.04 11.69
CA PRO H 144 23.53 13.60 11.26
C PRO H 144 24.69 13.02 12.06
N TYR H 145 25.89 13.16 11.51
CA TYR H 145 27.11 12.71 12.16
C TYR H 145 28.15 13.82 12.08
N ILE H 146 28.72 14.18 13.23
CA ILE H 146 29.69 15.26 13.31
C ILE H 146 30.83 14.83 14.22
N GLU H 147 32.03 15.34 13.95
CA GLU H 147 33.19 15.12 14.82
C GLU H 147 33.70 16.44 15.35
N THR H 148 34.19 16.40 16.58
CA THR H 148 34.64 17.58 17.30
C THR H 148 35.91 17.21 18.06
N SER H 149 36.39 18.17 18.86
CA SER H 149 37.44 17.90 19.84
C SER H 149 37.34 19.00 20.88
N ALA H 150 36.83 18.66 22.07
CA ALA H 150 36.65 19.66 23.12
C ALA H 150 37.98 20.29 23.52
N LYS H 151 39.07 19.55 23.37
CA LYS H 151 40.38 20.12 23.68
C LYS H 151 40.68 21.32 22.79
N THR H 152 40.68 21.12 21.47
CA THR H 152 41.01 22.21 20.55
C THR H 152 39.87 22.59 19.61
N ARG H 153 39.41 21.68 18.74
CA ARG H 153 38.83 22.13 17.48
C ARG H 153 37.46 22.77 17.68
N GLN H 154 36.75 22.36 18.73
CA GLN H 154 35.50 23.01 19.13
C GLN H 154 34.52 23.12 17.97
N GLY H 155 34.24 21.99 17.33
CA GLY H 155 33.09 21.88 16.45
C GLY H 155 31.84 21.80 17.29
N VAL H 156 32.01 22.16 18.56
CA VAL H 156 30.95 22.10 19.56
C VAL H 156 29.73 22.90 19.10
N GLU H 157 29.96 24.14 18.68
CA GLU H 157 28.86 24.98 18.23
C GLU H 157 28.12 24.30 17.08
N ASP H 158 28.87 23.68 16.17
CA ASP H 158 28.27 22.97 15.05
C ASP H 158 27.40 21.81 15.53
N ALA H 159 27.89 21.03 16.50
CA ALA H 159 27.14 19.87 16.96
C ALA H 159 25.84 20.28 17.64
N PHE H 160 25.94 21.18 18.63
CA PHE H 160 24.75 21.64 19.34
C PHE H 160 23.76 22.29 18.38
N TYR H 161 24.23 23.18 17.51
CA TYR H 161 23.33 23.90 16.62
C TYR H 161 22.72 22.96 15.58
N THR H 162 23.45 21.93 15.16
CA THR H 162 22.88 20.90 14.28
C THR H 162 21.75 20.16 14.97
N LEU H 163 21.95 19.80 16.24
CA LEU H 163 20.87 19.14 16.99
C LEU H 163 19.67 20.07 17.13
N VAL H 164 19.93 21.36 17.38
CA VAL H 164 18.85 22.35 17.43
C VAL H 164 18.09 22.38 16.11
N ARG H 165 18.81 22.34 14.98
CA ARG H 165 18.15 22.35 13.69
C ARG H 165 17.30 21.09 13.48
N GLU H 166 17.77 19.94 13.97
CA GLU H 166 16.95 18.74 13.91
C GLU H 166 15.69 18.88 14.75
N ILE H 167 15.79 19.53 15.91
CA ILE H 167 14.60 19.78 16.72
C ILE H 167 13.64 20.70 15.97
N ARG H 168 14.16 21.77 15.38
CA ARG H 168 13.34 22.75 14.69
C ARG H 168 12.57 22.14 13.52
N GLN H 169 13.17 21.18 12.83
CA GLN H 169 12.58 20.64 11.62
C GLN H 169 11.67 19.44 11.87
N HIS H 170 11.75 18.83 13.04
CA HIS H 170 10.92 17.67 13.36
C HIS H 170 9.47 18.07 13.63
N LEU I 19 -19.35 -35.31 -36.25
CA LEU I 19 -19.54 -34.46 -37.42
C LEU I 19 -19.64 -35.28 -38.70
N LEU I 20 -20.40 -36.38 -38.66
CA LEU I 20 -20.53 -37.25 -39.82
C LEU I 20 -21.06 -36.46 -41.02
N GLU I 21 -22.31 -36.01 -40.94
CA GLU I 21 -22.87 -35.23 -42.03
C GLU I 21 -22.21 -33.85 -42.13
N LYS I 22 -21.72 -33.31 -41.01
CA LYS I 22 -21.03 -32.03 -41.08
C LYS I 22 -19.76 -32.13 -41.92
N CYS I 23 -18.95 -33.16 -41.67
CA CYS I 23 -17.78 -33.37 -42.51
C CYS I 23 -18.16 -33.73 -43.94
N ILE I 24 -19.31 -34.40 -44.12
CA ILE I 24 -19.84 -34.62 -45.47
C ILE I 24 -20.15 -33.29 -46.15
N GLN I 25 -20.50 -32.27 -45.37
CA GLN I 25 -21.02 -31.01 -45.88
C GLN I 25 -19.93 -30.09 -46.44
N SER I 26 -18.76 -30.63 -46.76
CA SER I 26 -17.69 -29.85 -47.38
C SER I 26 -17.92 -29.61 -48.88
N PHE I 27 -19.11 -29.92 -49.40
CA PHE I 27 -19.44 -29.56 -50.78
C PHE I 27 -20.35 -28.34 -50.80
N HIS I 35 -15.00 -19.25 -53.14
CA HIS I 35 -14.96 -20.71 -53.11
C HIS I 35 -14.24 -21.23 -51.86
N GLU I 36 -15.05 -21.56 -50.84
CA GLU I 36 -14.53 -22.08 -49.58
C GLU I 36 -13.79 -23.39 -49.81
N ASP I 37 -12.47 -23.39 -49.62
CA ASP I 37 -11.62 -24.51 -49.99
C ASP I 37 -11.02 -25.25 -48.81
N HIS I 38 -10.37 -24.53 -47.89
CA HIS I 38 -9.60 -25.19 -46.83
C HIS I 38 -10.44 -26.13 -45.99
N MET I 39 -11.76 -25.95 -45.95
CA MET I 39 -12.63 -26.98 -45.41
C MET I 39 -12.43 -28.29 -46.16
N LEU I 40 -12.72 -28.27 -47.48
CA LEU I 40 -12.63 -29.49 -48.27
C LEU I 40 -11.21 -30.02 -48.36
N ASN I 41 -10.26 -29.16 -48.74
CA ASN I 41 -8.87 -29.59 -48.85
C ASN I 41 -8.36 -30.11 -47.52
N MET I 42 -8.75 -29.47 -46.42
CA MET I 42 -8.29 -29.87 -45.10
C MET I 42 -8.83 -31.25 -44.73
N VAL I 43 -10.14 -31.45 -44.90
CA VAL I 43 -10.72 -32.76 -44.59
C VAL I 43 -10.08 -33.84 -45.44
N LEU I 44 -9.93 -33.59 -46.74
CA LEU I 44 -9.42 -34.62 -47.63
C LEU I 44 -7.96 -34.93 -47.35
N ALA I 45 -7.19 -33.96 -46.85
CA ALA I 45 -5.80 -34.20 -46.54
C ALA I 45 -5.62 -34.85 -45.17
N MET I 46 -6.49 -34.52 -44.21
CA MET I 46 -6.24 -34.85 -42.81
C MET I 46 -7.16 -35.90 -42.22
N HIS I 47 -8.21 -36.32 -42.91
CA HIS I 47 -9.07 -37.36 -42.36
C HIS I 47 -8.31 -38.66 -42.13
N SER I 48 -7.33 -38.94 -42.99
CA SER I 48 -6.59 -40.20 -42.90
C SER I 48 -5.85 -40.33 -41.57
N TRP I 49 -5.52 -39.19 -40.95
CA TRP I 49 -4.98 -39.20 -39.59
C TRP I 49 -5.93 -39.92 -38.63
N VAL I 50 -7.13 -39.39 -38.48
CA VAL I 50 -8.05 -39.78 -37.42
C VAL I 50 -8.92 -40.95 -37.87
N LEU I 51 -9.75 -40.71 -38.87
CA LEU I 51 -10.75 -41.67 -39.32
C LEU I 51 -10.22 -42.48 -40.49
N PRO I 52 -10.42 -43.80 -40.50
CA PRO I 52 -10.11 -44.59 -41.70
C PRO I 52 -10.83 -44.02 -42.91
N SER I 53 -10.04 -43.61 -43.91
CA SER I 53 -10.63 -43.07 -45.14
C SER I 53 -11.63 -44.04 -45.75
N ALA I 54 -11.38 -45.35 -45.59
CA ALA I 54 -12.35 -46.35 -46.03
C ALA I 54 -13.70 -46.15 -45.35
N ASP I 55 -13.69 -45.71 -44.08
CA ASP I 55 -14.95 -45.46 -43.38
C ASP I 55 -15.67 -44.26 -43.95
N LEU I 56 -14.94 -43.20 -44.33
CA LEU I 56 -15.60 -42.08 -44.99
C LEU I 56 -16.19 -42.51 -46.32
N ALA I 57 -15.45 -43.29 -47.11
CA ALA I 57 -15.98 -43.73 -48.39
C ALA I 57 -17.22 -44.62 -48.22
N ALA I 58 -17.22 -45.49 -47.21
CA ALA I 58 -18.39 -46.32 -46.95
C ALA I 58 -19.58 -45.48 -46.49
N ARG I 59 -19.34 -44.49 -45.63
CA ARG I 59 -20.41 -43.60 -45.18
C ARG I 59 -20.99 -42.81 -46.35
N LEU I 60 -20.13 -42.33 -47.25
CA LEU I 60 -20.62 -41.59 -48.41
C LEU I 60 -21.43 -42.49 -49.34
N LEU I 61 -20.93 -43.70 -49.59
CA LEU I 61 -21.68 -44.65 -50.40
C LEU I 61 -23.05 -44.95 -49.80
N THR I 62 -23.11 -45.16 -48.49
CA THR I 62 -24.40 -45.44 -47.85
C THR I 62 -25.33 -44.23 -47.87
N SER I 63 -24.79 -43.02 -47.72
CA SER I 63 -25.65 -41.84 -47.74
C SER I 63 -26.17 -41.53 -49.14
N TYR I 64 -25.31 -41.73 -50.15
CA TYR I 64 -25.70 -41.51 -51.55
C TYR I 64 -27.00 -42.21 -51.91
N GLN I 65 -27.21 -43.41 -51.38
CA GLN I 65 -28.35 -44.24 -51.74
C GLN I 65 -29.66 -43.72 -51.15
N GLN I 72 -35.10 -34.41 -54.32
CA GLN I 72 -35.39 -34.24 -55.74
C GLN I 72 -34.27 -33.53 -56.49
N GLU I 73 -33.93 -32.32 -56.04
CA GLU I 73 -32.75 -31.65 -56.60
C GLU I 73 -31.53 -32.38 -56.09
N LEU I 74 -31.02 -33.29 -56.91
CA LEU I 74 -30.23 -34.42 -56.41
C LEU I 74 -28.84 -33.99 -55.93
N ARG I 75 -28.47 -34.52 -54.76
CA ARG I 75 -27.13 -34.43 -54.23
C ARG I 75 -26.13 -35.28 -55.01
N ARG I 76 -26.62 -36.19 -55.85
CA ARG I 76 -25.76 -37.15 -56.54
C ARG I 76 -24.64 -36.45 -57.31
N LEU I 77 -24.95 -35.30 -57.90
CA LEU I 77 -23.89 -34.58 -58.60
C LEU I 77 -22.84 -34.07 -57.62
N GLN I 78 -23.29 -33.54 -56.47
CA GLN I 78 -22.36 -33.04 -55.45
C GLN I 78 -21.46 -34.15 -54.93
N ILE I 79 -22.02 -35.32 -54.61
CA ILE I 79 -21.21 -36.42 -54.09
C ILE I 79 -20.24 -36.93 -55.15
N CYS I 80 -20.72 -37.13 -56.38
CA CYS I 80 -19.83 -37.61 -57.43
C CYS I 80 -18.67 -36.63 -57.65
N HIS I 81 -18.97 -35.33 -57.65
CA HIS I 81 -17.90 -34.35 -57.82
C HIS I 81 -16.94 -34.32 -56.64
N LEU I 82 -17.44 -34.54 -55.41
CA LEU I 82 -16.50 -34.56 -54.29
C LEU I 82 -15.59 -35.78 -54.36
N VAL I 83 -16.16 -36.94 -54.73
CA VAL I 83 -15.35 -38.15 -54.90
C VAL I 83 -14.29 -37.95 -55.98
N ARG I 84 -14.70 -37.49 -57.16
CA ARG I 84 -13.72 -37.27 -58.22
C ARG I 84 -12.67 -36.25 -57.81
N TYR I 85 -13.11 -35.19 -57.11
CA TYR I 85 -12.19 -34.14 -56.68
C TYR I 85 -11.10 -34.70 -55.78
N TRP I 86 -11.48 -35.43 -54.72
CA TRP I 86 -10.47 -35.85 -53.76
C TRP I 86 -9.63 -37.01 -54.31
N LEU I 87 -10.20 -37.86 -55.18
CA LEU I 87 -9.38 -38.84 -55.88
C LEU I 87 -8.38 -38.19 -56.83
N MET I 88 -8.75 -37.06 -57.44
CA MET I 88 -7.83 -36.37 -58.34
C MET I 88 -6.77 -35.59 -57.58
N ARG I 89 -7.15 -34.99 -56.44
CA ARG I 89 -6.24 -34.13 -55.69
C ARG I 89 -5.03 -34.90 -55.19
N HIS I 90 -5.24 -36.12 -54.69
CA HIS I 90 -4.13 -36.99 -54.33
C HIS I 90 -4.54 -38.45 -54.37
N PRO I 91 -4.29 -39.14 -55.49
CA PRO I 91 -4.55 -40.60 -55.53
C PRO I 91 -3.65 -41.41 -54.62
N GLU I 92 -2.65 -40.76 -53.99
CA GLU I 92 -1.73 -41.41 -53.09
C GLU I 92 -2.44 -42.26 -52.04
N VAL I 93 -3.70 -41.92 -51.74
CA VAL I 93 -4.47 -42.58 -50.68
C VAL I 93 -5.03 -43.94 -51.09
N MET I 94 -4.74 -44.41 -52.31
CA MET I 94 -5.28 -45.69 -52.75
C MET I 94 -4.22 -46.76 -53.01
N HIS I 95 -2.94 -46.43 -52.94
CA HIS I 95 -1.89 -47.39 -53.27
C HIS I 95 -1.62 -48.38 -52.15
N GLN I 96 -2.26 -48.22 -50.98
CA GLN I 96 -2.08 -49.17 -49.88
C GLN I 96 -3.39 -49.48 -49.15
N ASP I 97 -4.54 -49.16 -49.74
CA ASP I 97 -5.82 -49.19 -49.03
C ASP I 97 -6.84 -49.98 -49.83
N PRO I 98 -6.82 -51.32 -49.72
CA PRO I 98 -7.80 -52.13 -50.47
C PRO I 98 -9.24 -51.91 -50.02
N GLN I 99 -9.47 -51.56 -48.75
CA GLN I 99 -10.82 -51.34 -48.27
C GLN I 99 -11.46 -50.14 -48.98
N LEU I 100 -10.72 -49.04 -49.05
CA LEU I 100 -11.18 -47.86 -49.79
C LEU I 100 -11.39 -48.19 -51.25
N GLU I 101 -10.48 -48.96 -51.84
CA GLU I 101 -10.65 -49.39 -53.23
C GLU I 101 -11.97 -50.14 -53.40
N GLU I 102 -12.27 -51.05 -52.47
CA GLU I 102 -13.52 -51.80 -52.53
C GLU I 102 -14.72 -50.88 -52.50
N VAL I 103 -14.75 -49.97 -51.53
CA VAL I 103 -15.96 -49.18 -51.36
C VAL I 103 -16.13 -48.18 -52.51
N ILE I 104 -15.03 -47.64 -53.04
CA ILE I 104 -15.18 -46.70 -54.16
C ILE I 104 -15.49 -47.43 -55.46
N GLY I 105 -14.97 -48.64 -55.67
CA GLY I 105 -15.35 -49.41 -56.85
C GLY I 105 -16.83 -49.79 -56.81
N ARG I 106 -17.29 -50.25 -55.65
CA ARG I 106 -18.71 -50.54 -55.48
C ARG I 106 -19.54 -49.27 -55.67
N PHE I 107 -18.98 -48.14 -55.25
CA PHE I 107 -19.63 -46.85 -55.44
C PHE I 107 -19.81 -46.55 -56.92
N TRP I 108 -18.74 -46.70 -57.71
CA TRP I 108 -18.82 -46.43 -59.14
C TRP I 108 -19.75 -47.40 -59.84
N ALA I 109 -19.76 -48.68 -59.44
CA ALA I 109 -20.70 -49.61 -60.06
C ALA I 109 -22.16 -49.25 -59.74
N THR I 110 -22.42 -48.90 -58.48
CA THR I 110 -23.78 -48.53 -58.09
C THR I 110 -24.26 -47.28 -58.82
N VAL I 111 -23.40 -46.26 -58.88
CA VAL I 111 -23.77 -45.05 -59.60
C VAL I 111 -23.91 -45.34 -61.09
N ALA I 112 -23.05 -46.22 -61.64
CA ALA I 112 -23.07 -46.53 -63.06
C ALA I 112 -24.34 -47.25 -63.47
N ARG I 113 -24.97 -48.00 -62.56
CA ARG I 113 -26.17 -48.72 -62.97
C ARG I 113 -27.44 -48.00 -62.53
N GLU I 114 -27.32 -46.98 -61.67
CA GLU I 114 -28.45 -46.16 -61.26
C GLU I 114 -28.18 -44.68 -61.45
N GLY I 115 -27.30 -44.34 -62.41
CA GLY I 115 -27.07 -42.95 -62.75
C GLY I 115 -27.51 -42.63 -64.16
N ASN I 116 -28.54 -41.81 -64.29
CA ASN I 116 -29.18 -41.55 -65.58
C ASN I 116 -28.26 -40.66 -66.42
N SER I 117 -27.24 -41.28 -66.99
CA SER I 117 -26.25 -40.61 -67.84
C SER I 117 -25.54 -39.48 -67.09
N ALA I 118 -25.28 -39.71 -65.81
CA ALA I 118 -24.38 -38.87 -65.02
C ALA I 118 -23.18 -39.63 -64.47
N GLN I 119 -23.24 -40.96 -64.46
CA GLN I 119 -22.20 -41.79 -63.85
C GLN I 119 -21.06 -42.08 -64.82
N ARG I 120 -21.38 -42.62 -65.99
CA ARG I 120 -20.34 -42.91 -66.98
C ARG I 120 -19.62 -41.64 -67.40
N ARG I 121 -20.35 -40.53 -67.50
CA ARG I 121 -19.71 -39.24 -67.73
C ARG I 121 -18.68 -38.94 -66.65
N LEU I 122 -18.99 -39.27 -65.40
CA LEU I 122 -18.05 -39.12 -64.30
C LEU I 122 -17.14 -40.33 -64.13
N GLY I 123 -17.25 -41.33 -65.00
CA GLY I 123 -16.33 -42.46 -64.99
C GLY I 123 -15.05 -42.23 -65.76
N ASP I 124 -14.90 -41.04 -66.37
CA ASP I 124 -13.72 -40.77 -67.18
C ASP I 124 -12.49 -40.47 -66.32
N SER I 125 -12.69 -39.94 -65.11
CA SER I 125 -11.56 -39.54 -64.28
C SER I 125 -10.79 -40.74 -63.73
N SER I 126 -11.46 -41.89 -63.60
CA SER I 126 -10.80 -43.06 -63.02
C SER I 126 -9.57 -43.47 -63.81
N ASP I 127 -9.56 -43.22 -65.12
CA ASP I 127 -8.42 -43.59 -65.95
C ASP I 127 -7.69 -42.36 -66.47
N VAL I 151 46.48 -39.77 -50.30
CA VAL I 151 46.45 -40.02 -51.73
C VAL I 151 45.11 -39.62 -52.34
N SER I 152 45.03 -38.35 -52.74
CA SER I 152 44.03 -37.85 -53.68
C SER I 152 42.59 -38.15 -53.25
N LEU I 153 42.20 -37.52 -52.15
CA LEU I 153 40.80 -37.57 -51.73
C LEU I 153 39.98 -36.54 -52.51
N LEU I 154 38.67 -36.76 -52.55
CA LEU I 154 37.78 -35.90 -53.33
C LEU I 154 37.60 -34.52 -52.74
N PHE I 155 37.97 -34.34 -51.47
CA PHE I 155 37.86 -33.05 -50.78
C PHE I 155 39.09 -32.20 -51.09
N ASP I 156 39.33 -31.97 -52.38
CA ASP I 156 40.65 -31.53 -52.85
C ASP I 156 40.75 -30.01 -52.84
N HIS I 157 40.06 -29.35 -53.77
CA HIS I 157 39.78 -27.92 -53.63
C HIS I 157 38.43 -27.59 -54.25
N LEU I 158 37.44 -28.46 -54.05
CA LEU I 158 36.08 -28.02 -54.31
C LEU I 158 35.84 -26.84 -53.39
N GLU I 159 35.74 -25.64 -53.96
CA GLU I 159 35.66 -24.44 -53.16
C GLU I 159 34.45 -24.49 -52.24
N THR I 160 34.52 -23.72 -51.15
CA THR I 160 33.49 -23.76 -50.11
C THR I 160 32.09 -23.59 -50.70
N GLY I 161 31.90 -22.54 -51.49
CA GLY I 161 30.59 -22.29 -52.07
C GLY I 161 30.13 -23.42 -52.98
N GLU I 162 31.06 -24.01 -53.73
CA GLU I 162 30.67 -25.07 -54.65
C GLU I 162 30.25 -26.32 -53.90
N LEU I 163 31.01 -26.69 -52.86
CA LEU I 163 30.60 -27.78 -51.98
C LEU I 163 29.22 -27.51 -51.40
N ALA I 164 28.99 -26.29 -50.92
CA ALA I 164 27.70 -25.96 -50.34
C ALA I 164 26.58 -26.14 -51.37
N GLN I 165 26.82 -25.73 -52.62
CA GLN I 165 25.78 -25.82 -53.64
C GLN I 165 25.50 -27.26 -54.03
N HIS I 166 26.55 -28.09 -54.13
CA HIS I 166 26.33 -29.49 -54.47
C HIS I 166 25.58 -30.22 -53.35
N LEU I 167 25.99 -29.97 -52.10
CA LEU I 167 25.26 -30.50 -50.95
C LEU I 167 23.82 -30.04 -50.97
N THR I 168 23.58 -28.77 -51.33
CA THR I 168 22.21 -28.26 -51.39
C THR I 168 21.40 -28.99 -52.45
N TYR I 169 22.00 -29.33 -53.59
CA TYR I 169 21.25 -30.07 -54.60
C TYR I 169 20.90 -31.47 -54.12
N LEU I 170 21.85 -32.17 -53.50
CA LEU I 170 21.54 -33.47 -52.92
C LEU I 170 20.41 -33.37 -51.89
N GLU I 171 20.57 -32.46 -50.93
CA GLU I 171 19.57 -32.29 -49.88
C GLU I 171 18.20 -31.93 -50.46
N PHE I 172 18.16 -31.10 -51.51
CA PHE I 172 16.87 -30.69 -52.04
C PHE I 172 16.19 -31.81 -52.81
N ARG I 173 16.96 -32.60 -53.57
CA ARG I 173 16.33 -33.69 -54.30
C ARG I 173 15.83 -34.76 -53.34
N SER I 174 16.59 -35.04 -52.28
CA SER I 174 16.14 -36.02 -51.29
C SER I 174 14.96 -35.48 -50.49
N PHE I 175 14.98 -34.18 -50.16
CA PHE I 175 13.89 -33.54 -49.45
C PHE I 175 12.60 -33.60 -50.25
N GLN I 176 12.68 -33.38 -51.56
CA GLN I 176 11.49 -33.29 -52.40
C GLN I 176 10.69 -34.58 -52.44
N ALA I 177 11.30 -35.71 -52.12
CA ALA I 177 10.61 -36.99 -52.17
C ALA I 177 9.68 -37.24 -50.99
N ILE I 178 9.46 -36.23 -50.14
CA ILE I 178 8.71 -36.41 -48.90
C ILE I 178 7.22 -36.23 -49.19
N THR I 179 6.49 -37.33 -49.20
CA THR I 179 5.03 -37.27 -49.27
C THR I 179 4.47 -36.88 -47.89
N PRO I 180 3.39 -36.11 -47.86
CA PRO I 180 2.70 -35.91 -46.58
C PRO I 180 2.25 -37.23 -45.94
N GLN I 181 1.97 -38.25 -46.75
CA GLN I 181 1.65 -39.57 -46.21
C GLN I 181 2.82 -40.13 -45.40
N ASP I 182 4.05 -39.82 -45.80
CA ASP I 182 5.21 -40.30 -45.04
C ASP I 182 5.30 -39.61 -43.67
N LEU I 183 5.03 -38.30 -43.62
CA LEU I 183 4.99 -37.62 -42.33
C LEU I 183 3.87 -38.15 -41.47
N ARG I 184 2.73 -38.49 -42.09
CA ARG I 184 1.65 -39.15 -41.37
C ARG I 184 2.11 -40.46 -40.76
N SER I 185 2.78 -41.29 -41.58
CA SER I 185 3.25 -42.59 -41.09
C SER I 185 4.25 -42.41 -39.96
N TYR I 186 5.10 -41.37 -40.05
CA TYR I 186 6.03 -41.09 -38.95
C TYR I 186 5.26 -40.74 -37.67
N VAL I 187 4.43 -39.70 -37.73
CA VAL I 187 3.75 -39.22 -36.53
C VAL I 187 2.91 -40.32 -35.90
N LEU I 188 2.12 -41.04 -36.72
CA LEU I 188 1.27 -42.11 -36.19
C LEU I 188 2.10 -43.27 -35.66
N GLN I 189 3.22 -43.59 -36.32
CA GLN I 189 4.06 -44.71 -35.89
C GLN I 189 5.17 -44.28 -34.94
N GLY I 190 5.66 -43.06 -35.03
CA GLY I 190 6.82 -42.63 -34.25
C GLY I 190 8.14 -43.10 -34.79
N SER I 191 8.15 -43.88 -35.88
CA SER I 191 9.35 -44.47 -36.44
C SER I 191 9.30 -44.33 -37.95
N VAL I 192 10.29 -43.64 -38.53
CA VAL I 192 10.39 -43.42 -39.97
C VAL I 192 10.32 -44.74 -40.74
N ARG I 193 10.63 -45.85 -40.07
CA ARG I 193 10.65 -47.15 -40.74
C ARG I 193 9.29 -47.43 -41.35
N GLY I 194 9.24 -47.49 -42.69
CA GLY I 194 8.00 -47.43 -43.44
C GLY I 194 7.83 -46.14 -44.19
N CYS I 195 8.81 -45.24 -44.16
CA CYS I 195 8.79 -44.00 -44.90
C CYS I 195 10.10 -43.94 -45.68
N PRO I 196 10.22 -44.74 -46.75
CA PRO I 196 11.53 -44.87 -47.41
C PRO I 196 12.12 -43.54 -47.83
N ALA I 197 11.28 -42.61 -48.29
CA ALA I 197 11.78 -41.30 -48.70
C ALA I 197 12.40 -40.56 -47.52
N LEU I 198 11.67 -40.53 -46.39
CA LEU I 198 12.17 -39.87 -45.19
C LEU I 198 13.35 -40.62 -44.60
N GLU I 199 13.38 -41.94 -44.75
CA GLU I 199 14.55 -42.72 -44.35
C GLU I 199 15.78 -42.25 -45.11
N GLY I 200 15.63 -41.96 -46.40
CA GLY I 200 16.76 -41.50 -47.18
C GLY I 200 17.22 -40.12 -46.80
N SER I 201 16.30 -39.24 -46.39
CA SER I 201 16.70 -37.92 -45.93
C SER I 201 17.47 -38.00 -44.63
N VAL I 202 16.96 -38.78 -43.66
CA VAL I 202 17.65 -38.88 -42.38
C VAL I 202 19.00 -39.58 -42.55
N GLY I 203 19.07 -40.59 -43.43
CA GLY I 203 20.34 -41.22 -43.72
C GLY I 203 21.31 -40.31 -44.45
N LEU I 204 20.78 -39.43 -45.31
CA LEU I 204 21.62 -38.44 -45.97
C LEU I 204 22.26 -37.51 -44.94
N SER I 205 21.45 -36.98 -44.02
CA SER I 205 22.00 -36.08 -43.00
C SER I 205 23.01 -36.81 -42.10
N ASN I 206 22.69 -38.04 -41.69
CA ASN I 206 23.62 -38.81 -40.87
C ASN I 206 24.92 -39.08 -41.62
N SER I 207 24.83 -39.34 -42.92
CA SER I 207 26.03 -39.59 -43.72
C SER I 207 26.83 -38.32 -43.93
N VAL I 208 26.16 -37.16 -44.02
CA VAL I 208 26.89 -35.90 -44.10
C VAL I 208 27.68 -35.66 -42.81
N SER I 209 27.03 -35.84 -41.66
CA SER I 209 27.72 -35.66 -40.38
C SER I 209 28.87 -36.65 -40.23
N ARG I 210 28.62 -37.93 -40.53
CA ARG I 210 29.66 -38.95 -40.47
C ARG I 210 30.82 -38.62 -41.40
N TRP I 211 30.51 -38.14 -42.60
CA TRP I 211 31.54 -37.76 -43.56
C TRP I 211 32.39 -36.62 -43.02
N VAL I 212 31.77 -35.63 -42.39
CA VAL I 212 32.53 -34.54 -41.78
C VAL I 212 33.45 -35.10 -40.70
N GLN I 213 32.90 -35.95 -39.84
CA GLN I 213 33.69 -36.53 -38.74
C GLN I 213 34.90 -37.29 -39.27
N VAL I 214 34.66 -38.25 -40.16
CA VAL I 214 35.74 -39.09 -40.67
C VAL I 214 36.72 -38.28 -41.51
N MET I 215 36.27 -37.19 -42.13
CA MET I 215 37.19 -36.39 -42.93
C MET I 215 38.10 -35.54 -42.05
N VAL I 216 37.58 -35.06 -40.92
CA VAL I 216 38.42 -34.34 -39.96
C VAL I 216 39.38 -35.31 -39.27
N LEU I 217 38.89 -36.50 -38.92
CA LEU I 217 39.71 -37.45 -38.19
C LEU I 217 40.78 -38.09 -39.06
N SER I 218 40.61 -38.06 -40.39
CA SER I 218 41.60 -38.64 -41.29
C SER I 218 42.88 -37.81 -41.38
N ARG I 219 42.91 -36.61 -40.80
CA ARG I 219 44.09 -35.77 -40.86
C ARG I 219 44.99 -36.07 -39.67
N PRO I 220 46.19 -36.62 -39.88
CA PRO I 220 47.08 -36.88 -38.75
C PRO I 220 47.51 -35.63 -38.00
N GLY I 221 47.98 -34.62 -38.72
CA GLY I 221 48.39 -33.38 -38.10
C GLY I 221 47.22 -32.61 -37.51
N PRO I 222 47.35 -32.20 -36.25
CA PRO I 222 46.34 -31.32 -35.66
C PRO I 222 46.21 -30.00 -36.40
N LEU I 223 47.29 -29.52 -37.02
CA LEU I 223 47.21 -28.33 -37.85
C LEU I 223 46.42 -28.62 -39.12
N GLN I 224 46.64 -29.80 -39.71
CA GLN I 224 45.83 -30.23 -40.85
C GLN I 224 44.36 -30.29 -40.45
N ARG I 225 44.08 -30.87 -39.28
CA ARG I 225 42.71 -30.89 -38.76
C ARG I 225 42.16 -29.48 -38.58
N ALA I 226 43.00 -28.54 -38.14
CA ALA I 226 42.56 -27.16 -38.02
C ALA I 226 42.25 -26.54 -39.38
N GLN I 227 43.02 -26.92 -40.40
CA GLN I 227 42.73 -26.48 -41.75
C GLN I 227 41.37 -27.01 -42.22
N VAL I 228 41.11 -28.29 -41.94
CA VAL I 228 39.82 -28.88 -42.25
C VAL I 228 38.71 -28.15 -41.50
N LEU I 229 38.98 -27.76 -40.26
CA LEU I 229 37.98 -27.02 -39.48
C LEU I 229 37.70 -25.65 -40.09
N ASP I 230 38.75 -24.94 -40.50
CA ASP I 230 38.57 -23.69 -41.22
C ASP I 230 37.70 -23.88 -42.45
N LYS I 231 38.02 -24.88 -43.27
CA LYS I 231 37.28 -25.07 -44.52
C LYS I 231 35.81 -25.41 -44.23
N PHE I 232 35.55 -26.27 -43.25
CA PHE I 232 34.16 -26.61 -42.93
C PHE I 232 33.40 -25.44 -42.30
N ILE I 233 34.08 -24.60 -41.51
CA ILE I 233 33.42 -23.41 -40.97
C ILE I 233 33.03 -22.46 -42.11
N HIS I 234 33.92 -22.29 -43.09
CA HIS I 234 33.59 -21.46 -44.25
C HIS I 234 32.45 -22.08 -45.06
N VAL I 235 32.46 -23.40 -45.23
CA VAL I 235 31.35 -24.08 -45.89
C VAL I 235 30.05 -23.81 -45.13
N ALA I 236 30.09 -23.88 -43.80
CA ALA I 236 28.90 -23.60 -42.99
C ALA I 236 28.44 -22.15 -43.18
N GLN I 237 29.40 -21.22 -43.29
CA GLN I 237 29.04 -19.83 -43.55
C GLN I 237 28.30 -19.71 -44.87
N ARG I 238 28.81 -20.36 -45.92
CA ARG I 238 28.10 -20.32 -47.20
C ARG I 238 26.74 -21.00 -47.12
N LEU I 239 26.62 -22.06 -46.33
CA LEU I 239 25.32 -22.70 -46.14
C LEU I 239 24.36 -21.79 -45.40
N HIS I 240 24.87 -20.96 -44.50
CA HIS I 240 24.04 -19.93 -43.88
C HIS I 240 23.61 -18.90 -44.90
N GLN I 241 24.51 -18.53 -45.82
CA GLN I 241 24.16 -17.58 -46.87
C GLN I 241 23.09 -18.12 -47.81
N LEU I 242 23.18 -19.40 -48.17
CA LEU I 242 22.21 -20.04 -49.04
C LEU I 242 20.89 -20.36 -48.36
N GLN I 243 20.83 -20.25 -47.03
CA GLN I 243 19.62 -20.56 -46.27
C GLN I 243 19.20 -22.02 -46.45
N ASN I 244 20.18 -22.91 -46.42
CA ASN I 244 19.96 -24.36 -46.37
C ASN I 244 20.25 -24.79 -44.93
N PHE I 245 19.19 -24.91 -44.13
CA PHE I 245 19.38 -25.13 -42.69
C PHE I 245 19.50 -26.59 -42.31
N ASN I 246 18.93 -27.52 -43.09
CA ASN I 246 19.10 -28.93 -42.77
C ASN I 246 20.55 -29.36 -42.94
N THR I 247 21.11 -29.15 -44.13
CA THR I 247 22.53 -29.45 -44.35
C THR I 247 23.42 -28.60 -43.46
N LEU I 248 23.00 -27.37 -43.14
CA LEU I 248 23.75 -26.57 -42.18
C LEU I 248 23.81 -27.26 -40.83
N MET I 249 22.68 -27.82 -40.38
CA MET I 249 22.67 -28.57 -39.14
C MET I 249 23.58 -29.78 -39.22
N ALA I 250 23.52 -30.50 -40.33
CA ALA I 250 24.35 -31.70 -40.48
C ALA I 250 25.82 -31.35 -40.38
N VAL I 251 26.24 -30.28 -41.07
CA VAL I 251 27.66 -29.91 -41.10
C VAL I 251 28.10 -29.38 -39.74
N THR I 252 27.29 -28.52 -39.11
CA THR I 252 27.67 -27.98 -37.81
C THR I 252 27.74 -29.07 -36.75
N GLY I 253 26.73 -29.95 -36.72
CA GLY I 253 26.75 -31.04 -35.76
C GLY I 253 27.89 -32.00 -35.99
N GLY I 254 28.27 -32.23 -37.26
CA GLY I 254 29.49 -32.97 -37.50
C GLY I 254 30.71 -32.27 -36.97
N LEU I 255 30.71 -30.93 -36.97
CA LEU I 255 31.79 -30.19 -36.36
C LEU I 255 31.69 -30.22 -34.84
N CYS I 256 30.51 -29.95 -34.31
CA CYS I 256 30.30 -29.91 -32.87
C CYS I 256 30.11 -31.29 -32.25
N HIS I 257 30.21 -32.36 -33.04
CA HIS I 257 30.11 -33.70 -32.48
C HIS I 257 31.17 -33.93 -31.42
N SER I 258 30.82 -34.73 -30.41
CA SER I 258 31.73 -34.92 -29.28
C SER I 258 33.03 -35.57 -29.72
N ALA I 259 32.99 -36.43 -30.73
CA ALA I 259 34.21 -37.04 -31.23
C ALA I 259 35.13 -36.01 -31.90
N ILE I 260 34.57 -34.88 -32.32
CA ILE I 260 35.36 -33.79 -32.89
C ILE I 260 35.55 -32.66 -31.90
N SER I 261 34.51 -32.35 -31.10
CA SER I 261 34.58 -31.24 -30.15
C SER I 261 35.62 -31.48 -29.07
N ARG I 262 36.02 -32.72 -28.83
CA ARG I 262 36.98 -33.05 -27.79
C ARG I 262 38.43 -32.82 -28.21
N LEU I 263 38.68 -32.47 -29.48
CA LEU I 263 40.06 -32.29 -29.96
C LEU I 263 40.50 -30.86 -29.73
N LYS I 264 40.96 -30.59 -28.52
CA LYS I 264 41.36 -29.23 -28.16
C LYS I 264 42.67 -28.85 -28.85
N ASP I 265 43.58 -29.82 -29.03
CA ASP I 265 44.84 -29.53 -29.71
C ASP I 265 44.61 -28.98 -31.10
N SER I 266 43.65 -29.54 -31.83
CA SER I 266 43.35 -29.05 -33.18
C SER I 266 42.68 -27.68 -33.11
N HIS I 267 41.75 -27.50 -32.18
CA HIS I 267 41.07 -26.23 -32.01
C HIS I 267 42.01 -25.12 -31.55
N ALA I 268 43.20 -25.48 -31.06
CA ALA I 268 44.18 -24.48 -30.66
C ALA I 268 44.71 -23.72 -31.87
N HIS I 269 44.97 -24.42 -32.97
CA HIS I 269 45.45 -23.76 -34.18
C HIS I 269 44.33 -23.03 -34.93
N LEU I 270 43.08 -23.31 -34.60
CA LEU I 270 41.98 -22.71 -35.33
C LEU I 270 41.98 -21.20 -35.12
N SER I 271 41.74 -20.47 -36.21
CA SER I 271 41.79 -19.01 -36.18
C SER I 271 40.75 -18.46 -35.20
N PRO I 272 41.06 -17.36 -34.50
CA PRO I 272 40.04 -16.79 -33.59
C PRO I 272 38.77 -16.38 -34.32
N ASP I 273 38.88 -15.85 -35.54
CA ASP I 273 37.70 -15.56 -36.33
C ASP I 273 36.94 -16.83 -36.66
N SER I 274 37.67 -17.92 -36.94
CA SER I 274 37.01 -19.20 -37.25
C SER I 274 36.28 -19.75 -36.04
N THR I 275 36.93 -19.76 -34.87
CA THR I 275 36.27 -20.20 -33.65
C THR I 275 35.06 -19.33 -33.33
N LYS I 276 35.18 -18.02 -33.58
CA LYS I 276 34.08 -17.10 -33.33
C LYS I 276 32.88 -17.43 -34.22
N ALA I 277 33.13 -17.64 -35.51
CA ALA I 277 32.05 -18.00 -36.42
C ALA I 277 31.42 -19.33 -36.02
N LEU I 278 32.25 -20.30 -35.64
CA LEU I 278 31.74 -21.58 -35.18
C LEU I 278 30.85 -21.41 -33.95
N LEU I 279 31.25 -20.53 -33.03
CA LEU I 279 30.42 -20.27 -31.86
C LEU I 279 29.07 -19.68 -32.24
N GLU I 280 29.07 -18.68 -33.13
CA GLU I 280 27.77 -18.09 -33.51
C GLU I 280 26.90 -19.11 -34.23
N LEU I 281 27.50 -20.00 -35.02
CA LEU I 281 26.70 -21.00 -35.70
C LEU I 281 26.12 -22.02 -34.73
N THR I 282 26.93 -22.48 -33.77
CA THR I 282 26.42 -23.39 -32.75
C THR I 282 25.29 -22.74 -31.97
N GLU I 283 25.43 -21.45 -31.65
CA GLU I 283 24.34 -20.70 -31.04
C GLU I 283 23.11 -20.63 -31.94
N LEU I 284 23.32 -20.57 -33.26
CA LEU I 284 22.20 -20.46 -34.19
C LEU I 284 21.35 -21.73 -34.19
N LEU I 285 22.00 -22.89 -34.24
CA LEU I 285 21.31 -24.17 -34.30
C LEU I 285 21.18 -24.82 -32.92
N ALA I 286 21.02 -23.99 -31.89
CA ALA I 286 20.99 -24.47 -30.51
C ALA I 286 19.68 -25.17 -30.18
N SER I 287 19.74 -26.09 -29.21
CA SER I 287 18.55 -26.76 -28.68
C SER I 287 17.76 -25.87 -27.72
N HIS I 288 18.36 -24.77 -27.28
CA HIS I 288 17.76 -23.87 -26.31
C HIS I 288 16.37 -23.42 -26.74
N ASN I 289 15.38 -23.67 -25.88
CA ASN I 289 14.04 -23.10 -25.99
C ASN I 289 13.41 -23.41 -27.36
N ASN I 290 13.11 -24.71 -27.55
CA ASN I 290 12.60 -25.28 -28.80
C ASN I 290 13.17 -24.59 -30.04
N TYR I 291 14.48 -24.41 -30.02
CA TYR I 291 15.27 -23.81 -31.09
C TYR I 291 14.77 -22.38 -31.38
N ALA I 292 14.90 -21.54 -30.36
CA ALA I 292 14.31 -20.19 -30.43
C ALA I 292 15.02 -19.34 -31.48
N ARG I 293 16.36 -19.30 -31.46
CA ARG I 293 17.10 -18.54 -32.45
C ARG I 293 16.82 -19.05 -33.86
N TYR I 294 16.76 -20.37 -34.01
CA TYR I 294 16.43 -20.97 -35.30
C TYR I 294 15.06 -20.50 -35.79
N ARG I 295 14.06 -20.50 -34.90
CA ARG I 295 12.72 -20.06 -35.31
C ARG I 295 12.71 -18.58 -35.64
N ARG I 296 13.48 -17.77 -34.91
CA ARG I 296 13.54 -16.35 -35.19
C ARG I 296 14.09 -16.09 -36.59
N THR I 297 15.27 -16.66 -36.88
CA THR I 297 15.84 -16.51 -38.22
C THR I 297 14.89 -17.05 -39.27
N TRP I 298 14.36 -18.25 -39.05
CA TRP I 298 13.47 -18.89 -40.00
C TRP I 298 12.24 -18.03 -40.30
N ALA I 299 11.77 -17.28 -39.31
CA ALA I 299 10.74 -16.28 -39.57
C ALA I 299 11.29 -15.15 -40.44
N GLY I 300 12.44 -14.60 -40.06
CA GLY I 300 13.01 -13.48 -40.80
C GLY I 300 13.52 -13.84 -42.19
N CYS I 301 13.71 -15.13 -42.47
CA CYS I 301 14.28 -15.56 -43.74
C CYS I 301 13.46 -15.06 -44.92
N ALA I 302 14.14 -14.76 -46.03
CA ALA I 302 13.52 -14.18 -47.21
C ALA I 302 13.88 -14.99 -48.45
N GLY I 303 12.87 -15.42 -49.20
CA GLY I 303 13.10 -16.07 -50.47
C GLY I 303 13.27 -17.58 -50.32
N PHE I 304 14.33 -18.11 -50.91
CA PHE I 304 14.57 -19.55 -50.92
C PHE I 304 15.04 -19.98 -49.53
N ARG I 305 14.18 -19.74 -48.52
CA ARG I 305 14.53 -19.97 -47.13
C ARG I 305 14.65 -21.46 -46.81
N LEU I 306 13.89 -22.30 -47.52
CA LEU I 306 14.08 -23.73 -47.45
C LEU I 306 15.51 -24.10 -47.86
N PRO I 307 16.00 -25.28 -47.45
CA PRO I 307 15.34 -26.32 -46.64
C PRO I 307 15.15 -26.03 -45.14
N VAL I 308 14.18 -26.74 -44.59
CA VAL I 308 13.83 -26.74 -43.18
C VAL I 308 14.74 -27.67 -42.40
N LEU I 309 14.65 -27.64 -41.07
CA LEU I 309 15.24 -28.69 -40.26
C LEU I 309 14.32 -29.89 -40.12
N GLY I 310 14.87 -30.97 -39.57
CA GLY I 310 14.09 -32.12 -39.17
C GLY I 310 13.48 -31.92 -37.79
N VAL I 311 13.15 -30.67 -37.47
CA VAL I 311 12.43 -30.34 -36.26
C VAL I 311 10.94 -30.13 -36.52
N HIS I 312 10.55 -29.88 -37.78
CA HIS I 312 9.14 -29.78 -38.10
C HIS I 312 8.41 -31.05 -37.68
N LEU I 313 9.01 -32.22 -37.94
CA LEU I 313 8.51 -33.48 -37.39
C LEU I 313 8.21 -33.30 -35.90
N LYS I 314 9.22 -32.87 -35.14
CA LYS I 314 9.05 -32.54 -33.74
C LYS I 314 7.81 -31.69 -33.54
N ASP I 315 7.76 -30.53 -34.22
CA ASP I 315 6.64 -29.63 -34.09
C ASP I 315 5.33 -30.35 -34.38
N LEU I 316 5.30 -31.10 -35.50
CA LEU I 316 4.11 -31.87 -35.83
C LEU I 316 3.71 -32.76 -34.66
N VAL I 317 4.65 -33.57 -34.17
CA VAL I 317 4.34 -34.48 -33.07
C VAL I 317 3.78 -33.69 -31.88
N SER I 318 4.37 -32.52 -31.61
CA SER I 318 3.86 -31.69 -30.53
C SER I 318 2.39 -31.37 -30.76
N LEU I 319 2.07 -30.81 -31.92
CA LEU I 319 0.69 -30.47 -32.24
C LEU I 319 -0.17 -31.72 -32.31
N HIS I 320 0.44 -32.88 -32.50
CA HIS I 320 -0.32 -34.12 -32.50
C HIS I 320 -0.75 -34.50 -31.09
N GLU I 321 0.12 -34.29 -30.10
CA GLU I 321 -0.17 -34.71 -28.74
C GLU I 321 -0.79 -33.62 -27.88
N ALA I 322 -0.67 -32.35 -28.29
CA ALA I 322 -1.26 -31.27 -27.52
C ALA I 322 -2.78 -31.41 -27.48
N GLN I 323 -3.41 -31.37 -28.63
CA GLN I 323 -4.86 -31.51 -28.54
C GLN I 323 -5.29 -32.92 -28.93
N PRO I 324 -6.38 -33.41 -28.34
CA PRO I 324 -6.84 -34.77 -28.64
C PRO I 324 -7.42 -34.86 -30.04
N ASP I 325 -7.37 -36.08 -30.61
CA ASP I 325 -7.95 -36.29 -31.93
C ASP I 325 -9.44 -35.97 -31.93
N ARG I 326 -10.18 -36.59 -31.03
CA ARG I 326 -11.62 -36.38 -30.91
C ARG I 326 -11.98 -35.96 -29.50
N LEU I 327 -12.98 -35.08 -29.40
CA LEU I 327 -13.51 -34.64 -28.13
C LEU I 327 -14.44 -35.71 -27.55
N PRO I 328 -14.64 -35.72 -26.24
CA PRO I 328 -15.58 -36.69 -25.65
C PRO I 328 -17.02 -36.52 -26.12
N ASP I 329 -17.37 -35.35 -26.64
CA ASP I 329 -18.73 -35.11 -27.13
C ASP I 329 -19.11 -36.05 -28.27
N GLY I 330 -18.15 -36.68 -28.93
CA GLY I 330 -18.38 -37.41 -30.15
C GLY I 330 -17.94 -36.62 -31.38
N ARG I 331 -18.07 -35.31 -31.33
CA ARG I 331 -17.52 -34.45 -32.37
C ARG I 331 -16.00 -34.38 -32.23
N LEU I 332 -15.33 -34.26 -33.36
CA LEU I 332 -13.90 -34.01 -33.38
C LEU I 332 -13.65 -32.54 -33.67
N HIS I 333 -12.63 -31.98 -33.03
CA HIS I 333 -12.34 -30.56 -33.11
C HIS I 333 -11.27 -30.33 -34.17
N LEU I 334 -11.59 -29.51 -35.17
CA LEU I 334 -10.73 -29.26 -36.33
C LEU I 334 -9.49 -28.43 -36.08
N PRO I 335 -9.48 -27.41 -35.20
CA PRO I 335 -8.29 -26.53 -35.12
C PRO I 335 -6.96 -27.26 -35.03
N LYS I 336 -6.94 -28.42 -34.35
CA LYS I 336 -5.79 -29.31 -34.43
C LYS I 336 -5.46 -29.66 -35.88
N LEU I 337 -6.49 -30.06 -36.64
CA LEU I 337 -6.28 -30.45 -38.03
C LEU I 337 -5.88 -29.26 -38.89
N ASN I 338 -6.33 -28.06 -38.52
CA ASN I 338 -5.96 -26.86 -39.28
C ASN I 338 -4.51 -26.47 -39.03
N ASN I 339 -4.07 -26.49 -37.78
CA ASN I 339 -2.67 -26.23 -37.48
C ASN I 339 -1.77 -27.25 -38.19
N LEU I 340 -2.12 -28.53 -38.09
CA LEU I 340 -1.38 -29.56 -38.82
C LEU I 340 -1.39 -29.28 -40.32
N TYR I 341 -2.55 -28.96 -40.88
CA TYR I 341 -2.68 -28.76 -42.31
C TYR I 341 -1.81 -27.61 -42.79
N LEU I 342 -1.80 -26.49 -42.07
CA LEU I 342 -0.95 -25.39 -42.51
C LEU I 342 0.52 -25.74 -42.36
N ARG I 343 0.88 -26.48 -41.30
CA ARG I 343 2.29 -26.84 -41.14
C ARG I 343 2.77 -27.80 -42.23
N LEU I 344 1.89 -28.69 -42.72
CA LEU I 344 2.27 -29.57 -43.82
C LEU I 344 2.26 -28.84 -45.15
N GLN I 345 1.20 -28.06 -45.40
CA GLN I 345 1.12 -27.30 -46.65
C GLN I 345 2.26 -26.31 -46.79
N GLU I 346 2.78 -25.79 -45.66
CA GLU I 346 3.97 -24.96 -45.71
C GLU I 346 5.14 -25.70 -46.35
N LEU I 347 5.42 -26.92 -45.86
CA LEU I 347 6.54 -27.69 -46.39
C LEU I 347 6.31 -28.07 -47.85
N VAL I 348 5.07 -28.46 -48.18
CA VAL I 348 4.76 -28.83 -49.56
C VAL I 348 4.94 -27.63 -50.48
N ALA I 349 4.43 -26.46 -50.08
CA ALA I 349 4.64 -25.24 -50.85
C ALA I 349 6.12 -24.93 -50.99
N LEU I 350 6.93 -25.25 -49.98
CA LEU I 350 8.37 -25.06 -50.11
C LEU I 350 8.96 -26.00 -51.15
N GLN I 351 8.41 -27.20 -51.30
CA GLN I 351 8.85 -28.08 -52.39
C GLN I 351 8.72 -27.40 -53.75
N GLY I 352 7.87 -26.37 -53.86
CA GLY I 352 7.67 -25.72 -55.15
C GLY I 352 8.88 -24.93 -55.63
N GLN I 353 9.56 -24.25 -54.71
CA GLN I 353 10.75 -23.49 -55.12
C GLN I 353 11.84 -24.43 -55.63
N HIS I 354 12.85 -23.81 -56.24
CA HIS I 354 13.99 -24.53 -56.80
C HIS I 354 15.23 -23.67 -56.60
N PRO I 355 16.40 -24.28 -56.43
CA PRO I 355 17.58 -23.53 -55.96
C PRO I 355 18.00 -22.45 -56.93
N PRO I 356 18.74 -21.43 -56.45
CA PRO I 356 19.19 -20.35 -57.34
C PRO I 356 20.41 -20.75 -58.16
N CYS I 357 21.23 -21.63 -57.60
CA CYS I 357 22.48 -22.04 -58.21
C CYS I 357 22.27 -23.29 -59.06
N SER I 358 23.37 -23.82 -59.59
CA SER I 358 23.33 -25.05 -60.36
C SER I 358 24.56 -25.89 -60.02
N ALA I 359 24.54 -27.14 -60.48
CA ALA I 359 25.59 -28.10 -60.12
C ALA I 359 25.64 -29.18 -61.18
N ASN I 360 26.68 -30.01 -61.10
CA ASN I 360 27.00 -31.00 -62.12
C ASN I 360 26.64 -32.40 -61.62
N GLU I 361 25.66 -33.03 -62.26
CA GLU I 361 25.19 -34.35 -61.86
C GLU I 361 26.32 -35.35 -61.72
N ASP I 362 27.32 -35.30 -62.59
CA ASP I 362 28.43 -36.23 -62.48
C ASP I 362 29.21 -35.99 -61.19
N LEU I 363 29.49 -34.71 -60.89
CA LEU I 363 30.16 -34.37 -59.65
C LEU I 363 29.28 -34.69 -58.44
N LEU I 364 27.97 -34.49 -58.59
CA LEU I 364 27.03 -34.92 -57.55
C LEU I 364 27.12 -36.42 -57.30
N HIS I 365 27.22 -37.21 -58.36
CA HIS I 365 27.39 -38.66 -58.19
C HIS I 365 28.68 -38.98 -57.43
N LEU I 366 29.76 -38.29 -57.79
CA LEU I 366 31.02 -38.52 -57.07
C LEU I 366 30.86 -38.19 -55.59
N LEU I 367 30.19 -37.08 -55.28
CA LEU I 367 29.99 -36.71 -53.89
C LEU I 367 29.08 -37.69 -53.16
N THR I 368 27.98 -38.11 -53.79
CA THR I 368 27.07 -39.09 -53.19
C THR I 368 27.81 -40.37 -52.84
N LEU I 369 28.71 -40.82 -53.73
CA LEU I 369 29.52 -41.99 -53.38
C LEU I 369 30.54 -41.68 -52.31
N SER I 370 30.96 -40.41 -52.18
CA SER I 370 31.86 -40.05 -51.09
C SER I 370 31.16 -40.10 -49.74
N LEU I 371 29.86 -39.78 -49.70
CA LEU I 371 29.15 -39.74 -48.42
C LEU I 371 28.83 -41.14 -47.90
N ASP I 372 28.42 -42.05 -48.78
CA ASP I 372 28.02 -43.38 -48.34
C ASP I 372 29.23 -44.22 -47.92
N LEU I 373 29.90 -43.78 -46.86
CA LEU I 373 31.03 -44.48 -46.27
C LEU I 373 30.62 -45.15 -44.97
N PHE I 374 31.26 -46.28 -44.69
CA PHE I 374 30.80 -47.23 -43.67
C PHE I 374 31.50 -46.94 -42.36
N TYR I 375 30.82 -46.24 -41.45
CA TYR I 375 31.38 -46.02 -40.12
C TYR I 375 30.26 -45.93 -39.10
N THR I 376 30.59 -46.32 -37.87
CA THR I 376 29.71 -46.24 -36.72
C THR I 376 30.44 -45.43 -35.66
N GLU I 377 29.68 -44.79 -34.75
CA GLU I 377 30.31 -44.00 -33.68
C GLU I 377 31.37 -44.77 -32.93
N ASP I 378 31.30 -46.11 -32.91
CA ASP I 378 32.31 -46.90 -32.22
C ASP I 378 33.70 -46.65 -32.83
N GLU I 379 33.82 -46.86 -34.15
CA GLU I 379 35.12 -46.65 -34.78
C GLU I 379 35.53 -45.20 -34.76
N ILE I 380 34.55 -44.29 -34.85
CA ILE I 380 34.85 -42.85 -34.84
C ILE I 380 35.45 -42.42 -33.51
N TYR I 381 34.80 -42.80 -32.40
CA TYR I 381 35.36 -42.50 -31.08
C TYR I 381 36.69 -43.21 -30.85
N GLU I 382 36.81 -44.46 -31.28
CA GLU I 382 38.09 -45.15 -31.11
C GLU I 382 39.21 -44.44 -31.87
N LEU I 383 38.91 -43.88 -33.04
CA LEU I 383 39.92 -43.18 -33.81
C LEU I 383 40.25 -41.83 -33.17
N SER I 384 39.23 -41.10 -32.73
CA SER I 384 39.48 -39.84 -32.02
C SER I 384 40.33 -40.07 -30.78
N TYR I 385 40.08 -41.16 -30.06
CA TYR I 385 40.91 -41.53 -28.92
C TYR I 385 42.32 -41.86 -29.38
N ALA I 386 42.44 -42.55 -30.51
CA ALA I 386 43.75 -42.86 -31.06
C ALA I 386 44.51 -41.59 -31.41
N ARG I 387 43.80 -40.48 -31.57
CA ARG I 387 44.44 -39.21 -31.83
C ARG I 387 44.61 -38.35 -30.58
N GLU I 388 43.75 -38.50 -29.58
CA GLU I 388 43.96 -37.81 -28.30
C GLU I 388 43.53 -38.70 -27.14
N MET J 5 17.64 -16.64 -9.75
CA MET J 5 17.27 -18.05 -9.71
C MET J 5 18.29 -18.92 -10.40
N THR J 6 17.97 -20.20 -10.55
CA THR J 6 18.77 -21.13 -11.34
C THR J 6 17.95 -21.69 -12.50
N GLU J 7 18.67 -22.24 -13.48
CA GLU J 7 18.09 -22.75 -14.71
C GLU J 7 18.49 -24.21 -14.86
N TYR J 8 17.51 -25.07 -15.08
CA TYR J 8 17.71 -26.51 -15.21
C TYR J 8 17.35 -26.95 -16.63
N LYS J 9 18.26 -27.69 -17.26
CA LYS J 9 18.10 -28.16 -18.63
C LYS J 9 17.69 -29.62 -18.59
N LEU J 10 16.44 -29.90 -18.94
CA LEU J 10 15.89 -31.24 -18.90
C LEU J 10 15.64 -31.71 -20.34
N VAL J 11 15.97 -32.97 -20.61
CA VAL J 11 15.77 -33.58 -21.91
C VAL J 11 15.03 -34.89 -21.72
N VAL J 12 14.01 -35.13 -22.53
CA VAL J 12 13.17 -36.32 -22.43
C VAL J 12 13.58 -37.27 -23.57
N VAL J 13 14.30 -38.35 -23.25
CA VAL J 13 14.79 -39.29 -24.23
C VAL J 13 14.02 -40.60 -24.09
N GLY J 14 13.97 -41.36 -25.17
CA GLY J 14 13.25 -42.62 -25.19
C GLY J 14 12.81 -42.96 -26.60
N ALA J 15 12.37 -44.20 -26.77
CA ALA J 15 11.85 -44.64 -28.05
C ALA J 15 10.57 -43.89 -28.40
N GLY J 16 10.26 -43.87 -29.69
CA GLY J 16 9.02 -43.26 -30.15
C GLY J 16 7.82 -44.13 -29.86
N GLY J 17 6.65 -43.49 -29.80
CA GLY J 17 5.41 -44.19 -29.58
C GLY J 17 5.11 -44.54 -28.14
N VAL J 18 5.88 -43.98 -27.20
CA VAL J 18 5.62 -44.22 -25.77
C VAL J 18 4.80 -43.11 -25.13
N GLY J 19 4.58 -42.00 -25.83
CA GLY J 19 3.86 -40.89 -25.25
C GLY J 19 4.71 -39.89 -24.52
N LYS J 20 6.03 -39.94 -24.71
CA LYS J 20 6.92 -39.01 -24.01
C LYS J 20 6.62 -37.57 -24.40
N SER J 21 6.21 -37.34 -25.64
CA SER J 21 5.75 -36.02 -26.03
C SER J 21 4.48 -35.64 -25.28
N ALA J 22 3.53 -36.58 -25.18
CA ALA J 22 2.32 -36.33 -24.41
C ALA J 22 2.65 -36.07 -22.94
N LEU J 23 3.63 -36.79 -22.41
CA LEU J 23 4.05 -36.59 -21.02
C LEU J 23 4.63 -35.21 -20.82
N THR J 24 5.65 -34.87 -21.62
CA THR J 24 6.30 -33.56 -21.50
C THR J 24 5.31 -32.42 -21.63
N ILE J 25 4.36 -32.54 -22.57
CA ILE J 25 3.33 -31.51 -22.70
C ILE J 25 2.42 -31.52 -21.47
N GLN J 26 2.07 -32.71 -20.97
CA GLN J 26 1.17 -32.81 -19.83
C GLN J 26 1.76 -32.14 -18.60
N LEU J 27 3.09 -32.07 -18.51
CA LEU J 27 3.68 -31.31 -17.41
C LEU J 27 3.28 -29.84 -17.46
N ILE J 28 3.49 -29.20 -18.61
CA ILE J 28 3.08 -27.80 -18.75
C ILE J 28 1.57 -27.70 -18.57
N GLN J 29 1.16 -26.68 -17.82
CA GLN J 29 -0.23 -26.43 -17.44
C GLN J 29 -1.18 -26.63 -18.62
N ASN J 30 -2.17 -27.49 -18.44
CA ASN J 30 -3.07 -27.88 -19.51
C ASN J 30 -4.50 -27.41 -19.22
N ASP J 37 0.63 -23.25 -29.60
CA ASP J 37 1.12 -23.39 -28.24
C ASP J 37 2.52 -24.04 -28.19
N PRO J 38 2.69 -25.26 -28.70
CA PRO J 38 3.99 -25.93 -28.55
C PRO J 38 5.09 -25.35 -29.43
N THR J 39 4.75 -24.46 -30.35
CA THR J 39 5.65 -23.98 -31.40
C THR J 39 6.44 -22.75 -30.98
N ILE J 40 5.85 -21.89 -30.15
CA ILE J 40 6.39 -20.57 -29.82
C ILE J 40 7.53 -20.64 -28.80
N GLU J 41 8.17 -19.50 -28.56
CA GLU J 41 9.33 -19.43 -27.68
C GLU J 41 9.04 -19.95 -26.28
N ASP J 42 7.95 -19.47 -25.67
CA ASP J 42 7.61 -19.82 -24.29
C ASP J 42 6.88 -21.17 -24.18
N SER J 43 7.02 -22.03 -25.20
CA SER J 43 6.27 -23.28 -25.26
C SER J 43 6.67 -24.24 -24.14
N TYR J 44 7.94 -24.62 -24.08
CA TYR J 44 8.39 -25.66 -23.17
C TYR J 44 9.17 -25.12 -21.97
N ARG J 45 9.23 -23.81 -21.80
CA ARG J 45 9.88 -23.21 -20.64
C ARG J 45 8.84 -22.97 -19.55
N LYS J 46 9.13 -23.41 -18.32
CA LYS J 46 8.20 -23.24 -17.21
C LYS J 46 8.95 -22.73 -15.99
N GLN J 47 8.51 -21.59 -15.47
CA GLN J 47 9.05 -21.02 -14.24
C GLN J 47 8.25 -21.55 -13.06
N VAL J 48 8.89 -22.38 -12.22
CA VAL J 48 8.18 -22.96 -11.07
C VAL J 48 9.07 -22.92 -9.84
N VAL J 49 8.42 -23.00 -8.68
CA VAL J 49 9.13 -23.01 -7.40
C VAL J 49 9.24 -24.45 -6.92
N ILE J 50 10.46 -24.88 -6.64
CA ILE J 50 10.72 -26.22 -6.14
C ILE J 50 11.43 -26.08 -4.80
N ASP J 51 11.12 -27.00 -3.87
CA ASP J 51 11.74 -27.06 -2.56
C ASP J 51 12.04 -25.68 -1.96
N GLY J 52 11.06 -24.78 -1.99
CA GLY J 52 11.20 -23.45 -1.40
C GLY J 52 11.68 -22.36 -2.34
N GLU J 53 12.56 -22.67 -3.27
CA GLU J 53 13.22 -21.68 -4.11
C GLU J 53 12.76 -21.80 -5.56
N THR J 54 12.70 -20.66 -6.24
CA THR J 54 12.27 -20.65 -7.63
C THR J 54 13.35 -21.23 -8.55
N CYS J 55 12.91 -21.77 -9.69
CA CYS J 55 13.78 -22.37 -10.67
C CYS J 55 13.11 -22.29 -12.04
N LEU J 56 13.93 -22.42 -13.08
CA LEU J 56 13.45 -22.32 -14.46
C LEU J 56 13.69 -23.66 -15.15
N LEU J 57 12.62 -24.29 -15.63
CA LEU J 57 12.70 -25.58 -16.29
C LEU J 57 12.70 -25.36 -17.80
N ASP J 58 13.82 -25.65 -18.46
CA ASP J 58 13.90 -25.64 -19.92
C ASP J 58 13.90 -27.10 -20.34
N ILE J 59 12.73 -27.60 -20.74
CA ILE J 59 12.54 -29.01 -21.06
C ILE J 59 12.52 -29.16 -22.57
N LEU J 60 13.13 -30.25 -23.05
CA LEU J 60 13.26 -30.51 -24.48
C LEU J 60 12.79 -31.92 -24.80
N ASP J 61 11.75 -32.02 -25.63
CA ASP J 61 11.34 -33.29 -26.19
C ASP J 61 12.21 -33.62 -27.40
N THR J 62 12.40 -34.92 -27.64
CA THR J 62 13.27 -35.40 -28.69
C THR J 62 12.49 -36.13 -29.78
N ALA J 63 11.34 -35.57 -30.17
CA ALA J 63 10.44 -36.24 -31.09
C ALA J 63 11.10 -36.55 -32.44
N GLY J 64 11.44 -35.52 -33.20
CA GLY J 64 12.04 -35.73 -34.50
C GLY J 64 13.55 -35.61 -34.47
N GLN J 65 14.08 -35.18 -33.32
CA GLN J 65 15.52 -34.93 -33.19
C GLN J 65 16.30 -36.18 -32.84
N GLU J 66 15.63 -37.28 -32.51
CA GLU J 66 16.35 -38.51 -32.20
C GLU J 66 17.03 -39.07 -33.44
N GLU J 67 16.41 -38.92 -34.61
CA GLU J 67 16.87 -39.63 -35.79
C GLU J 67 18.20 -39.10 -36.27
N TYR J 68 18.50 -37.82 -36.02
CA TYR J 68 19.71 -37.18 -36.54
C TYR J 68 20.81 -37.32 -35.49
N SER J 69 21.91 -37.97 -35.87
CA SER J 69 22.99 -38.21 -34.92
C SER J 69 23.60 -36.91 -34.42
N ALA J 70 23.72 -35.92 -35.31
CA ALA J 70 24.27 -34.63 -34.90
C ALA J 70 23.38 -33.97 -33.85
N MET J 71 22.07 -33.95 -34.09
CA MET J 71 21.14 -33.44 -33.10
C MET J 71 21.20 -34.29 -31.83
N ARG J 72 21.39 -35.60 -31.98
CA ARG J 72 21.51 -36.49 -30.82
C ARG J 72 22.62 -36.03 -29.90
N ASP J 73 23.84 -35.91 -30.46
CA ASP J 73 24.96 -35.47 -29.64
C ASP J 73 24.79 -34.05 -29.13
N GLN J 74 24.14 -33.17 -29.89
CA GLN J 74 23.96 -31.80 -29.41
C GLN J 74 23.05 -31.76 -28.19
N TYR J 75 21.87 -32.41 -28.26
CA TYR J 75 20.99 -32.35 -27.10
C TYR J 75 21.51 -33.22 -25.97
N MET J 76 22.42 -34.15 -26.23
CA MET J 76 23.09 -34.83 -25.13
C MET J 76 24.14 -33.94 -24.47
N ARG J 77 24.85 -33.13 -25.25
CA ARG J 77 25.88 -32.27 -24.66
C ARG J 77 25.26 -31.14 -23.86
N THR J 78 24.19 -30.54 -24.39
CA THR J 78 23.57 -29.41 -23.70
C THR J 78 22.77 -29.85 -22.48
N GLY J 79 22.23 -31.06 -22.50
CA GLY J 79 21.31 -31.47 -21.46
C GLY J 79 22.01 -31.70 -20.13
N GLU J 80 21.33 -31.29 -19.05
CA GLU J 80 21.79 -31.50 -17.68
C GLU J 80 21.14 -32.71 -17.03
N GLY J 81 19.84 -32.90 -17.23
CA GLY J 81 19.16 -34.08 -16.73
C GLY J 81 18.33 -34.71 -17.83
N PHE J 82 18.14 -36.02 -17.73
CA PHE J 82 17.55 -36.84 -18.79
C PHE J 82 16.47 -37.74 -18.22
N LEU J 83 15.36 -37.85 -18.94
CA LEU J 83 14.29 -38.79 -18.59
C LEU J 83 14.34 -39.93 -19.59
N CYS J 84 14.82 -41.09 -19.14
CA CYS J 84 14.85 -42.29 -19.99
C CYS J 84 13.48 -42.94 -19.87
N VAL J 85 12.63 -42.73 -20.88
CA VAL J 85 11.23 -43.11 -20.84
C VAL J 85 11.07 -44.41 -21.61
N PHE J 86 10.10 -45.22 -21.21
CA PHE J 86 9.73 -46.41 -21.96
C PHE J 86 8.23 -46.64 -21.79
N ALA J 87 7.68 -47.50 -22.64
CA ALA J 87 6.28 -47.88 -22.56
C ALA J 87 6.23 -49.22 -21.87
N ILE J 88 5.40 -49.32 -20.82
CA ILE J 88 5.39 -50.51 -19.99
C ILE J 88 4.80 -51.71 -20.74
N ASN J 89 3.96 -51.45 -21.75
CA ASN J 89 3.39 -52.48 -22.60
C ASN J 89 4.22 -52.73 -23.86
N ASN J 90 5.48 -52.30 -23.86
CA ASN J 90 6.36 -52.45 -25.03
C ASN J 90 7.74 -52.88 -24.53
N THR J 91 8.06 -54.17 -24.72
CA THR J 91 9.32 -54.71 -24.24
C THR J 91 10.51 -54.08 -24.96
N LYS J 92 10.37 -53.82 -26.26
CA LYS J 92 11.47 -53.27 -27.05
C LYS J 92 11.85 -51.87 -26.56
N SER J 93 10.84 -51.05 -26.26
CA SER J 93 11.08 -49.73 -25.71
C SER J 93 11.85 -49.82 -24.40
N PHE J 94 11.58 -50.86 -23.60
CA PHE J 94 12.31 -51.06 -22.36
C PHE J 94 13.73 -51.54 -22.62
N GLU J 95 13.96 -52.30 -23.69
CA GLU J 95 15.30 -52.78 -23.99
C GLU J 95 16.20 -51.70 -24.55
N ASP J 96 15.61 -50.66 -25.17
CA ASP J 96 16.43 -49.59 -25.76
C ASP J 96 17.15 -48.73 -24.72
N ILE J 97 16.69 -48.75 -23.47
CA ILE J 97 17.22 -47.87 -22.43
C ILE J 97 18.73 -48.06 -22.26
N HIS J 98 19.23 -49.29 -22.47
CA HIS J 98 20.65 -49.55 -22.31
C HIS J 98 21.47 -48.69 -23.27
N GLN J 99 21.14 -48.72 -24.56
CA GLN J 99 21.93 -47.92 -25.49
C GLN J 99 21.69 -46.44 -25.27
N TYR J 100 20.47 -46.05 -24.87
CA TYR J 100 20.26 -44.64 -24.52
C TYR J 100 21.26 -44.17 -23.46
N ARG J 101 21.27 -44.86 -22.31
CA ARG J 101 22.13 -44.46 -21.21
C ARG J 101 23.61 -44.56 -21.59
N GLU J 102 24.01 -45.61 -22.31
CA GLU J 102 25.42 -45.75 -22.68
C GLU J 102 25.87 -44.65 -23.62
N GLN J 103 25.03 -44.27 -24.60
CA GLN J 103 25.37 -43.16 -25.48
C GLN J 103 25.54 -41.88 -24.68
N ILE J 104 24.63 -41.63 -23.73
CA ILE J 104 24.74 -40.45 -22.89
C ILE J 104 26.04 -40.47 -22.08
N LYS J 105 26.38 -41.65 -21.54
CA LYS J 105 27.60 -41.77 -20.77
C LYS J 105 28.82 -41.47 -21.63
N ARG J 106 28.80 -41.93 -22.89
CA ARG J 106 29.92 -41.70 -23.79
C ARG J 106 30.05 -40.23 -24.16
N VAL J 107 28.92 -39.54 -24.35
CA VAL J 107 29.02 -38.12 -24.68
C VAL J 107 29.42 -37.30 -23.46
N LYS J 108 29.06 -37.76 -22.26
CA LYS J 108 29.39 -37.06 -21.02
C LYS J 108 30.65 -37.59 -20.33
N ASP J 109 31.10 -38.80 -20.68
CA ASP J 109 32.29 -39.42 -20.09
C ASP J 109 32.18 -39.46 -18.57
N SER J 110 31.02 -39.91 -18.09
CA SER J 110 30.76 -40.01 -16.66
C SER J 110 29.72 -41.08 -16.41
N ASP J 111 29.86 -41.78 -15.27
CA ASP J 111 28.93 -42.84 -14.92
C ASP J 111 27.70 -42.35 -14.17
N ASP J 112 27.71 -41.12 -13.66
CA ASP J 112 26.55 -40.61 -12.91
C ASP J 112 26.06 -39.35 -13.62
N VAL J 113 25.14 -39.55 -14.55
CA VAL J 113 24.50 -38.47 -15.30
C VAL J 113 23.09 -38.33 -14.73
N PRO J 114 22.65 -37.12 -14.37
CA PRO J 114 21.32 -37.00 -13.75
C PRO J 114 20.23 -37.53 -14.67
N MET J 115 19.61 -38.64 -14.25
CA MET J 115 18.53 -39.22 -15.03
C MET J 115 17.62 -40.03 -14.12
N VAL J 116 16.45 -40.36 -14.65
CA VAL J 116 15.45 -41.16 -13.93
C VAL J 116 14.70 -41.99 -14.96
N LEU J 117 14.58 -43.28 -14.70
CA LEU J 117 13.87 -44.17 -15.62
C LEU J 117 12.38 -44.05 -15.38
N VAL J 118 11.61 -43.98 -16.46
CA VAL J 118 10.18 -43.70 -16.39
C VAL J 118 9.43 -44.76 -17.18
N GLY J 119 8.45 -45.38 -16.54
CA GLY J 119 7.48 -46.20 -17.22
C GLY J 119 6.25 -45.36 -17.46
N ASN J 120 5.51 -45.67 -18.53
CA ASN J 120 4.40 -44.82 -18.94
C ASN J 120 3.24 -45.69 -19.40
N LYS J 121 2.11 -45.02 -19.64
CA LYS J 121 0.86 -45.67 -20.05
C LYS J 121 0.47 -46.74 -19.03
N CYS J 122 0.30 -46.29 -17.79
CA CYS J 122 -0.05 -47.17 -16.69
C CYS J 122 -1.56 -47.23 -16.50
N ALA J 126 -2.78 -54.35 -21.56
CA ALA J 126 -2.21 -54.92 -20.35
C ALA J 126 -0.76 -54.44 -20.13
N ARG J 127 0.00 -55.21 -19.34
CA ARG J 127 1.35 -54.82 -18.96
C ARG J 127 2.31 -55.96 -19.28
N THR J 128 3.51 -55.61 -19.74
CA THR J 128 4.48 -56.60 -20.21
C THR J 128 5.88 -56.45 -19.63
N VAL J 129 6.22 -55.32 -19.01
CA VAL J 129 7.51 -55.14 -18.36
C VAL J 129 7.25 -55.02 -16.86
N GLU J 130 7.58 -56.08 -16.13
CA GLU J 130 7.32 -56.11 -14.69
C GLU J 130 8.08 -55.00 -13.98
N SER J 131 7.41 -54.31 -13.06
CA SER J 131 8.06 -53.23 -12.31
C SER J 131 9.31 -53.73 -11.62
N ARG J 132 9.36 -55.02 -11.28
CA ARG J 132 10.56 -55.58 -10.71
C ARG J 132 11.72 -55.50 -11.69
N GLN J 133 11.46 -55.75 -12.98
CA GLN J 133 12.51 -55.66 -13.98
C GLN J 133 13.09 -54.25 -14.07
N ALA J 134 12.22 -53.25 -14.20
CA ALA J 134 12.68 -51.88 -14.32
C ALA J 134 13.40 -51.42 -13.07
N GLN J 135 12.89 -51.79 -11.89
CA GLN J 135 13.57 -51.42 -10.66
C GLN J 135 14.91 -52.12 -10.53
N ASP J 136 14.99 -53.39 -10.95
CA ASP J 136 16.25 -54.11 -10.91
C ASP J 136 17.29 -53.45 -11.80
N LEU J 137 16.86 -52.97 -12.97
CA LEU J 137 17.82 -52.30 -13.87
C LEU J 137 18.24 -50.95 -13.31
N ALA J 138 17.28 -50.16 -12.83
CA ALA J 138 17.59 -48.84 -12.29
C ALA J 138 18.54 -48.95 -11.10
N ARG J 139 18.27 -49.88 -10.18
CA ARG J 139 19.19 -50.12 -9.08
C ARG J 139 20.52 -50.71 -9.56
N SER J 140 20.48 -51.53 -10.61
CA SER J 140 21.69 -52.09 -11.18
C SER J 140 22.60 -51.01 -11.72
N TYR J 141 22.06 -49.85 -12.07
CA TYR J 141 22.91 -48.72 -12.44
C TYR J 141 22.78 -47.54 -11.48
N GLY J 142 21.83 -47.57 -10.56
CA GLY J 142 21.72 -46.54 -9.55
C GLY J 142 21.11 -45.22 -10.02
N ILE J 143 19.88 -45.28 -10.51
CA ILE J 143 19.09 -44.07 -10.79
C ILE J 143 17.65 -44.30 -10.38
N PRO J 144 16.95 -43.22 -10.02
CA PRO J 144 15.56 -43.37 -9.59
C PRO J 144 14.67 -43.94 -10.70
N TYR J 145 13.54 -44.52 -10.28
CA TYR J 145 12.57 -45.12 -11.19
C TYR J 145 11.17 -44.68 -10.79
N ILE J 146 10.36 -44.29 -11.76
CA ILE J 146 9.00 -43.80 -11.54
C ILE J 146 8.12 -44.23 -12.70
N GLU J 147 6.87 -44.56 -12.39
CA GLU J 147 5.86 -44.83 -13.42
C GLU J 147 4.85 -43.70 -13.49
N THR J 148 4.26 -43.54 -14.66
CA THR J 148 3.38 -42.41 -14.95
C THR J 148 2.16 -42.89 -15.73
N SER J 149 1.14 -42.04 -15.75
CA SER J 149 -0.03 -42.22 -16.60
C SER J 149 -0.26 -40.92 -17.36
N ALA J 150 -0.56 -41.04 -18.65
CA ALA J 150 -0.84 -39.85 -19.43
C ALA J 150 -2.12 -39.15 -19.00
N LYS J 151 -3.01 -39.86 -18.30
CA LYS J 151 -4.36 -39.34 -18.10
C LYS J 151 -4.76 -39.17 -16.64
N THR J 152 -4.57 -40.16 -15.76
CA THR J 152 -5.21 -40.11 -14.44
C THR J 152 -4.24 -39.98 -13.27
N ARG J 153 -3.34 -40.94 -13.05
CA ARG J 153 -2.46 -40.86 -11.90
C ARG J 153 -1.36 -39.83 -12.13
N GLN J 154 -0.92 -39.73 -13.38
CA GLN J 154 -0.05 -38.73 -13.99
C GLN J 154 1.41 -38.86 -13.60
N GLY J 155 1.72 -39.27 -12.37
CA GLY J 155 3.11 -39.39 -11.98
C GLY J 155 4.05 -38.24 -12.36
N VAL J 156 3.52 -37.13 -12.88
CA VAL J 156 4.32 -36.24 -13.74
C VAL J 156 5.23 -35.33 -12.92
N GLU J 157 4.62 -34.50 -12.07
CA GLU J 157 5.38 -33.51 -11.33
C GLU J 157 6.42 -34.16 -10.43
N ASP J 158 6.06 -35.28 -9.80
CA ASP J 158 7.02 -35.99 -8.97
C ASP J 158 8.22 -36.45 -9.79
N ALA J 159 7.97 -36.96 -11.00
CA ALA J 159 9.07 -37.45 -11.83
C ALA J 159 10.00 -36.32 -12.25
N PHE J 160 9.43 -35.24 -12.81
CA PHE J 160 10.26 -34.12 -13.26
C PHE J 160 11.04 -33.52 -12.10
N TYR J 161 10.38 -33.26 -10.97
CA TYR J 161 11.09 -32.65 -9.84
C TYR J 161 12.09 -33.62 -9.24
N THR J 162 11.84 -34.93 -9.33
CA THR J 162 12.84 -35.92 -8.93
C THR J 162 14.10 -35.79 -9.76
N LEU J 163 13.94 -35.62 -11.08
CA LEU J 163 15.11 -35.40 -11.92
C LEU J 163 15.81 -34.09 -11.58
N VAL J 164 15.02 -33.04 -11.31
CA VAL J 164 15.61 -31.76 -10.92
C VAL J 164 16.46 -31.92 -9.66
N ARG J 165 15.93 -32.64 -8.68
CA ARG J 165 16.69 -32.90 -7.45
C ARG J 165 17.91 -33.77 -7.70
N GLU J 166 17.82 -34.69 -8.66
CA GLU J 166 19.00 -35.47 -9.04
C GLU J 166 20.09 -34.56 -9.59
N ILE J 167 19.70 -33.53 -10.33
CA ILE J 167 20.68 -32.53 -10.76
C ILE J 167 21.23 -31.79 -9.54
N ARG J 168 20.33 -31.40 -8.64
CA ARG J 168 20.74 -30.64 -7.45
C ARG J 168 21.71 -31.40 -6.57
N GLN J 169 21.53 -32.72 -6.45
CA GLN J 169 22.33 -33.54 -5.55
C GLN J 169 23.56 -34.12 -6.23
N HIS J 170 24.10 -33.42 -7.22
CA HIS J 170 25.17 -33.94 -8.06
C HIS J 170 26.54 -33.54 -7.52
N GLU K 18 -21.46 -17.40 16.52
CA GLU K 18 -21.45 -16.95 17.91
C GLU K 18 -21.33 -18.12 18.87
N LEU K 19 -20.95 -19.29 18.34
CA LEU K 19 -20.67 -20.44 19.20
C LEU K 19 -19.61 -20.09 20.23
N LEU K 20 -18.63 -19.28 19.84
CA LEU K 20 -17.66 -18.72 20.78
C LEU K 20 -18.37 -18.09 21.97
N GLU K 21 -19.51 -17.44 21.74
CA GLU K 21 -20.34 -16.92 22.81
C GLU K 21 -21.36 -17.93 23.31
N LYS K 22 -21.83 -18.82 22.44
CA LYS K 22 -22.88 -19.77 22.83
C LYS K 22 -22.39 -20.69 23.94
N CYS K 23 -21.16 -21.18 23.84
CA CYS K 23 -20.65 -22.09 24.87
C CYS K 23 -20.68 -21.42 26.25
N ILE K 24 -20.43 -20.12 26.31
CA ILE K 24 -20.56 -19.40 27.58
C ILE K 24 -22.02 -19.23 27.95
N GLN K 25 -22.81 -18.59 27.07
CA GLN K 25 -24.23 -18.37 27.36
C GLN K 25 -24.98 -19.68 27.56
N SER K 26 -24.33 -20.83 27.30
CA SER K 26 -24.85 -22.10 27.77
C SER K 26 -25.03 -22.13 29.28
N PHE K 27 -24.36 -21.23 29.99
CA PHE K 27 -24.39 -21.20 31.46
C PHE K 27 -23.84 -19.89 32.05
N SER K 32 -29.19 -22.41 42.16
CA SER K 32 -29.04 -21.75 40.86
C SER K 32 -28.20 -22.60 39.91
N LEU K 33 -27.90 -23.83 40.34
CA LEU K 33 -26.97 -24.70 39.64
C LEU K 33 -27.73 -25.90 39.07
N CYS K 34 -27.29 -26.34 37.89
CA CYS K 34 -27.93 -27.44 37.16
C CYS K 34 -27.14 -28.72 37.33
N HIS K 35 -27.85 -29.86 37.30
CA HIS K 35 -27.26 -31.12 37.70
C HIS K 35 -26.24 -31.66 36.70
N GLU K 36 -26.34 -31.28 35.43
CA GLU K 36 -25.30 -31.67 34.47
C GLU K 36 -23.95 -31.11 34.93
N ASP K 37 -22.92 -31.95 34.84
CA ASP K 37 -21.63 -31.64 35.45
C ASP K 37 -20.45 -31.82 34.51
N HIS K 38 -20.69 -32.10 33.22
CA HIS K 38 -19.62 -32.46 32.29
C HIS K 38 -19.16 -31.29 31.43
N MET K 39 -20.09 -30.71 30.65
CA MET K 39 -19.71 -29.73 29.64
C MET K 39 -19.00 -28.53 30.25
N LEU K 40 -19.43 -28.12 31.45
CA LEU K 40 -18.76 -27.00 32.10
C LEU K 40 -17.30 -27.31 32.36
N ASN K 41 -17.02 -28.45 33.01
CA ASN K 41 -15.64 -28.82 33.30
C ASN K 41 -14.82 -28.99 32.02
N MET K 42 -15.41 -29.59 30.98
CA MET K 42 -14.64 -29.78 29.74
C MET K 42 -14.27 -28.44 29.10
N VAL K 43 -15.26 -27.53 28.99
CA VAL K 43 -14.98 -26.21 28.43
C VAL K 43 -13.91 -25.51 29.24
N LEU K 44 -14.01 -25.56 30.57
CA LEU K 44 -13.08 -24.85 31.43
C LEU K 44 -11.68 -25.43 31.34
N ALA K 45 -11.58 -26.73 31.08
CA ALA K 45 -10.27 -27.36 31.00
C ALA K 45 -9.63 -27.14 29.63
N MET K 46 -10.43 -27.04 28.57
CA MET K 46 -9.89 -27.11 27.22
C MET K 46 -9.94 -25.81 26.44
N HIS K 47 -10.62 -24.77 26.91
CA HIS K 47 -10.63 -23.52 26.16
C HIS K 47 -9.22 -22.94 26.04
N SER K 48 -8.41 -23.10 27.09
CA SER K 48 -7.07 -22.51 27.10
C SER K 48 -6.19 -23.11 26.01
N TRP K 49 -6.51 -24.34 25.59
CA TRP K 49 -5.82 -24.97 24.47
C TRP K 49 -5.89 -24.11 23.21
N VAL K 50 -7.02 -23.44 22.98
CA VAL K 50 -7.22 -22.65 21.77
C VAL K 50 -7.53 -21.21 22.13
N LEU K 51 -8.63 -20.99 22.84
CA LEU K 51 -9.09 -19.63 23.13
C LEU K 51 -8.52 -19.15 24.46
N PRO K 52 -7.75 -18.07 24.47
CA PRO K 52 -7.15 -17.61 25.73
C PRO K 52 -8.19 -17.38 26.80
N SER K 53 -7.95 -17.96 27.98
CA SER K 53 -8.87 -17.83 29.11
C SER K 53 -9.17 -16.37 29.42
N ALA K 54 -8.19 -15.49 29.20
CA ALA K 54 -8.42 -14.06 29.39
C ALA K 54 -9.57 -13.56 28.51
N ASP K 55 -9.73 -14.15 27.32
CA ASP K 55 -10.81 -13.73 26.43
C ASP K 55 -12.18 -14.15 26.96
N LEU K 56 -12.29 -15.36 27.52
CA LEU K 56 -13.56 -15.75 28.13
C LEU K 56 -13.87 -14.87 29.34
N ALA K 57 -12.85 -14.59 30.16
CA ALA K 57 -13.07 -13.70 31.30
C ALA K 57 -13.48 -12.31 30.83
N ALA K 58 -12.91 -11.85 29.71
CA ALA K 58 -13.31 -10.58 29.15
C ALA K 58 -14.75 -10.60 28.65
N ARG K 59 -15.18 -11.73 28.06
CA ARG K 59 -16.57 -11.86 27.65
C ARG K 59 -17.50 -11.80 28.85
N LEU K 60 -17.13 -12.47 29.95
CA LEU K 60 -17.98 -12.49 31.13
C LEU K 60 -18.03 -11.11 31.79
N LEU K 61 -16.88 -10.46 31.96
CA LEU K 61 -16.87 -9.10 32.49
C LEU K 61 -17.69 -8.19 31.59
N THR K 62 -17.52 -8.33 30.27
CA THR K 62 -18.29 -7.56 29.31
C THR K 62 -19.78 -7.91 29.37
N SER K 63 -20.11 -9.18 29.66
CA SER K 63 -21.51 -9.58 29.68
C SER K 63 -22.29 -9.00 30.87
N TYR K 64 -21.80 -8.10 31.73
CA TYR K 64 -22.69 -7.49 32.71
C TYR K 64 -23.51 -6.43 32.01
N GLN K 65 -24.83 -6.51 32.16
CA GLN K 65 -25.74 -5.55 31.52
C GLN K 65 -26.95 -5.33 32.42
N THR K 71 -36.46 -7.74 33.81
CA THR K 71 -35.36 -7.77 34.77
C THR K 71 -34.11 -8.35 34.09
N GLN K 72 -32.93 -7.85 34.47
CA GLN K 72 -31.70 -8.46 33.97
C GLN K 72 -30.69 -8.71 35.10
N GLU K 73 -30.80 -7.99 36.20
CA GLU K 73 -29.82 -8.16 37.28
C GLU K 73 -30.14 -9.46 38.02
N LEU K 74 -30.27 -10.54 37.23
CA LEU K 74 -30.70 -11.87 37.67
C LEU K 74 -29.66 -12.94 37.38
N ARG K 75 -29.25 -13.08 36.12
CA ARG K 75 -28.20 -14.01 35.74
C ARG K 75 -26.85 -13.62 36.30
N ARG K 76 -26.70 -12.39 36.78
CA ARG K 76 -25.42 -11.92 37.31
C ARG K 76 -24.91 -12.82 38.43
N LEU K 77 -25.82 -13.32 39.27
CA LEU K 77 -25.41 -14.22 40.34
C LEU K 77 -24.91 -15.54 39.77
N GLN K 78 -25.60 -16.07 38.75
CA GLN K 78 -25.15 -17.28 38.10
C GLN K 78 -23.76 -17.10 37.50
N ILE K 79 -23.52 -15.92 36.88
CA ILE K 79 -22.23 -15.66 36.27
C ILE K 79 -21.14 -15.60 37.34
N CYS K 80 -21.37 -14.86 38.42
CA CYS K 80 -20.37 -14.74 39.48
C CYS K 80 -20.08 -16.10 40.13
N HIS K 81 -21.12 -16.89 40.37
CA HIS K 81 -20.91 -18.20 40.99
C HIS K 81 -20.16 -19.15 40.07
N LEU K 82 -20.41 -19.08 38.76
CA LEU K 82 -19.63 -19.89 37.83
C LEU K 82 -18.18 -19.43 37.75
N VAL K 83 -17.95 -18.12 37.82
CA VAL K 83 -16.58 -17.61 37.89
C VAL K 83 -15.87 -18.21 39.10
N ARG K 84 -16.52 -18.14 40.28
CA ARG K 84 -15.93 -18.76 41.47
C ARG K 84 -15.73 -20.26 41.28
N TYR K 85 -16.68 -20.93 40.62
CA TYR K 85 -16.58 -22.37 40.40
C TYR K 85 -15.30 -22.72 39.66
N TRP K 86 -15.10 -22.11 38.50
CA TRP K 86 -13.97 -22.53 37.68
C TRP K 86 -12.66 -21.99 38.23
N LEU K 87 -12.69 -20.82 38.88
CA LEU K 87 -11.49 -20.31 39.53
C LEU K 87 -11.06 -21.21 40.70
N MET K 88 -12.02 -21.77 41.43
CA MET K 88 -11.74 -22.65 42.55
C MET K 88 -11.44 -24.08 42.10
N ARG K 89 -11.86 -24.47 40.91
CA ARG K 89 -11.53 -25.79 40.38
C ARG K 89 -10.20 -25.79 39.65
N HIS K 90 -9.88 -24.69 38.96
CA HIS K 90 -8.57 -24.51 38.33
C HIS K 90 -7.93 -23.25 38.89
N PRO K 91 -7.09 -23.36 39.93
CA PRO K 91 -6.37 -22.18 40.42
C PRO K 91 -5.08 -21.89 39.70
N GLU K 92 -4.58 -22.83 38.89
CA GLU K 92 -3.31 -22.66 38.19
C GLU K 92 -3.43 -21.70 37.01
N VAL K 93 -4.65 -21.38 36.58
CA VAL K 93 -4.84 -20.49 35.44
C VAL K 93 -4.10 -19.17 35.63
N MET K 94 -4.04 -18.68 36.87
CA MET K 94 -3.46 -17.39 37.18
C MET K 94 -1.97 -17.46 37.51
N HIS K 95 -1.30 -18.56 37.14
CA HIS K 95 0.12 -18.70 37.46
C HIS K 95 0.97 -17.83 36.55
N GLN K 96 0.89 -18.08 35.24
CA GLN K 96 1.52 -17.21 34.24
C GLN K 96 0.42 -16.70 33.33
N ASP K 97 -0.30 -15.67 33.79
CA ASP K 97 -1.38 -15.09 33.00
C ASP K 97 -1.82 -13.76 33.60
N PRO K 98 -1.03 -12.69 33.47
CA PRO K 98 -1.42 -11.41 34.09
C PRO K 98 -2.70 -10.81 33.51
N GLN K 99 -3.01 -11.08 32.25
CA GLN K 99 -4.21 -10.53 31.63
C GLN K 99 -5.47 -11.03 32.35
N LEU K 100 -5.53 -12.35 32.59
CA LEU K 100 -6.65 -12.92 33.33
C LEU K 100 -6.73 -12.32 34.73
N GLU K 101 -5.57 -12.14 35.39
CA GLU K 101 -5.56 -11.50 36.70
C GLU K 101 -6.19 -10.11 36.63
N GLU K 102 -5.82 -9.34 35.60
CA GLU K 102 -6.40 -8.01 35.42
C GLU K 102 -7.91 -8.08 35.24
N VAL K 103 -8.37 -8.94 34.35
CA VAL K 103 -9.80 -8.93 34.04
C VAL K 103 -10.61 -9.45 35.23
N ILE K 104 -10.09 -10.41 35.99
CA ILE K 104 -10.85 -10.88 37.15
C ILE K 104 -10.81 -9.86 38.29
N GLY K 105 -9.69 -9.14 38.46
CA GLY K 105 -9.67 -8.07 39.44
C GLY K 105 -10.63 -6.95 39.09
N ARG K 106 -10.66 -6.54 37.82
CA ARG K 106 -11.60 -5.54 37.36
C ARG K 106 -13.03 -6.04 37.52
N PHE K 107 -13.25 -7.34 37.31
CA PHE K 107 -14.55 -7.96 37.49
C PHE K 107 -15.02 -7.87 38.94
N TRP K 108 -14.16 -8.29 39.87
CA TRP K 108 -14.53 -8.22 41.28
C TRP K 108 -14.69 -6.79 41.74
N ALA K 109 -13.90 -5.86 41.18
CA ALA K 109 -14.08 -4.45 41.49
C ALA K 109 -15.45 -3.96 41.03
N THR K 110 -15.88 -4.39 39.85
CA THR K 110 -17.22 -4.04 39.38
C THR K 110 -18.29 -4.61 40.31
N VAL K 111 -18.10 -5.86 40.73
CA VAL K 111 -19.03 -6.51 41.67
C VAL K 111 -19.02 -5.80 43.02
N ALA K 112 -17.89 -5.18 43.39
CA ALA K 112 -17.78 -4.53 44.69
C ALA K 112 -18.82 -3.45 44.88
N ARG K 113 -19.35 -2.90 43.79
CA ARG K 113 -20.37 -1.86 43.83
C ARG K 113 -21.36 -2.05 42.69
N GLU K 114 -22.04 -0.98 42.27
CA GLU K 114 -23.50 -0.90 42.34
C GLU K 114 -24.16 -2.28 42.41
N GLY K 115 -24.03 -3.13 41.40
CA GLY K 115 -23.94 -4.58 41.58
C GLY K 115 -24.58 -5.18 42.81
N ASN K 116 -25.82 -4.81 43.14
CA ASN K 116 -26.42 -5.16 44.41
C ASN K 116 -26.73 -6.66 44.48
N SER K 117 -27.48 -7.05 45.52
CA SER K 117 -27.94 -8.43 45.69
C SER K 117 -26.82 -9.43 45.90
N ALA K 118 -26.20 -9.40 47.09
CA ALA K 118 -25.29 -10.44 47.57
C ALA K 118 -23.98 -10.52 46.79
N GLN K 119 -23.20 -9.43 46.81
CA GLN K 119 -21.84 -9.42 46.31
C GLN K 119 -20.82 -9.94 47.32
N ARG K 120 -21.26 -10.74 48.29
CA ARG K 120 -20.40 -11.31 49.33
C ARG K 120 -19.53 -12.45 48.81
N ARG K 121 -19.48 -12.66 47.49
CA ARG K 121 -18.79 -13.81 46.91
C ARG K 121 -17.28 -13.63 46.82
N LEU K 122 -16.75 -12.41 46.96
CA LEU K 122 -15.33 -12.18 46.73
C LEU K 122 -14.47 -12.81 47.82
N GLY K 123 -14.94 -12.79 49.06
CA GLY K 123 -14.20 -13.36 50.17
C GLY K 123 -13.93 -14.85 50.00
N ASP K 124 -14.99 -15.63 49.83
CA ASP K 124 -14.82 -17.04 49.53
C ASP K 124 -14.24 -17.27 48.14
N SER K 125 -14.25 -16.24 47.27
CA SER K 125 -13.69 -16.38 45.94
C SER K 125 -12.16 -16.36 45.97
N SER K 126 -11.57 -15.48 46.78
CA SER K 126 -10.12 -15.35 46.84
C SER K 126 -9.51 -16.25 47.92
N ASP K 127 -10.08 -16.25 49.12
CA ASP K 127 -9.57 -17.06 50.22
C ASP K 127 -9.55 -18.55 49.90
N LEU K 153 26.45 -52.20 46.11
CA LEU K 153 25.88 -53.52 45.86
C LEU K 153 24.40 -53.51 46.26
N LEU K 154 23.73 -52.42 45.85
CA LEU K 154 22.38 -52.13 46.31
C LEU K 154 21.31 -52.80 45.46
N PHE K 155 21.52 -52.91 44.14
CA PHE K 155 20.62 -53.73 43.34
C PHE K 155 20.74 -55.19 43.74
N ASP K 156 21.95 -55.64 44.04
CA ASP K 156 22.15 -56.87 44.79
C ASP K 156 21.44 -56.75 46.14
N HIS K 157 21.15 -57.89 46.74
CA HIS K 157 20.58 -58.03 48.08
C HIS K 157 19.09 -57.70 48.09
N LEU K 158 18.51 -57.24 47.00
CA LEU K 158 17.08 -56.99 46.91
C LEU K 158 16.39 -58.21 46.30
N GLU K 159 15.08 -58.09 46.06
CA GLU K 159 14.30 -59.17 45.48
C GLU K 159 13.44 -58.61 44.35
N THR K 160 13.21 -59.44 43.34
CA THR K 160 12.54 -58.99 42.11
C THR K 160 11.24 -58.26 42.41
N GLY K 161 10.35 -58.88 43.18
CA GLY K 161 9.09 -58.24 43.50
C GLY K 161 9.27 -56.94 44.25
N GLU K 162 10.27 -56.89 45.13
CA GLU K 162 10.48 -55.69 45.92
C GLU K 162 10.97 -54.53 45.06
N LEU K 163 11.93 -54.82 44.17
CA LEU K 163 12.35 -53.82 43.19
C LEU K 163 11.16 -53.35 42.36
N ALA K 164 10.33 -54.28 41.90
CA ALA K 164 9.18 -53.89 41.09
C ALA K 164 8.24 -52.97 41.86
N GLN K 165 7.98 -53.29 43.14
CA GLN K 165 7.03 -52.50 43.91
C GLN K 165 7.59 -51.12 44.22
N HIS K 166 8.89 -51.05 44.56
CA HIS K 166 9.49 -49.76 44.86
C HIS K 166 9.61 -48.88 43.62
N LEU K 167 10.03 -49.46 42.49
CA LEU K 167 10.03 -48.73 41.24
C LEU K 167 8.64 -48.22 40.90
N THR K 168 7.61 -49.05 41.08
CA THR K 168 6.24 -48.61 40.82
C THR K 168 5.84 -47.48 41.76
N TYR K 169 6.31 -47.51 43.01
CA TYR K 169 5.94 -46.46 43.95
C TYR K 169 6.59 -45.13 43.55
N LEU K 170 7.87 -45.18 43.13
CA LEU K 170 8.52 -44.01 42.58
C LEU K 170 7.77 -43.49 41.36
N GLU K 171 7.48 -44.38 40.42
CA GLU K 171 6.79 -43.99 39.20
C GLU K 171 5.43 -43.36 39.51
N PHE K 172 4.74 -43.89 40.53
CA PHE K 172 3.43 -43.34 40.85
C PHE K 172 3.53 -41.98 41.50
N ARG K 173 4.53 -41.77 42.36
CA ARG K 173 4.66 -40.44 42.98
C ARG K 173 5.05 -39.40 41.93
N SER K 174 5.94 -39.77 41.01
CA SER K 174 6.33 -38.83 39.95
C SER K 174 5.19 -38.60 38.96
N PHE K 175 4.44 -39.67 38.64
CA PHE K 175 3.29 -39.57 37.73
C PHE K 175 2.20 -38.68 38.30
N GLN K 176 1.87 -38.83 39.58
CA GLN K 176 0.73 -38.14 40.16
C GLN K 176 0.91 -36.62 40.13
N ALA K 177 2.15 -36.15 40.06
CA ALA K 177 2.42 -34.71 40.01
C ALA K 177 2.22 -34.12 38.63
N ILE K 178 1.94 -34.94 37.61
CA ILE K 178 1.78 -34.46 36.25
C ILE K 178 0.40 -33.82 36.12
N THR K 179 0.36 -32.51 35.94
CA THR K 179 -0.74 -31.56 35.87
C THR K 179 -1.25 -31.47 34.43
N PRO K 180 -2.57 -31.44 34.23
CA PRO K 180 -3.09 -31.25 32.85
C PRO K 180 -2.56 -30.01 32.15
N GLN K 181 -2.29 -28.94 32.90
CA GLN K 181 -1.68 -27.75 32.31
C GLN K 181 -0.28 -28.04 31.79
N ASP K 182 0.46 -28.94 32.44
CA ASP K 182 1.75 -29.38 31.91
C ASP K 182 1.57 -30.13 30.59
N LEU K 183 0.50 -30.93 30.48
CA LEU K 183 0.20 -31.62 29.24
C LEU K 183 -0.16 -30.62 28.14
N ARG K 184 -0.91 -29.58 28.48
CA ARG K 184 -1.21 -28.51 27.54
C ARG K 184 0.06 -27.84 27.03
N SER K 185 0.95 -27.51 27.97
CA SER K 185 2.23 -26.92 27.59
C SER K 185 3.01 -27.83 26.65
N TYR K 186 3.04 -29.13 26.96
CA TYR K 186 3.67 -30.09 26.05
C TYR K 186 3.06 -30.00 24.66
N VAL K 187 1.76 -30.33 24.56
CA VAL K 187 1.13 -30.45 23.25
C VAL K 187 1.32 -29.18 22.43
N LEU K 188 1.12 -28.03 23.06
CA LEU K 188 1.19 -26.78 22.30
C LEU K 188 2.62 -26.40 21.95
N GLN K 189 3.60 -26.82 22.76
CA GLN K 189 4.99 -26.51 22.46
C GLN K 189 5.79 -27.72 21.96
N GLY K 190 5.56 -28.90 22.52
CA GLY K 190 6.20 -30.12 22.04
C GLY K 190 7.61 -30.37 22.54
N SER K 191 8.10 -29.56 23.46
CA SER K 191 9.50 -29.60 23.88
C SER K 191 9.64 -29.32 25.37
N VAL K 192 8.89 -30.05 26.21
CA VAL K 192 8.64 -29.66 27.60
C VAL K 192 9.87 -29.10 28.31
N ARG K 193 9.71 -27.90 28.84
CA ARG K 193 10.67 -27.21 29.67
C ARG K 193 9.95 -26.00 30.27
N GLY K 194 10.06 -25.81 31.58
CA GLY K 194 9.16 -24.94 32.30
C GLY K 194 7.96 -25.65 32.87
N CYS K 195 7.93 -26.98 32.75
CA CYS K 195 6.90 -27.82 33.36
C CYS K 195 7.59 -29.03 33.97
N PRO K 196 7.85 -29.00 35.29
CA PRO K 196 8.86 -29.88 35.88
C PRO K 196 8.45 -31.33 36.12
N ALA K 197 7.18 -31.57 36.45
CA ALA K 197 6.75 -32.91 36.85
C ALA K 197 6.97 -33.95 35.74
N LEU K 198 6.50 -33.65 34.53
CA LEU K 198 6.70 -34.59 33.44
C LEU K 198 8.16 -34.65 32.99
N GLU K 199 8.91 -33.55 33.16
CA GLU K 199 10.36 -33.65 32.96
C GLU K 199 10.94 -34.70 33.89
N GLY K 200 10.49 -34.71 35.14
CA GLY K 200 10.95 -35.71 36.08
C GLY K 200 10.48 -37.09 35.75
N SER K 201 9.29 -37.20 35.15
CA SER K 201 8.78 -38.51 34.74
C SER K 201 9.63 -39.09 33.60
N VAL K 202 9.90 -38.27 32.57
CA VAL K 202 10.69 -38.74 31.43
C VAL K 202 12.12 -39.01 31.87
N GLY K 203 12.67 -38.17 32.74
CA GLY K 203 14.00 -38.42 33.28
C GLY K 203 14.04 -39.65 34.16
N LEU K 204 12.95 -39.92 34.89
CA LEU K 204 12.86 -41.13 35.68
C LEU K 204 12.92 -42.37 34.80
N SER K 205 12.11 -42.41 33.74
CA SER K 205 12.13 -43.56 32.84
C SER K 205 13.49 -43.71 32.17
N ASN K 206 14.06 -42.60 31.68
CA ASN K 206 15.37 -42.66 31.04
C ASN K 206 16.45 -43.10 32.02
N SER K 207 16.35 -42.66 33.28
CA SER K 207 17.33 -43.06 34.30
C SER K 207 17.16 -44.52 34.67
N VAL K 208 15.93 -45.04 34.63
CA VAL K 208 15.74 -46.48 34.82
C VAL K 208 16.41 -47.25 33.71
N SER K 209 16.22 -46.82 32.46
CA SER K 209 16.86 -47.51 31.34
C SER K 209 18.39 -47.46 31.46
N ARG K 210 18.94 -46.27 31.76
CA ARG K 210 20.37 -46.14 31.96
C ARG K 210 20.84 -47.03 33.11
N TRP K 211 20.07 -47.08 34.20
CA TRP K 211 20.43 -47.90 35.35
C TRP K 211 20.49 -49.37 34.98
N VAL K 212 19.52 -49.84 34.18
CA VAL K 212 19.54 -51.23 33.71
C VAL K 212 20.79 -51.48 32.87
N GLN K 213 21.05 -50.59 31.92
CA GLN K 213 22.18 -50.76 31.02
C GLN K 213 23.50 -50.81 31.80
N VAL K 214 23.74 -49.78 32.63
CA VAL K 214 25.00 -49.70 33.36
C VAL K 214 25.11 -50.80 34.41
N MET K 215 23.98 -51.30 34.92
CA MET K 215 24.05 -52.38 35.90
C MET K 215 24.38 -53.71 35.22
N VAL K 216 23.90 -53.92 34.01
CA VAL K 216 24.27 -55.12 33.27
C VAL K 216 25.73 -55.02 32.82
N LEU K 217 26.15 -53.85 32.35
CA LEU K 217 27.51 -53.69 31.85
C LEU K 217 28.54 -53.60 32.96
N SER K 218 28.13 -53.28 34.19
CA SER K 218 29.06 -53.20 35.30
C SER K 218 29.53 -54.59 35.76
N ARG K 219 28.89 -55.64 35.29
CA ARG K 219 29.24 -57.00 35.67
C ARG K 219 30.22 -57.59 34.65
N PRO K 220 31.43 -57.96 35.05
CA PRO K 220 32.46 -58.35 34.06
C PRO K 220 32.12 -59.61 33.29
N GLY K 221 31.96 -60.74 33.98
CA GLY K 221 31.76 -62.00 33.30
C GLY K 221 30.49 -62.02 32.47
N PRO K 222 30.49 -62.80 31.39
CA PRO K 222 29.23 -62.98 30.64
C PRO K 222 28.17 -63.70 31.46
N LEU K 223 28.59 -64.58 32.37
CA LEU K 223 27.64 -65.30 33.21
C LEU K 223 26.97 -64.37 34.22
N GLN K 224 27.74 -63.48 34.84
CA GLN K 224 27.16 -62.48 35.74
C GLN K 224 26.15 -61.60 35.00
N ARG K 225 26.50 -61.15 33.80
CA ARG K 225 25.55 -60.37 32.99
C ARG K 225 24.30 -61.18 32.70
N ALA K 226 24.44 -62.48 32.43
CA ALA K 226 23.26 -63.31 32.18
C ALA K 226 22.40 -63.42 33.44
N GLN K 227 23.04 -63.47 34.61
CA GLN K 227 22.30 -63.48 35.87
C GLN K 227 21.53 -62.17 36.05
N VAL K 228 22.19 -61.04 35.78
CA VAL K 228 21.53 -59.74 35.85
C VAL K 228 20.35 -59.68 34.88
N LEU K 229 20.51 -60.27 33.69
CA LEU K 229 19.42 -60.30 32.72
C LEU K 229 18.26 -61.14 33.22
N ASP K 230 18.55 -62.30 33.80
CA ASP K 230 17.51 -63.09 34.45
C ASP K 230 16.74 -62.25 35.46
N LYS K 231 17.47 -61.57 36.34
CA LYS K 231 16.81 -60.80 37.38
C LYS K 231 15.94 -59.68 36.81
N PHE K 232 16.44 -58.96 35.80
CA PHE K 232 15.65 -57.88 35.22
C PHE K 232 14.46 -58.40 34.43
N ILE K 233 14.58 -59.56 33.77
CA ILE K 233 13.43 -60.14 33.10
C ILE K 233 12.36 -60.52 34.12
N HIS K 234 12.77 -61.10 35.25
CA HIS K 234 11.81 -61.42 36.29
C HIS K 234 11.16 -60.17 36.86
N VAL K 235 11.96 -59.11 37.08
CA VAL K 235 11.41 -57.85 37.57
C VAL K 235 10.38 -57.29 36.59
N ALA K 236 10.70 -57.28 35.30
CA ALA K 236 9.77 -56.76 34.30
C ALA K 236 8.49 -57.60 34.22
N GLN K 237 8.63 -58.92 34.31
CA GLN K 237 7.47 -59.81 34.32
C GLN K 237 6.59 -59.54 35.53
N ARG K 238 7.20 -59.39 36.71
CA ARG K 238 6.42 -59.02 37.89
C ARG K 238 5.78 -57.66 37.73
N LEU K 239 6.45 -56.74 37.03
CA LEU K 239 5.84 -55.44 36.74
C LEU K 239 4.63 -55.58 35.82
N HIS K 240 4.68 -56.56 34.90
CA HIS K 240 3.50 -56.86 34.11
C HIS K 240 2.38 -57.38 35.00
N GLN K 241 2.72 -58.20 35.98
CA GLN K 241 1.70 -58.64 36.94
C GLN K 241 1.14 -57.46 37.72
N LEU K 242 2.00 -56.52 38.09
CA LEU K 242 1.61 -55.30 38.78
C LEU K 242 0.95 -54.29 37.84
N GLN K 243 1.03 -54.52 36.53
CA GLN K 243 0.41 -53.64 35.54
C GLN K 243 0.96 -52.22 35.61
N ASN K 244 2.28 -52.12 35.75
CA ASN K 244 3.01 -50.85 35.61
C ASN K 244 3.75 -50.88 34.28
N PHE K 245 3.15 -50.26 33.26
CA PHE K 245 3.67 -50.38 31.90
C PHE K 245 4.73 -49.34 31.56
N ASN K 246 4.74 -48.18 32.22
CA ASN K 246 5.77 -47.19 31.96
C ASN K 246 7.15 -47.72 32.38
N THR K 247 7.27 -48.11 33.64
CA THR K 247 8.51 -48.71 34.11
C THR K 247 8.80 -50.02 33.38
N LEU K 248 7.75 -50.75 32.97
CA LEU K 248 7.96 -51.93 32.15
C LEU K 248 8.65 -51.57 30.84
N MET K 249 8.21 -50.49 30.19
CA MET K 249 8.88 -50.03 28.98
C MET K 249 10.31 -49.62 29.26
N ALA K 250 10.54 -48.89 30.34
CA ALA K 250 11.90 -48.45 30.65
C ALA K 250 12.84 -49.63 30.84
N VAL K 251 12.40 -50.63 31.61
CA VAL K 251 13.24 -51.78 31.90
C VAL K 251 13.44 -52.64 30.64
N THR K 252 12.36 -52.85 29.89
CA THR K 252 12.45 -53.66 28.68
C THR K 252 13.37 -53.01 27.65
N GLY K 253 13.23 -51.70 27.43
CA GLY K 253 14.11 -51.02 26.50
C GLY K 253 15.56 -51.01 26.96
N GLY K 254 15.77 -50.91 28.28
CA GLY K 254 17.12 -51.10 28.79
C GLY K 254 17.65 -52.49 28.51
N LEU K 255 16.75 -53.48 28.48
CA LEU K 255 17.14 -54.84 28.10
C LEU K 255 17.36 -54.94 26.59
N CYS K 256 16.43 -54.41 25.81
CA CYS K 256 16.50 -54.47 24.35
C CYS K 256 17.36 -53.36 23.75
N HIS K 257 18.02 -52.55 24.57
CA HIS K 257 18.88 -51.50 24.05
C HIS K 257 19.98 -52.08 23.16
N SER K 258 20.37 -51.31 22.14
CA SER K 258 21.35 -51.80 21.17
C SER K 258 22.70 -52.07 21.82
N ALA K 259 23.05 -51.29 22.84
CA ALA K 259 24.31 -51.52 23.55
C ALA K 259 24.30 -52.82 24.34
N ILE K 260 23.12 -53.37 24.64
CA ILE K 260 22.99 -54.62 25.36
C ILE K 260 22.66 -55.78 24.40
N SER K 261 21.86 -55.53 23.37
CA SER K 261 21.43 -56.59 22.47
C SER K 261 22.60 -57.22 21.71
N ARG K 262 23.73 -56.51 21.61
CA ARG K 262 24.88 -57.03 20.88
C ARG K 262 25.70 -58.02 21.71
N LEU K 263 25.34 -58.22 22.97
CA LEU K 263 26.11 -59.10 23.86
C LEU K 263 25.62 -60.53 23.70
N LYS K 264 26.14 -61.19 22.66
CA LYS K 264 25.71 -62.55 22.37
C LYS K 264 26.26 -63.54 23.38
N ASP K 265 27.50 -63.35 23.83
CA ASP K 265 28.09 -64.25 24.80
C ASP K 265 27.28 -64.31 26.07
N SER K 266 26.74 -63.17 26.51
CA SER K 266 25.93 -63.15 27.72
C SER K 266 24.59 -63.84 27.50
N HIS K 267 23.94 -63.56 26.36
CA HIS K 267 22.66 -64.20 26.06
C HIS K 267 22.80 -65.69 25.79
N ALA K 268 24.02 -66.17 25.56
CA ALA K 268 24.22 -67.61 25.37
C ALA K 268 23.92 -68.38 26.65
N HIS K 269 24.33 -67.85 27.81
CA HIS K 269 24.06 -68.50 29.08
C HIS K 269 22.62 -68.28 29.55
N LEU K 270 21.91 -67.32 28.97
CA LEU K 270 20.58 -66.97 29.46
C LEU K 270 19.61 -68.14 29.30
N SER K 271 18.77 -68.33 30.32
CA SER K 271 17.84 -69.46 30.34
C SER K 271 16.86 -69.37 29.19
N PRO K 272 16.46 -70.51 28.60
CA PRO K 272 15.50 -70.46 27.49
C PRO K 272 14.14 -69.89 27.88
N ASP K 273 13.62 -70.22 29.06
CA ASP K 273 12.38 -69.60 29.52
C ASP K 273 12.54 -68.10 29.70
N SER K 274 13.71 -67.67 30.19
CA SER K 274 13.96 -66.24 30.37
C SER K 274 13.99 -65.52 29.02
N THR K 275 14.71 -66.09 28.05
CA THR K 275 14.73 -65.52 26.70
C THR K 275 13.34 -65.49 26.09
N LYS K 276 12.55 -66.54 26.34
CA LYS K 276 11.18 -66.59 25.82
C LYS K 276 10.34 -65.45 26.41
N ALA K 277 10.46 -65.24 27.72
CA ALA K 277 9.72 -64.15 28.35
C ALA K 277 10.17 -62.79 27.82
N LEU K 278 11.48 -62.60 27.66
CA LEU K 278 11.98 -61.34 27.11
C LEU K 278 11.46 -61.09 25.70
N LEU K 279 11.44 -62.14 24.86
CA LEU K 279 10.86 -62.02 23.53
C LEU K 279 9.39 -61.63 23.60
N GLU K 280 8.64 -62.26 24.51
CA GLU K 280 7.23 -61.94 24.66
C GLU K 280 7.03 -60.49 25.07
N LEU K 281 7.92 -59.97 25.93
CA LEU K 281 7.80 -58.60 26.39
C LEU K 281 8.13 -57.61 25.27
N THR K 282 9.22 -57.86 24.53
CA THR K 282 9.54 -56.99 23.41
C THR K 282 8.42 -57.00 22.38
N GLU K 283 7.83 -58.17 22.14
CA GLU K 283 6.64 -58.26 21.28
C GLU K 283 5.47 -57.46 21.85
N LEU K 284 5.38 -57.40 23.19
CA LEU K 284 4.28 -56.68 23.83
C LEU K 284 4.39 -55.18 23.63
N LEU K 285 5.58 -54.62 23.82
CA LEU K 285 5.78 -53.17 23.77
C LEU K 285 6.27 -52.68 22.42
N ALA K 286 6.43 -53.57 21.43
CA ALA K 286 6.90 -53.14 20.12
C ALA K 286 5.96 -52.11 19.52
N SER K 287 6.54 -51.14 18.80
CA SER K 287 5.77 -50.10 18.14
C SER K 287 5.02 -50.61 16.92
N HIS K 288 5.12 -51.91 16.64
CA HIS K 288 4.44 -52.52 15.50
C HIS K 288 2.96 -52.17 15.46
N ASN K 289 2.56 -51.48 14.40
CA ASN K 289 1.15 -51.20 14.11
C ASN K 289 0.47 -50.42 15.24
N ASN K 290 1.04 -49.25 15.57
CA ASN K 290 0.45 -48.31 16.53
C ASN K 290 0.28 -48.97 17.90
N TYR K 291 1.24 -49.80 18.30
CA TYR K 291 1.22 -50.50 19.59
C TYR K 291 -0.08 -51.27 19.77
N ALA K 292 -0.42 -52.10 18.77
CA ALA K 292 -1.71 -52.79 18.79
C ALA K 292 -1.81 -53.77 19.96
N ARG K 293 -0.77 -54.56 20.19
CA ARG K 293 -0.79 -55.55 21.28
C ARG K 293 -0.73 -54.87 22.64
N TYR K 294 0.05 -53.80 22.75
CA TYR K 294 0.04 -52.99 23.96
C TYR K 294 -1.38 -52.55 24.32
N ARG K 295 -2.04 -51.87 23.38
CA ARG K 295 -3.40 -51.39 23.62
C ARG K 295 -4.35 -52.54 23.89
N ARG K 296 -4.13 -53.69 23.23
CA ARG K 296 -4.86 -54.91 23.54
C ARG K 296 -4.84 -55.20 25.03
N THR K 297 -3.64 -55.39 25.58
CA THR K 297 -3.51 -55.68 27.00
C THR K 297 -4.10 -54.56 27.85
N TRP K 298 -3.75 -53.32 27.51
CA TRP K 298 -4.18 -52.17 28.31
C TRP K 298 -5.70 -52.12 28.44
N ALA K 299 -6.41 -52.43 27.36
CA ALA K 299 -7.87 -52.54 27.44
C ALA K 299 -8.27 -53.77 28.25
N GLY K 300 -7.55 -54.88 28.10
CA GLY K 300 -7.88 -56.08 28.83
C GLY K 300 -7.72 -55.98 30.33
N CYS K 301 -6.88 -55.06 30.81
CA CYS K 301 -6.63 -54.90 32.23
C CYS K 301 -7.82 -54.20 32.91
N ALA K 302 -7.71 -54.04 34.23
CA ALA K 302 -8.73 -53.38 35.04
C ALA K 302 -8.16 -53.15 36.43
N GLY K 303 -8.63 -52.10 37.08
CA GLY K 303 -8.19 -51.78 38.45
C GLY K 303 -6.97 -50.88 38.45
N PHE K 304 -5.86 -51.38 38.98
CA PHE K 304 -4.60 -50.61 38.99
C PHE K 304 -3.79 -50.95 37.74
N ARG K 305 -4.40 -50.74 36.58
CA ARG K 305 -3.69 -50.94 35.32
C ARG K 305 -2.66 -49.84 35.07
N LEU K 306 -2.81 -48.68 35.69
CA LEU K 306 -1.76 -47.69 35.68
C LEU K 306 -0.60 -48.18 36.55
N PRO K 307 0.60 -47.59 36.40
CA PRO K 307 1.00 -46.52 35.47
C PRO K 307 0.98 -46.93 34.00
N VAL K 308 0.99 -45.90 33.14
CA VAL K 308 0.77 -46.09 31.71
C VAL K 308 1.91 -45.39 30.97
N LEU K 309 1.91 -45.48 29.63
CA LEU K 309 3.02 -45.03 28.82
C LEU K 309 2.84 -43.58 28.40
N GLY K 310 3.83 -43.08 27.64
CA GLY K 310 3.78 -41.81 26.99
C GLY K 310 3.08 -41.82 25.65
N VAL K 311 2.66 -42.99 25.17
CA VAL K 311 1.92 -43.04 23.91
C VAL K 311 0.65 -42.21 24.01
N HIS K 312 0.13 -42.03 25.22
CA HIS K 312 -1.02 -41.16 25.41
C HIS K 312 -0.71 -39.75 24.90
N LEU K 313 0.45 -39.22 25.29
CA LEU K 313 0.93 -37.97 24.71
C LEU K 313 0.78 -38.01 23.20
N LYS K 314 1.36 -39.04 22.58
CA LYS K 314 1.23 -39.27 21.15
C LYS K 314 -0.21 -39.08 20.69
N ASP K 315 -1.12 -39.89 21.25
CA ASP K 315 -2.52 -39.80 20.84
C ASP K 315 -3.05 -38.39 21.03
N LEU K 316 -2.80 -37.80 22.21
CA LEU K 316 -3.21 -36.44 22.44
C LEU K 316 -2.70 -35.51 21.35
N VAL K 317 -1.38 -35.52 21.14
CA VAL K 317 -0.80 -34.65 20.12
C VAL K 317 -1.46 -34.93 18.77
N SER K 318 -1.67 -36.21 18.45
CA SER K 318 -2.34 -36.56 17.21
C SER K 318 -3.70 -35.89 17.13
N LEU K 319 -4.52 -36.08 18.16
CA LEU K 319 -5.86 -35.48 18.15
C LEU K 319 -5.80 -33.96 18.10
N HIS K 320 -4.68 -33.35 18.49
CA HIS K 320 -4.61 -31.90 18.38
C HIS K 320 -4.44 -31.48 16.93
N GLU K 321 -3.61 -32.19 16.16
CA GLU K 321 -3.34 -31.82 14.79
C GLU K 321 -4.20 -32.57 13.78
N ALA K 322 -4.79 -33.69 14.18
CA ALA K 322 -5.67 -34.44 13.29
C ALA K 322 -6.89 -33.61 12.94
N GLN K 323 -7.60 -33.17 13.93
CA GLN K 323 -8.78 -32.39 13.60
C GLN K 323 -8.46 -30.91 13.70
N PRO K 324 -9.10 -30.07 12.88
CA PRO K 324 -8.73 -28.66 12.87
C PRO K 324 -9.15 -27.97 14.17
N ASP K 325 -8.36 -26.97 14.55
CA ASP K 325 -8.68 -26.18 15.74
C ASP K 325 -10.00 -25.45 15.57
N ARG K 326 -10.17 -24.74 14.46
CA ARG K 326 -11.38 -23.96 14.20
C ARG K 326 -12.00 -24.40 12.88
N LEU K 327 -13.33 -24.42 12.84
CA LEU K 327 -14.07 -24.75 11.63
C LEU K 327 -14.10 -23.55 10.69
N PRO K 328 -14.32 -23.78 9.39
CA PRO K 328 -14.41 -22.65 8.45
C PRO K 328 -15.57 -21.70 8.74
N ASP K 329 -16.59 -22.15 9.48
CA ASP K 329 -17.70 -21.27 9.85
C ASP K 329 -17.24 -20.07 10.67
N GLY K 330 -16.04 -20.12 11.24
CA GLY K 330 -15.55 -19.18 12.21
C GLY K 330 -15.60 -19.71 13.62
N ARG K 331 -16.61 -20.53 13.94
CA ARG K 331 -16.64 -21.24 15.20
C ARG K 331 -15.66 -22.40 15.18
N LEU K 332 -15.16 -22.76 16.35
CA LEU K 332 -14.32 -23.93 16.52
C LEU K 332 -15.16 -25.11 17.00
N HIS K 333 -14.80 -26.31 16.56
CA HIS K 333 -15.62 -27.47 16.84
C HIS K 333 -15.12 -28.15 18.11
N LEU K 334 -16.02 -28.29 19.08
CA LEU K 334 -15.74 -28.83 20.41
C LEU K 334 -15.53 -30.34 20.45
N PRO K 335 -16.20 -31.18 19.63
CA PRO K 335 -16.02 -32.64 19.80
C PRO K 335 -14.56 -33.08 19.87
N LYS K 336 -13.68 -32.37 19.16
CA LYS K 336 -12.25 -32.51 19.36
C LYS K 336 -11.89 -32.30 20.83
N LEU K 337 -12.41 -31.21 21.41
CA LEU K 337 -12.12 -30.91 22.80
C LEU K 337 -12.76 -31.93 23.74
N ASN K 338 -13.85 -32.56 23.30
CA ASN K 338 -14.50 -33.59 24.12
C ASN K 338 -13.66 -34.87 24.14
N ASN K 339 -13.18 -35.30 22.98
CA ASN K 339 -12.27 -36.45 22.92
C ASN K 339 -11.01 -36.18 23.74
N LEU K 340 -10.41 -34.99 23.56
CA LEU K 340 -9.27 -34.60 24.37
C LEU K 340 -9.59 -34.63 25.86
N TYR K 341 -10.75 -34.07 26.23
CA TYR K 341 -11.11 -33.97 27.63
C TYR K 341 -11.24 -35.35 28.26
N LEU K 342 -11.86 -36.30 27.56
CA LEU K 342 -11.93 -37.64 28.12
C LEU K 342 -10.55 -38.28 28.20
N ARG K 343 -9.68 -38.00 27.21
CA ARG K 343 -8.34 -38.57 27.25
C ARG K 343 -7.54 -38.04 28.44
N LEU K 344 -7.77 -36.79 28.82
CA LEU K 344 -7.10 -36.21 29.99
C LEU K 344 -7.75 -36.68 31.29
N GLN K 345 -9.09 -36.66 31.36
CA GLN K 345 -9.78 -37.07 32.57
C GLN K 345 -9.49 -38.52 32.93
N GLU K 346 -9.24 -39.38 31.93
CA GLU K 346 -8.77 -40.73 32.27
C GLU K 346 -7.45 -40.66 33.03
N LEU K 347 -6.52 -39.83 32.57
CA LEU K 347 -5.22 -39.72 33.24
C LEU K 347 -5.39 -39.17 34.66
N VAL K 348 -6.28 -38.20 34.82
CA VAL K 348 -6.55 -37.67 36.17
C VAL K 348 -7.15 -38.75 37.06
N ALA K 349 -8.12 -39.51 36.54
CA ALA K 349 -8.70 -40.62 37.29
C ALA K 349 -7.64 -41.63 37.68
N LEU K 350 -6.64 -41.84 36.82
CA LEU K 350 -5.53 -42.71 37.19
C LEU K 350 -4.68 -42.08 38.29
N GLN K 351 -4.50 -40.75 38.22
CA GLN K 351 -3.81 -40.05 39.30
C GLN K 351 -4.55 -40.22 40.62
N GLY K 352 -5.85 -40.47 40.55
CA GLY K 352 -6.64 -40.62 41.76
C GLY K 352 -6.37 -41.90 42.53
N GLN K 353 -5.96 -42.96 41.84
CA GLN K 353 -5.92 -44.28 42.46
C GLN K 353 -4.73 -44.38 43.43
N HIS K 354 -4.52 -45.58 43.96
CA HIS K 354 -3.48 -45.84 44.94
C HIS K 354 -2.90 -47.24 44.73
N PRO K 355 -1.64 -47.45 45.08
CA PRO K 355 -0.94 -48.71 44.70
C PRO K 355 -1.53 -49.92 45.41
N PRO K 356 -1.25 -51.13 44.91
CA PRO K 356 -1.71 -52.35 45.60
C PRO K 356 -0.81 -52.77 46.75
N CYS K 357 0.49 -52.52 46.62
CA CYS K 357 1.48 -52.95 47.60
C CYS K 357 2.11 -51.75 48.29
N SER K 358 2.99 -52.01 49.25
CA SER K 358 3.60 -50.98 50.07
C SER K 358 5.04 -50.73 49.63
N ALA K 359 5.68 -49.77 50.30
CA ALA K 359 7.02 -49.33 49.93
C ALA K 359 7.70 -48.72 51.15
N ASN K 360 8.93 -49.12 51.41
CA ASN K 360 9.71 -48.56 52.51
C ASN K 360 10.33 -47.24 52.07
N GLU K 361 9.93 -46.14 52.72
CA GLU K 361 10.34 -44.81 52.29
C GLU K 361 11.85 -44.68 52.20
N ASP K 362 12.57 -45.24 53.18
CA ASP K 362 14.02 -45.15 53.21
C ASP K 362 14.66 -45.94 52.06
N LEU K 363 14.18 -47.15 51.82
CA LEU K 363 14.72 -47.95 50.71
C LEU K 363 14.39 -47.29 49.38
N LEU K 364 13.21 -46.67 49.27
CA LEU K 364 12.90 -45.85 48.11
C LEU K 364 13.91 -44.73 47.94
N HIS K 365 14.30 -44.08 49.03
CA HIS K 365 15.32 -43.04 48.94
C HIS K 365 16.63 -43.60 48.44
N LEU K 366 17.03 -44.77 48.94
CA LEU K 366 18.28 -45.38 48.48
C LEU K 366 18.22 -45.68 46.98
N LEU K 367 17.10 -46.22 46.51
CA LEU K 367 16.98 -46.53 45.09
C LEU K 367 17.00 -45.26 44.24
N THR K 368 16.27 -44.23 44.68
CA THR K 368 16.26 -42.95 43.98
C THR K 368 17.67 -42.36 43.88
N LEU K 369 18.45 -42.44 44.96
CA LEU K 369 19.82 -41.95 44.91
C LEU K 369 20.70 -42.84 44.06
N SER K 370 20.33 -44.11 43.93
CA SER K 370 21.07 -45.03 43.08
C SER K 370 20.85 -44.72 41.60
N LEU K 371 19.65 -44.26 41.25
CA LEU K 371 19.33 -43.96 39.86
C LEU K 371 19.94 -42.65 39.38
N ASP K 372 20.40 -41.79 40.30
CA ASP K 372 20.90 -40.48 39.92
C ASP K 372 22.34 -40.51 39.44
N LEU K 373 22.83 -41.67 39.02
CA LEU K 373 24.05 -41.72 38.21
C LEU K 373 23.88 -40.83 36.98
N PHE K 374 25.01 -40.39 36.43
CA PHE K 374 25.02 -39.43 35.33
C PHE K 374 25.87 -40.00 34.20
N TYR K 375 25.27 -40.83 33.34
CA TYR K 375 25.96 -41.38 32.19
C TYR K 375 25.24 -40.95 30.92
N THR K 376 25.71 -41.46 29.78
CA THR K 376 25.15 -41.13 28.49
C THR K 376 25.43 -42.30 27.55
N GLU K 377 24.75 -42.29 26.40
CA GLU K 377 24.83 -43.42 25.46
C GLU K 377 26.25 -43.64 24.95
N ASP K 378 27.07 -42.58 24.89
CA ASP K 378 28.44 -42.73 24.42
C ASP K 378 29.25 -43.63 25.34
N GLU K 379 29.26 -43.33 26.65
CA GLU K 379 30.04 -44.15 27.56
C GLU K 379 29.49 -45.57 27.63
N ILE K 380 28.17 -45.72 27.50
CA ILE K 380 27.55 -47.05 27.53
C ILE K 380 28.01 -47.88 26.35
N TYR K 381 27.97 -47.31 25.13
CA TYR K 381 28.47 -48.03 23.97
C TYR K 381 29.96 -48.32 24.08
N GLU K 382 30.74 -47.36 24.57
CA GLU K 382 32.18 -47.59 24.74
C GLU K 382 32.43 -48.74 25.70
N LEU K 383 31.63 -48.84 26.76
CA LEU K 383 31.81 -49.91 27.73
C LEU K 383 31.36 -51.25 27.17
N SER K 384 30.23 -51.28 26.47
CA SER K 384 29.78 -52.50 25.81
C SER K 384 30.82 -53.01 24.82
N TYR K 385 31.44 -52.10 24.06
CA TYR K 385 32.52 -52.50 23.16
C TYR K 385 33.73 -52.99 23.93
N ALA K 386 34.07 -52.32 25.05
CA ALA K 386 35.19 -52.73 25.86
C ALA K 386 34.98 -54.09 26.51
N ARG K 387 33.73 -54.54 26.64
CA ARG K 387 33.48 -55.84 27.24
C ARG K 387 33.28 -56.95 26.22
N GLU K 388 32.56 -56.69 25.13
CA GLU K 388 32.43 -57.68 24.07
C GLU K 388 32.49 -57.03 22.70
N MET L 5 1.70 -58.65 -0.85
CA MET L 5 2.33 -57.35 -1.09
C MET L 5 3.57 -57.17 -0.23
N THR L 6 4.06 -55.94 -0.17
CA THR L 6 5.22 -55.58 0.63
C THR L 6 4.84 -54.50 1.64
N GLU L 7 5.36 -54.63 2.85
CA GLU L 7 5.10 -53.69 3.94
C GLU L 7 6.36 -52.90 4.24
N TYR L 8 6.23 -51.58 4.25
CA TYR L 8 7.35 -50.68 4.48
C TYR L 8 7.17 -49.99 5.82
N LYS L 9 8.21 -50.01 6.65
CA LYS L 9 8.15 -49.45 8.00
C LYS L 9 8.79 -48.07 7.99
N LEU L 10 7.97 -47.04 8.16
CA LEU L 10 8.41 -45.66 8.13
C LEU L 10 8.34 -45.07 9.53
N VAL L 11 9.32 -44.24 9.87
CA VAL L 11 9.37 -43.57 11.16
C VAL L 11 9.56 -42.08 10.91
N VAL L 12 8.79 -41.26 11.61
CA VAL L 12 8.82 -39.81 11.45
C VAL L 12 9.60 -39.23 12.62
N VAL L 13 10.83 -38.79 12.39
CA VAL L 13 11.67 -38.23 13.45
C VAL L 13 11.81 -36.74 13.23
N GLY L 14 12.07 -36.02 14.30
CA GLY L 14 12.21 -34.58 14.26
C GLY L 14 11.86 -33.97 15.60
N ALA L 15 12.21 -32.70 15.74
CA ALA L 15 11.86 -31.97 16.95
C ALA L 15 10.35 -31.81 17.05
N GLY L 16 9.87 -31.57 18.25
CA GLY L 16 8.46 -31.30 18.43
C GLY L 16 8.09 -29.92 17.92
N GLY L 17 6.81 -29.74 17.58
CA GLY L 17 6.36 -28.46 17.10
C GLY L 17 6.69 -28.16 15.66
N VAL L 18 7.14 -29.15 14.89
CA VAL L 18 7.44 -28.95 13.47
C VAL L 18 6.27 -29.33 12.57
N GLY L 19 5.24 -29.98 13.10
CA GLY L 19 4.12 -30.41 12.30
C GLY L 19 4.29 -31.79 11.72
N LYS L 20 5.27 -32.57 12.21
CA LYS L 20 5.50 -33.90 11.66
C LYS L 20 4.30 -34.79 11.90
N SER L 21 3.62 -34.62 13.03
CA SER L 21 2.37 -35.32 13.24
C SER L 21 1.31 -34.83 12.28
N ALA L 22 1.23 -33.51 12.07
CA ALA L 22 0.28 -32.98 11.09
C ALA L 22 0.58 -33.49 9.70
N LEU L 23 1.87 -33.60 9.35
CA LEU L 23 2.25 -34.13 8.04
C LEU L 23 1.84 -35.59 7.89
N THR L 24 2.26 -36.42 8.86
CA THR L 24 1.93 -37.84 8.82
C THR L 24 0.42 -38.05 8.73
N ILE L 25 -0.35 -37.24 9.46
CA ILE L 25 -1.81 -37.32 9.39
C ILE L 25 -2.30 -36.90 8.01
N GLN L 26 -1.73 -35.82 7.47
CA GLN L 26 -2.17 -35.32 6.17
C GLN L 26 -1.94 -36.33 5.07
N LEU L 27 -0.96 -37.23 5.24
CA LEU L 27 -0.82 -38.31 4.28
C LEU L 27 -2.08 -39.19 4.27
N ILE L 28 -2.57 -39.54 5.45
CA ILE L 28 -3.76 -40.40 5.54
C ILE L 28 -4.97 -39.46 5.49
N GLN L 29 -5.34 -39.10 4.26
CA GLN L 29 -6.54 -38.32 3.95
C GLN L 29 -6.82 -37.15 4.90
N PRO L 38 -6.18 -42.02 15.58
CA PRO L 38 -4.86 -42.14 16.22
C PRO L 38 -4.77 -43.35 17.16
N THR L 39 -5.84 -43.59 17.92
CA THR L 39 -5.85 -44.65 18.93
C THR L 39 -5.93 -46.03 18.30
N ILE L 40 -6.45 -46.13 17.08
CA ILE L 40 -6.88 -47.39 16.47
C ILE L 40 -5.68 -48.14 15.93
N GLU L 41 -5.88 -49.41 15.56
CA GLU L 41 -4.85 -50.18 14.88
C GLU L 41 -4.46 -49.52 13.56
N ASP L 42 -5.45 -49.27 12.69
CA ASP L 42 -5.22 -48.98 11.29
C ASP L 42 -4.90 -47.51 11.00
N SER L 43 -5.12 -46.61 11.97
CA SER L 43 -5.08 -45.17 11.69
C SER L 43 -3.73 -44.73 11.10
N TYR L 44 -2.65 -45.40 11.47
CA TYR L 44 -1.32 -45.08 10.94
C TYR L 44 -0.78 -46.19 10.05
N ARG L 45 -1.65 -46.76 9.23
CA ARG L 45 -1.24 -47.74 8.21
C ARG L 45 -2.12 -47.55 6.99
N LYS L 46 -1.50 -47.41 5.82
CA LYS L 46 -2.25 -47.16 4.60
C LYS L 46 -1.76 -48.03 3.44
N GLN L 47 -2.71 -48.69 2.79
CA GLN L 47 -2.47 -49.49 1.60
C GLN L 47 -2.55 -48.56 0.39
N VAL L 48 -1.41 -48.34 -0.28
CA VAL L 48 -1.35 -47.44 -1.44
C VAL L 48 -0.53 -48.10 -2.53
N VAL L 49 -0.70 -47.60 -3.74
CA VAL L 49 0.00 -48.12 -4.91
C VAL L 49 1.19 -47.22 -5.20
N ILE L 50 2.37 -47.84 -5.27
CA ILE L 50 3.62 -47.17 -5.60
C ILE L 50 4.12 -47.90 -6.85
N ASP L 51 5.03 -47.26 -7.57
CA ASP L 51 4.97 -47.13 -9.03
C ASP L 51 4.22 -48.25 -9.75
N GLY L 52 4.58 -49.51 -9.56
CA GLY L 52 3.82 -50.55 -10.22
C GLY L 52 2.92 -51.43 -9.38
N GLU L 53 3.36 -51.82 -8.19
CA GLU L 53 2.65 -52.79 -7.38
C GLU L 53 2.15 -52.16 -6.08
N THR L 54 1.04 -52.68 -5.58
CA THR L 54 0.47 -52.17 -4.34
C THR L 54 1.37 -52.53 -3.16
N CYS L 55 1.29 -51.72 -2.12
CA CYS L 55 2.14 -51.89 -0.95
C CYS L 55 1.42 -51.32 0.26
N LEU L 56 1.88 -51.72 1.44
CA LEU L 56 1.30 -51.29 2.70
C LEU L 56 2.34 -50.49 3.47
N LEU L 57 2.03 -49.25 3.78
CA LEU L 57 2.91 -48.37 4.52
C LEU L 57 2.49 -48.38 5.98
N ASP L 58 3.36 -48.90 6.85
CA ASP L 58 3.17 -48.88 8.29
C ASP L 58 4.00 -47.72 8.81
N ILE L 59 3.33 -46.62 9.10
CA ILE L 59 3.98 -45.36 9.47
C ILE L 59 3.92 -45.23 10.98
N LEU L 60 4.98 -44.69 11.57
CA LEU L 60 5.05 -44.48 13.00
C LEU L 60 5.46 -43.05 13.27
N ASP L 61 4.55 -42.30 13.90
CA ASP L 61 4.86 -40.96 14.38
C ASP L 61 5.57 -41.05 15.73
N THR L 62 6.44 -40.09 15.98
CA THR L 62 7.25 -40.05 17.19
C THR L 62 6.88 -38.83 18.03
N ALA L 63 5.58 -38.57 18.16
CA ALA L 63 5.09 -37.37 18.82
C ALA L 63 5.57 -37.29 20.26
N GLY L 64 5.13 -38.22 21.11
CA GLY L 64 5.50 -38.20 22.50
C GLY L 64 6.63 -39.15 22.85
N GLN L 65 7.04 -39.97 21.87
CA GLN L 65 8.02 -41.03 22.08
C GLN L 65 9.46 -40.57 21.96
N GLU L 66 9.71 -39.32 21.55
CA GLU L 66 11.08 -38.87 21.39
C GLU L 66 11.80 -38.81 22.74
N GLU L 67 11.08 -38.43 23.80
CA GLU L 67 11.73 -38.16 25.06
C GLU L 67 12.24 -39.45 25.72
N TYR L 68 11.63 -40.58 25.41
CA TYR L 68 11.95 -41.84 26.07
C TYR L 68 13.04 -42.55 25.29
N SER L 69 14.19 -42.77 25.93
CA SER L 69 15.32 -43.40 25.24
C SER L 69 14.98 -44.81 24.79
N ALA L 70 14.24 -45.55 25.62
CA ALA L 70 13.87 -46.91 25.27
C ALA L 70 12.97 -46.94 24.03
N MET L 71 11.92 -46.12 24.03
CA MET L 71 11.07 -46.03 22.85
C MET L 71 11.84 -45.52 21.64
N ARG L 72 12.74 -44.55 21.86
CA ARG L 72 13.55 -44.01 20.77
C ARG L 72 14.34 -45.11 20.08
N ASP L 73 15.12 -45.86 20.87
CA ASP L 73 15.92 -46.93 20.31
C ASP L 73 15.07 -48.03 19.71
N GLN L 74 13.89 -48.30 20.28
CA GLN L 74 13.02 -49.33 19.71
C GLN L 74 12.54 -48.93 18.32
N TYR L 75 12.01 -47.70 18.17
CA TYR L 75 11.52 -47.31 16.86
C TYR L 75 12.64 -47.02 15.88
N MET L 76 13.86 -46.79 16.36
CA MET L 76 14.98 -46.73 15.43
C MET L 76 15.38 -48.12 14.93
N ARG L 77 15.31 -49.13 15.80
CA ARG L 77 15.68 -50.48 15.39
C ARG L 77 14.63 -51.12 14.50
N THR L 78 13.34 -50.92 14.80
CA THR L 78 12.30 -51.54 13.99
C THR L 78 12.12 -50.83 12.65
N GLY L 79 12.43 -49.53 12.60
CA GLY L 79 12.11 -48.74 11.42
C GLY L 79 12.98 -49.11 10.23
N GLU L 80 12.37 -49.06 9.05
CA GLU L 80 13.08 -49.32 7.79
C GLU L 80 13.56 -48.02 7.15
N GLY L 81 12.72 -47.00 7.12
CA GLY L 81 13.10 -45.70 6.62
C GLY L 81 12.64 -44.61 7.56
N PHE L 82 13.34 -43.48 7.52
CA PHE L 82 13.13 -42.39 8.46
C PHE L 82 12.93 -41.08 7.72
N LEU L 83 12.00 -40.27 8.20
CA LEU L 83 11.76 -38.92 7.70
C LEU L 83 12.30 -37.95 8.76
N CYS L 84 13.45 -37.35 8.49
CA CYS L 84 14.06 -36.37 9.38
C CYS L 84 13.46 -35.02 9.04
N VAL L 85 12.51 -34.55 9.84
CA VAL L 85 11.72 -33.37 9.54
C VAL L 85 12.28 -32.19 10.33
N PHE L 86 12.17 -31.00 9.76
CA PHE L 86 12.47 -29.77 10.49
C PHE L 86 11.59 -28.66 9.93
N ALA L 87 11.49 -27.58 10.69
CA ALA L 87 10.69 -26.42 10.32
C ALA L 87 11.62 -25.33 9.81
N ILE L 88 11.27 -24.72 8.67
CA ILE L 88 12.16 -23.74 8.05
C ILE L 88 12.27 -22.47 8.88
N ASN L 89 11.28 -22.19 9.72
CA ASN L 89 11.30 -21.02 10.60
C ASN L 89 11.87 -21.33 11.99
N ASN L 90 12.58 -22.45 12.13
CA ASN L 90 13.14 -22.84 13.43
C ASN L 90 14.55 -23.36 13.16
N THR L 91 15.56 -22.55 13.47
CA THR L 91 16.95 -22.93 13.23
C THR L 91 17.34 -24.14 14.05
N LYS L 92 16.85 -24.22 15.29
CA LYS L 92 17.18 -25.34 16.16
C LYS L 92 16.68 -26.66 15.56
N SER L 93 15.49 -26.62 14.96
CA SER L 93 14.94 -27.81 14.31
C SER L 93 15.87 -28.29 13.20
N PHE L 94 16.50 -27.36 12.47
CA PHE L 94 17.43 -27.77 11.42
C PHE L 94 18.76 -28.25 11.99
N GLU L 95 19.20 -27.68 13.12
CA GLU L 95 20.49 -28.09 13.68
C GLU L 95 20.41 -29.44 14.40
N ASP L 96 19.23 -29.83 14.88
CA ASP L 96 19.10 -31.10 15.58
C ASP L 96 19.22 -32.31 14.64
N ILE L 97 19.00 -32.10 13.35
CA ILE L 97 18.94 -33.21 12.40
C ILE L 97 20.25 -34.00 12.41
N HIS L 98 21.38 -33.32 12.62
CA HIS L 98 22.66 -34.01 12.63
C HIS L 98 22.71 -35.07 13.71
N GLN L 99 22.37 -34.70 14.95
CA GLN L 99 22.42 -35.67 16.04
C GLN L 99 21.31 -36.72 15.92
N TYR L 100 20.15 -36.36 15.35
CA TYR L 100 19.17 -37.39 14.99
C TYR L 100 19.82 -38.46 14.12
N ARG L 101 20.46 -38.01 13.04
CA ARG L 101 21.10 -38.91 12.09
C ARG L 101 22.20 -39.72 12.76
N GLU L 102 22.97 -39.08 13.65
CA GLU L 102 24.06 -39.78 14.34
C GLU L 102 23.52 -40.91 15.21
N GLN L 103 22.43 -40.64 15.93
CA GLN L 103 21.80 -41.69 16.74
C GLN L 103 21.35 -42.83 15.85
N ILE L 104 20.73 -42.50 14.71
CA ILE L 104 20.26 -43.52 13.77
C ILE L 104 21.42 -44.35 13.25
N LYS L 105 22.53 -43.70 12.89
CA LYS L 105 23.68 -44.42 12.37
C LYS L 105 24.28 -45.35 13.41
N ARG L 106 24.37 -44.88 14.65
CA ARG L 106 24.96 -45.72 15.69
C ARG L 106 24.06 -46.90 16.05
N VAL L 107 22.74 -46.71 16.05
CA VAL L 107 21.86 -47.83 16.36
C VAL L 107 21.79 -48.80 15.18
N LYS L 108 21.98 -48.32 13.96
CA LYS L 108 21.91 -49.18 12.78
C LYS L 108 23.28 -49.66 12.30
N ASP L 109 24.36 -49.06 12.79
CA ASP L 109 25.73 -49.48 12.47
C ASP L 109 25.96 -49.51 10.96
N SER L 110 25.55 -48.43 10.30
CA SER L 110 25.70 -48.29 8.86
C SER L 110 25.71 -46.81 8.50
N ASP L 111 26.47 -46.47 7.44
CA ASP L 111 26.59 -45.07 7.03
C ASP L 111 25.50 -44.62 6.07
N ASP L 112 24.77 -45.54 5.44
CA ASP L 112 23.73 -45.18 4.47
C ASP L 112 22.40 -45.77 4.92
N VAL L 113 21.63 -44.98 5.66
CA VAL L 113 20.32 -45.39 6.16
C VAL L 113 19.26 -44.69 5.31
N PRO L 114 18.27 -45.42 4.80
CA PRO L 114 17.25 -44.78 3.95
C PRO L 114 16.49 -43.68 4.68
N MET L 115 16.73 -42.43 4.29
CA MET L 115 16.02 -41.30 4.87
C MET L 115 16.02 -40.15 3.87
N VAL L 116 15.16 -39.16 4.16
CA VAL L 116 15.02 -37.97 3.33
C VAL L 116 14.67 -36.80 4.23
N LEU L 117 15.38 -35.69 4.06
CA LEU L 117 15.19 -34.50 4.88
C LEU L 117 14.00 -33.70 4.37
N VAL L 118 13.20 -33.19 5.31
CA VAL L 118 11.93 -32.53 4.98
C VAL L 118 11.87 -31.17 5.65
N GLY L 119 11.58 -30.14 4.85
CA GLY L 119 11.24 -28.82 5.35
C GLY L 119 9.74 -28.59 5.34
N ASN L 120 9.27 -27.73 6.25
CA ASN L 120 7.84 -27.48 6.42
C ASN L 120 7.61 -26.01 6.72
N LYS L 121 6.34 -25.61 6.80
CA LYS L 121 5.91 -24.29 7.23
C LYS L 121 6.27 -23.18 6.25
N CYS L 122 6.32 -23.47 4.95
CA CYS L 122 6.57 -22.41 3.97
C CYS L 122 5.44 -21.39 3.96
N ALA L 126 7.59 -16.31 6.84
CA ALA L 126 9.02 -16.03 7.01
C ALA L 126 9.80 -17.34 7.16
N ARG L 127 11.13 -17.22 7.15
CA ARG L 127 11.98 -18.41 7.23
C ARG L 127 13.38 -17.99 7.65
N THR L 128 14.07 -18.90 8.35
CA THR L 128 15.40 -18.63 8.87
C THR L 128 16.47 -19.44 8.14
N VAL L 129 16.37 -20.77 8.16
CA VAL L 129 17.26 -21.60 7.35
C VAL L 129 16.82 -21.51 5.89
N GLU L 130 17.78 -21.42 4.99
CA GLU L 130 17.48 -21.26 3.58
C GLU L 130 17.64 -22.59 2.86
N SER L 131 17.04 -22.68 1.67
CA SER L 131 17.03 -23.94 0.95
C SER L 131 18.44 -24.37 0.53
N ARG L 132 19.34 -23.42 0.30
CA ARG L 132 20.70 -23.77 -0.12
C ARG L 132 21.45 -24.54 0.97
N GLN L 133 21.35 -24.09 2.22
CA GLN L 133 22.01 -24.77 3.32
C GLN L 133 21.46 -26.18 3.49
N ALA L 134 20.13 -26.30 3.49
CA ALA L 134 19.49 -27.60 3.64
C ALA L 134 19.88 -28.52 2.49
N GLN L 135 20.00 -27.98 1.28
CA GLN L 135 20.42 -28.79 0.13
C GLN L 135 21.84 -29.29 0.33
N ASP L 136 22.72 -28.43 0.84
CA ASP L 136 24.11 -28.86 1.07
C ASP L 136 24.18 -29.97 2.11
N LEU L 137 23.36 -29.85 3.17
CA LEU L 137 23.38 -30.90 4.19
C LEU L 137 22.80 -32.19 3.65
N ALA L 138 21.68 -32.11 2.93
CA ALA L 138 21.08 -33.31 2.36
C ALA L 138 22.02 -33.98 1.35
N ARG L 139 22.67 -33.19 0.49
CA ARG L 139 23.64 -33.75 -0.44
C ARG L 139 24.81 -34.39 0.30
N SER L 140 25.11 -33.92 1.51
CA SER L 140 26.10 -34.60 2.33
C SER L 140 25.59 -36.02 2.56
N TYR L 141 26.33 -36.88 3.25
CA TYR L 141 26.63 -38.21 2.73
C TYR L 141 25.65 -38.75 1.68
N GLY L 142 24.37 -38.90 1.99
CA GLY L 142 23.55 -39.64 1.02
C GLY L 142 22.07 -39.38 0.79
N ILE L 143 21.49 -38.25 1.19
CA ILE L 143 20.03 -38.21 1.25
C ILE L 143 19.42 -37.06 0.45
N PRO L 144 18.22 -37.23 -0.10
CA PRO L 144 17.57 -36.12 -0.82
C PRO L 144 16.84 -35.17 0.12
N TYR L 145 16.74 -33.91 -0.31
CA TYR L 145 15.98 -32.88 0.39
C TYR L 145 14.66 -32.60 -0.30
N ILE L 146 13.61 -32.40 0.50
CA ILE L 146 12.26 -32.11 -0.01
C ILE L 146 11.57 -31.18 0.97
N GLU L 147 10.76 -30.26 0.46
CA GLU L 147 9.95 -29.39 1.29
C GLU L 147 8.47 -29.69 1.10
N THR L 148 7.72 -29.57 2.19
CA THR L 148 6.28 -29.79 2.21
C THR L 148 5.61 -28.69 3.03
N SER L 149 4.29 -28.63 2.95
CA SER L 149 3.49 -27.82 3.88
C SER L 149 2.17 -28.56 4.05
N ALA L 150 2.11 -29.38 5.10
CA ALA L 150 0.97 -30.29 5.27
C ALA L 150 -0.33 -29.55 5.48
N LYS L 151 -0.29 -28.33 6.00
CA LYS L 151 -1.51 -27.55 6.14
C LYS L 151 -2.10 -27.21 4.77
N THR L 152 -1.27 -26.70 3.86
CA THR L 152 -1.76 -26.23 2.57
C THR L 152 -1.23 -27.06 1.40
N ARG L 153 0.09 -27.14 1.21
CA ARG L 153 0.61 -27.74 -0.01
C ARG L 153 0.22 -29.21 -0.13
N GLN L 154 0.39 -29.96 0.96
CA GLN L 154 0.29 -31.42 0.92
C GLN L 154 1.19 -32.00 -0.16
N GLY L 155 2.46 -31.59 -0.13
CA GLY L 155 3.51 -32.25 -0.88
C GLY L 155 3.93 -33.51 -0.14
N VAL L 156 2.99 -33.98 0.68
CA VAL L 156 3.21 -35.10 1.58
C VAL L 156 3.52 -36.36 0.80
N GLU L 157 2.68 -36.67 -0.20
CA GLU L 157 2.86 -37.88 -0.98
C GLU L 157 4.24 -37.94 -1.61
N ASP L 158 4.76 -36.79 -2.07
CA ASP L 158 6.10 -36.78 -2.66
C ASP L 158 7.14 -37.24 -1.64
N ALA L 159 7.07 -36.73 -0.42
CA ALA L 159 8.06 -37.08 0.60
C ALA L 159 7.96 -38.55 0.98
N PHE L 160 6.76 -39.00 1.34
CA PHE L 160 6.59 -40.40 1.73
C PHE L 160 6.99 -41.35 0.61
N TYR L 161 6.52 -41.10 -0.61
CA TYR L 161 6.82 -42.02 -1.71
C TYR L 161 8.29 -41.97 -2.07
N THR L 162 8.95 -40.81 -1.90
CA THR L 162 10.40 -40.76 -2.10
C THR L 162 11.13 -41.63 -1.08
N LEU L 163 10.71 -41.57 0.18
CA LEU L 163 11.33 -42.43 1.19
C LEU L 163 11.05 -43.91 0.90
N VAL L 164 9.82 -44.23 0.47
CA VAL L 164 9.48 -45.61 0.10
C VAL L 164 10.38 -46.09 -1.03
N ARG L 165 10.60 -45.26 -2.05
CA ARG L 165 11.49 -45.64 -3.14
C ARG L 165 12.92 -45.77 -2.68
N GLU L 166 13.35 -44.94 -1.71
CA GLU L 166 14.68 -45.08 -1.13
C GLU L 166 14.83 -46.41 -0.43
N ILE L 167 13.78 -46.86 0.25
CA ILE L 167 13.78 -48.18 0.87
C ILE L 167 13.86 -49.27 -0.19
N ARG L 168 13.07 -49.10 -1.26
CA ARG L 168 12.98 -50.11 -2.31
C ARG L 168 14.33 -50.37 -2.95
N GLN L 169 15.16 -49.34 -3.09
CA GLN L 169 16.42 -49.45 -3.80
C GLN L 169 17.61 -49.78 -2.89
N HIS L 170 17.39 -49.87 -1.58
CA HIS L 170 18.49 -50.17 -0.66
C HIS L 170 19.02 -51.58 -0.87
#